data_7WJ9
#
_entry.id   7WJ9
#
_cell.length_a   115.400
_cell.length_b   207.853
_cell.length_c   117.899
_cell.angle_alpha   90.00
_cell.angle_beta   103.63
_cell.angle_gamma   90.00
#
_symmetry.space_group_name_H-M   'P 1 21 1'
#
loop_
_entity.id
_entity.type
_entity.pdbx_description
1 polymer Alpha-xylosidase
2 non-polymer Xylitol
3 non-polymer 1,2-ETHANEDIOL
4 water water
#
_entity_poly.entity_id   1
_entity_poly.type   'polypeptide(L)'
_entity_poly.pdbx_seq_one_letter_code
;MGSSHHHHHHSSGLVPRGSHMVSELESKYMNNNIIKFDKARFTVLTEHLIRIEYSETGEFEERMTQMVQNREFSEVNFDI
IEKEETIEIITSTVHLYYNGGEFTNASLFADVKFNFSVYSNRWYFGEKSDGNLKGTTRTLDMIDGECPLEDGIMSKNGFA
VLADKGKVLTEVGDIAGNSVSTIDLYLFAYGRDYRQALKDFYQLTGNTPKLPRFALGNWWSRYYDYSDKSYLALMDKFTD
KKVPLSVSVIDMDWHKVSEVPSRFGSGWTGYSWNKKLFPNPENFIDELHQRKLKVTLNDHPADGIRAFEDPYPQVAQTLD
LNTELEEAAKFDFDNLKFRKAYFEEVHGPLEKEGVDFWWIDWQQGAISKSGVDPLWLLNHYQYQNAQKKHKNNIILSRYA
GPGSHRYPLGFSGDSVISWASLDFQPYFTSTASNIGYTWWSHDIGGHMQGYKDAELSLRWLQFGVFSPINRLHSSKSEFT
SKEPWHFDAVIEQSMIDFLQLRHQLIPYLYSANLITASEGRALVEPLYYEYPMEEEAYQHRNQYLFGEQLMVAPITEKMN
SLLQMGSVEVWFPEGTWYDFFSGQPYDGKVSLKVYREITEMPVFAKAGAIIPLDKNPLKKEEIPSEIIWKIFPGADGEYL
LLEEDNETKAEFVNGIFTVTSKKESSRKHTIIYGEHEIVSAKRGEFSIDLNGKEENFDWNFSTALFRRLDIAEISYEQKD
EILQQLSLIEEHEKQVAFIKTNENQELQNSLFELLYSGK
;
_entity_poly.pdbx_strand_id   A,B,C,D,F,E
#
# COMPACT_ATOMS: atom_id res chain seq x y z
N SER A 27 -26.86 -53.42 -56.19
CA SER A 27 -26.59 -52.15 -56.97
C SER A 27 -25.26 -51.55 -56.53
N LYS A 28 -24.31 -51.39 -57.45
CA LYS A 28 -23.01 -50.69 -57.21
C LYS A 28 -23.17 -49.16 -57.41
N TYR A 29 -24.36 -48.62 -57.71
CA TYR A 29 -24.53 -47.15 -57.92
C TYR A 29 -24.06 -46.43 -56.65
N MET A 30 -23.28 -45.36 -56.82
CA MET A 30 -22.88 -44.40 -55.75
C MET A 30 -22.96 -42.98 -56.31
N ASN A 31 -23.57 -42.05 -55.57
CA ASN A 31 -23.36 -40.58 -55.77
C ASN A 31 -21.87 -40.36 -56.08
N ASN A 32 -21.57 -39.49 -57.05
CA ASN A 32 -20.21 -39.11 -57.52
C ASN A 32 -19.42 -38.38 -56.41
N ASN A 33 -20.07 -37.92 -55.34
CA ASN A 33 -19.36 -37.20 -54.24
C ASN A 33 -18.75 -38.20 -53.26
N ILE A 34 -18.91 -39.51 -53.46
CA ILE A 34 -18.44 -40.57 -52.54
C ILE A 34 -17.16 -41.15 -53.12
N ILE A 35 -16.10 -41.20 -52.31
CA ILE A 35 -14.82 -41.95 -52.59
C ILE A 35 -14.63 -42.98 -51.49
N LYS A 36 -14.30 -44.21 -51.85
CA LYS A 36 -13.89 -45.24 -50.86
C LYS A 36 -12.43 -45.57 -51.13
N PHE A 37 -11.67 -45.84 -50.08
CA PHE A 37 -10.25 -46.23 -50.13
C PHE A 37 -9.94 -46.98 -48.84
N ASP A 38 -9.28 -48.15 -48.96
CA ASP A 38 -8.99 -49.01 -47.78
C ASP A 38 -10.31 -49.14 -47.00
N LYS A 39 -10.31 -48.88 -45.68
CA LYS A 39 -11.52 -49.04 -44.84
C LYS A 39 -12.24 -47.71 -44.62
N ALA A 40 -11.94 -46.68 -45.43
CA ALA A 40 -12.51 -45.32 -45.27
C ALA A 40 -13.56 -45.05 -46.34
N ARG A 41 -14.48 -44.15 -46.02
CA ARG A 41 -15.37 -43.53 -47.04
C ARG A 41 -15.25 -42.01 -46.85
N PHE A 42 -15.04 -41.29 -47.95
CA PHE A 42 -15.07 -39.80 -48.01
C PHE A 42 -16.30 -39.37 -48.79
N THR A 43 -17.05 -38.40 -48.26
CA THR A 43 -18.17 -37.77 -49.00
C THR A 43 -17.89 -36.28 -49.11
N VAL A 44 -17.73 -35.80 -50.34
CA VAL A 44 -17.44 -34.37 -50.61
C VAL A 44 -18.81 -33.70 -50.75
N LEU A 45 -19.35 -33.20 -49.62
CA LEU A 45 -20.72 -32.65 -49.53
C LEU A 45 -20.78 -31.26 -50.13
N THR A 46 -19.74 -30.44 -49.89
CA THR A 46 -19.52 -29.15 -50.58
C THR A 46 -18.04 -29.11 -50.89
N GLU A 47 -17.58 -28.09 -51.59
CA GLU A 47 -16.15 -27.93 -51.86
C GLU A 47 -15.42 -27.76 -50.52
N HIS A 48 -16.15 -27.46 -49.45
CA HIS A 48 -15.50 -27.05 -48.17
C HIS A 48 -15.95 -27.92 -47.02
N LEU A 49 -16.61 -29.06 -47.28
CA LEU A 49 -17.21 -29.95 -46.25
C LEU A 49 -17.03 -31.39 -46.71
N ILE A 50 -16.17 -32.13 -46.03
CA ILE A 50 -15.92 -33.57 -46.32
C ILE A 50 -16.25 -34.45 -45.11
N ARG A 51 -17.18 -35.37 -45.32
CA ARG A 51 -17.45 -36.45 -44.35
C ARG A 51 -16.35 -37.49 -44.51
N ILE A 52 -15.87 -37.96 -43.36
CA ILE A 52 -14.74 -38.90 -43.23
C ILE A 52 -15.24 -40.03 -42.34
N GLU A 53 -15.30 -41.25 -42.89
CA GLU A 53 -15.80 -42.44 -42.14
C GLU A 53 -14.76 -43.55 -42.18
N TYR A 54 -14.68 -44.31 -41.08
CA TYR A 54 -13.94 -45.59 -40.95
C TYR A 54 -14.94 -46.69 -40.59
N SER A 55 -14.84 -47.86 -41.23
CA SER A 55 -15.70 -49.04 -40.93
C SER A 55 -14.83 -50.31 -41.03
N GLU A 56 -14.79 -51.07 -39.95
CA GLU A 56 -14.15 -52.41 -39.87
C GLU A 56 -14.82 -53.34 -40.88
N THR A 57 -16.14 -53.27 -40.99
CA THR A 57 -16.95 -54.27 -41.70
C THR A 57 -17.04 -53.95 -43.21
N GLY A 58 -16.64 -52.76 -43.66
CA GLY A 58 -16.91 -52.28 -45.03
C GLY A 58 -18.37 -51.83 -45.23
N GLU A 59 -19.18 -51.81 -44.17
CA GLU A 59 -20.56 -51.25 -44.19
C GLU A 59 -20.48 -49.83 -43.61
N PHE A 60 -21.01 -48.83 -44.31
CA PHE A 60 -20.92 -47.40 -43.88
C PHE A 60 -22.32 -46.91 -43.54
N GLU A 61 -22.40 -45.86 -42.72
CA GLU A 61 -23.67 -45.49 -42.09
C GLU A 61 -24.43 -44.48 -42.96
N GLU A 62 -25.66 -44.83 -43.32
CA GLU A 62 -26.59 -43.98 -44.09
C GLU A 62 -27.61 -43.35 -43.16
N ARG A 63 -27.82 -43.87 -41.96
CA ARG A 63 -28.90 -43.35 -41.08
C ARG A 63 -28.52 -41.98 -40.52
N MET A 64 -29.55 -41.18 -40.22
CA MET A 64 -29.51 -39.97 -39.38
C MET A 64 -28.85 -40.37 -38.05
N THR A 65 -28.17 -39.42 -37.41
CA THR A 65 -27.67 -39.56 -36.03
C THR A 65 -28.27 -38.45 -35.16
N GLN A 66 -27.95 -38.47 -33.87
CA GLN A 66 -28.40 -37.37 -32.96
C GLN A 66 -28.04 -36.01 -33.59
N MET A 67 -26.89 -35.95 -34.22
CA MET A 67 -26.34 -34.68 -34.74
C MET A 67 -26.82 -34.46 -36.18
N VAL A 68 -26.65 -35.45 -37.06
CA VAL A 68 -26.85 -35.26 -38.52
C VAL A 68 -28.27 -35.69 -38.97
N GLN A 69 -28.97 -34.82 -39.71
CA GLN A 69 -30.35 -35.11 -40.16
C GLN A 69 -30.36 -35.28 -41.68
N ASN A 70 -29.37 -34.76 -42.42
CA ASN A 70 -29.53 -34.69 -43.89
C ASN A 70 -28.16 -34.73 -44.56
N ARG A 71 -27.90 -35.74 -45.40
CA ARG A 71 -26.61 -35.76 -46.16
C ARG A 71 -26.87 -35.59 -47.66
N GLU A 72 -28.09 -35.23 -48.06
CA GLU A 72 -28.42 -34.94 -49.48
C GLU A 72 -27.81 -33.56 -49.77
N PHE A 73 -26.67 -33.52 -50.43
CA PHE A 73 -26.01 -32.28 -50.89
C PHE A 73 -25.80 -32.39 -52.38
N SER A 74 -25.97 -31.30 -53.11
CA SER A 74 -25.81 -31.30 -54.58
C SER A 74 -24.35 -31.60 -54.92
N GLU A 75 -24.13 -32.37 -55.98
CA GLU A 75 -22.78 -32.83 -56.39
C GLU A 75 -21.81 -31.64 -56.49
N VAL A 76 -20.56 -31.83 -56.12
CA VAL A 76 -19.58 -30.74 -56.32
C VAL A 76 -18.37 -31.25 -57.08
N ASN A 77 -17.64 -30.27 -57.59
CA ASN A 77 -16.35 -30.48 -58.27
C ASN A 77 -15.27 -30.78 -57.23
N PHE A 78 -14.41 -31.75 -57.53
CA PHE A 78 -13.17 -31.97 -56.78
C PHE A 78 -12.28 -32.84 -57.64
N ASP A 79 -11.06 -33.09 -57.20
CA ASP A 79 -10.06 -33.93 -57.91
C ASP A 79 -9.55 -34.96 -56.93
N ILE A 80 -9.14 -36.13 -57.44
CA ILE A 80 -8.57 -37.23 -56.62
C ILE A 80 -7.21 -37.59 -57.21
N ILE A 81 -6.23 -37.83 -56.37
CA ILE A 81 -4.95 -38.47 -56.75
C ILE A 81 -4.91 -39.75 -55.97
N GLU A 82 -5.28 -40.86 -56.63
CA GLU A 82 -5.36 -42.19 -55.97
C GLU A 82 -4.16 -43.00 -56.44
N LYS A 83 -3.42 -43.57 -55.50
CA LYS A 83 -2.29 -44.48 -55.80
C LYS A 83 -2.61 -45.82 -55.14
N GLU A 84 -1.67 -46.77 -55.17
CA GLU A 84 -1.77 -48.07 -54.45
C GLU A 84 -2.07 -47.82 -52.97
N GLU A 85 -1.24 -46.99 -52.34
CA GLU A 85 -1.06 -46.92 -50.87
C GLU A 85 -1.68 -45.65 -50.27
N THR A 86 -1.99 -44.63 -51.09
CA THR A 86 -2.40 -43.28 -50.62
C THR A 86 -3.49 -42.74 -51.53
N ILE A 87 -4.34 -41.89 -50.95
CA ILE A 87 -5.32 -41.08 -51.74
C ILE A 87 -5.20 -39.62 -51.28
N GLU A 88 -5.41 -38.69 -52.21
CA GLU A 88 -5.51 -37.23 -51.96
C GLU A 88 -6.79 -36.77 -52.60
N ILE A 89 -7.66 -36.17 -51.79
CA ILE A 89 -8.87 -35.46 -52.28
C ILE A 89 -8.57 -33.96 -52.27
N ILE A 90 -8.77 -33.30 -53.39
CA ILE A 90 -8.45 -31.85 -53.54
C ILE A 90 -9.72 -31.08 -53.90
N THR A 91 -10.08 -30.10 -53.08
CA THR A 91 -11.14 -29.14 -53.42
C THR A 91 -10.51 -27.76 -53.62
N SER A 92 -11.32 -26.76 -53.94
CA SER A 92 -10.93 -25.34 -54.01
C SER A 92 -10.19 -24.90 -52.72
N THR A 93 -10.45 -25.52 -51.56
CA THR A 93 -9.94 -24.99 -50.25
C THR A 93 -9.18 -26.02 -49.43
N VAL A 94 -9.14 -27.31 -49.79
CA VAL A 94 -8.44 -28.31 -48.93
C VAL A 94 -7.86 -29.48 -49.75
N HIS A 95 -6.71 -29.96 -49.30
CA HIS A 95 -6.08 -31.26 -49.64
C HIS A 95 -6.30 -32.21 -48.45
N LEU A 96 -7.04 -33.29 -48.64
CA LEU A 96 -7.22 -34.33 -47.60
C LEU A 96 -6.39 -35.53 -48.03
N TYR A 97 -5.52 -35.97 -47.12
CA TYR A 97 -4.60 -37.12 -47.35
C TYR A 97 -5.01 -38.27 -46.46
N TYR A 98 -4.97 -39.47 -47.02
CA TYR A 98 -5.15 -40.72 -46.27
C TYR A 98 -4.13 -41.72 -46.80
N ASN A 99 -3.34 -42.29 -45.90
CA ASN A 99 -2.20 -43.19 -46.21
C ASN A 99 -2.54 -44.64 -45.94
N GLY A 100 -3.83 -44.95 -45.81
CA GLY A 100 -4.28 -46.31 -45.48
C GLY A 100 -4.14 -46.67 -44.00
N GLY A 101 -4.81 -47.76 -43.62
CA GLY A 101 -4.76 -48.33 -42.28
C GLY A 101 -5.71 -47.59 -41.37
N GLU A 102 -5.54 -47.80 -40.08
CA GLU A 102 -6.30 -47.14 -39.01
C GLU A 102 -6.04 -45.62 -39.11
N PHE A 103 -7.08 -44.84 -38.83
CA PHE A 103 -6.98 -43.38 -38.66
C PHE A 103 -6.09 -43.11 -37.44
N THR A 104 -4.97 -42.46 -37.68
CA THR A 104 -4.04 -41.91 -36.67
C THR A 104 -3.63 -40.51 -37.15
N ASN A 105 -2.92 -39.77 -36.32
CA ASN A 105 -2.47 -38.40 -36.67
C ASN A 105 -1.52 -38.43 -37.86
N ALA A 106 -0.91 -39.58 -38.16
CA ALA A 106 0.02 -39.74 -39.29
C ALA A 106 -0.68 -40.22 -40.57
N SER A 107 -1.73 -41.01 -40.47
CA SER A 107 -2.37 -41.65 -41.65
C SER A 107 -3.45 -40.74 -42.23
N LEU A 108 -4.02 -39.83 -41.44
CA LEU A 108 -5.15 -38.98 -41.92
C LEU A 108 -4.90 -37.53 -41.51
N PHE A 109 -4.74 -36.64 -42.50
CA PHE A 109 -4.44 -35.21 -42.26
C PHE A 109 -4.85 -34.39 -43.49
N ALA A 110 -4.89 -33.07 -43.32
CA ALA A 110 -5.32 -32.16 -44.38
C ALA A 110 -4.52 -30.87 -44.30
N ASP A 111 -4.23 -30.29 -45.45
CA ASP A 111 -3.69 -28.93 -45.60
C ASP A 111 -4.77 -28.05 -46.20
N VAL A 112 -5.04 -26.89 -45.60
CA VAL A 112 -5.98 -25.95 -46.23
C VAL A 112 -5.19 -25.10 -47.21
N LYS A 113 -5.87 -24.70 -48.29
CA LYS A 113 -5.38 -23.78 -49.36
C LYS A 113 -5.68 -22.33 -48.97
N PHE A 114 -5.20 -21.95 -47.77
CA PHE A 114 -5.26 -20.58 -47.23
C PHE A 114 -3.91 -20.24 -46.62
N ASN A 115 -3.69 -18.98 -46.33
CA ASN A 115 -2.43 -18.52 -45.68
C ASN A 115 -2.78 -17.70 -44.43
N PHE A 116 -3.80 -18.09 -43.66
CA PHE A 116 -4.25 -17.27 -42.52
C PHE A 116 -3.20 -17.37 -41.41
N SER A 117 -2.34 -18.38 -41.44
CA SER A 117 -1.29 -18.57 -40.41
C SER A 117 -0.06 -19.03 -41.18
N VAL A 118 1.10 -18.93 -40.55
CA VAL A 118 2.37 -19.34 -41.21
C VAL A 118 2.47 -20.87 -41.17
N TYR A 119 2.03 -21.55 -40.10
CA TYR A 119 2.18 -23.03 -40.00
C TYR A 119 1.13 -23.72 -39.10
N SER A 120 -0.07 -23.17 -39.06
CA SER A 120 -1.26 -23.78 -38.41
C SER A 120 -2.29 -24.09 -39.50
N ASN A 121 -1.83 -24.51 -40.69
CA ASN A 121 -2.71 -24.73 -41.86
C ASN A 121 -2.92 -26.23 -42.13
N ARG A 122 -2.54 -27.07 -41.17
CA ARG A 122 -2.66 -28.54 -41.25
C ARG A 122 -3.50 -29.11 -40.10
N TRP A 123 -4.50 -29.90 -40.47
CA TRP A 123 -5.31 -30.73 -39.55
C TRP A 123 -4.64 -32.09 -39.43
N TYR A 124 -4.40 -32.55 -38.21
CA TYR A 124 -4.04 -33.98 -38.00
C TYR A 124 -5.17 -34.68 -37.27
N PHE A 125 -5.60 -35.85 -37.73
CA PHE A 125 -6.65 -36.68 -37.08
C PHE A 125 -6.32 -36.80 -35.58
N GLY A 126 -7.28 -36.43 -34.72
CA GLY A 126 -7.21 -36.60 -33.25
C GLY A 126 -6.33 -35.57 -32.56
N GLU A 127 -5.91 -34.51 -33.26
CA GLU A 127 -5.02 -33.46 -32.67
C GLU A 127 -5.74 -32.12 -32.64
N LYS A 128 -5.39 -31.27 -31.70
CA LYS A 128 -5.97 -29.92 -31.60
C LYS A 128 -5.05 -28.98 -32.37
N SER A 129 -5.61 -28.04 -33.11
CA SER A 129 -4.85 -26.97 -33.80
C SER A 129 -5.33 -25.65 -33.21
N ASP A 130 -4.56 -24.56 -33.32
CA ASP A 130 -5.07 -23.29 -32.78
C ASP A 130 -5.98 -22.65 -33.83
N GLY A 131 -6.76 -21.68 -33.39
CA GLY A 131 -7.56 -20.80 -34.26
C GLY A 131 -9.03 -20.98 -34.01
N ASN A 132 -9.45 -22.08 -33.37
CA ASN A 132 -10.91 -22.33 -33.19
C ASN A 132 -11.51 -21.18 -32.39
N LEU A 133 -12.58 -20.58 -32.92
CA LEU A 133 -13.25 -19.39 -32.32
C LEU A 133 -14.28 -19.78 -31.26
N LYS A 134 -14.40 -21.08 -30.95
CA LYS A 134 -15.19 -21.66 -29.85
C LYS A 134 -16.66 -21.69 -30.23
N GLY A 135 -17.43 -22.37 -29.40
CA GLY A 135 -18.87 -22.58 -29.59
C GLY A 135 -19.61 -22.29 -28.32
N THR A 136 -20.14 -23.31 -27.66
CA THR A 136 -20.87 -23.09 -26.40
C THR A 136 -20.61 -24.29 -25.47
N THR A 137 -21.37 -24.37 -24.40
CA THR A 137 -21.31 -25.45 -23.41
C THR A 137 -22.72 -25.70 -22.89
N ARG A 138 -22.88 -26.77 -22.10
CA ARG A 138 -24.20 -27.21 -21.57
C ARG A 138 -24.90 -26.06 -20.84
N THR A 139 -24.18 -25.31 -19.98
CA THR A 139 -24.86 -24.52 -18.95
C THR A 139 -23.88 -23.54 -18.31
N LEU A 140 -24.44 -22.50 -17.70
CA LEU A 140 -23.73 -21.56 -16.81
C LEU A 140 -24.05 -21.84 -15.33
N ASP A 141 -24.68 -22.97 -15.02
CA ASP A 141 -24.92 -23.40 -13.62
C ASP A 141 -23.65 -23.21 -12.81
N MET A 142 -23.74 -22.39 -11.74
CA MET A 142 -22.66 -22.21 -10.73
C MET A 142 -21.47 -21.48 -11.33
N ILE A 143 -21.58 -20.90 -12.52
CA ILE A 143 -20.47 -20.11 -13.11
C ILE A 143 -20.56 -18.64 -12.71
N ASP A 144 -19.49 -18.20 -12.09
CA ASP A 144 -19.23 -16.78 -11.73
C ASP A 144 -18.18 -16.28 -12.70
N GLY A 145 -18.65 -15.59 -13.74
CA GLY A 145 -17.82 -15.06 -14.83
C GLY A 145 -17.65 -16.08 -15.93
N GLU A 146 -16.39 -16.32 -16.32
CA GLU A 146 -16.04 -17.11 -17.52
C GLU A 146 -16.01 -18.60 -17.19
N CYS A 147 -16.41 -19.41 -18.16
CA CYS A 147 -16.10 -20.84 -18.12
C CYS A 147 -15.57 -21.27 -19.49
N PRO A 148 -14.90 -22.43 -19.55
CA PRO A 148 -14.46 -22.95 -20.84
C PRO A 148 -15.64 -23.30 -21.76
N LEU A 149 -15.41 -23.11 -23.04
CA LEU A 149 -16.39 -23.47 -24.06
C LEU A 149 -15.83 -24.62 -24.90
N GLU A 150 -16.72 -25.43 -25.45
CA GLU A 150 -16.37 -26.42 -26.49
C GLU A 150 -16.02 -25.68 -27.79
N ASP A 151 -15.26 -26.33 -28.67
CA ASP A 151 -14.98 -25.84 -30.03
C ASP A 151 -16.30 -25.74 -30.80
N GLY A 152 -16.38 -24.80 -31.73
CA GLY A 152 -17.40 -24.76 -32.79
C GLY A 152 -16.79 -25.11 -34.14
N ILE A 153 -17.47 -24.76 -35.22
CA ILE A 153 -17.05 -25.11 -36.62
C ILE A 153 -16.26 -23.95 -37.22
N MET A 154 -16.03 -22.86 -36.46
CA MET A 154 -15.40 -21.62 -37.01
C MET A 154 -13.97 -21.53 -36.49
N SER A 155 -13.04 -21.20 -37.38
CA SER A 155 -11.61 -21.08 -37.03
C SER A 155 -11.00 -19.93 -37.83
N LYS A 156 -10.18 -19.10 -37.18
CA LYS A 156 -9.49 -17.99 -37.87
C LYS A 156 -8.52 -18.58 -38.91
N ASN A 157 -8.11 -19.83 -38.74
CA ASN A 157 -7.16 -20.52 -39.68
C ASN A 157 -7.89 -21.31 -40.77
N GLY A 158 -9.22 -21.37 -40.74
CA GLY A 158 -10.00 -21.77 -41.93
C GLY A 158 -10.51 -23.21 -41.92
N PHE A 159 -10.21 -24.01 -40.91
CA PHE A 159 -10.76 -25.38 -40.81
C PHE A 159 -11.12 -25.77 -39.38
N ALA A 160 -12.05 -26.68 -39.30
CA ALA A 160 -12.41 -27.34 -38.03
C ALA A 160 -12.98 -28.73 -38.34
N VAL A 161 -12.92 -29.61 -37.36
CA VAL A 161 -13.48 -30.97 -37.48
C VAL A 161 -14.55 -31.15 -36.41
N LEU A 162 -15.71 -31.58 -36.87
CA LEU A 162 -16.87 -31.85 -36.01
C LEU A 162 -17.05 -33.37 -35.99
N ALA A 163 -16.64 -33.99 -34.91
CA ALA A 163 -16.82 -35.45 -34.71
C ALA A 163 -18.31 -35.75 -34.54
N ASP A 164 -18.81 -36.78 -35.22
CA ASP A 164 -20.16 -37.30 -34.94
C ASP A 164 -20.02 -38.58 -34.08
N LYS A 165 -20.15 -38.43 -32.78
CA LYS A 165 -19.94 -39.54 -31.81
C LYS A 165 -21.29 -40.07 -31.35
N GLY A 166 -22.39 -39.58 -31.93
CA GLY A 166 -23.74 -39.91 -31.44
C GLY A 166 -24.23 -41.24 -31.95
N LYS A 167 -25.35 -41.69 -31.39
CA LYS A 167 -26.14 -42.85 -31.86
C LYS A 167 -26.84 -42.53 -33.19
N VAL A 168 -27.16 -43.59 -33.92
CA VAL A 168 -28.03 -43.49 -35.12
C VAL A 168 -29.48 -43.42 -34.68
N LEU A 169 -30.30 -42.78 -35.51
CA LEU A 169 -31.75 -42.69 -35.31
C LEU A 169 -32.45 -43.57 -36.34
N THR A 170 -33.63 -44.06 -36.00
CA THR A 170 -34.59 -44.65 -36.97
C THR A 170 -35.19 -43.52 -37.80
N GLU A 171 -35.83 -43.89 -38.90
CA GLU A 171 -36.57 -42.97 -39.82
C GLU A 171 -37.43 -41.99 -39.03
N VAL A 172 -38.11 -42.46 -37.98
CA VAL A 172 -39.11 -41.69 -37.18
C VAL A 172 -38.41 -40.97 -36.01
N GLY A 173 -37.10 -41.19 -35.81
CA GLY A 173 -36.25 -40.37 -34.91
C GLY A 173 -36.06 -40.98 -33.53
N ASP A 174 -36.27 -42.27 -33.34
CA ASP A 174 -35.94 -42.96 -32.06
C ASP A 174 -34.51 -43.46 -32.11
N ILE A 175 -33.88 -43.66 -30.96
CA ILE A 175 -32.47 -44.15 -30.91
C ILE A 175 -32.44 -45.56 -31.51
N ALA A 176 -31.58 -45.80 -32.48
CA ALA A 176 -31.49 -47.10 -33.19
C ALA A 176 -30.34 -47.95 -32.65
N GLY A 177 -29.31 -47.33 -32.09
CA GLY A 177 -28.11 -48.03 -31.57
C GLY A 177 -26.84 -47.38 -32.10
N ASN A 178 -25.76 -48.17 -32.18
CA ASN A 178 -24.45 -47.68 -32.65
C ASN A 178 -24.39 -47.61 -34.19
N SER A 179 -23.72 -46.56 -34.69
CA SER A 179 -23.36 -46.39 -36.12
C SER A 179 -22.46 -47.54 -36.57
N VAL A 180 -22.56 -47.94 -37.83
CA VAL A 180 -21.57 -48.88 -38.43
C VAL A 180 -20.35 -48.11 -38.94
N SER A 181 -20.40 -46.78 -38.96
CA SER A 181 -19.20 -45.94 -39.23
C SER A 181 -18.60 -45.59 -37.87
N THR A 182 -17.71 -46.45 -37.38
CA THR A 182 -17.21 -46.40 -35.98
C THR A 182 -16.40 -45.12 -35.79
N ILE A 183 -15.82 -44.55 -36.84
CA ILE A 183 -15.38 -43.13 -36.83
C ILE A 183 -16.16 -42.38 -37.91
N ASP A 184 -16.74 -41.24 -37.55
CA ASP A 184 -17.55 -40.44 -38.48
C ASP A 184 -17.26 -38.98 -38.16
N LEU A 185 -16.63 -38.24 -39.08
CA LEU A 185 -16.12 -36.86 -38.85
C LEU A 185 -16.62 -35.97 -39.98
N TYR A 186 -16.75 -34.66 -39.71
CA TYR A 186 -17.00 -33.66 -40.77
C TYR A 186 -15.86 -32.66 -40.73
N LEU A 187 -15.11 -32.58 -41.82
CA LEU A 187 -14.03 -31.58 -41.99
C LEU A 187 -14.61 -30.35 -42.68
N PHE A 188 -14.70 -29.26 -41.94
CA PHE A 188 -15.08 -27.92 -42.45
C PHE A 188 -13.82 -27.22 -42.88
N ALA A 189 -13.75 -26.72 -44.12
CA ALA A 189 -12.60 -25.94 -44.67
C ALA A 189 -13.12 -24.73 -45.45
N TYR A 190 -13.96 -23.96 -44.78
CA TYR A 190 -14.66 -22.77 -45.33
C TYR A 190 -13.80 -21.51 -45.23
N GLY A 191 -12.58 -21.61 -44.68
CA GLY A 191 -11.73 -20.44 -44.48
C GLY A 191 -12.37 -19.52 -43.46
N ARG A 192 -12.59 -18.27 -43.83
CA ARG A 192 -13.33 -17.30 -42.97
C ARG A 192 -14.69 -17.00 -43.60
N ASP A 193 -15.23 -17.92 -44.43
CA ASP A 193 -16.63 -17.74 -44.90
C ASP A 193 -17.53 -18.33 -43.81
N TYR A 194 -17.55 -17.68 -42.65
CA TYR A 194 -18.23 -18.22 -41.45
C TYR A 194 -19.73 -18.38 -41.73
N ARG A 195 -20.38 -17.41 -42.38
CA ARG A 195 -21.83 -17.51 -42.61
C ARG A 195 -22.15 -18.75 -43.44
N GLN A 196 -21.34 -19.03 -44.46
CA GLN A 196 -21.62 -20.20 -45.36
C GLN A 196 -21.38 -21.49 -44.57
N ALA A 197 -20.35 -21.54 -43.73
CA ALA A 197 -20.09 -22.71 -42.87
C ALA A 197 -21.32 -22.98 -42.03
N LEU A 198 -21.91 -21.94 -41.45
CA LEU A 198 -23.08 -22.16 -40.56
C LEU A 198 -24.28 -22.60 -41.40
N LYS A 199 -24.53 -21.96 -42.54
CA LYS A 199 -25.61 -22.37 -43.46
C LYS A 199 -25.50 -23.88 -43.76
N ASP A 200 -24.33 -24.32 -44.21
CA ASP A 200 -24.10 -25.75 -44.58
C ASP A 200 -24.17 -26.67 -43.36
N PHE A 201 -23.74 -26.19 -42.19
CA PHE A 201 -23.92 -26.95 -40.94
C PHE A 201 -25.40 -27.17 -40.68
N TYR A 202 -26.24 -26.15 -40.86
CA TYR A 202 -27.70 -26.29 -40.73
C TYR A 202 -28.28 -27.24 -41.78
N GLN A 203 -27.75 -27.24 -43.00
CA GLN A 203 -28.25 -28.18 -44.05
C GLN A 203 -27.96 -29.61 -43.57
N LEU A 204 -26.81 -29.80 -42.94
CA LEU A 204 -26.36 -31.12 -42.43
C LEU A 204 -27.17 -31.53 -41.20
N THR A 205 -27.31 -30.65 -40.20
CA THR A 205 -27.89 -31.01 -38.89
C THR A 205 -29.37 -30.62 -38.84
N GLY A 206 -29.91 -29.96 -39.86
CA GLY A 206 -31.31 -29.50 -39.82
C GLY A 206 -31.39 -28.06 -39.39
N ASN A 207 -32.24 -27.28 -40.05
CA ASN A 207 -32.39 -25.84 -39.75
C ASN A 207 -33.01 -25.73 -38.36
N THR A 208 -32.74 -24.62 -37.70
CA THR A 208 -33.49 -24.22 -36.49
C THR A 208 -34.96 -24.10 -36.90
N PRO A 209 -35.89 -24.67 -36.14
CA PRO A 209 -37.31 -24.42 -36.39
C PRO A 209 -37.66 -22.95 -36.13
N LYS A 210 -38.76 -22.49 -36.74
CA LYS A 210 -39.39 -21.18 -36.43
C LYS A 210 -39.74 -21.16 -34.94
N LEU A 211 -39.42 -20.05 -34.29
CA LEU A 211 -40.01 -19.76 -32.97
C LEU A 211 -41.39 -19.16 -33.18
N PRO A 212 -42.28 -19.31 -32.18
CA PRO A 212 -43.52 -18.52 -32.22
C PRO A 212 -43.21 -17.09 -31.74
N ARG A 213 -44.05 -16.13 -32.13
CA ARG A 213 -43.85 -14.70 -31.79
C ARG A 213 -43.82 -14.51 -30.26
N PHE A 214 -44.62 -15.26 -29.50
CA PHE A 214 -44.71 -15.07 -28.03
C PHE A 214 -43.36 -15.26 -27.36
N ALA A 215 -42.48 -16.11 -27.88
CA ALA A 215 -41.17 -16.40 -27.26
C ALA A 215 -40.26 -15.16 -27.24
N LEU A 216 -40.51 -14.13 -28.06
CA LEU A 216 -39.60 -12.99 -28.28
C LEU A 216 -39.97 -11.80 -27.40
N GLY A 217 -41.06 -11.87 -26.67
CA GLY A 217 -41.45 -10.84 -25.70
C GLY A 217 -40.78 -11.05 -24.36
N ASN A 218 -41.15 -10.28 -23.37
CA ASN A 218 -40.60 -10.39 -22.00
C ASN A 218 -41.22 -11.60 -21.26
N TRP A 219 -40.40 -12.37 -20.55
CA TRP A 219 -40.87 -13.50 -19.70
C TRP A 219 -40.70 -13.08 -18.24
N TRP A 220 -41.70 -13.32 -17.41
CA TRP A 220 -41.55 -13.17 -15.96
C TRP A 220 -41.34 -14.55 -15.34
N SER A 221 -40.36 -14.65 -14.45
CA SER A 221 -40.05 -15.90 -13.74
C SER A 221 -39.46 -15.52 -12.39
N ARG A 222 -39.75 -16.31 -11.37
CA ARG A 222 -39.07 -16.16 -10.06
C ARG A 222 -39.28 -17.45 -9.26
N TYR A 223 -38.20 -17.94 -8.65
CA TYR A 223 -38.22 -19.16 -7.78
C TYR A 223 -38.80 -18.68 -6.45
N TYR A 224 -40.12 -18.63 -6.43
CA TYR A 224 -40.88 -17.98 -5.32
C TYR A 224 -42.24 -18.70 -5.20
N ASP A 225 -42.74 -18.91 -3.99
CA ASP A 225 -43.96 -19.73 -3.74
C ASP A 225 -45.19 -18.84 -3.86
N TYR A 226 -45.47 -18.40 -5.08
CA TYR A 226 -46.64 -17.56 -5.37
C TYR A 226 -47.89 -18.39 -5.10
N SER A 227 -49.00 -17.73 -4.79
CA SER A 227 -50.35 -18.33 -4.89
C SER A 227 -50.92 -18.00 -6.25
N ASP A 228 -52.08 -18.53 -6.59
CA ASP A 228 -52.82 -18.03 -7.78
C ASP A 228 -53.02 -16.51 -7.63
N LYS A 229 -53.51 -16.08 -6.47
CA LYS A 229 -53.90 -14.68 -6.19
C LYS A 229 -52.68 -13.79 -6.35
N SER A 230 -51.55 -14.16 -5.73
CA SER A 230 -50.36 -13.27 -5.67
C SER A 230 -49.72 -13.23 -7.06
N TYR A 231 -49.78 -14.34 -7.80
CA TYR A 231 -49.24 -14.38 -9.19
C TYR A 231 -50.10 -13.48 -10.12
N LEU A 232 -51.43 -13.62 -10.12
CA LEU A 232 -52.30 -12.75 -10.95
C LEU A 232 -52.14 -11.29 -10.55
N ALA A 233 -52.00 -10.98 -9.26
CA ALA A 233 -51.86 -9.59 -8.78
C ALA A 233 -50.56 -9.01 -9.37
N LEU A 234 -49.51 -9.83 -9.46
CA LEU A 234 -48.22 -9.38 -10.00
C LEU A 234 -48.38 -9.13 -11.50
N MET A 235 -49.06 -10.02 -12.19
CA MET A 235 -49.30 -9.86 -13.65
C MET A 235 -50.07 -8.56 -13.85
N ASP A 236 -51.08 -8.28 -13.00
CA ASP A 236 -51.88 -7.04 -13.16
C ASP A 236 -51.03 -5.82 -12.78
N LYS A 237 -50.08 -5.97 -11.83
CA LYS A 237 -49.21 -4.83 -11.48
C LYS A 237 -48.26 -4.52 -12.65
N PHE A 238 -47.77 -5.54 -13.38
CA PHE A 238 -46.97 -5.36 -14.61
C PHE A 238 -47.77 -4.47 -15.56
N THR A 239 -49.04 -4.78 -15.80
CA THR A 239 -49.91 -3.95 -16.68
C THR A 239 -50.02 -2.53 -16.12
N ASP A 240 -50.25 -2.39 -14.84
CA ASP A 240 -50.42 -1.06 -14.18
C ASP A 240 -49.15 -0.23 -14.37
N LYS A 241 -47.99 -0.89 -14.31
CA LYS A 241 -46.64 -0.27 -14.38
C LYS A 241 -46.18 -0.12 -15.82
N LYS A 242 -46.98 -0.52 -16.78
CA LYS A 242 -46.69 -0.30 -18.22
C LYS A 242 -45.51 -1.15 -18.67
N VAL A 243 -45.42 -2.36 -18.14
CA VAL A 243 -44.44 -3.37 -18.56
C VAL A 243 -45.16 -4.51 -19.27
N PRO A 244 -44.89 -4.69 -20.56
CA PRO A 244 -45.49 -5.78 -21.31
C PRO A 244 -44.77 -7.10 -21.05
N LEU A 245 -45.53 -8.19 -21.00
CA LEU A 245 -45.02 -9.58 -20.85
C LEU A 245 -45.72 -10.47 -21.89
N SER A 246 -45.01 -11.45 -22.43
CA SER A 246 -45.59 -12.50 -23.32
CA SER A 246 -45.61 -12.49 -23.32
C SER A 246 -45.71 -13.84 -22.60
N VAL A 247 -44.87 -14.09 -21.58
CA VAL A 247 -44.76 -15.43 -20.95
C VAL A 247 -44.80 -15.30 -19.43
N SER A 248 -45.64 -16.14 -18.82
CA SER A 248 -45.72 -16.42 -17.38
C SER A 248 -45.08 -17.76 -17.08
N VAL A 249 -43.88 -17.76 -16.52
CA VAL A 249 -43.22 -18.95 -15.98
C VAL A 249 -43.73 -19.16 -14.56
N ILE A 250 -44.03 -20.41 -14.21
CA ILE A 250 -44.30 -20.82 -12.81
C ILE A 250 -43.23 -21.83 -12.38
N ASP A 251 -42.43 -21.48 -11.37
CA ASP A 251 -41.31 -22.32 -10.92
C ASP A 251 -41.85 -23.39 -9.97
N MET A 252 -40.93 -24.23 -9.51
CA MET A 252 -41.16 -25.55 -8.88
C MET A 252 -42.13 -25.52 -7.70
N ASP A 253 -42.31 -24.38 -7.04
CA ASP A 253 -43.30 -24.26 -5.94
C ASP A 253 -44.74 -24.35 -6.47
N TRP A 254 -44.95 -24.56 -7.76
CA TRP A 254 -46.31 -24.86 -8.26
C TRP A 254 -46.75 -26.21 -7.68
N HIS A 255 -45.79 -27.11 -7.50
CA HIS A 255 -46.07 -28.52 -7.08
C HIS A 255 -45.76 -28.68 -5.59
N LYS A 256 -46.11 -29.83 -5.03
CA LYS A 256 -45.77 -30.14 -3.63
C LYS A 256 -44.26 -30.13 -3.48
N VAL A 257 -43.79 -29.55 -2.39
CA VAL A 257 -42.35 -29.48 -2.05
C VAL A 257 -42.17 -29.91 -0.60
N SER A 258 -42.43 -29.02 0.37
CA SER A 258 -42.08 -29.33 1.77
C SER A 258 -42.97 -30.47 2.30
N GLU A 259 -44.19 -30.65 1.77
CA GLU A 259 -45.15 -31.66 2.29
C GLU A 259 -44.86 -33.04 1.71
N VAL A 260 -43.87 -33.21 0.83
CA VAL A 260 -43.50 -34.58 0.36
C VAL A 260 -42.88 -35.36 1.53
N PRO A 261 -43.44 -36.54 1.92
CA PRO A 261 -42.81 -37.35 2.97
C PRO A 261 -41.35 -37.68 2.61
N SER A 262 -40.44 -37.52 3.58
CA SER A 262 -38.97 -37.71 3.41
C SER A 262 -38.65 -39.11 2.93
N ARG A 263 -39.49 -40.13 3.18
CA ARG A 263 -39.18 -41.50 2.70
C ARG A 263 -39.07 -41.53 1.18
N PHE A 264 -39.70 -40.59 0.47
CA PHE A 264 -39.71 -40.53 -1.03
C PHE A 264 -38.50 -39.77 -1.55
N GLY A 265 -37.73 -39.15 -0.68
CA GLY A 265 -36.64 -38.24 -1.08
C GLY A 265 -37.13 -36.81 -1.03
N SER A 266 -36.58 -35.91 -1.86
CA SER A 266 -36.89 -34.46 -1.79
C SER A 266 -38.19 -34.16 -2.55
N GLY A 267 -38.63 -32.92 -2.47
CA GLY A 267 -39.76 -32.38 -3.26
C GLY A 267 -39.27 -31.65 -4.51
N TRP A 268 -38.02 -31.85 -4.95
CA TRP A 268 -37.48 -31.16 -6.15
C TRP A 268 -38.30 -31.55 -7.40
N THR A 269 -38.37 -32.86 -7.68
CA THR A 269 -39.29 -33.45 -8.68
C THR A 269 -40.72 -33.40 -8.11
N GLY A 270 -41.69 -32.96 -8.93
CA GLY A 270 -43.11 -32.99 -8.58
C GLY A 270 -44.01 -32.83 -9.81
N TYR A 271 -45.18 -33.47 -9.77
CA TYR A 271 -46.16 -33.41 -10.88
C TYR A 271 -47.54 -33.10 -10.32
N SER A 272 -47.63 -32.75 -9.03
CA SER A 272 -48.88 -32.59 -8.28
C SER A 272 -49.01 -31.15 -7.78
N TRP A 273 -50.08 -30.45 -8.16
CA TRP A 273 -50.29 -29.06 -7.72
C TRP A 273 -50.30 -28.95 -6.21
N ASN A 274 -49.67 -27.90 -5.67
CA ASN A 274 -49.88 -27.47 -4.28
C ASN A 274 -51.25 -26.79 -4.23
N LYS A 275 -52.30 -27.50 -3.81
CA LYS A 275 -53.70 -26.98 -3.85
C LYS A 275 -53.90 -25.86 -2.82
N LYS A 276 -53.00 -25.72 -1.83
CA LYS A 276 -53.05 -24.56 -0.90
C LYS A 276 -52.73 -23.27 -1.69
N LEU A 277 -51.82 -23.34 -2.65
CA LEU A 277 -51.38 -22.17 -3.46
C LEU A 277 -52.23 -22.04 -4.71
N PHE A 278 -52.64 -23.16 -5.32
CA PHE A 278 -53.41 -23.22 -6.58
C PHE A 278 -54.60 -24.14 -6.39
N PRO A 279 -55.64 -23.69 -5.66
CA PRO A 279 -56.81 -24.55 -5.40
C PRO A 279 -57.57 -24.91 -6.67
N ASN A 280 -57.46 -24.13 -7.76
CA ASN A 280 -58.14 -24.44 -9.06
C ASN A 280 -57.20 -24.07 -10.21
N PRO A 281 -56.24 -24.95 -10.52
CA PRO A 281 -55.19 -24.66 -11.48
C PRO A 281 -55.72 -24.24 -12.86
N GLU A 282 -56.73 -24.92 -13.39
CA GLU A 282 -57.29 -24.61 -14.73
C GLU A 282 -57.82 -23.19 -14.75
N ASN A 283 -58.49 -22.74 -13.69
CA ASN A 283 -59.05 -21.37 -13.63
C ASN A 283 -57.90 -20.36 -13.68
N PHE A 284 -56.87 -20.60 -12.88
CA PHE A 284 -55.67 -19.74 -12.77
C PHE A 284 -55.04 -19.60 -14.16
N ILE A 285 -54.79 -20.72 -14.84
CA ILE A 285 -54.14 -20.73 -16.16
C ILE A 285 -55.07 -20.02 -17.16
N ASP A 286 -56.38 -20.23 -17.02
CA ASP A 286 -57.33 -19.52 -17.92
C ASP A 286 -57.22 -18.01 -17.70
N GLU A 287 -57.03 -17.57 -16.46
CA GLU A 287 -56.90 -16.10 -16.16
C GLU A 287 -55.61 -15.60 -16.82
N LEU A 288 -54.54 -16.41 -16.82
CA LEU A 288 -53.29 -15.96 -17.50
C LEU A 288 -53.53 -15.91 -19.03
N HIS A 289 -54.26 -16.88 -19.57
CA HIS A 289 -54.63 -16.90 -21.00
C HIS A 289 -55.46 -15.66 -21.38
N GLN A 290 -56.38 -15.23 -20.53
CA GLN A 290 -57.22 -14.03 -20.82
C GLN A 290 -56.31 -12.78 -20.88
N ARG A 291 -55.16 -12.83 -20.21
CA ARG A 291 -54.13 -11.74 -20.25
C ARG A 291 -53.14 -11.99 -21.38
N LYS A 292 -53.41 -12.97 -22.25
CA LYS A 292 -52.66 -13.23 -23.50
C LYS A 292 -51.23 -13.65 -23.12
N LEU A 293 -51.08 -14.36 -22.00
CA LEU A 293 -49.78 -14.90 -21.55
C LEU A 293 -49.75 -16.39 -21.87
N LYS A 294 -48.61 -16.88 -22.35
CA LYS A 294 -48.35 -18.32 -22.45
C LYS A 294 -47.74 -18.77 -21.12
N VAL A 295 -48.04 -20.02 -20.73
CA VAL A 295 -47.79 -20.54 -19.37
C VAL A 295 -46.86 -21.74 -19.50
N THR A 296 -45.77 -21.71 -18.75
CA THR A 296 -44.85 -22.87 -18.64
C THR A 296 -44.61 -23.17 -17.16
N LEU A 297 -44.51 -24.45 -16.84
CA LEU A 297 -44.15 -24.91 -15.49
C LEU A 297 -42.73 -25.46 -15.53
N ASN A 298 -42.01 -25.26 -14.45
CA ASN A 298 -40.76 -25.99 -14.14
C ASN A 298 -41.01 -27.49 -14.00
N ASP A 299 -40.22 -28.31 -14.69
CA ASP A 299 -40.23 -29.79 -14.57
C ASP A 299 -38.81 -30.24 -14.22
N HIS A 300 -38.66 -30.79 -13.02
CA HIS A 300 -37.47 -31.51 -12.55
C HIS A 300 -37.73 -32.99 -12.73
N PRO A 301 -37.33 -33.61 -13.87
CA PRO A 301 -37.77 -34.97 -14.17
C PRO A 301 -37.04 -36.09 -13.44
N ALA A 302 -35.89 -35.83 -12.77
CA ALA A 302 -34.91 -36.86 -12.35
C ALA A 302 -35.46 -37.90 -11.37
N ASP A 303 -36.38 -37.55 -10.47
CA ASP A 303 -36.88 -38.54 -9.47
C ASP A 303 -38.17 -39.20 -10.01
N GLY A 304 -38.55 -38.96 -11.27
CA GLY A 304 -39.64 -39.73 -11.91
C GLY A 304 -40.97 -39.53 -11.21
N ILE A 305 -41.82 -40.58 -11.17
CA ILE A 305 -43.20 -40.42 -10.65
C ILE A 305 -43.31 -41.33 -9.43
N ARG A 306 -43.28 -40.72 -8.24
CA ARG A 306 -43.24 -41.48 -6.97
C ARG A 306 -44.67 -41.66 -6.46
N ALA A 307 -44.83 -42.50 -5.44
CA ALA A 307 -46.15 -43.05 -5.03
C ALA A 307 -47.06 -41.98 -4.43
N PHE A 308 -46.56 -40.80 -4.07
CA PHE A 308 -47.42 -39.75 -3.45
C PHE A 308 -48.07 -38.87 -4.53
N GLU A 309 -47.69 -39.04 -5.80
CA GLU A 309 -48.04 -38.08 -6.88
C GLU A 309 -49.48 -38.31 -7.29
N ASP A 310 -50.17 -37.25 -7.65
CA ASP A 310 -51.53 -37.32 -8.25
C ASP A 310 -51.56 -38.31 -9.41
N PRO A 311 -50.66 -38.25 -10.41
CA PRO A 311 -50.72 -39.19 -11.54
C PRO A 311 -50.19 -40.60 -11.26
N TYR A 312 -49.76 -40.89 -10.04
CA TYR A 312 -49.08 -42.17 -9.77
C TYR A 312 -50.04 -43.33 -10.02
N PRO A 313 -51.27 -43.33 -9.48
CA PRO A 313 -52.19 -44.45 -9.72
C PRO A 313 -52.27 -44.83 -11.20
N GLN A 314 -52.36 -43.84 -12.10
CA GLN A 314 -52.55 -44.09 -13.54
C GLN A 314 -51.22 -44.61 -14.12
N VAL A 315 -50.08 -44.01 -13.75
CA VAL A 315 -48.72 -44.45 -14.21
C VAL A 315 -48.43 -45.84 -13.65
N ALA A 316 -48.81 -46.12 -12.40
CA ALA A 316 -48.53 -47.43 -11.77
C ALA A 316 -49.30 -48.54 -12.51
N GLN A 317 -50.55 -48.26 -12.86
CA GLN A 317 -51.40 -49.17 -13.69
C GLN A 317 -50.66 -49.45 -15.01
N THR A 318 -50.27 -48.41 -15.76
CA THR A 318 -49.63 -48.55 -17.11
C THR A 318 -48.29 -49.30 -17.04
N LEU A 319 -47.44 -49.00 -16.06
CA LEU A 319 -46.09 -49.60 -16.00
C LEU A 319 -46.06 -50.83 -15.09
N ASP A 320 -47.23 -51.26 -14.61
CA ASP A 320 -47.39 -52.47 -13.76
C ASP A 320 -46.44 -52.40 -12.54
N LEU A 321 -46.53 -51.32 -11.76
CA LEU A 321 -45.67 -51.13 -10.56
C LEU A 321 -46.40 -51.75 -9.36
N ASN A 322 -45.62 -52.18 -8.37
CA ASN A 322 -46.09 -52.71 -7.06
C ASN A 322 -46.43 -51.52 -6.16
N THR A 323 -47.72 -51.16 -6.12
CA THR A 323 -48.24 -49.98 -5.39
C THR A 323 -48.21 -50.23 -3.88
N GLU A 324 -48.29 -51.47 -3.38
CA GLU A 324 -48.25 -51.67 -1.88
C GLU A 324 -46.82 -51.47 -1.37
N LEU A 325 -45.80 -51.66 -2.22
CA LEU A 325 -44.39 -51.36 -1.90
C LEU A 325 -44.02 -49.94 -2.39
N GLU A 326 -44.96 -49.18 -2.90
CA GLU A 326 -44.72 -47.79 -3.39
C GLU A 326 -43.56 -47.79 -4.38
N GLU A 327 -43.50 -48.76 -5.27
CA GLU A 327 -42.50 -48.81 -6.36
C GLU A 327 -42.65 -47.54 -7.22
N ALA A 328 -41.58 -46.77 -7.37
CA ALA A 328 -41.61 -45.53 -8.19
C ALA A 328 -41.46 -45.89 -9.67
N ALA A 329 -42.06 -45.05 -10.53
CA ALA A 329 -41.76 -44.99 -11.97
C ALA A 329 -40.50 -44.12 -12.08
N LYS A 330 -39.34 -44.75 -12.00
CA LYS A 330 -38.05 -44.01 -12.02
C LYS A 330 -37.83 -43.44 -13.40
N PHE A 331 -37.15 -42.29 -13.47
CA PHE A 331 -36.93 -41.58 -14.75
C PHE A 331 -36.15 -42.52 -15.66
N ASP A 332 -36.65 -42.72 -16.87
CA ASP A 332 -35.97 -43.61 -17.85
C ASP A 332 -36.38 -43.18 -19.27
N PHE A 333 -35.68 -42.21 -19.85
CA PHE A 333 -36.10 -41.69 -21.19
C PHE A 333 -35.56 -42.58 -22.33
N ASP A 334 -34.80 -43.63 -22.00
CA ASP A 334 -34.48 -44.75 -22.93
C ASP A 334 -35.73 -45.61 -23.16
N ASN A 335 -36.71 -45.56 -22.25
CA ASN A 335 -37.83 -46.53 -22.20
C ASN A 335 -39.06 -45.94 -22.89
N LEU A 336 -39.48 -46.49 -24.04
CA LEU A 336 -40.65 -45.98 -24.81
C LEU A 336 -41.88 -45.92 -23.90
N LYS A 337 -42.13 -46.94 -23.07
CA LYS A 337 -43.34 -46.97 -22.19
C LYS A 337 -43.23 -45.84 -21.14
N PHE A 338 -42.05 -45.61 -20.57
CA PHE A 338 -41.87 -44.49 -19.60
C PHE A 338 -42.16 -43.16 -20.33
N ARG A 339 -41.57 -42.96 -21.51
CA ARG A 339 -41.77 -41.69 -22.25
C ARG A 339 -43.27 -41.52 -22.48
N LYS A 340 -43.95 -42.60 -22.85
CA LYS A 340 -45.39 -42.51 -23.22
C LYS A 340 -46.15 -42.11 -21.95
N ALA A 341 -45.80 -42.71 -20.82
CA ALA A 341 -46.46 -42.46 -19.51
C ALA A 341 -46.25 -40.98 -19.15
N TYR A 342 -44.98 -40.55 -19.24
CA TYR A 342 -44.52 -39.16 -18.95
C TYR A 342 -45.29 -38.12 -19.80
N PHE A 343 -45.32 -38.26 -21.13
CA PHE A 343 -46.11 -37.35 -22.00
C PHE A 343 -47.61 -37.46 -21.76
N GLU A 344 -48.20 -38.65 -21.74
CA GLU A 344 -49.68 -38.79 -21.85
C GLU A 344 -50.30 -38.72 -20.46
N GLU A 345 -49.64 -39.29 -19.44
CA GLU A 345 -50.30 -39.43 -18.10
C GLU A 345 -49.77 -38.46 -17.06
N VAL A 346 -48.63 -37.82 -17.29
CA VAL A 346 -48.07 -36.89 -16.28
C VAL A 346 -48.19 -35.47 -16.81
N HIS A 347 -47.54 -35.15 -17.94
CA HIS A 347 -47.73 -33.87 -18.65
C HIS A 347 -49.17 -33.73 -19.15
N GLY A 348 -49.77 -34.79 -19.69
CA GLY A 348 -51.06 -34.67 -20.42
C GLY A 348 -52.10 -33.96 -19.57
N PRO A 349 -52.40 -34.41 -18.34
CA PRO A 349 -53.37 -33.70 -17.48
C PRO A 349 -53.07 -32.22 -17.17
N LEU A 350 -51.78 -31.87 -17.06
CA LEU A 350 -51.32 -30.49 -16.81
C LEU A 350 -51.51 -29.63 -18.07
N GLU A 351 -51.27 -30.19 -19.24
CA GLU A 351 -51.60 -29.58 -20.54
C GLU A 351 -53.10 -29.33 -20.67
N LYS A 352 -53.93 -30.31 -20.30
CA LYS A 352 -55.40 -30.15 -20.35
C LYS A 352 -55.83 -29.00 -19.45
N GLU A 353 -55.14 -28.79 -18.32
CA GLU A 353 -55.44 -27.65 -17.42
C GLU A 353 -54.97 -26.32 -18.05
N GLY A 354 -54.09 -26.39 -19.05
CA GLY A 354 -53.76 -25.26 -19.93
C GLY A 354 -52.26 -24.94 -20.02
N VAL A 355 -51.40 -25.78 -19.45
CA VAL A 355 -49.93 -25.56 -19.58
C VAL A 355 -49.56 -25.56 -21.07
N ASP A 356 -48.91 -24.49 -21.56
CA ASP A 356 -48.64 -24.30 -22.99
C ASP A 356 -47.34 -24.99 -23.44
N PHE A 357 -46.29 -25.02 -22.60
CA PHE A 357 -44.98 -25.61 -22.98
C PHE A 357 -44.14 -25.82 -21.74
N TRP A 358 -43.08 -26.64 -21.83
CA TRP A 358 -42.41 -27.24 -20.66
C TRP A 358 -41.05 -26.59 -20.48
N TRP A 359 -40.74 -26.25 -19.23
CA TRP A 359 -39.39 -25.83 -18.80
C TRP A 359 -38.70 -27.08 -18.25
N ILE A 360 -37.90 -27.74 -19.10
CA ILE A 360 -37.14 -28.95 -18.71
C ILE A 360 -35.89 -28.48 -17.98
N ASP A 361 -35.84 -28.71 -16.67
CA ASP A 361 -34.80 -28.16 -15.77
C ASP A 361 -33.98 -29.33 -15.21
N TRP A 362 -33.08 -29.85 -16.03
CA TRP A 362 -32.28 -31.07 -15.74
C TRP A 362 -30.88 -30.67 -15.29
N GLN A 363 -30.53 -31.04 -14.07
CA GLN A 363 -29.19 -30.76 -13.52
C GLN A 363 -28.62 -32.05 -12.90
N GLN A 364 -28.98 -33.22 -13.41
CA GLN A 364 -28.75 -34.49 -12.65
C GLN A 364 -27.84 -35.42 -13.45
N GLY A 365 -27.05 -34.89 -14.37
CA GLY A 365 -25.89 -35.60 -14.95
C GLY A 365 -26.18 -36.16 -16.34
N ALA A 366 -25.30 -37.01 -16.88
CA ALA A 366 -25.40 -37.46 -18.29
C ALA A 366 -25.44 -38.99 -18.34
N ILE A 367 -25.87 -39.65 -17.26
CA ILE A 367 -25.85 -41.14 -17.20
C ILE A 367 -27.16 -41.71 -17.76
N SER A 368 -27.03 -42.74 -18.60
CA SER A 368 -28.15 -43.57 -19.12
C SER A 368 -27.59 -44.95 -19.51
N LYS A 369 -28.46 -45.96 -19.65
CA LYS A 369 -27.99 -47.31 -20.06
C LYS A 369 -27.57 -47.25 -21.53
N SER A 370 -28.32 -46.51 -22.38
CA SER A 370 -28.07 -46.38 -23.84
C SER A 370 -26.74 -45.66 -24.10
N GLY A 371 -26.25 -44.89 -23.14
CA GLY A 371 -25.11 -43.98 -23.38
C GLY A 371 -25.58 -42.67 -24.00
N VAL A 372 -26.89 -42.46 -24.19
CA VAL A 372 -27.43 -41.17 -24.72
C VAL A 372 -27.64 -40.24 -23.51
N ASP A 373 -27.17 -39.00 -23.59
CA ASP A 373 -27.34 -38.01 -22.49
C ASP A 373 -28.84 -37.84 -22.23
N PRO A 374 -29.36 -38.05 -21.00
CA PRO A 374 -30.79 -37.89 -20.75
C PRO A 374 -31.28 -36.48 -21.11
N LEU A 375 -30.41 -35.46 -21.00
CA LEU A 375 -30.75 -34.08 -21.46
C LEU A 375 -31.10 -34.10 -22.96
N TRP A 376 -30.31 -34.81 -23.76
CA TRP A 376 -30.55 -34.91 -25.22
C TRP A 376 -31.91 -35.58 -25.45
N LEU A 377 -32.17 -36.67 -24.74
CA LEU A 377 -33.44 -37.44 -24.93
C LEU A 377 -34.62 -36.55 -24.57
N LEU A 378 -34.52 -35.84 -23.43
CA LEU A 378 -35.60 -34.93 -22.99
C LEU A 378 -35.85 -33.86 -24.06
N ASN A 379 -34.80 -33.18 -24.52
CA ASN A 379 -35.01 -32.03 -25.42
C ASN A 379 -35.59 -32.53 -26.75
N HIS A 380 -35.02 -33.61 -27.27
CA HIS A 380 -35.45 -34.24 -28.55
C HIS A 380 -36.93 -34.65 -28.44
N TYR A 381 -37.31 -35.41 -27.42
CA TYR A 381 -38.68 -36.00 -27.36
C TYR A 381 -39.67 -34.94 -26.87
N GLN A 382 -39.26 -34.11 -25.92
CA GLN A 382 -40.19 -33.07 -25.46
C GLN A 382 -40.46 -32.09 -26.59
N TYR A 383 -39.43 -31.68 -27.36
CA TYR A 383 -39.63 -30.67 -28.42
C TYR A 383 -40.61 -31.27 -29.45
N GLN A 384 -40.45 -32.54 -29.81
CA GLN A 384 -41.38 -33.24 -30.75
C GLN A 384 -42.80 -33.28 -30.14
N ASN A 385 -42.90 -33.62 -28.87
CA ASN A 385 -44.22 -33.75 -28.21
C ASN A 385 -44.91 -32.38 -28.13
N ALA A 386 -44.13 -31.31 -27.95
CA ALA A 386 -44.65 -29.92 -27.79
C ALA A 386 -45.49 -29.54 -29.01
N GLN A 387 -45.18 -30.13 -30.15
CA GLN A 387 -45.79 -29.75 -31.47
C GLN A 387 -47.24 -30.28 -31.56
N LYS A 388 -47.67 -31.21 -30.70
CA LYS A 388 -49.11 -31.62 -30.67
C LYS A 388 -49.93 -30.53 -29.97
N LYS A 389 -49.30 -29.83 -29.03
CA LYS A 389 -49.96 -28.84 -28.15
C LYS A 389 -50.22 -27.55 -28.95
N HIS A 390 -49.27 -27.11 -29.78
CA HIS A 390 -49.28 -25.78 -30.44
C HIS A 390 -48.37 -25.82 -31.68
N LYS A 391 -48.69 -25.01 -32.68
CA LYS A 391 -47.89 -24.83 -33.92
C LYS A 391 -46.58 -24.13 -33.52
N ASN A 392 -45.43 -24.64 -33.96
CA ASN A 392 -44.13 -23.99 -33.71
C ASN A 392 -43.90 -23.81 -32.19
N ASN A 393 -44.26 -24.81 -31.40
CA ASN A 393 -44.08 -24.77 -29.92
C ASN A 393 -42.59 -24.83 -29.58
N ILE A 394 -42.27 -24.52 -28.33
CA ILE A 394 -40.86 -24.53 -27.85
C ILE A 394 -40.75 -25.41 -26.62
N ILE A 395 -39.51 -25.61 -26.20
CA ILE A 395 -39.18 -25.97 -24.81
C ILE A 395 -38.32 -24.85 -24.21
N LEU A 396 -37.93 -25.02 -22.96
CA LEU A 396 -36.82 -24.27 -22.32
C LEU A 396 -35.92 -25.28 -21.63
N SER A 397 -34.71 -25.46 -22.15
CA SER A 397 -33.77 -26.49 -21.65
C SER A 397 -32.34 -26.15 -21.99
N ARG A 398 -31.43 -26.76 -21.25
CA ARG A 398 -29.96 -26.61 -21.40
C ARG A 398 -29.52 -27.22 -22.72
N TYR A 399 -28.33 -26.81 -23.16
CA TYR A 399 -27.69 -27.23 -24.42
C TYR A 399 -27.30 -28.70 -24.34
N ALA A 400 -27.70 -29.45 -25.36
CA ALA A 400 -27.53 -30.92 -25.42
C ALA A 400 -26.55 -31.32 -26.53
N GLY A 401 -25.65 -30.43 -26.95
CA GLY A 401 -24.59 -30.77 -27.92
C GLY A 401 -25.01 -30.42 -29.34
N PRO A 402 -24.09 -30.57 -30.30
CA PRO A 402 -24.30 -30.08 -31.66
C PRO A 402 -25.51 -30.76 -32.29
N GLY A 403 -26.37 -29.94 -32.87
CA GLY A 403 -27.65 -30.33 -33.46
C GLY A 403 -28.80 -30.02 -32.55
N SER A 404 -28.56 -29.73 -31.28
CA SER A 404 -29.65 -29.58 -30.28
C SER A 404 -30.29 -28.19 -30.44
N HIS A 405 -29.81 -27.40 -31.38
CA HIS A 405 -30.48 -26.15 -31.83
C HIS A 405 -31.83 -26.51 -32.46
N ARG A 406 -32.04 -27.77 -32.83
CA ARG A 406 -33.35 -28.20 -33.40
C ARG A 406 -34.44 -28.13 -32.31
N TYR A 407 -34.05 -27.98 -31.03
CA TYR A 407 -34.99 -28.03 -29.90
C TYR A 407 -34.93 -26.71 -29.09
N PRO A 408 -35.26 -25.54 -29.69
CA PRO A 408 -35.24 -24.29 -28.93
C PRO A 408 -36.32 -24.28 -27.85
N LEU A 409 -36.13 -23.53 -26.77
CA LEU A 409 -35.07 -22.57 -26.55
C LEU A 409 -33.95 -23.14 -25.67
N GLY A 410 -32.73 -22.58 -25.80
CA GLY A 410 -31.63 -22.78 -24.85
C GLY A 410 -31.89 -22.12 -23.50
N PHE A 411 -31.46 -22.76 -22.43
CA PHE A 411 -31.66 -22.25 -21.05
C PHE A 411 -30.32 -22.40 -20.31
N SER A 412 -29.66 -21.30 -19.94
CA SER A 412 -28.27 -21.35 -19.46
C SER A 412 -28.20 -21.65 -17.97
N GLY A 413 -29.24 -21.38 -17.19
CA GLY A 413 -29.32 -21.86 -15.80
C GLY A 413 -28.65 -20.93 -14.81
N ASP A 414 -27.98 -21.53 -13.81
CA ASP A 414 -27.76 -20.95 -12.46
C ASP A 414 -26.47 -20.11 -12.43
N SER A 415 -26.43 -19.08 -13.27
CA SER A 415 -25.34 -18.11 -13.27
C SER A 415 -25.21 -17.45 -11.90
N VAL A 416 -24.00 -17.07 -11.53
CA VAL A 416 -23.77 -16.27 -10.29
C VAL A 416 -24.01 -14.78 -10.61
N ILE A 417 -24.79 -14.11 -9.78
CA ILE A 417 -25.11 -12.66 -9.93
C ILE A 417 -23.84 -11.84 -9.67
N SER A 418 -23.17 -11.40 -10.73
CA SER A 418 -21.89 -10.67 -10.60
C SER A 418 -21.63 -9.87 -11.87
N TRP A 419 -20.85 -8.81 -11.71
CA TRP A 419 -20.30 -8.06 -12.86
C TRP A 419 -19.55 -9.05 -13.77
N ALA A 420 -18.82 -10.00 -13.21
CA ALA A 420 -18.00 -10.92 -14.00
C ALA A 420 -18.92 -11.80 -14.86
N SER A 421 -20.04 -12.28 -14.31
CA SER A 421 -21.01 -13.10 -15.07
C SER A 421 -21.58 -12.26 -16.23
N LEU A 422 -21.97 -11.01 -15.96
CA LEU A 422 -22.50 -10.17 -17.04
C LEU A 422 -21.42 -9.95 -18.09
N ASP A 423 -20.18 -9.67 -17.69
CA ASP A 423 -19.10 -9.35 -18.63
C ASP A 423 -18.85 -10.53 -19.56
N PHE A 424 -19.14 -11.75 -19.12
CA PHE A 424 -18.91 -12.96 -19.96
C PHE A 424 -20.06 -13.12 -20.98
N GLN A 425 -21.26 -12.64 -20.66
CA GLN A 425 -22.49 -13.18 -21.28
C GLN A 425 -22.66 -12.75 -22.76
N PRO A 426 -22.33 -11.52 -23.20
CA PRO A 426 -22.48 -11.20 -24.60
C PRO A 426 -21.58 -12.09 -25.48
N TYR A 427 -20.31 -12.19 -25.10
CA TYR A 427 -19.29 -13.08 -25.72
C TYR A 427 -19.85 -14.50 -25.80
N PHE A 428 -20.36 -15.02 -24.70
CA PHE A 428 -20.92 -16.38 -24.62
C PHE A 428 -22.02 -16.51 -25.66
N THR A 429 -22.88 -15.52 -25.71
CA THR A 429 -24.09 -15.55 -26.56
C THR A 429 -23.69 -15.53 -28.02
N SER A 430 -22.85 -14.59 -28.47
CA SER A 430 -22.56 -14.44 -29.92
C SER A 430 -21.72 -15.65 -30.35
N THR A 431 -20.82 -16.10 -29.50
CA THR A 431 -19.90 -17.23 -29.80
C THR A 431 -20.73 -18.52 -30.04
N ALA A 432 -21.87 -18.65 -29.38
CA ALA A 432 -22.71 -19.87 -29.51
C ALA A 432 -23.20 -20.01 -30.97
N SER A 433 -23.26 -18.93 -31.74
CA SER A 433 -23.64 -18.99 -33.17
C SER A 433 -22.65 -19.90 -33.91
N ASN A 434 -21.42 -20.01 -33.40
CA ASN A 434 -20.37 -20.82 -34.08
C ASN A 434 -20.67 -22.33 -34.01
N ILE A 435 -21.68 -22.74 -33.26
CA ILE A 435 -22.15 -24.16 -33.27
C ILE A 435 -23.66 -24.11 -33.52
N GLY A 436 -24.14 -23.02 -34.12
CA GLY A 436 -25.53 -22.88 -34.56
C GLY A 436 -26.54 -22.82 -33.44
N TYR A 437 -26.13 -22.61 -32.18
CA TYR A 437 -27.09 -22.58 -31.05
C TYR A 437 -27.47 -21.13 -30.74
N THR A 438 -28.47 -20.60 -31.45
CA THR A 438 -28.68 -19.13 -31.61
C THR A 438 -29.81 -18.63 -30.72
N TRP A 439 -30.40 -19.47 -29.86
CA TRP A 439 -31.58 -19.04 -29.05
C TRP A 439 -31.28 -19.24 -27.57
N TRP A 440 -30.11 -18.81 -27.10
CA TRP A 440 -29.82 -18.88 -25.62
C TRP A 440 -30.73 -17.92 -24.86
N SER A 441 -31.42 -18.44 -23.86
CA SER A 441 -32.12 -17.60 -22.85
C SER A 441 -31.35 -17.67 -21.53
N HIS A 442 -30.72 -16.57 -21.15
CA HIS A 442 -30.06 -16.42 -19.85
C HIS A 442 -31.04 -15.85 -18.84
N ASP A 443 -30.83 -16.19 -17.57
CA ASP A 443 -31.52 -15.51 -16.48
C ASP A 443 -31.04 -14.05 -16.45
N ILE A 444 -31.87 -13.14 -16.89
CA ILE A 444 -31.50 -11.71 -16.99
C ILE A 444 -31.36 -11.17 -15.56
N GLY A 445 -30.21 -10.58 -15.29
CA GLY A 445 -29.82 -10.09 -13.96
C GLY A 445 -29.15 -11.16 -13.12
N GLY A 446 -28.94 -12.35 -13.69
CA GLY A 446 -28.22 -13.44 -13.02
C GLY A 446 -29.09 -14.25 -12.10
N HIS A 447 -28.74 -15.49 -11.86
CA HIS A 447 -29.62 -16.45 -11.14
C HIS A 447 -29.48 -16.35 -9.62
N MET A 448 -28.30 -16.62 -9.11
CA MET A 448 -28.15 -16.81 -7.64
C MET A 448 -26.83 -16.27 -7.06
N GLN A 449 -26.77 -16.27 -5.74
CA GLN A 449 -25.57 -15.89 -4.97
C GLN A 449 -25.13 -14.52 -5.42
N GLY A 450 -23.84 -14.25 -5.38
CA GLY A 450 -23.33 -12.91 -5.69
C GLY A 450 -23.93 -11.82 -4.82
N TYR A 451 -24.02 -10.61 -5.35
CA TYR A 451 -24.08 -9.36 -4.55
CA TYR A 451 -24.15 -9.40 -4.51
C TYR A 451 -25.13 -8.44 -5.19
N LYS A 452 -25.77 -7.60 -4.39
CA LYS A 452 -26.79 -6.66 -4.82
C LYS A 452 -26.08 -5.45 -5.38
N ASP A 453 -26.52 -5.02 -6.55
CA ASP A 453 -26.06 -3.79 -7.24
C ASP A 453 -27.13 -3.44 -8.27
N ALA A 454 -27.92 -2.39 -8.02
CA ALA A 454 -29.06 -2.04 -8.88
C ALA A 454 -28.55 -1.74 -10.29
N GLU A 455 -27.36 -1.13 -10.40
CA GLU A 455 -26.74 -0.83 -11.70
C GLU A 455 -26.43 -2.12 -12.45
N LEU A 456 -25.92 -3.13 -11.78
CA LEU A 456 -25.69 -4.48 -12.39
C LEU A 456 -27.02 -5.01 -12.94
N SER A 457 -28.09 -4.91 -12.15
CA SER A 457 -29.42 -5.46 -12.57
C SER A 457 -29.84 -4.69 -13.82
N LEU A 458 -29.59 -3.39 -13.88
CA LEU A 458 -30.01 -2.54 -15.01
C LEU A 458 -29.15 -2.87 -16.24
N ARG A 459 -27.82 -2.89 -16.07
CA ARG A 459 -26.97 -3.22 -17.24
C ARG A 459 -27.36 -4.61 -17.75
N TRP A 460 -27.71 -5.55 -16.87
CA TRP A 460 -27.96 -6.92 -17.33
C TRP A 460 -29.25 -6.93 -18.17
N LEU A 461 -30.23 -6.10 -17.79
CA LEU A 461 -31.50 -6.00 -18.55
C LEU A 461 -31.25 -5.36 -19.91
N GLN A 462 -30.38 -4.35 -20.00
CA GLN A 462 -29.99 -3.74 -21.29
C GLN A 462 -29.49 -4.81 -22.24
N PHE A 463 -28.57 -5.66 -21.77
CA PHE A 463 -28.05 -6.80 -22.56
C PHE A 463 -29.19 -7.79 -22.93
N GLY A 464 -30.02 -8.14 -21.95
CA GLY A 464 -31.14 -9.08 -22.19
C GLY A 464 -32.05 -8.64 -23.33
N VAL A 465 -32.41 -7.38 -23.35
CA VAL A 465 -33.28 -6.80 -24.41
C VAL A 465 -32.67 -6.99 -25.77
N PHE A 466 -31.32 -6.94 -25.88
CA PHE A 466 -30.57 -7.14 -27.13
C PHE A 466 -29.91 -8.51 -27.12
N SER A 467 -30.62 -9.50 -26.60
CA SER A 467 -30.19 -10.91 -26.58
C SER A 467 -31.28 -11.73 -27.26
N PRO A 468 -31.04 -13.03 -27.49
CA PRO A 468 -32.05 -13.81 -28.23
C PRO A 468 -33.42 -13.86 -27.53
N ILE A 469 -33.41 -13.92 -26.19
CA ILE A 469 -34.60 -14.11 -25.34
C ILE A 469 -34.43 -13.26 -24.08
N ASN A 470 -35.49 -12.56 -23.70
CA ASN A 470 -35.44 -11.68 -22.51
C ASN A 470 -36.32 -12.26 -21.41
N ARG A 471 -35.79 -13.19 -20.64
CA ARG A 471 -36.51 -13.83 -19.52
C ARG A 471 -35.88 -13.40 -18.21
N LEU A 472 -36.67 -12.64 -17.43
CA LEU A 472 -36.32 -12.28 -16.04
C LEU A 472 -36.51 -13.51 -15.17
N HIS A 473 -35.51 -13.82 -14.36
CA HIS A 473 -35.59 -14.95 -13.42
C HIS A 473 -34.60 -14.73 -12.29
N SER A 474 -34.89 -15.34 -11.15
CA SER A 474 -34.10 -15.26 -9.91
C SER A 474 -34.23 -16.52 -9.08
N SER A 475 -33.26 -16.72 -8.17
CA SER A 475 -33.12 -17.66 -7.03
CA SER A 475 -33.31 -17.87 -7.23
C SER A 475 -34.30 -17.56 -6.09
N LYS A 476 -34.27 -18.37 -5.06
CA LYS A 476 -35.23 -18.44 -3.94
C LYS A 476 -35.03 -17.29 -2.94
N SER A 477 -34.08 -16.38 -3.11
CA SER A 477 -33.88 -15.32 -2.10
C SER A 477 -35.09 -14.38 -2.06
N GLU A 478 -35.41 -13.87 -0.88
CA GLU A 478 -36.43 -12.80 -0.70
C GLU A 478 -35.89 -11.50 -1.30
N PHE A 479 -34.61 -11.45 -1.61
CA PHE A 479 -33.94 -10.19 -2.02
C PHE A 479 -33.59 -10.07 -3.51
N THR A 480 -33.90 -11.05 -4.36
CA THR A 480 -33.38 -11.03 -5.75
C THR A 480 -34.50 -10.90 -6.78
N SER A 481 -35.68 -10.42 -6.41
CA SER A 481 -36.72 -10.16 -7.43
C SER A 481 -36.19 -9.21 -8.53
N LYS A 482 -36.53 -9.50 -9.78
CA LYS A 482 -36.18 -8.65 -10.94
C LYS A 482 -37.31 -7.68 -11.27
N GLU A 483 -38.32 -7.54 -10.42
CA GLU A 483 -39.37 -6.52 -10.60
C GLU A 483 -38.71 -5.14 -10.66
N PRO A 484 -39.00 -4.33 -11.68
CA PRO A 484 -38.41 -2.99 -11.75
C PRO A 484 -38.62 -2.16 -10.47
N TRP A 485 -39.81 -2.26 -9.87
CA TRP A 485 -40.23 -1.47 -8.71
C TRP A 485 -39.53 -1.96 -7.47
N HIS A 486 -38.71 -3.04 -7.54
CA HIS A 486 -37.85 -3.43 -6.44
C HIS A 486 -36.81 -2.33 -6.21
N PHE A 487 -36.47 -1.60 -7.26
CA PHE A 487 -35.36 -0.63 -7.29
C PHE A 487 -35.88 0.81 -7.11
N ASP A 488 -34.98 1.81 -7.05
CA ASP A 488 -35.37 3.22 -6.81
C ASP A 488 -35.99 3.78 -8.08
N ALA A 489 -36.53 5.00 -8.00
CA ALA A 489 -37.32 5.59 -9.08
C ALA A 489 -36.51 5.64 -10.38
N VAL A 490 -35.19 5.90 -10.34
CA VAL A 490 -34.35 6.05 -11.54
C VAL A 490 -34.21 4.70 -12.24
N ILE A 491 -33.78 3.71 -11.48
CA ILE A 491 -33.53 2.33 -11.96
C ILE A 491 -34.88 1.76 -12.44
N GLU A 492 -35.92 1.95 -11.66
CA GLU A 492 -37.26 1.41 -12.01
C GLU A 492 -37.65 1.97 -13.38
N GLN A 493 -37.56 3.29 -13.58
CA GLN A 493 -38.04 3.89 -14.85
C GLN A 493 -37.21 3.35 -16.02
N SER A 494 -35.90 3.35 -15.91
CA SER A 494 -35.02 2.84 -16.96
C SER A 494 -35.36 1.38 -17.29
N MET A 495 -35.55 0.56 -16.28
CA MET A 495 -35.91 -0.86 -16.51
C MET A 495 -37.24 -0.94 -17.26
N ILE A 496 -38.23 -0.15 -16.85
CA ILE A 496 -39.55 -0.14 -17.55
C ILE A 496 -39.32 0.24 -19.01
N ASP A 497 -38.52 1.29 -19.28
CA ASP A 497 -38.23 1.80 -20.64
C ASP A 497 -37.63 0.66 -21.47
N PHE A 498 -36.63 -0.05 -20.95
CA PHE A 498 -35.97 -1.15 -21.70
C PHE A 498 -36.94 -2.31 -21.95
N LEU A 499 -37.78 -2.64 -20.97
CA LEU A 499 -38.76 -3.73 -21.15
C LEU A 499 -39.81 -3.33 -22.20
N GLN A 500 -40.18 -2.06 -22.28
CA GLN A 500 -41.04 -1.58 -23.39
C GLN A 500 -40.31 -1.73 -24.72
N LEU A 501 -39.02 -1.46 -24.71
CA LEU A 501 -38.22 -1.50 -25.94
C LEU A 501 -38.21 -2.91 -26.47
N ARG A 502 -38.12 -3.89 -25.58
CA ARG A 502 -38.10 -5.29 -26.01
C ARG A 502 -39.33 -5.54 -26.88
N HIS A 503 -40.51 -5.09 -26.43
CA HIS A 503 -41.76 -5.33 -27.22
C HIS A 503 -41.76 -4.48 -28.49
N GLN A 504 -41.15 -3.29 -28.48
CA GLN A 504 -40.99 -2.51 -29.74
C GLN A 504 -40.20 -3.30 -30.78
N LEU A 505 -39.22 -4.09 -30.35
CA LEU A 505 -38.28 -4.87 -31.20
C LEU A 505 -38.91 -6.21 -31.62
N ILE A 506 -40.11 -6.58 -31.19
CA ILE A 506 -40.60 -7.94 -31.56
C ILE A 506 -40.72 -8.10 -33.08
N PRO A 507 -41.30 -7.14 -33.83
CA PRO A 507 -41.31 -7.26 -35.29
C PRO A 507 -39.93 -7.59 -35.88
N TYR A 508 -38.90 -6.84 -35.45
CA TYR A 508 -37.50 -7.04 -35.90
C TYR A 508 -36.98 -8.41 -35.47
N LEU A 509 -37.24 -8.81 -34.23
CA LEU A 509 -36.81 -10.12 -33.67
C LEU A 509 -37.53 -11.26 -34.39
N TYR A 510 -38.82 -11.11 -34.66
CA TYR A 510 -39.64 -12.20 -35.27
C TYR A 510 -39.20 -12.38 -36.72
N SER A 511 -38.98 -11.28 -37.44
CA SER A 511 -38.43 -11.32 -38.82
C SER A 511 -37.09 -12.06 -38.79
N ALA A 512 -36.19 -11.72 -37.86
CA ALA A 512 -34.85 -12.35 -37.79
C ALA A 512 -35.02 -13.85 -37.47
N ASN A 513 -35.97 -14.18 -36.61
CA ASN A 513 -36.33 -15.59 -36.31
C ASN A 513 -36.69 -16.33 -37.61
N LEU A 514 -37.53 -15.75 -38.45
CA LEU A 514 -37.94 -16.46 -39.69
C LEU A 514 -36.74 -16.59 -40.60
N ILE A 515 -35.81 -15.63 -40.55
CA ILE A 515 -34.54 -15.72 -41.31
C ILE A 515 -33.65 -16.82 -40.76
N THR A 516 -33.51 -16.97 -39.44
CA THR A 516 -32.74 -18.12 -38.87
C THR A 516 -33.30 -19.45 -39.43
N ALA A 517 -34.61 -19.59 -39.37
CA ALA A 517 -35.29 -20.86 -39.71
C ALA A 517 -35.16 -21.15 -41.21
N SER A 518 -35.24 -20.12 -42.07
CA SER A 518 -35.31 -20.32 -43.56
C SER A 518 -33.93 -20.20 -44.21
N GLU A 519 -33.03 -19.38 -43.68
CA GLU A 519 -31.76 -19.07 -44.38
C GLU A 519 -30.54 -19.40 -43.52
N GLY A 520 -30.74 -19.83 -42.28
CA GLY A 520 -29.62 -20.31 -41.44
C GLY A 520 -28.71 -19.17 -40.99
N ARG A 521 -29.27 -17.98 -40.80
CA ARG A 521 -28.51 -16.80 -40.35
C ARG A 521 -28.88 -16.52 -38.89
N ALA A 522 -27.89 -16.44 -38.03
CA ALA A 522 -28.09 -16.19 -36.59
C ALA A 522 -28.58 -14.77 -36.40
N LEU A 523 -29.45 -14.55 -35.41
CA LEU A 523 -29.84 -13.17 -35.00
C LEU A 523 -28.61 -12.45 -34.44
N VAL A 524 -27.89 -13.09 -33.50
CA VAL A 524 -26.67 -12.53 -32.87
C VAL A 524 -25.45 -13.09 -33.56
N GLU A 525 -24.67 -12.22 -34.21
CA GLU A 525 -23.43 -12.64 -34.88
C GLU A 525 -22.26 -11.93 -34.23
N PRO A 526 -21.17 -12.68 -33.98
CA PRO A 526 -19.87 -12.05 -33.72
C PRO A 526 -19.53 -11.10 -34.86
N LEU A 527 -18.75 -10.07 -34.54
CA LEU A 527 -18.32 -9.11 -35.55
C LEU A 527 -17.65 -9.78 -36.76
N TYR A 528 -16.86 -10.82 -36.55
CA TYR A 528 -16.03 -11.41 -37.59
C TYR A 528 -16.91 -12.12 -38.65
N TYR A 529 -18.22 -12.34 -38.39
CA TYR A 529 -19.11 -12.86 -39.45
C TYR A 529 -19.21 -11.84 -40.58
N GLU A 530 -19.38 -10.56 -40.27
CA GLU A 530 -19.50 -9.49 -41.30
C GLU A 530 -18.11 -9.02 -41.74
N TYR A 531 -17.12 -9.06 -40.84
CA TYR A 531 -15.81 -8.40 -41.04
C TYR A 531 -14.68 -9.39 -40.77
N PRO A 532 -14.65 -10.50 -41.54
CA PRO A 532 -13.78 -11.62 -41.22
C PRO A 532 -12.28 -11.30 -41.35
N MET A 533 -11.94 -10.32 -42.18
CA MET A 533 -10.53 -9.95 -42.47
C MET A 533 -10.11 -8.74 -41.62
N GLU A 534 -10.97 -8.22 -40.74
CA GLU A 534 -10.59 -7.05 -39.88
C GLU A 534 -10.12 -7.53 -38.51
N GLU A 535 -8.86 -7.31 -38.15
CA GLU A 535 -8.32 -7.84 -36.87
C GLU A 535 -9.16 -7.30 -35.70
N GLU A 536 -9.68 -6.09 -35.79
CA GLU A 536 -10.43 -5.51 -34.64
CA GLU A 536 -10.48 -5.44 -34.72
C GLU A 536 -11.77 -6.26 -34.47
N ALA A 537 -12.24 -7.00 -35.49
CA ALA A 537 -13.48 -7.81 -35.34
C ALA A 537 -13.27 -8.98 -34.39
N TYR A 538 -12.01 -9.31 -34.05
CA TYR A 538 -11.67 -10.42 -33.12
C TYR A 538 -11.31 -9.85 -31.74
N GLN A 539 -11.29 -8.53 -31.58
CA GLN A 539 -10.72 -7.88 -30.35
C GLN A 539 -11.80 -7.18 -29.53
N HIS A 540 -13.08 -7.33 -29.89
CA HIS A 540 -14.21 -6.74 -29.14
C HIS A 540 -15.20 -7.87 -28.79
N ARG A 541 -14.89 -8.62 -27.74
CA ARG A 541 -15.52 -9.93 -27.43
C ARG A 541 -17.00 -9.76 -27.16
N ASN A 542 -17.41 -8.65 -26.56
CA ASN A 542 -18.82 -8.45 -26.18
C ASN A 542 -19.64 -7.67 -27.21
N GLN A 543 -19.05 -7.31 -28.34
CA GLN A 543 -19.71 -6.49 -29.38
C GLN A 543 -20.27 -7.45 -30.42
N TYR A 544 -21.41 -7.12 -30.97
CA TYR A 544 -22.08 -8.05 -31.88
C TYR A 544 -23.02 -7.31 -32.80
N LEU A 545 -23.36 -7.99 -33.90
CA LEU A 545 -24.46 -7.64 -34.76
C LEU A 545 -25.73 -8.33 -34.21
N PHE A 546 -26.79 -7.54 -34.18
CA PHE A 546 -28.13 -7.90 -33.69
C PHE A 546 -29.08 -7.71 -34.87
N GLY A 547 -29.35 -8.84 -35.52
CA GLY A 547 -29.95 -8.80 -36.86
C GLY A 547 -29.01 -8.11 -37.82
N GLU A 548 -29.55 -7.52 -38.87
CA GLU A 548 -28.73 -6.98 -39.98
C GLU A 548 -28.59 -5.46 -39.86
N GLN A 549 -29.30 -4.80 -38.96
CA GLN A 549 -29.41 -3.32 -39.05
C GLN A 549 -28.76 -2.66 -37.81
N LEU A 550 -28.43 -3.43 -36.80
CA LEU A 550 -27.98 -2.89 -35.49
C LEU A 550 -26.69 -3.56 -35.05
N MET A 551 -25.85 -2.81 -34.32
CA MET A 551 -24.57 -3.29 -33.78
C MET A 551 -24.55 -2.85 -32.31
N VAL A 552 -24.34 -3.81 -31.43
CA VAL A 552 -24.53 -3.61 -29.97
C VAL A 552 -23.16 -3.71 -29.31
N ALA A 553 -22.92 -2.82 -28.36
CA ALA A 553 -21.73 -2.90 -27.50
C ALA A 553 -22.18 -2.67 -26.07
N PRO A 554 -22.67 -3.72 -25.38
CA PRO A 554 -23.22 -3.58 -24.04
C PRO A 554 -22.14 -3.10 -23.08
N ILE A 555 -22.53 -2.27 -22.11
CA ILE A 555 -21.63 -1.92 -20.99
C ILE A 555 -21.77 -2.98 -19.89
N THR A 556 -20.65 -3.57 -19.49
CA THR A 556 -20.63 -4.73 -18.60
C THR A 556 -19.64 -4.48 -17.46
N GLU A 557 -19.30 -3.22 -17.20
CA GLU A 557 -18.50 -2.88 -15.99
CA GLU A 557 -18.40 -2.78 -16.09
C GLU A 557 -19.13 -1.69 -15.28
N LYS A 558 -19.02 -1.74 -13.96
CA LYS A 558 -19.56 -0.74 -13.05
C LYS A 558 -19.00 0.62 -13.46
N MET A 559 -19.83 1.64 -13.35
CA MET A 559 -19.52 3.00 -13.80
C MET A 559 -18.31 3.51 -12.99
N ASN A 560 -17.63 4.43 -13.60
CA ASN A 560 -16.62 5.29 -12.93
C ASN A 560 -17.40 6.37 -12.17
N SER A 561 -17.32 6.41 -10.85
CA SER A 561 -18.16 7.33 -10.04
C SER A 561 -17.77 8.79 -10.32
N LEU A 562 -16.54 9.06 -10.75
CA LEU A 562 -16.12 10.44 -11.06
C LEU A 562 -16.86 10.95 -12.29
N LEU A 563 -17.14 10.05 -13.23
CA LEU A 563 -17.85 10.44 -14.49
C LEU A 563 -19.36 10.22 -14.35
N GLN A 564 -19.80 9.38 -13.42
CA GLN A 564 -21.21 8.90 -13.31
C GLN A 564 -21.61 8.25 -14.65
N MET A 565 -20.66 7.63 -15.32
CA MET A 565 -20.93 6.92 -16.60
C MET A 565 -20.09 5.63 -16.66
N GLY A 566 -20.63 4.63 -17.31
CA GLY A 566 -19.91 3.39 -17.64
C GLY A 566 -19.35 3.55 -19.04
N SER A 567 -18.51 2.60 -19.48
CA SER A 567 -17.88 2.70 -20.80
C SER A 567 -17.53 1.33 -21.33
N VAL A 568 -17.36 1.30 -22.63
CA VAL A 568 -16.91 0.12 -23.42
C VAL A 568 -16.08 0.66 -24.57
N GLU A 569 -15.02 -0.03 -24.97
CA GLU A 569 -14.31 0.27 -26.21
C GLU A 569 -15.09 -0.37 -27.37
N VAL A 570 -15.50 0.47 -28.30
CA VAL A 570 -16.30 0.12 -29.52
C VAL A 570 -15.38 0.18 -30.73
N TRP A 571 -15.43 -0.84 -31.56
CA TRP A 571 -14.85 -0.79 -32.91
C TRP A 571 -15.95 -0.40 -33.87
N PHE A 572 -15.75 0.69 -34.58
CA PHE A 572 -16.65 1.14 -35.64
C PHE A 572 -16.03 0.79 -36.97
N PRO A 573 -16.66 -0.14 -37.70
CA PRO A 573 -16.23 -0.46 -39.05
C PRO A 573 -16.36 0.76 -39.94
N GLU A 574 -15.69 0.70 -41.08
CA GLU A 574 -15.76 1.77 -42.11
C GLU A 574 -17.22 2.11 -42.37
N GLY A 575 -17.52 3.41 -42.48
CA GLY A 575 -18.85 3.94 -42.76
C GLY A 575 -19.28 4.94 -41.69
N THR A 576 -20.44 5.55 -41.86
CA THR A 576 -20.99 6.49 -40.83
C THR A 576 -21.98 5.73 -39.96
N TRP A 577 -21.77 5.79 -38.65
CA TRP A 577 -22.61 5.10 -37.65
C TRP A 577 -23.33 6.14 -36.79
N TYR A 578 -24.49 5.77 -36.27
CA TYR A 578 -25.27 6.65 -35.37
C TYR A 578 -25.66 5.84 -34.15
N ASP A 579 -25.57 6.46 -32.98
CA ASP A 579 -26.24 5.89 -31.81
C ASP A 579 -27.72 5.74 -32.14
N PHE A 580 -28.23 4.54 -31.99
CA PHE A 580 -29.63 4.18 -32.31
C PHE A 580 -30.61 5.05 -31.52
N PHE A 581 -30.25 5.45 -30.32
CA PHE A 581 -31.12 6.22 -29.40
C PHE A 581 -30.96 7.71 -29.54
N SER A 582 -29.73 8.22 -29.66
CA SER A 582 -29.45 9.67 -29.54
C SER A 582 -29.14 10.29 -30.90
N GLY A 583 -28.72 9.50 -31.88
CA GLY A 583 -28.25 9.98 -33.18
C GLY A 583 -26.83 10.53 -33.15
N GLN A 584 -26.13 10.38 -32.02
CA GLN A 584 -24.70 10.70 -31.93
C GLN A 584 -23.97 9.98 -33.06
N PRO A 585 -23.24 10.74 -33.91
CA PRO A 585 -22.60 10.18 -35.09
C PRO A 585 -21.17 9.73 -34.79
N TYR A 586 -20.71 8.76 -35.56
CA TYR A 586 -19.33 8.23 -35.46
C TYR A 586 -18.83 7.86 -36.85
N ASP A 587 -17.69 8.45 -37.22
CA ASP A 587 -17.00 8.15 -38.50
C ASP A 587 -16.16 6.89 -38.31
N GLY A 588 -16.55 5.77 -38.91
CA GLY A 588 -15.68 4.57 -38.95
C GLY A 588 -14.51 4.84 -39.89
N LYS A 589 -13.50 3.98 -39.98
CA LYS A 589 -13.10 2.91 -39.10
C LYS A 589 -12.27 3.52 -37.97
N VAL A 590 -12.61 3.20 -36.75
CA VAL A 590 -11.97 3.76 -35.53
C VAL A 590 -12.32 2.80 -34.39
N SER A 591 -11.44 2.72 -33.41
CA SER A 591 -11.72 2.10 -32.08
C SER A 591 -11.77 3.22 -31.04
N LEU A 592 -12.93 3.36 -30.40
CA LEU A 592 -13.23 4.55 -29.59
C LEU A 592 -13.85 4.10 -28.28
N LYS A 593 -13.38 4.65 -27.18
CA LYS A 593 -14.02 4.34 -25.89
C LYS A 593 -15.29 5.16 -25.84
N VAL A 594 -16.43 4.56 -25.52
CA VAL A 594 -17.70 5.35 -25.49
C VAL A 594 -18.29 5.26 -24.09
N TYR A 595 -18.91 6.35 -23.66
CA TYR A 595 -19.35 6.47 -22.26
C TYR A 595 -20.88 6.66 -22.31
N ARG A 596 -21.58 6.04 -21.37
CA ARG A 596 -23.05 6.16 -21.23
C ARG A 596 -23.39 6.15 -19.74
N GLU A 597 -24.39 6.94 -19.41
CA GLU A 597 -25.04 6.91 -18.11
C GLU A 597 -25.65 5.52 -17.93
N ILE A 598 -25.97 5.18 -16.69
CA ILE A 598 -26.36 3.79 -16.38
C ILE A 598 -27.69 3.54 -17.08
N THR A 599 -28.40 4.59 -17.51
CA THR A 599 -29.77 4.51 -18.11
C THR A 599 -29.67 4.38 -19.63
N GLU A 600 -28.46 4.34 -20.19
CA GLU A 600 -28.32 4.39 -21.65
C GLU A 600 -27.40 3.28 -22.11
N MET A 601 -27.65 2.73 -23.29
CA MET A 601 -26.84 1.60 -23.79
C MET A 601 -26.27 1.92 -25.16
N PRO A 602 -25.00 1.51 -25.45
CA PRO A 602 -24.42 1.68 -26.76
C PRO A 602 -24.99 0.70 -27.79
N VAL A 603 -25.86 1.25 -28.67
CA VAL A 603 -26.43 0.52 -29.82
C VAL A 603 -26.31 1.41 -31.00
N PHE A 604 -25.91 0.87 -32.15
CA PHE A 604 -25.56 1.70 -33.32
C PHE A 604 -26.18 1.15 -34.59
N ALA A 605 -26.47 2.07 -35.49
CA ALA A 605 -26.98 1.83 -36.87
C ALA A 605 -26.13 2.59 -37.87
N LYS A 606 -25.88 1.97 -39.02
CA LYS A 606 -25.20 2.62 -40.15
C LYS A 606 -26.16 3.55 -40.86
N ALA A 607 -25.60 4.54 -41.53
CA ALA A 607 -26.31 5.38 -42.52
C ALA A 607 -27.05 4.44 -43.47
N GLY A 608 -28.33 4.69 -43.66
CA GLY A 608 -29.17 3.88 -44.56
C GLY A 608 -29.95 2.84 -43.80
N ALA A 609 -29.70 2.68 -42.50
CA ALA A 609 -30.38 1.59 -41.74
C ALA A 609 -31.86 1.90 -41.66
N ILE A 610 -32.67 0.85 -41.72
CA ILE A 610 -34.14 0.91 -41.58
C ILE A 610 -34.49 -0.11 -40.52
N ILE A 611 -35.10 0.35 -39.43
CA ILE A 611 -35.52 -0.54 -38.33
C ILE A 611 -37.01 -0.36 -38.12
N PRO A 612 -37.79 -1.44 -38.23
CA PRO A 612 -39.18 -1.40 -37.85
C PRO A 612 -39.34 -1.49 -36.33
N LEU A 613 -40.29 -0.75 -35.77
CA LEU A 613 -40.65 -0.80 -34.36
C LEU A 613 -42.17 -0.91 -34.22
N ASP A 614 -42.65 -1.71 -33.28
CA ASP A 614 -44.09 -1.67 -32.96
C ASP A 614 -44.41 -0.31 -32.35
N LYS A 615 -45.39 0.43 -32.89
CA LYS A 615 -45.80 1.74 -32.31
C LYS A 615 -46.56 1.50 -31.01
N ASN A 616 -47.15 0.32 -30.82
CA ASN A 616 -48.06 0.03 -29.68
C ASN A 616 -47.54 -1.15 -28.86
N PRO A 617 -46.34 -1.07 -28.26
CA PRO A 617 -45.77 -2.22 -27.58
C PRO A 617 -46.56 -2.67 -26.34
N LEU A 618 -47.42 -1.81 -25.78
CA LEU A 618 -48.17 -2.22 -24.57
C LEU A 618 -49.47 -2.93 -24.96
N LYS A 619 -49.93 -2.77 -26.20
CA LYS A 619 -51.25 -3.30 -26.63
C LYS A 619 -51.06 -4.76 -27.09
N LYS A 620 -51.78 -5.71 -26.53
CA LYS A 620 -51.54 -7.14 -26.88
C LYS A 620 -52.34 -7.50 -28.14
N GLU A 621 -51.78 -7.15 -29.29
CA GLU A 621 -52.28 -7.42 -30.66
C GLU A 621 -51.57 -8.67 -31.16
N GLU A 622 -52.22 -9.56 -31.92
CA GLU A 622 -51.49 -10.78 -32.35
C GLU A 622 -50.36 -10.36 -33.32
N ILE A 623 -50.58 -9.34 -34.17
CA ILE A 623 -49.55 -8.68 -35.04
C ILE A 623 -49.80 -7.18 -34.94
N PRO A 624 -48.73 -6.36 -35.02
CA PRO A 624 -48.87 -4.94 -34.78
C PRO A 624 -49.81 -4.32 -35.81
N SER A 625 -50.72 -3.46 -35.35
CA SER A 625 -51.66 -2.65 -36.18
C SER A 625 -50.87 -1.51 -36.80
N GLU A 626 -49.80 -1.05 -36.16
CA GLU A 626 -48.96 0.07 -36.67
CA GLU A 626 -48.95 0.02 -36.73
C GLU A 626 -47.45 -0.23 -36.47
N ILE A 627 -46.68 -0.07 -37.54
CA ILE A 627 -45.19 -0.13 -37.58
C ILE A 627 -44.62 1.27 -37.76
N ILE A 628 -43.69 1.63 -36.88
CA ILE A 628 -42.76 2.77 -37.07
C ILE A 628 -41.60 2.29 -37.92
N TRP A 629 -41.34 2.98 -39.04
CA TRP A 629 -40.12 2.78 -39.84
C TRP A 629 -39.11 3.85 -39.45
N LYS A 630 -38.06 3.46 -38.75
CA LYS A 630 -37.01 4.36 -38.25
C LYS A 630 -35.86 4.31 -39.23
N ILE A 631 -35.64 5.44 -39.91
CA ILE A 631 -34.65 5.52 -41.02
C ILE A 631 -33.47 6.36 -40.53
N PHE A 632 -32.26 5.85 -40.74
CA PHE A 632 -30.98 6.56 -40.50
C PHE A 632 -30.52 7.15 -41.81
N PRO A 633 -30.58 8.50 -41.98
CA PRO A 633 -30.19 9.10 -43.25
C PRO A 633 -28.72 8.86 -43.65
N GLY A 634 -28.45 9.09 -44.93
CA GLY A 634 -27.09 9.31 -45.46
C GLY A 634 -26.68 8.21 -46.42
N ALA A 635 -27.48 7.16 -46.63
CA ALA A 635 -27.22 6.14 -47.66
C ALA A 635 -28.51 5.40 -48.02
N ASP A 636 -28.44 4.57 -49.07
CA ASP A 636 -29.59 3.73 -49.45
C ASP A 636 -29.69 2.63 -48.40
N GLY A 637 -30.87 2.06 -48.25
CA GLY A 637 -31.03 0.83 -47.47
C GLY A 637 -32.29 0.09 -47.86
N GLU A 638 -32.53 -1.00 -47.18
CA GLU A 638 -33.60 -1.96 -47.48
C GLU A 638 -33.89 -2.75 -46.21
N TYR A 639 -35.16 -3.04 -45.93
CA TYR A 639 -35.54 -3.98 -44.84
C TYR A 639 -36.74 -4.81 -45.28
N LEU A 640 -36.67 -6.13 -45.09
CA LEU A 640 -37.77 -7.08 -45.34
C LEU A 640 -38.34 -7.54 -43.99
N LEU A 641 -39.56 -7.12 -43.71
CA LEU A 641 -40.33 -7.54 -42.52
C LEU A 641 -41.11 -8.82 -42.82
N LEU A 642 -40.59 -9.94 -42.35
CA LEU A 642 -41.28 -11.25 -42.43
C LEU A 642 -42.25 -11.34 -41.26
N GLU A 643 -43.51 -11.71 -41.53
CA GLU A 643 -44.54 -11.95 -40.50
C GLU A 643 -45.25 -13.29 -40.77
N GLU A 644 -46.13 -13.71 -39.86
CA GLU A 644 -46.84 -14.99 -39.93
C GLU A 644 -47.51 -15.12 -41.31
N ASP A 645 -48.18 -14.07 -41.79
CA ASP A 645 -48.99 -14.16 -43.05
C ASP A 645 -48.65 -13.01 -44.00
N ASN A 646 -47.45 -12.42 -43.95
CA ASN A 646 -47.10 -11.31 -44.89
C ASN A 646 -45.59 -11.10 -44.97
N GLU A 647 -45.16 -10.44 -46.04
CA GLU A 647 -43.78 -9.94 -46.22
C GLU A 647 -43.90 -8.47 -46.58
N THR A 648 -43.24 -7.57 -45.85
CA THR A 648 -43.34 -6.13 -46.11
C THR A 648 -41.94 -5.62 -46.40
N LYS A 649 -41.74 -5.10 -47.61
CA LYS A 649 -40.42 -4.58 -48.08
C LYS A 649 -40.40 -3.06 -47.97
N ALA A 650 -39.47 -2.53 -47.18
CA ALA A 650 -39.14 -1.10 -47.08
C ALA A 650 -37.82 -0.86 -47.86
N GLU A 651 -37.85 0.09 -48.79
CA GLU A 651 -36.73 0.39 -49.72
C GLU A 651 -36.47 1.89 -49.61
N PHE A 652 -35.21 2.26 -49.42
CA PHE A 652 -34.77 3.66 -49.35
C PHE A 652 -33.69 3.82 -50.41
N VAL A 653 -34.03 4.37 -51.58
CA VAL A 653 -33.15 4.49 -52.79
C VAL A 653 -33.26 5.91 -53.32
N ASN A 654 -32.12 6.59 -53.43
CA ASN A 654 -31.96 8.00 -53.83
C ASN A 654 -32.94 8.87 -53.08
N GLY A 655 -33.08 8.67 -51.77
CA GLY A 655 -33.96 9.45 -50.90
C GLY A 655 -35.44 9.12 -51.06
N ILE A 656 -35.80 8.10 -51.84
CA ILE A 656 -37.22 7.67 -51.95
C ILE A 656 -37.47 6.44 -51.05
N PHE A 657 -38.39 6.58 -50.12
CA PHE A 657 -38.79 5.49 -49.20
C PHE A 657 -40.09 4.88 -49.72
N THR A 658 -40.05 3.61 -50.06
CA THR A 658 -41.22 2.85 -50.58
C THR A 658 -41.51 1.66 -49.66
N VAL A 659 -42.78 1.48 -49.32
CA VAL A 659 -43.29 0.27 -48.60
C VAL A 659 -44.23 -0.48 -49.53
N THR A 660 -43.98 -1.77 -49.72
CA THR A 660 -44.84 -2.72 -50.48
C THR A 660 -45.03 -4.01 -49.67
N SER A 661 -46.08 -4.78 -49.94
CA SER A 661 -46.32 -6.05 -49.20
C SER A 661 -46.74 -7.17 -50.16
N LYS A 662 -46.45 -8.42 -49.83
CA LYS A 662 -46.93 -9.59 -50.61
C LYS A 662 -48.45 -9.59 -50.64
N LYS A 663 -49.11 -9.32 -49.51
CA LYS A 663 -50.58 -9.38 -49.37
C LYS A 663 -51.08 -8.00 -48.95
N GLU A 664 -52.34 -7.66 -49.25
CA GLU A 664 -52.94 -6.38 -48.78
C GLU A 664 -53.22 -6.54 -47.30
N SER A 665 -53.21 -5.44 -46.56
CA SER A 665 -53.53 -5.41 -45.11
C SER A 665 -53.91 -3.98 -44.74
N SER A 666 -54.58 -3.84 -43.59
CA SER A 666 -55.10 -2.56 -43.06
C SER A 666 -54.01 -1.85 -42.27
N ARG A 667 -52.77 -2.34 -42.31
CA ARG A 667 -51.73 -1.87 -41.37
C ARG A 667 -51.50 -0.38 -41.60
N LYS A 668 -51.29 0.38 -40.53
CA LYS A 668 -50.85 1.80 -40.59
C LYS A 668 -49.32 1.86 -40.46
N HIS A 669 -48.66 2.73 -41.24
CA HIS A 669 -47.19 2.93 -41.24
C HIS A 669 -46.87 4.34 -40.77
N THR A 670 -45.96 4.49 -39.81
CA THR A 670 -45.35 5.77 -39.36
C THR A 670 -43.91 5.79 -39.88
N ILE A 671 -43.42 6.93 -40.34
CA ILE A 671 -42.05 7.06 -40.90
C ILE A 671 -41.33 8.08 -40.04
N ILE A 672 -40.17 7.69 -39.50
CA ILE A 672 -39.30 8.59 -38.72
C ILE A 672 -37.99 8.67 -39.50
N TYR A 673 -37.74 9.82 -40.12
CA TYR A 673 -36.53 10.06 -40.96
C TYR A 673 -35.57 10.88 -40.12
N GLY A 674 -34.52 10.22 -39.65
CA GLY A 674 -33.60 10.76 -38.65
C GLY A 674 -34.36 11.13 -37.39
N GLU A 675 -34.51 12.44 -37.16
CA GLU A 675 -35.06 13.02 -35.91
C GLU A 675 -36.59 13.05 -35.98
N HIS A 676 -37.17 13.11 -37.19
CA HIS A 676 -38.51 13.73 -37.39
C HIS A 676 -39.50 12.70 -37.92
N GLU A 677 -40.69 12.68 -37.33
CA GLU A 677 -41.83 11.91 -37.86
C GLU A 677 -42.32 12.61 -39.12
N ILE A 678 -42.26 11.97 -40.28
CA ILE A 678 -42.64 12.55 -41.60
C ILE A 678 -44.10 12.21 -41.85
N VAL A 679 -44.48 10.95 -41.68
CA VAL A 679 -45.82 10.38 -42.01
C VAL A 679 -46.30 9.67 -40.73
N SER A 680 -47.58 9.81 -40.37
CA SER A 680 -48.22 9.06 -39.25
C SER A 680 -49.39 8.24 -39.78
N ALA A 681 -49.48 6.97 -39.41
CA ALA A 681 -50.70 6.16 -39.57
C ALA A 681 -51.18 6.17 -41.03
N LYS A 682 -50.26 6.06 -42.01
CA LYS A 682 -50.63 5.91 -43.45
C LYS A 682 -50.92 4.44 -43.75
N ARG A 683 -52.03 4.15 -44.45
CA ARG A 683 -52.44 2.78 -44.78
C ARG A 683 -51.90 2.39 -46.15
N GLY A 684 -51.70 1.10 -46.37
CA GLY A 684 -51.45 0.49 -47.68
C GLY A 684 -50.03 0.69 -48.13
N GLU A 685 -49.74 0.26 -49.37
CA GLU A 685 -48.42 0.47 -50.03
C GLU A 685 -48.30 1.93 -50.41
N PHE A 686 -47.13 2.53 -50.30
CA PHE A 686 -46.92 3.94 -50.69
C PHE A 686 -45.43 4.19 -50.95
N SER A 687 -45.16 5.35 -51.56
CA SER A 687 -43.81 5.89 -51.83
C SER A 687 -43.77 7.31 -51.28
N ILE A 688 -42.62 7.76 -50.80
CA ILE A 688 -42.49 9.16 -50.32
C ILE A 688 -41.04 9.60 -50.54
N ASP A 689 -40.93 10.78 -51.16
CA ASP A 689 -39.66 11.47 -51.48
C ASP A 689 -39.20 12.13 -50.20
N LEU A 690 -38.09 11.66 -49.62
CA LEU A 690 -37.52 12.24 -48.38
C LEU A 690 -36.36 13.17 -48.73
N ASN A 691 -36.05 13.42 -50.01
CA ASN A 691 -34.90 14.30 -50.41
C ASN A 691 -35.10 15.71 -49.87
N GLY A 692 -36.34 16.21 -49.88
CA GLY A 692 -36.67 17.52 -49.30
C GLY A 692 -36.93 17.50 -47.80
N LYS A 693 -36.14 16.75 -46.98
CA LYS A 693 -36.37 16.62 -45.50
C LYS A 693 -35.06 16.62 -44.72
N GLU A 694 -35.10 17.15 -43.50
CA GLU A 694 -33.94 17.33 -42.59
C GLU A 694 -33.28 15.98 -42.33
N GLU A 695 -32.03 15.81 -42.77
CA GLU A 695 -31.27 14.55 -42.64
C GLU A 695 -30.55 14.46 -41.27
N ASN A 696 -30.51 15.54 -40.50
CA ASN A 696 -29.58 15.68 -39.35
C ASN A 696 -30.35 15.37 -38.06
N PHE A 697 -29.67 14.69 -37.14
CA PHE A 697 -30.19 14.47 -35.77
C PHE A 697 -29.92 15.74 -34.98
N ASP A 698 -30.66 15.97 -33.90
CA ASP A 698 -30.49 17.15 -33.02
C ASP A 698 -29.21 17.02 -32.19
N TRP A 699 -28.72 15.80 -31.96
CA TRP A 699 -27.56 15.52 -31.09
C TRP A 699 -26.51 16.59 -31.36
N ASN A 700 -26.02 17.28 -30.33
CA ASN A 700 -24.93 18.24 -30.61
C ASN A 700 -23.93 18.23 -29.45
N PHE A 701 -22.70 18.50 -29.86
CA PHE A 701 -21.49 18.57 -29.04
C PHE A 701 -21.79 19.38 -27.77
N SER A 702 -22.29 20.61 -27.89
CA SER A 702 -22.44 21.53 -26.74
C SER A 702 -23.40 20.98 -25.71
N THR A 703 -24.57 20.49 -26.10
CA THR A 703 -25.53 19.87 -25.15
C THR A 703 -24.90 18.65 -24.45
N ALA A 704 -24.23 17.78 -25.22
CA ALA A 704 -23.69 16.51 -24.65
C ALA A 704 -22.55 16.87 -23.68
N LEU A 705 -21.72 17.86 -24.04
CA LEU A 705 -20.58 18.28 -23.16
C LEU A 705 -21.15 18.80 -21.86
N PHE A 706 -22.15 19.66 -21.93
CA PHE A 706 -22.71 20.23 -20.69
C PHE A 706 -23.24 19.11 -19.80
N ARG A 707 -23.97 18.14 -20.38
CA ARG A 707 -24.55 17.02 -19.59
C ARG A 707 -23.41 16.24 -18.92
N ARG A 708 -22.37 15.88 -19.67
CA ARG A 708 -21.31 15.00 -19.09
C ARG A 708 -20.61 15.75 -17.94
N LEU A 709 -20.28 17.03 -18.15
CA LEU A 709 -19.64 17.83 -17.07
C LEU A 709 -20.61 17.96 -15.90
N ASP A 710 -21.90 18.18 -16.15
CA ASP A 710 -22.85 18.44 -15.05
C ASP A 710 -23.01 17.21 -14.14
N ILE A 711 -23.07 16.01 -14.68
CA ILE A 711 -23.24 14.81 -13.80
C ILE A 711 -21.93 14.42 -13.12
N ALA A 712 -20.75 14.80 -13.65
CA ALA A 712 -19.45 14.28 -13.18
C ALA A 712 -19.24 14.69 -11.71
N GLU A 713 -18.72 13.80 -10.86
CA GLU A 713 -18.37 14.10 -9.45
C GLU A 713 -16.91 14.59 -9.42
N ILE A 714 -16.63 15.65 -10.14
CA ILE A 714 -15.30 16.32 -10.27
C ILE A 714 -15.44 17.74 -9.71
N SER A 715 -14.32 18.45 -9.58
CA SER A 715 -14.34 19.83 -9.04
C SER A 715 -15.09 20.76 -9.98
N TYR A 716 -15.83 21.71 -9.42
CA TYR A 716 -16.58 22.70 -10.21
C TYR A 716 -15.59 23.58 -10.98
N GLU A 717 -14.42 23.85 -10.42
CA GLU A 717 -13.37 24.64 -11.15
C GLU A 717 -12.99 23.93 -12.46
N GLN A 718 -12.83 22.61 -12.45
CA GLN A 718 -12.51 21.81 -13.67
C GLN A 718 -13.70 21.91 -14.64
N LYS A 719 -14.91 21.73 -14.18
CA LYS A 719 -16.11 21.80 -15.03
C LYS A 719 -16.10 23.16 -15.75
N ASP A 720 -15.95 24.23 -14.97
CA ASP A 720 -16.02 25.61 -15.49
C ASP A 720 -14.96 25.79 -16.58
N GLU A 721 -13.71 25.40 -16.29
CA GLU A 721 -12.58 25.59 -17.22
C GLU A 721 -12.83 24.79 -18.48
N ILE A 722 -13.25 23.53 -18.38
CA ILE A 722 -13.47 22.67 -19.57
C ILE A 722 -14.60 23.25 -20.43
N LEU A 723 -15.72 23.66 -19.82
CA LEU A 723 -16.82 24.26 -20.59
C LEU A 723 -16.33 25.54 -21.27
N GLN A 724 -15.57 26.39 -20.57
CA GLN A 724 -15.11 27.71 -21.11
C GLN A 724 -14.16 27.45 -22.29
N GLN A 725 -13.16 26.60 -22.06
CA GLN A 725 -12.07 26.40 -23.06
C GLN A 725 -12.64 25.71 -24.30
N LEU A 726 -13.48 24.71 -24.14
CA LEU A 726 -13.98 23.97 -25.34
C LEU A 726 -14.95 24.88 -26.11
N SER A 727 -15.64 25.81 -25.43
CA SER A 727 -16.54 26.77 -26.12
C SER A 727 -15.69 27.78 -26.88
N LEU A 728 -14.58 28.19 -26.30
CA LEU A 728 -13.74 29.30 -26.79
C LEU A 728 -12.82 28.81 -27.92
N ILE A 729 -12.19 27.65 -27.78
CA ILE A 729 -11.19 27.17 -28.77
C ILE A 729 -11.91 26.74 -30.03
N GLU A 730 -11.63 27.39 -31.16
CA GLU A 730 -12.39 27.14 -32.42
C GLU A 730 -11.87 25.88 -33.11
N GLU A 731 -10.55 25.68 -33.20
CA GLU A 731 -9.95 24.64 -34.08
C GLU A 731 -10.06 23.29 -33.36
N HIS A 732 -10.61 22.30 -34.05
CA HIS A 732 -10.86 20.94 -33.50
C HIS A 732 -9.54 20.37 -32.94
N GLU A 733 -8.39 20.56 -33.61
CA GLU A 733 -7.15 19.88 -33.15
C GLU A 733 -6.71 20.53 -31.82
N LYS A 734 -7.03 21.80 -31.62
CA LYS A 734 -6.62 22.53 -30.39
C LYS A 734 -7.61 22.23 -29.28
N GLN A 735 -8.86 21.90 -29.59
CA GLN A 735 -9.82 21.40 -28.57
C GLN A 735 -9.30 20.07 -28.03
N VAL A 736 -8.83 19.19 -28.90
CA VAL A 736 -8.25 17.88 -28.52
C VAL A 736 -6.96 18.12 -27.71
N ALA A 737 -6.10 19.07 -28.13
CA ALA A 737 -4.88 19.40 -27.35
C ALA A 737 -5.26 19.86 -25.94
N PHE A 738 -6.31 20.66 -25.83
CA PHE A 738 -6.76 21.15 -24.50
C PHE A 738 -7.15 19.95 -23.64
N ILE A 739 -7.95 19.01 -24.17
CA ILE A 739 -8.42 17.89 -23.30
C ILE A 739 -7.26 16.97 -22.96
N LYS A 740 -6.24 16.90 -23.81
CA LYS A 740 -5.04 16.03 -23.64
C LYS A 740 -4.25 16.45 -22.39
N THR A 741 -4.41 17.69 -21.92
CA THR A 741 -3.73 18.22 -20.70
C THR A 741 -4.50 17.86 -19.46
N ASN A 742 -5.71 17.31 -19.58
CA ASN A 742 -6.53 17.05 -18.38
C ASN A 742 -5.85 15.95 -17.54
N GLU A 743 -5.76 16.17 -16.23
CA GLU A 743 -5.10 15.18 -15.33
C GLU A 743 -6.03 13.96 -15.05
N ASN A 744 -7.31 14.06 -15.35
CA ASN A 744 -8.19 12.86 -15.24
C ASN A 744 -8.19 12.11 -16.59
N GLN A 745 -7.63 10.94 -16.61
CA GLN A 745 -7.41 10.21 -17.87
C GLN A 745 -8.73 9.73 -18.46
N GLU A 746 -9.66 9.26 -17.63
CA GLU A 746 -10.94 8.74 -18.16
C GLU A 746 -11.77 9.92 -18.61
N LEU A 747 -11.74 11.03 -17.88
CA LEU A 747 -12.38 12.27 -18.36
C LEU A 747 -11.85 12.66 -19.75
N GLN A 748 -10.55 12.56 -20.00
CA GLN A 748 -10.03 12.88 -21.34
C GLN A 748 -10.72 11.99 -22.35
N ASN A 749 -10.88 10.71 -22.04
CA ASN A 749 -11.43 9.73 -23.02
C ASN A 749 -12.87 10.11 -23.31
N SER A 750 -13.60 10.46 -22.25
CA SER A 750 -15.03 10.84 -22.38
C SER A 750 -15.14 12.09 -23.26
N LEU A 751 -14.37 13.13 -22.94
CA LEU A 751 -14.35 14.36 -23.76
C LEU A 751 -13.90 14.06 -25.20
N PHE A 752 -12.97 13.12 -25.38
CA PHE A 752 -12.47 12.79 -26.72
C PHE A 752 -13.60 12.18 -27.55
N GLU A 753 -14.39 11.33 -26.93
CA GLU A 753 -15.56 10.71 -27.65
C GLU A 753 -16.44 11.81 -28.20
N LEU A 754 -16.78 12.78 -27.36
CA LEU A 754 -17.63 13.92 -27.78
C LEU A 754 -16.95 14.68 -28.93
N LEU A 755 -15.65 14.95 -28.83
CA LEU A 755 -14.94 15.76 -29.87
C LEU A 755 -14.86 14.91 -31.15
N TYR A 756 -14.72 13.61 -31.01
CA TYR A 756 -14.61 12.72 -32.20
C TYR A 756 -15.97 12.75 -32.96
N SER A 757 -17.09 12.61 -32.24
CA SER A 757 -18.45 12.65 -32.83
C SER A 757 -18.71 14.04 -33.38
N GLY A 758 -18.14 15.08 -32.76
CA GLY A 758 -18.40 16.48 -33.15
C GLY A 758 -17.45 17.01 -34.22
N LYS A 759 -16.52 16.20 -34.72
CA LYS A 759 -15.45 16.62 -35.66
C LYS A 759 -16.03 16.93 -37.03
N ASN B 32 -30.56 -65.76 4.07
CA ASN B 32 -31.86 -64.95 4.00
C ASN B 32 -31.55 -63.45 3.84
N ASN B 33 -30.44 -63.01 4.39
CA ASN B 33 -29.91 -61.66 4.17
C ASN B 33 -29.18 -61.62 2.82
N ILE B 34 -29.04 -62.75 2.11
CA ILE B 34 -28.28 -62.83 0.83
C ILE B 34 -29.24 -62.95 -0.36
N ILE B 35 -29.01 -62.12 -1.40
CA ILE B 35 -29.78 -62.14 -2.69
C ILE B 35 -28.76 -62.25 -3.83
N LYS B 36 -28.95 -63.19 -4.74
CA LYS B 36 -28.16 -63.24 -5.99
C LYS B 36 -29.06 -62.83 -7.15
N PHE B 37 -28.48 -62.15 -8.12
CA PHE B 37 -29.14 -61.73 -9.37
C PHE B 37 -28.05 -61.55 -10.40
N ASP B 38 -28.27 -62.10 -11.61
CA ASP B 38 -27.31 -62.07 -12.73
C ASP B 38 -25.95 -62.47 -12.14
N LYS B 39 -24.90 -61.65 -12.30
CA LYS B 39 -23.54 -61.97 -11.78
C LYS B 39 -23.25 -61.25 -10.45
N ALA B 40 -24.28 -60.84 -9.70
CA ALA B 40 -24.09 -60.03 -8.48
C ALA B 40 -24.61 -60.79 -7.26
N ARG B 41 -24.05 -60.43 -6.11
CA ARG B 41 -24.55 -60.90 -4.80
C ARG B 41 -24.70 -59.68 -3.88
N PHE B 42 -25.86 -59.55 -3.28
CA PHE B 42 -26.22 -58.45 -2.35
C PHE B 42 -26.39 -59.10 -0.97
N THR B 43 -25.76 -58.53 0.04
CA THR B 43 -25.92 -59.00 1.42
C THR B 43 -26.42 -57.84 2.26
N VAL B 44 -27.67 -57.93 2.72
CA VAL B 44 -28.29 -56.87 3.57
C VAL B 44 -27.82 -57.12 5.00
N LEU B 45 -26.69 -56.52 5.38
CA LEU B 45 -26.08 -56.73 6.72
C LEU B 45 -26.88 -56.00 7.80
N THR B 46 -27.28 -54.76 7.55
CA THR B 46 -28.23 -54.00 8.41
C THR B 46 -29.27 -53.38 7.48
N GLU B 47 -30.29 -52.73 8.03
CA GLU B 47 -31.29 -51.97 7.25
C GLU B 47 -30.59 -50.87 6.45
N HIS B 48 -29.36 -50.55 6.80
CA HIS B 48 -28.60 -49.38 6.29
C HIS B 48 -27.22 -49.78 5.76
N LEU B 49 -26.91 -51.08 5.60
CA LEU B 49 -25.57 -51.49 5.16
C LEU B 49 -25.68 -52.72 4.26
N ILE B 50 -25.26 -52.60 3.01
CA ILE B 50 -25.49 -53.65 1.99
C ILE B 50 -24.16 -53.93 1.31
N ARG B 51 -23.70 -55.18 1.35
CA ARG B 51 -22.51 -55.58 0.57
C ARG B 51 -22.95 -55.80 -0.88
N ILE B 52 -22.12 -55.38 -1.82
CA ILE B 52 -22.43 -55.49 -3.26
C ILE B 52 -21.22 -56.14 -3.93
N GLU B 53 -21.42 -57.36 -4.44
CA GLU B 53 -20.30 -58.11 -5.06
C GLU B 53 -20.62 -58.41 -6.52
N TYR B 54 -19.57 -58.40 -7.35
CA TYR B 54 -19.59 -58.92 -8.73
C TYR B 54 -18.61 -60.10 -8.84
N SER B 55 -19.02 -61.17 -9.53
CA SER B 55 -18.13 -62.30 -9.84
C SER B 55 -18.46 -62.82 -11.23
N GLU B 56 -17.50 -62.87 -12.13
CA GLU B 56 -17.69 -63.46 -13.48
C GLU B 56 -18.19 -64.90 -13.35
N THR B 57 -17.61 -65.67 -12.43
CA THR B 57 -17.75 -67.15 -12.35
C THR B 57 -18.98 -67.54 -11.51
N GLY B 58 -19.62 -66.62 -10.80
CA GLY B 58 -20.69 -66.95 -9.83
C GLY B 58 -20.12 -67.48 -8.51
N GLU B 59 -18.80 -67.51 -8.34
CA GLU B 59 -18.15 -67.76 -7.03
C GLU B 59 -17.97 -66.40 -6.32
N PHE B 60 -18.53 -66.28 -5.12
CA PHE B 60 -18.44 -65.03 -4.32
C PHE B 60 -17.54 -65.28 -3.14
N GLU B 61 -16.94 -64.21 -2.60
CA GLU B 61 -15.86 -64.32 -1.59
C GLU B 61 -16.41 -64.36 -0.16
N GLU B 62 -16.04 -65.40 0.62
CA GLU B 62 -16.47 -65.59 2.02
C GLU B 62 -15.33 -65.22 2.97
N ARG B 63 -14.09 -65.17 2.48
CA ARG B 63 -12.92 -64.98 3.37
C ARG B 63 -12.91 -63.52 3.85
N MET B 64 -12.28 -63.29 5.00
CA MET B 64 -11.90 -61.95 5.48
C MET B 64 -10.98 -61.30 4.44
N THR B 65 -10.90 -59.96 4.47
CA THR B 65 -9.93 -59.16 3.68
C THR B 65 -9.09 -58.34 4.63
N GLN B 66 -8.10 -57.64 4.11
CA GLN B 66 -7.31 -56.70 4.94
C GLN B 66 -8.29 -55.79 5.70
N MET B 67 -9.35 -55.35 5.03
CA MET B 67 -10.30 -54.38 5.62
C MET B 67 -11.34 -55.12 6.47
N VAL B 68 -11.97 -56.17 5.92
CA VAL B 68 -13.20 -56.74 6.53
C VAL B 68 -12.85 -58.00 7.35
N GLN B 69 -13.30 -58.07 8.61
CA GLN B 69 -12.97 -59.20 9.53
C GLN B 69 -14.22 -60.00 9.88
N ASN B 70 -15.43 -59.51 9.64
CA ASN B 70 -16.65 -60.16 10.15
C ASN B 70 -17.88 -59.73 9.34
N ARG B 71 -18.61 -60.69 8.77
CA ARG B 71 -19.87 -60.43 8.03
C ARG B 71 -21.03 -61.16 8.71
N GLU B 72 -20.86 -61.58 9.97
CA GLU B 72 -21.96 -62.13 10.81
C GLU B 72 -22.76 -60.95 11.36
N PHE B 73 -23.95 -60.70 10.83
CA PHE B 73 -24.87 -59.66 11.34
C PHE B 73 -26.26 -60.29 11.50
N SER B 74 -27.00 -59.83 12.48
CA SER B 74 -28.38 -60.33 12.75
C SER B 74 -29.28 -60.11 11.52
N GLU B 75 -30.30 -60.96 11.38
CA GLU B 75 -31.28 -60.93 10.26
C GLU B 75 -31.90 -59.55 10.24
N VAL B 76 -32.21 -59.00 9.05
CA VAL B 76 -33.00 -57.74 9.02
C VAL B 76 -34.14 -57.89 8.03
N ASN B 77 -35.13 -57.04 8.20
CA ASN B 77 -36.32 -56.98 7.33
C ASN B 77 -35.98 -56.06 6.17
N PHE B 78 -36.33 -56.50 4.97
CA PHE B 78 -36.23 -55.70 3.74
C PHE B 78 -37.11 -56.35 2.68
N ASP B 79 -37.41 -55.61 1.62
CA ASP B 79 -38.27 -56.09 0.51
C ASP B 79 -37.45 -56.18 -0.76
N ILE B 80 -37.92 -57.02 -1.67
CA ILE B 80 -37.34 -57.24 -3.02
C ILE B 80 -38.46 -57.02 -4.04
N ILE B 81 -38.11 -56.33 -5.12
CA ILE B 81 -38.87 -56.37 -6.40
C ILE B 81 -37.93 -56.94 -7.45
N GLU B 82 -38.09 -58.24 -7.71
CA GLU B 82 -37.30 -58.96 -8.74
C GLU B 82 -38.20 -59.16 -9.95
N LYS B 83 -37.65 -58.85 -11.11
CA LYS B 83 -38.26 -58.99 -12.45
C LYS B 83 -37.30 -59.87 -13.24
N GLU B 84 -37.63 -60.12 -14.51
CA GLU B 84 -36.80 -60.89 -15.46
C GLU B 84 -35.39 -60.29 -15.54
N GLU B 85 -35.30 -58.97 -15.76
CA GLU B 85 -34.05 -58.25 -16.15
C GLU B 85 -33.53 -57.31 -15.02
N THR B 86 -34.34 -56.99 -14.02
CA THR B 86 -34.00 -55.98 -12.98
C THR B 86 -34.29 -56.52 -11.57
N ILE B 87 -33.50 -56.07 -10.60
CA ILE B 87 -33.81 -56.27 -9.16
C ILE B 87 -33.75 -54.90 -8.47
N GLU B 88 -34.62 -54.74 -7.47
CA GLU B 88 -34.67 -53.62 -6.51
C GLU B 88 -34.68 -54.20 -5.09
N ILE B 89 -33.77 -53.74 -4.26
CA ILE B 89 -33.76 -54.07 -2.81
C ILE B 89 -34.19 -52.82 -2.04
N ILE B 90 -35.18 -52.94 -1.18
CA ILE B 90 -35.75 -51.77 -0.46
C ILE B 90 -35.60 -51.99 1.04
N THR B 91 -34.86 -51.09 1.70
CA THR B 91 -34.78 -51.04 3.17
C THR B 91 -35.56 -49.82 3.66
N SER B 92 -35.54 -49.63 4.97
CA SER B 92 -36.13 -48.45 5.64
C SER B 92 -35.42 -47.18 5.13
N THR B 93 -34.18 -47.28 4.63
CA THR B 93 -33.39 -46.06 4.23
C THR B 93 -32.89 -46.06 2.78
N VAL B 94 -33.02 -47.14 1.99
CA VAL B 94 -32.42 -47.11 0.63
C VAL B 94 -33.17 -48.04 -0.32
N HIS B 95 -33.24 -47.63 -1.58
CA HIS B 95 -33.60 -48.41 -2.78
C HIS B 95 -32.28 -48.70 -3.49
N LEU B 96 -31.88 -49.96 -3.62
CA LEU B 96 -30.70 -50.33 -4.41
C LEU B 96 -31.17 -51.07 -5.65
N TYR B 97 -30.76 -50.57 -6.80
CA TYR B 97 -31.23 -51.06 -8.12
C TYR B 97 -30.05 -51.70 -8.82
N TYR B 98 -30.33 -52.80 -9.50
CA TYR B 98 -29.38 -53.45 -10.43
C TYR B 98 -30.18 -53.93 -11.64
N ASN B 99 -29.72 -53.53 -12.83
CA ASN B 99 -30.39 -53.75 -14.14
C ASN B 99 -29.69 -54.85 -14.92
N GLY B 100 -28.74 -55.55 -14.30
CA GLY B 100 -28.01 -56.67 -14.90
C GLY B 100 -26.74 -56.25 -15.59
N GLY B 101 -25.85 -57.22 -15.87
CA GLY B 101 -24.62 -57.05 -16.63
C GLY B 101 -23.51 -56.59 -15.74
N GLU B 102 -22.41 -56.15 -16.31
CA GLU B 102 -21.30 -55.55 -15.56
C GLU B 102 -21.80 -54.32 -14.82
N PHE B 103 -21.15 -54.05 -13.71
CA PHE B 103 -21.45 -52.90 -12.82
C PHE B 103 -20.97 -51.67 -13.57
N THR B 104 -21.90 -50.79 -13.94
CA THR B 104 -21.62 -49.46 -14.52
C THR B 104 -22.45 -48.45 -13.77
N ASN B 105 -22.18 -47.16 -14.02
CA ASN B 105 -22.98 -46.06 -13.39
C ASN B 105 -24.44 -46.20 -13.77
N ALA B 106 -24.76 -46.86 -14.88
CA ALA B 106 -26.14 -46.96 -15.40
C ALA B 106 -26.82 -48.25 -14.88
N SER B 107 -26.06 -49.30 -14.59
CA SER B 107 -26.61 -50.64 -14.24
C SER B 107 -26.75 -50.83 -12.73
N LEU B 108 -26.05 -50.03 -11.93
CA LEU B 108 -26.03 -50.22 -10.45
C LEU B 108 -26.07 -48.85 -9.78
N PHE B 109 -27.12 -48.52 -9.05
CA PHE B 109 -27.32 -47.19 -8.43
C PHE B 109 -28.33 -47.33 -7.30
N ALA B 110 -28.49 -46.28 -6.51
CA ALA B 110 -29.35 -46.35 -5.30
C ALA B 110 -29.91 -44.97 -5.01
N ASP B 111 -31.17 -44.91 -4.56
CA ASP B 111 -31.83 -43.71 -4.00
C ASP B 111 -31.98 -43.87 -2.50
N VAL B 112 -31.47 -42.93 -1.71
CA VAL B 112 -31.72 -42.92 -0.25
C VAL B 112 -33.09 -42.30 0.00
N LYS B 113 -33.74 -42.85 1.02
CA LYS B 113 -35.09 -42.45 1.50
C LYS B 113 -34.92 -41.32 2.52
N PHE B 114 -34.18 -40.28 2.12
CA PHE B 114 -33.92 -39.09 2.95
C PHE B 114 -34.11 -37.83 2.10
N ASN B 115 -34.28 -36.69 2.75
CA ASN B 115 -34.41 -35.45 1.95
C ASN B 115 -33.35 -34.43 2.41
N PHE B 116 -32.13 -34.87 2.71
CA PHE B 116 -31.05 -33.95 3.17
C PHE B 116 -30.59 -33.03 2.04
N SER B 117 -30.80 -33.39 0.78
CA SER B 117 -30.40 -32.56 -0.40
C SER B 117 -31.58 -32.59 -1.36
N VAL B 118 -31.57 -31.71 -2.34
CA VAL B 118 -32.68 -31.66 -3.31
C VAL B 118 -32.45 -32.72 -4.41
N TYR B 119 -31.22 -32.96 -4.84
CA TYR B 119 -30.95 -33.94 -5.90
C TYR B 119 -29.57 -34.58 -5.76
N SER B 120 -29.04 -34.74 -4.53
CA SER B 120 -27.79 -35.50 -4.28
C SER B 120 -28.13 -36.76 -3.46
N ASN B 121 -29.28 -37.36 -3.73
CA ASN B 121 -29.81 -38.51 -2.94
C ASN B 121 -29.64 -39.80 -3.72
N ARG B 122 -28.89 -39.75 -4.82
CA ARG B 122 -28.67 -40.92 -5.68
C ARG B 122 -27.19 -41.28 -5.75
N TRP B 123 -26.84 -42.52 -5.39
CA TRP B 123 -25.49 -43.11 -5.59
C TRP B 123 -25.43 -43.74 -6.98
N TYR B 124 -24.39 -43.49 -7.74
CA TYR B 124 -24.16 -44.23 -9.00
C TYR B 124 -22.86 -44.98 -8.87
N PHE B 125 -22.85 -46.25 -9.26
CA PHE B 125 -21.59 -47.07 -9.19
C PHE B 125 -20.45 -46.30 -9.87
N GLY B 126 -19.32 -46.13 -9.18
CA GLY B 126 -18.06 -45.55 -9.69
C GLY B 126 -18.09 -44.03 -9.79
N GLU B 127 -19.16 -43.38 -9.34
CA GLU B 127 -19.28 -41.89 -9.41
C GLU B 127 -19.11 -41.32 -8.00
N LYS B 128 -18.57 -40.09 -7.91
CA LYS B 128 -18.46 -39.33 -6.64
C LYS B 128 -19.72 -38.48 -6.53
N SER B 129 -20.25 -38.33 -5.32
CA SER B 129 -21.39 -37.42 -5.03
C SER B 129 -20.92 -36.47 -3.96
N ASP B 130 -21.62 -35.36 -3.75
CA ASP B 130 -21.20 -34.42 -2.70
C ASP B 130 -21.73 -34.91 -1.36
N GLY B 131 -21.19 -34.34 -0.32
CA GLY B 131 -21.69 -34.51 1.05
C GLY B 131 -20.71 -35.25 1.94
N ASN B 132 -19.74 -35.99 1.37
CA ASN B 132 -18.84 -36.83 2.19
C ASN B 132 -18.08 -35.91 3.15
N LEU B 133 -18.07 -36.25 4.43
CA LEU B 133 -17.49 -35.42 5.50
C LEU B 133 -16.03 -35.76 5.69
N LYS B 134 -15.49 -36.65 4.86
CA LYS B 134 -14.05 -36.99 4.78
C LYS B 134 -13.66 -37.89 5.93
N GLY B 135 -12.41 -38.37 5.85
CA GLY B 135 -11.84 -39.33 6.79
C GLY B 135 -10.47 -38.90 7.18
N THR B 136 -9.46 -39.62 6.68
CA THR B 136 -8.06 -39.36 7.03
C THR B 136 -7.16 -39.76 5.86
N THR B 137 -5.88 -39.77 6.13
CA THR B 137 -4.86 -40.04 5.10
C THR B 137 -3.66 -40.67 5.80
N ARG B 138 -2.72 -41.19 5.03
CA ARG B 138 -1.56 -41.94 5.57
C ARG B 138 -0.79 -41.10 6.59
N THR B 139 -0.53 -39.81 6.31
CA THR B 139 0.51 -39.09 7.09
C THR B 139 0.34 -37.58 6.95
N LEU B 140 0.98 -36.83 7.86
CA LEU B 140 1.25 -35.38 7.75
C LEU B 140 2.74 -35.10 7.41
N ASP B 141 3.49 -36.10 6.93
CA ASP B 141 4.87 -35.89 6.46
C ASP B 141 4.91 -34.74 5.46
N MET B 142 5.73 -33.75 5.81
CA MET B 142 6.07 -32.58 4.95
C MET B 142 4.83 -31.69 4.72
N ILE B 143 3.78 -31.81 5.53
CA ILE B 143 2.54 -30.98 5.37
C ILE B 143 2.62 -29.74 6.27
N ASP B 144 2.56 -28.58 5.63
CA ASP B 144 2.45 -27.26 6.30
C ASP B 144 1.00 -26.81 6.15
N GLY B 145 0.27 -26.93 7.25
CA GLY B 145 -1.18 -26.71 7.33
C GLY B 145 -1.95 -27.86 6.70
N GLU B 146 -2.89 -27.56 5.81
CA GLU B 146 -3.95 -28.49 5.34
C GLU B 146 -3.39 -29.41 4.26
N CYS B 147 -3.86 -30.64 4.22
CA CYS B 147 -3.70 -31.55 3.06
C CYS B 147 -5.03 -32.23 2.77
N PRO B 148 -5.20 -32.74 1.53
CA PRO B 148 -6.38 -33.51 1.18
C PRO B 148 -6.52 -34.77 2.03
N LEU B 149 -7.77 -35.07 2.39
CA LEU B 149 -8.13 -36.31 3.10
C LEU B 149 -8.87 -37.23 2.12
N GLU B 150 -8.84 -38.52 2.42
CA GLU B 150 -9.71 -39.50 1.75
C GLU B 150 -11.12 -39.40 2.33
N ASP B 151 -12.09 -39.90 1.58
CA ASP B 151 -13.49 -40.05 2.02
C ASP B 151 -13.54 -40.99 3.22
N GLY B 152 -14.49 -40.71 4.09
CA GLY B 152 -14.91 -41.58 5.20
C GLY B 152 -16.22 -42.21 4.86
N ILE B 153 -16.92 -42.78 5.83
CA ILE B 153 -18.23 -43.45 5.59
C ILE B 153 -19.38 -42.47 5.91
N MET B 154 -19.05 -41.26 6.38
CA MET B 154 -20.08 -40.30 6.84
C MET B 154 -20.32 -39.26 5.74
N SER B 155 -21.58 -38.97 5.45
CA SER B 155 -21.98 -37.97 4.44
C SER B 155 -23.16 -37.20 5.00
N LYS B 156 -23.19 -35.89 4.79
CA LYS B 156 -24.36 -35.07 5.16
C LYS B 156 -25.59 -35.52 4.38
N ASN B 157 -25.44 -36.12 3.19
CA ASN B 157 -26.59 -36.52 2.34
C ASN B 157 -27.04 -37.96 2.66
N GLY B 158 -26.30 -38.67 3.51
CA GLY B 158 -26.75 -39.89 4.19
C GLY B 158 -26.28 -41.20 3.58
N PHE B 159 -25.41 -41.17 2.57
CA PHE B 159 -24.87 -42.44 2.02
C PHE B 159 -23.40 -42.25 1.67
N ALA B 160 -22.68 -43.35 1.77
CA ALA B 160 -21.28 -43.47 1.33
C ALA B 160 -21.06 -44.91 0.90
N VAL B 161 -20.10 -45.09 0.02
CA VAL B 161 -19.71 -46.44 -0.41
C VAL B 161 -18.25 -46.61 -0.03
N LEU B 162 -17.95 -47.73 0.60
CA LEU B 162 -16.61 -48.14 1.06
C LEU B 162 -16.23 -49.35 0.21
N ALA B 163 -15.31 -49.15 -0.72
CA ALA B 163 -14.85 -50.21 -1.64
C ALA B 163 -13.84 -51.07 -0.90
N ASP B 164 -13.98 -52.38 -1.03
CA ASP B 164 -12.97 -53.31 -0.48
C ASP B 164 -12.12 -53.74 -1.67
N LYS B 165 -10.95 -53.13 -1.81
CA LYS B 165 -9.99 -53.41 -2.91
C LYS B 165 -8.86 -54.29 -2.39
N GLY B 166 -8.92 -54.71 -1.13
CA GLY B 166 -7.78 -55.42 -0.55
C GLY B 166 -7.72 -56.90 -0.95
N LYS B 167 -6.64 -57.55 -0.52
CA LYS B 167 -6.45 -59.00 -0.65
C LYS B 167 -7.30 -59.72 0.37
N VAL B 168 -7.62 -60.97 0.07
CA VAL B 168 -8.19 -61.92 1.08
C VAL B 168 -7.10 -62.43 2.03
N LEU B 169 -7.55 -62.79 3.23
CA LEU B 169 -6.73 -63.31 4.33
C LEU B 169 -7.07 -64.81 4.49
N THR B 170 -6.08 -65.60 4.93
CA THR B 170 -6.29 -66.97 5.46
C THR B 170 -6.92 -66.83 6.85
N GLU B 171 -7.36 -67.96 7.41
CA GLU B 171 -8.07 -68.03 8.73
C GLU B 171 -7.23 -67.39 9.85
N VAL B 172 -5.90 -67.52 9.77
CA VAL B 172 -4.91 -67.00 10.77
C VAL B 172 -4.40 -65.61 10.36
N GLY B 173 -4.95 -65.00 9.30
CA GLY B 173 -4.69 -63.59 8.96
C GLY B 173 -3.38 -63.35 8.20
N ASP B 174 -2.94 -64.29 7.36
CA ASP B 174 -1.89 -64.04 6.33
C ASP B 174 -2.57 -63.69 5.00
N ILE B 175 -1.84 -63.07 4.09
CA ILE B 175 -2.37 -62.70 2.74
C ILE B 175 -2.55 -64.00 1.92
N ALA B 176 -3.73 -64.17 1.32
CA ALA B 176 -4.10 -65.37 0.56
C ALA B 176 -4.12 -65.06 -0.94
N GLY B 177 -4.15 -63.79 -1.34
CA GLY B 177 -4.13 -63.38 -2.77
C GLY B 177 -5.43 -62.69 -3.12
N ASN B 178 -5.95 -62.88 -4.33
CA ASN B 178 -7.07 -62.04 -4.81
C ASN B 178 -8.43 -62.64 -4.43
N SER B 179 -9.37 -61.76 -4.13
CA SER B 179 -10.78 -62.11 -3.87
C SER B 179 -11.41 -62.65 -5.16
N VAL B 180 -12.37 -63.57 -5.04
CA VAL B 180 -13.13 -64.08 -6.21
C VAL B 180 -14.29 -63.12 -6.47
N SER B 181 -14.60 -62.26 -5.51
CA SER B 181 -15.50 -61.11 -5.74
C SER B 181 -14.66 -59.97 -6.30
N THR B 182 -14.54 -59.88 -7.63
CA THR B 182 -13.63 -58.91 -8.35
C THR B 182 -14.12 -57.48 -8.10
N ILE B 183 -15.39 -57.29 -7.78
CA ILE B 183 -15.93 -56.04 -7.17
C ILE B 183 -16.60 -56.39 -5.84
N ASP B 184 -16.21 -55.69 -4.78
CA ASP B 184 -16.73 -55.91 -3.42
C ASP B 184 -16.88 -54.52 -2.79
N LEU B 185 -18.10 -54.06 -2.54
CA LEU B 185 -18.40 -52.70 -1.99
C LEU B 185 -19.29 -52.83 -0.77
N TYR B 186 -19.34 -51.77 0.04
CA TYR B 186 -20.29 -51.66 1.18
C TYR B 186 -21.00 -50.34 1.06
N LEU B 187 -22.32 -50.40 0.79
CA LEU B 187 -23.16 -49.20 0.66
C LEU B 187 -23.71 -48.90 2.06
N PHE B 188 -23.25 -47.79 2.65
CA PHE B 188 -23.76 -47.27 3.95
C PHE B 188 -24.86 -46.25 3.67
N ALA B 189 -26.06 -46.47 4.23
CA ALA B 189 -27.20 -45.57 4.05
C ALA B 189 -27.83 -45.29 5.42
N TYR B 190 -26.99 -44.84 6.37
CA TYR B 190 -27.35 -44.51 7.77
C TYR B 190 -27.90 -43.10 7.91
N GLY B 191 -27.91 -42.32 6.82
CA GLY B 191 -28.48 -40.97 6.94
C GLY B 191 -27.52 -40.13 7.73
N ARG B 192 -27.98 -39.47 8.80
CA ARG B 192 -27.03 -38.72 9.67
C ARG B 192 -26.96 -39.39 11.02
N ASP B 193 -27.28 -40.69 11.10
CA ASP B 193 -26.97 -41.47 12.32
C ASP B 193 -25.52 -41.92 12.23
N TYR B 194 -24.61 -40.96 12.36
CA TYR B 194 -23.17 -41.17 12.18
C TYR B 194 -22.62 -42.16 13.23
N ARG B 195 -23.03 -42.07 14.48
CA ARG B 195 -22.50 -42.97 15.53
C ARG B 195 -22.82 -44.45 15.21
N GLN B 196 -24.01 -44.73 14.72
CA GLN B 196 -24.43 -46.12 14.44
C GLN B 196 -23.67 -46.61 13.21
N ALA B 197 -23.46 -45.73 12.23
CA ALA B 197 -22.66 -46.07 11.03
C ALA B 197 -21.27 -46.51 11.50
N LEU B 198 -20.65 -45.78 12.41
CA LEU B 198 -19.29 -46.11 12.91
C LEU B 198 -19.32 -47.44 13.69
N LYS B 199 -20.33 -47.65 14.56
CA LYS B 199 -20.52 -48.92 15.32
C LYS B 199 -20.55 -50.10 14.37
N ASP B 200 -21.34 -50.00 13.30
CA ASP B 200 -21.57 -51.13 12.34
C ASP B 200 -20.31 -51.30 11.49
N PHE B 201 -19.59 -50.21 11.19
CA PHE B 201 -18.26 -50.26 10.54
C PHE B 201 -17.35 -51.10 11.42
N TYR B 202 -17.31 -50.83 12.72
CA TYR B 202 -16.43 -51.58 13.64
C TYR B 202 -16.86 -53.07 13.69
N GLN B 203 -18.16 -53.35 13.63
CA GLN B 203 -18.62 -54.77 13.59
C GLN B 203 -18.07 -55.40 12.31
N LEU B 204 -18.04 -54.64 11.20
CA LEU B 204 -17.65 -55.17 9.87
C LEU B 204 -16.13 -55.36 9.80
N THR B 205 -15.38 -54.38 10.28
CA THR B 205 -13.90 -54.36 10.12
C THR B 205 -13.18 -54.81 11.39
N GLY B 206 -13.90 -55.05 12.48
CA GLY B 206 -13.25 -55.36 13.77
C GLY B 206 -13.19 -54.14 14.67
N ASN B 207 -13.40 -54.36 15.96
CA ASN B 207 -13.37 -53.25 16.94
C ASN B 207 -11.92 -52.82 17.08
N THR B 208 -11.70 -51.53 17.38
CA THR B 208 -10.39 -51.08 17.89
C THR B 208 -10.09 -51.93 19.12
N PRO B 209 -8.88 -52.48 19.25
CA PRO B 209 -8.48 -53.14 20.49
C PRO B 209 -8.30 -52.14 21.64
N LYS B 210 -8.35 -52.65 22.88
CA LYS B 210 -8.07 -51.86 24.09
C LYS B 210 -6.62 -51.35 24.02
N LEU B 211 -6.43 -50.06 24.25
CA LEU B 211 -5.09 -49.54 24.59
C LEU B 211 -4.75 -49.90 26.03
N PRO B 212 -3.46 -50.05 26.33
CA PRO B 212 -2.99 -50.07 27.70
C PRO B 212 -3.01 -48.66 28.28
N ARG B 213 -3.22 -48.57 29.59
CA ARG B 213 -3.27 -47.29 30.33
C ARG B 213 -2.00 -46.48 30.06
N PHE B 214 -0.81 -47.10 30.00
CA PHE B 214 0.42 -46.30 29.85
C PHE B 214 0.37 -45.42 28.59
N ALA B 215 -0.33 -45.84 27.52
CA ALA B 215 -0.37 -45.13 26.20
C ALA B 215 -0.97 -43.74 26.37
N LEU B 216 -1.74 -43.54 27.43
CA LEU B 216 -2.60 -42.34 27.57
C LEU B 216 -1.89 -41.25 28.36
N GLY B 217 -0.69 -41.52 28.90
CA GLY B 217 0.10 -40.50 29.63
C GLY B 217 0.98 -39.74 28.68
N ASN B 218 1.83 -38.87 29.21
CA ASN B 218 2.76 -38.03 28.41
C ASN B 218 3.92 -38.87 27.90
N TRP B 219 4.26 -38.75 26.63
CA TRP B 219 5.45 -39.41 26.03
C TRP B 219 6.49 -38.34 25.80
N TRP B 220 7.75 -38.65 26.06
CA TRP B 220 8.91 -37.83 25.68
C TRP B 220 9.59 -38.44 24.46
N SER B 221 9.90 -37.60 23.47
CA SER B 221 10.61 -38.02 22.24
C SER B 221 11.41 -36.83 21.71
N ARG B 222 12.55 -37.13 21.10
CA ARG B 222 13.35 -36.09 20.39
C ARG B 222 14.35 -36.80 19.47
N TYR B 223 14.41 -36.38 18.22
CA TYR B 223 15.43 -36.85 17.24
C TYR B 223 16.74 -36.22 17.66
N TYR B 224 17.39 -36.82 18.66
CA TYR B 224 18.59 -36.27 19.29
C TYR B 224 19.49 -37.41 19.74
N ASP B 225 20.81 -37.26 19.59
CA ASP B 225 21.80 -38.34 19.89
C ASP B 225 22.11 -38.31 21.37
N TYR B 226 21.12 -38.65 22.19
CA TYR B 226 21.28 -38.82 23.66
C TYR B 226 22.28 -39.95 23.94
N SER B 227 23.02 -39.85 25.05
CA SER B 227 23.67 -41.01 25.71
C SER B 227 22.70 -41.59 26.75
N ASP B 228 22.99 -42.79 27.24
CA ASP B 228 22.26 -43.37 28.42
C ASP B 228 22.23 -42.34 29.55
N LYS B 229 23.36 -41.70 29.85
CA LYS B 229 23.52 -40.79 31.00
C LYS B 229 22.64 -39.53 30.82
N SER B 230 22.68 -38.92 29.63
CA SER B 230 21.94 -37.67 29.33
C SER B 230 20.43 -37.98 29.20
N TYR B 231 20.04 -39.13 28.67
CA TYR B 231 18.60 -39.51 28.62
C TYR B 231 18.05 -39.67 30.05
N LEU B 232 18.76 -40.39 30.93
CA LEU B 232 18.32 -40.56 32.34
C LEU B 232 18.35 -39.22 33.09
N ALA B 233 19.37 -38.40 32.87
CA ALA B 233 19.45 -37.05 33.46
C ALA B 233 18.17 -36.29 33.09
N LEU B 234 17.73 -36.39 31.84
CA LEU B 234 16.54 -35.67 31.35
C LEU B 234 15.29 -36.22 32.04
N MET B 235 15.10 -37.54 32.04
CA MET B 235 13.95 -38.19 32.73
C MET B 235 13.94 -37.75 34.19
N ASP B 236 15.10 -37.65 34.84
CA ASP B 236 15.13 -37.23 36.27
C ASP B 236 14.76 -35.74 36.39
N LYS B 237 15.18 -34.93 35.42
CA LYS B 237 14.81 -33.49 35.37
C LYS B 237 13.28 -33.39 35.26
N PHE B 238 12.64 -34.19 34.39
CA PHE B 238 11.15 -34.20 34.26
C PHE B 238 10.56 -34.46 35.66
N THR B 239 11.10 -35.43 36.40
CA THR B 239 10.65 -35.72 37.78
C THR B 239 10.83 -34.49 38.68
N ASP B 240 12.00 -33.84 38.62
CA ASP B 240 12.31 -32.69 39.51
C ASP B 240 11.37 -31.53 39.17
N LYS B 241 11.00 -31.39 37.90
CA LYS B 241 10.16 -30.28 37.37
C LYS B 241 8.66 -30.58 37.52
N LYS B 242 8.29 -31.75 38.04
CA LYS B 242 6.88 -32.14 38.35
C LYS B 242 6.12 -32.37 37.04
N VAL B 243 6.80 -32.95 36.05
CA VAL B 243 6.18 -33.36 34.77
C VAL B 243 6.13 -34.87 34.72
N PRO B 244 4.93 -35.43 34.76
CA PRO B 244 4.80 -36.88 34.67
C PRO B 244 5.01 -37.33 33.23
N LEU B 245 5.65 -38.47 33.04
CA LEU B 245 5.77 -39.18 31.74
C LEU B 245 5.39 -40.63 31.95
N SER B 246 4.74 -41.23 30.96
CA SER B 246 4.43 -42.68 30.90
CA SER B 246 4.44 -42.69 30.92
C SER B 246 5.38 -43.42 29.94
N VAL B 247 5.87 -42.76 28.90
CA VAL B 247 6.68 -43.41 27.82
C VAL B 247 7.93 -42.60 27.50
N SER B 248 9.03 -43.34 27.34
CA SER B 248 10.37 -42.89 26.92
C SER B 248 10.58 -43.36 25.49
N VAL B 249 10.61 -42.46 24.52
CA VAL B 249 10.91 -42.82 23.13
C VAL B 249 12.40 -42.59 22.97
N ILE B 250 13.07 -43.49 22.25
CA ILE B 250 14.46 -43.31 21.82
C ILE B 250 14.44 -43.31 20.29
N ASP B 251 14.87 -42.21 19.68
CA ASP B 251 14.86 -42.09 18.21
C ASP B 251 16.13 -42.75 17.68
N MET B 252 16.26 -42.70 16.36
CA MET B 252 17.14 -43.53 15.50
C MET B 252 18.61 -43.44 15.91
N ASP B 253 19.04 -42.44 16.69
CA ASP B 253 20.46 -42.32 17.17
C ASP B 253 20.76 -43.33 18.30
N TRP B 254 19.79 -44.17 18.67
CA TRP B 254 20.03 -45.35 19.54
C TRP B 254 20.97 -46.29 18.80
N HIS B 255 20.84 -46.40 17.47
CA HIS B 255 21.58 -47.40 16.66
C HIS B 255 22.71 -46.73 15.91
N LYS B 256 23.58 -47.54 15.30
CA LYS B 256 24.73 -47.00 14.54
C LYS B 256 24.16 -46.09 13.46
N VAL B 257 24.78 -44.93 13.23
CA VAL B 257 24.37 -44.05 12.11
C VAL B 257 25.62 -43.67 11.32
N SER B 258 26.42 -42.70 11.80
CA SER B 258 27.56 -42.11 11.04
C SER B 258 28.63 -43.17 10.75
N GLU B 259 28.81 -44.18 11.64
CA GLU B 259 29.90 -45.20 11.53
C GLU B 259 29.56 -46.27 10.48
N VAL B 260 28.35 -46.26 9.89
CA VAL B 260 27.96 -47.31 8.92
C VAL B 260 28.80 -47.05 7.68
N PRO B 261 29.63 -48.02 7.23
CA PRO B 261 30.43 -47.84 6.02
C PRO B 261 29.52 -47.55 4.83
N SER B 262 29.90 -46.58 4.00
CA SER B 262 29.04 -45.96 2.98
C SER B 262 28.68 -47.02 1.94
N ARG B 263 29.49 -48.07 1.79
CA ARG B 263 29.19 -49.13 0.78
C ARG B 263 27.86 -49.83 1.10
N PHE B 264 27.41 -49.82 2.36
CA PHE B 264 26.11 -50.41 2.76
C PHE B 264 24.92 -49.49 2.43
N GLY B 265 25.17 -48.23 2.05
CA GLY B 265 24.14 -47.18 2.05
C GLY B 265 24.15 -46.40 3.35
N SER B 266 22.98 -45.87 3.76
CA SER B 266 22.90 -44.92 4.89
C SER B 266 22.83 -45.63 6.23
N GLY B 267 22.93 -44.83 7.31
CA GLY B 267 22.67 -45.27 8.69
C GLY B 267 21.20 -45.19 9.11
N TRP B 268 20.27 -44.93 8.19
CA TRP B 268 18.83 -44.64 8.50
C TRP B 268 18.18 -45.88 9.11
N THR B 269 18.27 -47.03 8.42
CA THR B 269 17.97 -48.37 8.96
C THR B 269 19.13 -48.81 9.88
N GLY B 270 18.77 -49.34 11.05
CA GLY B 270 19.74 -49.71 12.09
C GLY B 270 19.12 -50.65 13.09
N TYR B 271 19.85 -51.71 13.48
CA TYR B 271 19.37 -52.69 14.48
C TYR B 271 20.44 -52.97 15.53
N SER B 272 21.50 -52.17 15.54
CA SER B 272 22.71 -52.35 16.36
C SER B 272 22.93 -51.11 17.21
N TRP B 273 22.95 -51.28 18.53
CA TRP B 273 23.17 -50.18 19.48
C TRP B 273 24.49 -49.50 19.16
N ASN B 274 24.47 -48.17 19.26
CA ASN B 274 25.68 -47.33 19.30
C ASN B 274 26.20 -47.44 20.73
N LYS B 275 27.24 -48.27 20.94
CA LYS B 275 27.74 -48.64 22.30
C LYS B 275 28.56 -47.51 22.92
N LYS B 276 28.87 -46.45 22.16
CA LYS B 276 29.52 -45.22 22.73
C LYS B 276 28.45 -44.46 23.51
N LEU B 277 27.21 -44.44 23.03
CA LEU B 277 26.09 -43.74 23.71
C LEU B 277 25.39 -44.70 24.70
N PHE B 278 25.28 -45.98 24.34
CA PHE B 278 24.59 -47.00 25.16
C PHE B 278 25.51 -48.22 25.33
N PRO B 279 26.48 -48.13 26.27
CA PRO B 279 27.44 -49.23 26.45
C PRO B 279 26.80 -50.49 27.07
N ASN B 280 25.67 -50.35 27.74
CA ASN B 280 24.92 -51.45 28.41
C ASN B 280 23.42 -51.20 28.17
N PRO B 281 22.93 -51.48 26.95
CA PRO B 281 21.52 -51.22 26.63
C PRO B 281 20.54 -51.75 27.67
N GLU B 282 20.66 -53.03 28.06
CA GLU B 282 19.68 -53.66 28.99
C GLU B 282 19.66 -52.92 30.33
N ASN B 283 20.81 -52.48 30.86
CA ASN B 283 20.90 -51.64 32.09
C ASN B 283 20.13 -50.31 31.91
N PHE B 284 20.38 -49.60 30.82
CA PHE B 284 19.68 -48.34 30.48
C PHE B 284 18.17 -48.60 30.53
N ILE B 285 17.68 -49.62 29.83
CA ILE B 285 16.22 -49.90 29.77
C ILE B 285 15.74 -50.32 31.17
N ASP B 286 16.54 -51.04 31.97
CA ASP B 286 16.14 -51.38 33.37
C ASP B 286 15.97 -50.09 34.16
N GLU B 287 16.84 -49.09 33.93
CA GLU B 287 16.79 -47.79 34.63
C GLU B 287 15.48 -47.05 34.30
N LEU B 288 15.08 -47.07 33.02
CA LEU B 288 13.79 -46.48 32.55
C LEU B 288 12.64 -47.24 33.20
N HIS B 289 12.70 -48.57 33.18
CA HIS B 289 11.69 -49.45 33.82
C HIS B 289 11.54 -49.10 35.31
N GLN B 290 12.62 -48.84 36.05
CA GLN B 290 12.57 -48.52 37.51
C GLN B 290 11.85 -47.18 37.71
N ARG B 291 11.93 -46.30 36.70
CA ARG B 291 11.23 -44.99 36.71
C ARG B 291 9.79 -45.13 36.19
N LYS B 292 9.30 -46.35 36.02
CA LYS B 292 7.92 -46.63 35.58
C LYS B 292 7.69 -46.01 34.20
N LEU B 293 8.67 -46.10 33.30
CA LEU B 293 8.56 -45.68 31.88
C LEU B 293 8.51 -46.93 31.00
N LYS B 294 7.56 -46.98 30.07
CA LYS B 294 7.61 -47.91 28.92
C LYS B 294 8.59 -47.34 27.88
N VAL B 295 9.30 -48.22 27.16
CA VAL B 295 10.39 -47.83 26.23
C VAL B 295 10.09 -48.32 24.82
N THR B 296 10.22 -47.44 23.84
CA THR B 296 10.06 -47.78 22.41
C THR B 296 11.26 -47.21 21.65
N LEU B 297 11.72 -47.96 20.65
CA LEU B 297 12.83 -47.55 19.75
C LEU B 297 12.24 -47.27 18.38
N ASN B 298 12.85 -46.30 17.70
CA ASN B 298 12.58 -46.03 16.27
C ASN B 298 13.09 -47.20 15.42
N ASP B 299 12.27 -47.71 14.52
CA ASP B 299 12.65 -48.73 13.51
C ASP B 299 12.41 -48.17 12.12
N HIS B 300 13.49 -47.99 11.35
CA HIS B 300 13.43 -47.71 9.89
C HIS B 300 13.68 -49.03 9.16
N PRO B 301 12.62 -49.77 8.74
CA PRO B 301 12.81 -51.13 8.25
C PRO B 301 13.41 -51.25 6.85
N ALA B 302 13.44 -50.17 6.04
CA ALA B 302 13.40 -50.28 4.57
C ALA B 302 14.68 -50.91 4.00
N ASP B 303 15.80 -50.80 4.69
CA ASP B 303 17.10 -51.30 4.19
C ASP B 303 17.42 -52.66 4.82
N GLY B 304 16.46 -53.27 5.51
CA GLY B 304 16.58 -54.66 6.04
C GLY B 304 17.80 -54.83 6.94
N ILE B 305 18.43 -56.01 6.89
CA ILE B 305 19.53 -56.38 7.82
C ILE B 305 20.77 -56.63 6.97
N ARG B 306 21.67 -55.66 7.04
CA ARG B 306 22.88 -55.60 6.19
C ARG B 306 24.04 -56.20 7.00
N ALA B 307 25.13 -56.51 6.30
CA ALA B 307 26.23 -57.39 6.79
C ALA B 307 26.92 -56.80 8.01
N PHE B 308 26.87 -55.47 8.26
CA PHE B 308 27.56 -54.83 9.40
C PHE B 308 26.78 -55.02 10.72
N GLU B 309 25.53 -55.47 10.66
CA GLU B 309 24.60 -55.40 11.82
C GLU B 309 24.90 -56.55 12.81
N ASP B 310 24.77 -56.30 14.11
CA ASP B 310 24.96 -57.29 15.21
C ASP B 310 24.16 -58.56 14.93
N PRO B 311 22.84 -58.52 14.65
CA PRO B 311 22.09 -59.73 14.34
C PRO B 311 22.37 -60.38 12.97
N TYR B 312 23.22 -59.81 12.09
CA TYR B 312 23.39 -60.28 10.68
C TYR B 312 23.88 -61.74 10.64
N PRO B 313 24.89 -62.14 11.45
CA PRO B 313 25.37 -63.54 11.44
C PRO B 313 24.24 -64.57 11.61
N GLN B 314 23.41 -64.40 12.66
CA GLN B 314 22.20 -65.24 12.92
C GLN B 314 21.21 -65.17 11.76
N VAL B 315 20.86 -63.98 11.25
CA VAL B 315 19.88 -63.83 10.13
C VAL B 315 20.44 -64.45 8.83
N ALA B 316 21.74 -64.28 8.55
CA ALA B 316 22.39 -64.85 7.35
C ALA B 316 22.37 -66.39 7.43
N GLN B 317 22.61 -66.95 8.62
CA GLN B 317 22.43 -68.40 8.88
C GLN B 317 20.99 -68.79 8.50
N THR B 318 20.00 -68.20 9.18
CA THR B 318 18.57 -68.54 8.99
C THR B 318 18.10 -68.41 7.53
N LEU B 319 18.51 -67.37 6.81
CA LEU B 319 18.01 -67.08 5.43
C LEU B 319 19.00 -67.55 4.35
N ASP B 320 20.08 -68.23 4.73
CA ASP B 320 21.07 -68.85 3.80
C ASP B 320 21.67 -67.77 2.90
N LEU B 321 22.20 -66.70 3.49
CA LEU B 321 22.78 -65.56 2.73
C LEU B 321 24.28 -65.81 2.55
N ASN B 322 24.78 -65.31 1.43
CA ASN B 322 26.23 -65.39 1.09
C ASN B 322 26.95 -64.31 1.89
N THR B 323 27.54 -64.66 3.03
CA THR B 323 28.17 -63.69 3.97
C THR B 323 29.48 -63.15 3.38
N GLU B 324 30.19 -63.85 2.50
CA GLU B 324 31.50 -63.31 2.04
C GLU B 324 31.26 -62.27 0.95
N LEU B 325 30.11 -62.28 0.27
CA LEU B 325 29.68 -61.18 -0.65
C LEU B 325 28.78 -60.17 0.08
N GLU B 326 28.75 -60.20 1.41
CA GLU B 326 27.90 -59.36 2.30
C GLU B 326 26.48 -59.24 1.74
N GLU B 327 25.85 -60.37 1.42
CA GLU B 327 24.46 -60.41 0.91
C GLU B 327 23.51 -59.90 2.01
N ALA B 328 22.78 -58.82 1.72
CA ALA B 328 21.81 -58.24 2.66
C ALA B 328 20.57 -59.14 2.74
N ALA B 329 19.97 -59.20 3.93
CA ALA B 329 18.57 -59.62 4.11
C ALA B 329 17.68 -58.41 3.75
N LYS B 330 17.27 -58.29 2.49
CA LYS B 330 16.50 -57.11 2.03
C LYS B 330 15.10 -57.16 2.63
N PHE B 331 14.60 -55.99 3.03
CA PHE B 331 13.25 -55.86 3.61
C PHE B 331 12.29 -56.58 2.68
N ASP B 332 11.52 -57.56 3.18
CA ASP B 332 10.53 -58.26 2.33
C ASP B 332 9.39 -58.80 3.21
N PHE B 333 8.37 -57.98 3.50
CA PHE B 333 7.35 -58.42 4.50
C PHE B 333 6.32 -59.31 3.79
N ASP B 334 6.44 -59.53 2.48
CA ASP B 334 5.62 -60.54 1.77
C ASP B 334 6.11 -61.94 2.14
N ASN B 335 7.34 -62.02 2.67
CA ASN B 335 8.13 -63.27 2.86
C ASN B 335 8.03 -63.74 4.31
N LEU B 336 7.44 -64.92 4.53
CA LEU B 336 7.27 -65.55 5.87
C LEU B 336 8.61 -65.70 6.59
N LYS B 337 9.64 -66.19 5.92
CA LYS B 337 10.95 -66.42 6.59
C LYS B 337 11.55 -65.07 7.02
N PHE B 338 11.48 -64.06 6.14
CA PHE B 338 11.94 -62.67 6.45
C PHE B 338 11.22 -62.20 7.71
N ARG B 339 9.90 -62.26 7.75
CA ARG B 339 9.13 -61.75 8.92
C ARG B 339 9.64 -62.48 10.18
N LYS B 340 9.81 -63.80 10.09
CA LYS B 340 10.15 -64.64 11.27
C LYS B 340 11.54 -64.21 11.76
N ALA B 341 12.49 -64.04 10.84
CA ALA B 341 13.86 -63.55 11.17
C ALA B 341 13.79 -62.16 11.81
N TYR B 342 13.03 -61.24 11.21
CA TYR B 342 12.84 -59.84 11.68
C TYR B 342 12.27 -59.87 13.11
N PHE B 343 11.25 -60.69 13.40
CA PHE B 343 10.60 -60.70 14.75
C PHE B 343 11.56 -61.38 15.74
N GLU B 344 12.14 -62.53 15.40
CA GLU B 344 12.75 -63.43 16.41
C GLU B 344 14.22 -63.08 16.62
N GLU B 345 14.96 -62.80 15.53
CA GLU B 345 16.43 -62.63 15.56
C GLU B 345 16.85 -61.15 15.51
N VAL B 346 15.96 -60.23 15.10
CA VAL B 346 16.30 -58.77 15.01
C VAL B 346 15.58 -58.03 16.16
N HIS B 347 14.24 -58.04 16.18
CA HIS B 347 13.46 -57.46 17.30
C HIS B 347 13.74 -58.23 18.60
N GLY B 348 13.84 -59.57 18.51
CA GLY B 348 13.83 -60.44 19.70
C GLY B 348 14.92 -60.05 20.68
N PRO B 349 16.20 -59.97 20.25
CA PRO B 349 17.30 -59.57 21.13
C PRO B 349 17.12 -58.20 21.79
N LEU B 350 16.54 -57.25 21.05
CA LEU B 350 16.25 -55.88 21.57
C LEU B 350 15.13 -55.98 22.63
N GLU B 351 14.11 -56.81 22.40
CA GLU B 351 12.96 -57.02 23.32
C GLU B 351 13.50 -57.67 24.60
N LYS B 352 14.46 -58.59 24.44
CA LYS B 352 15.20 -59.22 25.57
C LYS B 352 15.90 -58.15 26.39
N GLU B 353 16.44 -57.10 25.77
CA GLU B 353 17.13 -56.01 26.52
C GLU B 353 16.08 -55.10 27.18
N GLY B 354 14.80 -55.19 26.76
CA GLY B 354 13.67 -54.58 27.51
C GLY B 354 12.74 -53.72 26.65
N VAL B 355 13.00 -53.60 25.35
CA VAL B 355 12.12 -52.81 24.45
C VAL B 355 10.68 -53.34 24.59
N ASP B 356 9.73 -52.46 24.88
CA ASP B 356 8.34 -52.81 25.26
C ASP B 356 7.48 -52.84 24.00
N PHE B 357 7.74 -51.93 23.05
CA PHE B 357 6.94 -51.85 21.81
C PHE B 357 7.69 -51.05 20.76
N TRP B 358 7.25 -51.18 19.53
CA TRP B 358 7.98 -50.74 18.33
C TRP B 358 7.30 -49.51 17.74
N TRP B 359 8.14 -48.51 17.53
CA TRP B 359 7.84 -47.37 16.66
C TRP B 359 8.26 -47.74 15.24
N ILE B 360 7.30 -48.18 14.43
CA ILE B 360 7.47 -48.45 12.97
C ILE B 360 7.40 -47.11 12.23
N ASP B 361 8.55 -46.70 11.69
CA ASP B 361 8.75 -45.38 11.03
C ASP B 361 9.06 -45.60 9.54
N TRP B 362 8.01 -45.88 8.78
CA TRP B 362 8.06 -46.25 7.35
C TRP B 362 7.70 -45.04 6.49
N GLN B 363 8.65 -44.59 5.67
N GLN B 363 8.60 -44.68 5.58
CA GLN B 363 8.45 -43.48 4.72
CA GLN B 363 8.47 -43.50 4.69
C GLN B 363 9.06 -43.85 3.35
C GLN B 363 9.03 -43.85 3.32
N GLN B 364 9.02 -45.15 2.98
CA GLN B 364 9.73 -45.67 1.77
C GLN B 364 8.75 -46.21 0.74
N GLY B 365 7.48 -45.78 0.77
CA GLY B 365 6.56 -46.02 -0.34
C GLY B 365 5.68 -47.24 -0.18
N ALA B 366 5.00 -47.64 -1.24
CA ALA B 366 3.87 -48.59 -1.18
C ALA B 366 4.17 -49.79 -2.08
N ILE B 367 5.43 -50.00 -2.46
CA ILE B 367 5.78 -51.06 -3.48
C ILE B 367 6.04 -52.39 -2.76
N SER B 368 5.47 -53.45 -3.31
CA SER B 368 5.61 -54.87 -2.86
C SER B 368 5.26 -55.80 -4.02
N LYS B 369 5.79 -57.03 -4.02
CA LYS B 369 5.46 -58.00 -5.10
C LYS B 369 3.98 -58.40 -4.99
N SER B 370 3.46 -58.50 -3.77
CA SER B 370 2.08 -58.97 -3.51
C SER B 370 1.05 -57.93 -3.96
N GLY B 371 1.43 -56.66 -4.04
CA GLY B 371 0.49 -55.56 -4.25
C GLY B 371 -0.08 -55.06 -2.94
N VAL B 372 0.44 -55.56 -1.81
CA VAL B 372 0.02 -55.15 -0.44
C VAL B 372 0.99 -54.07 0.01
N ASP B 373 0.45 -52.96 0.51
CA ASP B 373 1.29 -51.84 0.98
C ASP B 373 2.19 -52.40 2.10
N PRO B 374 3.53 -52.25 2.00
CA PRO B 374 4.40 -52.69 3.07
C PRO B 374 4.05 -52.05 4.41
N LEU B 375 3.51 -50.83 4.42
CA LEU B 375 3.08 -50.21 5.70
C LEU B 375 1.96 -51.07 6.33
N TRP B 376 0.98 -51.52 5.54
CA TRP B 376 -0.12 -52.40 6.02
C TRP B 376 0.49 -53.71 6.57
N LEU B 377 1.42 -54.34 5.83
CA LEU B 377 2.05 -55.62 6.27
C LEU B 377 2.76 -55.40 7.60
N LEU B 378 3.53 -54.34 7.73
CA LEU B 378 4.24 -54.00 8.99
C LEU B 378 3.22 -53.82 10.12
N ASN B 379 2.19 -53.02 9.91
CA ASN B 379 1.29 -52.66 11.03
C ASN B 379 0.56 -53.92 11.49
N HIS B 380 0.06 -54.72 10.54
CA HIS B 380 -0.74 -55.95 10.78
C HIS B 380 0.10 -56.96 11.58
N TYR B 381 1.29 -57.28 11.09
CA TYR B 381 2.16 -58.33 11.67
C TYR B 381 2.88 -57.83 12.92
N GLN B 382 3.36 -56.58 12.98
CA GLN B 382 4.03 -56.09 14.21
C GLN B 382 3.02 -56.01 15.36
N TYR B 383 1.79 -55.60 15.09
CA TYR B 383 0.74 -55.40 16.13
C TYR B 383 0.39 -56.80 16.67
N GLN B 384 0.20 -57.76 15.76
CA GLN B 384 -0.03 -59.19 16.15
C GLN B 384 1.15 -59.62 17.02
N ASN B 385 2.39 -59.32 16.61
CA ASN B 385 3.61 -59.84 17.29
C ASN B 385 3.80 -59.11 18.62
N ALA B 386 3.27 -57.89 18.77
CA ALA B 386 3.46 -57.10 20.02
C ALA B 386 2.72 -57.74 21.19
N GLN B 387 1.62 -58.45 20.92
CA GLN B 387 0.74 -59.09 21.93
C GLN B 387 1.41 -60.34 22.54
N LYS B 388 2.52 -60.82 21.97
CA LYS B 388 3.21 -62.06 22.40
C LYS B 388 3.74 -61.86 23.84
N LYS B 389 4.46 -60.79 24.10
CA LYS B 389 5.18 -60.62 25.38
C LYS B 389 4.44 -59.62 26.29
N HIS B 390 3.36 -58.98 25.84
CA HIS B 390 2.62 -57.94 26.61
C HIS B 390 1.12 -57.91 26.24
N LYS B 391 0.27 -57.75 27.25
CA LYS B 391 -1.21 -57.68 27.15
C LYS B 391 -1.58 -56.33 26.50
N ASN B 392 -2.46 -56.36 25.50
CA ASN B 392 -3.01 -55.10 24.90
C ASN B 392 -1.85 -54.17 24.50
N ASN B 393 -0.80 -54.73 23.90
CA ASN B 393 0.40 -53.92 23.55
C ASN B 393 0.03 -53.07 22.32
N ILE B 394 0.89 -52.14 21.96
CA ILE B 394 0.62 -51.18 20.85
C ILE B 394 1.80 -51.15 19.88
N ILE B 395 1.58 -50.53 18.72
CA ILE B 395 2.67 -50.04 17.85
C ILE B 395 2.57 -48.52 17.80
N LEU B 396 3.50 -47.87 17.13
CA LEU B 396 3.36 -46.44 16.71
C LEU B 396 3.68 -46.41 15.22
N SER B 397 2.68 -46.16 14.36
CA SER B 397 2.86 -46.21 12.88
C SER B 397 1.81 -45.40 12.14
N ARG B 398 2.15 -45.04 10.89
CA ARG B 398 1.26 -44.28 10.00
C ARG B 398 0.00 -45.07 9.64
N TYR B 399 -1.04 -44.36 9.21
CA TYR B 399 -2.33 -44.96 8.82
C TYR B 399 -2.15 -45.82 7.57
N ALA B 400 -2.68 -47.05 7.61
CA ALA B 400 -2.52 -48.06 6.53
C ALA B 400 -3.86 -48.40 5.87
N GLY B 401 -4.79 -47.44 5.80
CA GLY B 401 -6.07 -47.62 5.10
C GLY B 401 -7.19 -48.13 6.00
N PRO B 402 -8.41 -48.20 5.46
CA PRO B 402 -9.57 -48.58 6.25
C PRO B 402 -9.41 -49.97 6.89
N GLY B 403 -9.64 -50.03 8.21
CA GLY B 403 -9.48 -51.24 9.04
C GLY B 403 -8.19 -51.20 9.83
N SER B 404 -7.24 -50.36 9.45
CA SER B 404 -5.90 -50.35 10.10
C SER B 404 -5.99 -49.76 11.52
N HIS B 405 -7.16 -49.27 11.94
CA HIS B 405 -7.45 -48.90 13.35
C HIS B 405 -7.29 -50.13 14.27
N ARG B 406 -7.34 -51.35 13.71
CA ARG B 406 -7.10 -52.59 14.49
C ARG B 406 -5.67 -52.60 15.04
N TYR B 407 -4.78 -51.71 14.55
CA TYR B 407 -3.34 -51.74 14.91
C TYR B 407 -2.91 -50.39 15.47
N PRO B 408 -3.50 -49.92 16.58
CA PRO B 408 -3.11 -48.65 17.18
C PRO B 408 -1.67 -48.72 17.69
N LEU B 409 -0.94 -47.59 17.74
CA LEU B 409 -1.44 -46.24 17.61
C LEU B 409 -1.16 -45.66 16.22
N GLY B 410 -1.98 -44.70 15.78
CA GLY B 410 -1.64 -43.84 14.63
C GLY B 410 -0.47 -42.92 14.93
N PHE B 411 0.37 -42.69 13.92
CA PHE B 411 1.54 -41.79 13.98
C PHE B 411 1.52 -40.90 12.74
N SER B 412 1.31 -39.58 12.89
CA SER B 412 1.06 -38.69 11.72
C SER B 412 2.35 -38.20 11.09
N GLY B 413 3.47 -38.23 11.82
CA GLY B 413 4.76 -37.98 11.15
C GLY B 413 5.16 -36.52 11.04
N ASP B 414 5.81 -36.18 9.93
CA ASP B 414 6.76 -35.04 9.83
C ASP B 414 6.04 -33.73 9.47
N SER B 415 5.12 -33.31 10.32
CA SER B 415 4.40 -32.02 10.19
C SER B 415 5.42 -30.87 10.21
N VAL B 416 5.12 -29.82 9.46
CA VAL B 416 5.88 -28.55 9.51
C VAL B 416 5.44 -27.72 10.73
N ILE B 417 6.39 -27.23 11.51
CA ILE B 417 6.12 -26.43 12.72
C ILE B 417 5.56 -25.06 12.31
N SER B 418 4.24 -24.91 12.30
CA SER B 418 3.60 -23.65 11.86
C SER B 418 2.21 -23.51 12.52
N TRP B 419 1.78 -22.28 12.71
CA TRP B 419 0.37 -21.98 13.08
C TRP B 419 -0.57 -22.71 12.10
N ALA B 420 -0.27 -22.74 10.80
CA ALA B 420 -1.15 -23.40 9.81
C ALA B 420 -1.31 -24.89 10.17
N SER B 421 -0.22 -25.57 10.49
CA SER B 421 -0.23 -27.01 10.83
C SER B 421 -1.09 -27.23 12.08
N LEU B 422 -0.88 -26.44 13.13
CA LEU B 422 -1.74 -26.51 14.34
C LEU B 422 -3.20 -26.22 13.97
N ASP B 423 -3.47 -25.24 13.13
CA ASP B 423 -4.86 -24.85 12.82
C ASP B 423 -5.57 -26.01 12.10
N PHE B 424 -4.84 -26.90 11.43
CA PHE B 424 -5.45 -28.05 10.71
C PHE B 424 -5.76 -29.21 11.66
N GLN B 425 -4.97 -29.34 12.72
CA GLN B 425 -4.77 -30.62 13.43
C GLN B 425 -6.03 -31.02 14.21
N PRO B 426 -6.78 -30.13 14.87
CA PRO B 426 -8.03 -30.55 15.50
C PRO B 426 -9.06 -31.10 14.49
N TYR B 427 -9.27 -30.39 13.38
CA TYR B 427 -10.13 -30.84 12.29
C TYR B 427 -9.66 -32.21 11.79
N PHE B 428 -8.37 -32.36 11.54
CA PHE B 428 -7.77 -33.64 11.05
C PHE B 428 -8.14 -34.76 12.02
N THR B 429 -7.96 -34.49 13.31
CA THR B 429 -8.13 -35.50 14.36
C THR B 429 -9.59 -35.94 14.47
N SER B 430 -10.52 -35.01 14.60
CA SER B 430 -11.94 -35.38 14.80
C SER B 430 -12.46 -36.08 13.53
N THR B 431 -12.03 -35.61 12.36
CA THR B 431 -12.57 -36.05 11.06
C THR B 431 -12.18 -37.54 10.88
N ALA B 432 -11.02 -37.93 11.40
CA ALA B 432 -10.49 -39.32 11.31
C ALA B 432 -11.47 -40.33 11.91
N SER B 433 -12.24 -39.95 12.94
CA SER B 433 -13.33 -40.83 13.46
C SER B 433 -14.25 -41.30 12.34
N ASN B 434 -14.40 -40.53 11.25
CA ASN B 434 -15.35 -40.86 10.16
C ASN B 434 -14.89 -42.13 9.40
N ILE B 435 -13.64 -42.56 9.55
CA ILE B 435 -13.11 -43.84 9.00
C ILE B 435 -12.56 -44.69 10.18
N GLY B 436 -12.97 -44.35 11.40
CA GLY B 436 -12.78 -45.22 12.58
C GLY B 436 -11.34 -45.28 13.10
N TYR B 437 -10.50 -44.34 12.67
CA TYR B 437 -9.09 -44.26 13.10
C TYR B 437 -8.94 -43.22 14.21
N THR B 438 -9.20 -43.66 15.43
CA THR B 438 -9.50 -42.80 16.58
C THR B 438 -8.30 -42.64 17.51
N TRP B 439 -7.11 -43.16 17.20
CA TRP B 439 -5.92 -43.00 18.05
C TRP B 439 -4.74 -42.37 17.27
N TRP B 440 -4.98 -41.27 16.55
CA TRP B 440 -3.88 -40.43 16.00
C TRP B 440 -3.02 -39.87 17.11
N SER B 441 -1.72 -40.16 17.05
CA SER B 441 -0.66 -39.46 17.80
C SER B 441 0.08 -38.49 16.87
N HIS B 442 -0.11 -37.19 17.12
CA HIS B 442 0.60 -36.12 16.40
C HIS B 442 1.88 -35.75 17.16
N ASP B 443 2.89 -35.30 16.44
CA ASP B 443 4.09 -34.71 17.11
C ASP B 443 3.64 -33.40 17.73
N ILE B 444 3.47 -33.36 19.04
CA ILE B 444 2.93 -32.15 19.72
C ILE B 444 3.99 -31.04 19.62
N GLY B 445 3.58 -29.88 19.08
CA GLY B 445 4.47 -28.75 18.80
C GLY B 445 5.01 -28.77 17.38
N GLY B 446 4.68 -29.78 16.60
CA GLY B 446 5.12 -29.93 15.19
C GLY B 446 6.43 -30.68 15.11
N HIS B 447 6.73 -31.27 13.97
CA HIS B 447 7.98 -32.05 13.83
C HIS B 447 9.20 -31.20 13.43
N MET B 448 9.14 -30.49 12.30
CA MET B 448 10.35 -29.98 11.59
C MET B 448 10.09 -28.67 10.83
N GLN B 449 11.20 -28.06 10.40
CA GLN B 449 11.24 -26.81 9.63
C GLN B 449 10.39 -25.78 10.35
N GLY B 450 9.67 -24.95 9.63
CA GLY B 450 8.82 -23.93 10.28
C GLY B 450 9.64 -22.97 11.13
N TYR B 451 9.00 -22.34 12.13
CA TYR B 451 9.50 -21.10 12.76
CA TYR B 451 9.56 -21.14 12.79
C TYR B 451 9.33 -21.23 14.29
N LYS B 452 10.20 -20.59 15.07
CA LYS B 452 10.09 -20.56 16.54
C LYS B 452 9.00 -19.55 16.95
N ASP B 453 8.11 -19.96 17.85
CA ASP B 453 7.07 -19.12 18.51
C ASP B 453 6.64 -19.88 19.76
N ALA B 454 7.11 -19.47 20.93
CA ALA B 454 6.81 -20.17 22.19
C ALA B 454 5.29 -20.27 22.35
N GLU B 455 4.53 -19.26 21.93
CA GLU B 455 3.06 -19.29 22.02
C GLU B 455 2.50 -20.43 21.15
N LEU B 456 3.07 -20.64 19.97
CA LEU B 456 2.66 -21.76 19.09
C LEU B 456 2.86 -23.09 19.83
N SER B 457 4.03 -23.29 20.44
CA SER B 457 4.36 -24.53 21.19
C SER B 457 3.35 -24.73 22.31
N LEU B 458 2.99 -23.68 23.05
CA LEU B 458 2.04 -23.73 24.16
C LEU B 458 0.64 -24.09 23.62
N ARG B 459 0.16 -23.44 22.57
CA ARG B 459 -1.19 -23.72 22.02
C ARG B 459 -1.20 -25.19 21.52
N TRP B 460 -0.09 -25.65 20.92
CA TRP B 460 -0.05 -27.01 20.35
C TRP B 460 -0.16 -28.03 21.49
N LEU B 461 0.52 -27.77 22.61
CA LEU B 461 0.46 -28.65 23.80
C LEU B 461 -0.96 -28.67 24.37
N GLN B 462 -1.61 -27.53 24.49
CA GLN B 462 -3.02 -27.48 24.96
C GLN B 462 -3.84 -28.46 24.12
N PHE B 463 -3.68 -28.45 22.80
CA PHE B 463 -4.47 -29.32 21.92
C PHE B 463 -4.07 -30.80 22.18
N GLY B 464 -2.77 -31.06 22.25
CA GLY B 464 -2.31 -32.44 22.44
C GLY B 464 -2.90 -33.07 23.68
N VAL B 465 -3.02 -32.30 24.75
CA VAL B 465 -3.55 -32.78 26.06
C VAL B 465 -5.01 -33.19 25.91
N PHE B 466 -5.74 -32.54 25.00
CA PHE B 466 -7.13 -32.88 24.63
C PHE B 466 -7.13 -33.54 23.25
N SER B 467 -6.14 -34.37 22.98
CA SER B 467 -6.06 -35.17 21.74
C SER B 467 -5.97 -36.63 22.16
N PRO B 468 -6.10 -37.59 21.22
CA PRO B 468 -6.04 -39.00 21.56
C PRO B 468 -4.76 -39.39 22.32
N ILE B 469 -3.63 -38.85 21.92
CA ILE B 469 -2.30 -39.22 22.49
C ILE B 469 -1.48 -37.94 22.61
N ASN B 470 -0.70 -37.82 23.69
CA ASN B 470 0.11 -36.62 23.96
C ASN B 470 1.60 -36.99 23.95
N ARG B 471 2.16 -37.12 22.75
CA ARG B 471 3.59 -37.41 22.50
C ARG B 471 4.30 -36.13 22.05
N LEU B 472 5.18 -35.60 22.89
CA LEU B 472 6.13 -34.52 22.51
C LEU B 472 7.23 -35.15 21.70
N HIS B 473 7.51 -34.58 20.53
CA HIS B 473 8.57 -35.04 19.60
C HIS B 473 9.02 -33.85 18.73
N SER B 474 10.27 -33.91 18.24
CA SER B 474 10.93 -32.85 17.44
C SER B 474 11.93 -33.50 16.49
N SER B 475 12.25 -32.82 15.38
CA SER B 475 13.32 -33.24 14.46
C SER B 475 14.68 -32.90 15.09
N LYS B 476 15.73 -33.10 14.31
CA LYS B 476 17.17 -33.15 14.71
C LYS B 476 17.72 -31.77 15.07
N SER B 477 16.97 -30.69 15.02
CA SER B 477 17.53 -29.32 15.26
C SER B 477 17.96 -29.17 16.72
N GLU B 478 19.07 -28.45 16.99
CA GLU B 478 19.46 -28.07 18.39
C GLU B 478 18.43 -27.10 18.99
N PHE B 479 17.49 -26.56 18.20
CA PHE B 479 16.61 -25.45 18.64
C PHE B 479 15.13 -25.84 18.83
N THR B 480 14.75 -27.13 18.66
CA THR B 480 13.31 -27.54 18.61
C THR B 480 12.91 -28.45 19.77
N SER B 481 13.69 -28.54 20.85
CA SER B 481 13.27 -29.32 22.01
C SER B 481 11.89 -28.85 22.51
N LYS B 482 11.00 -29.80 22.81
CA LYS B 482 9.71 -29.48 23.47
C LYS B 482 9.81 -29.48 25.01
N GLU B 483 11.00 -29.58 25.62
CA GLU B 483 11.15 -29.42 27.10
C GLU B 483 10.52 -28.11 27.56
N PRO B 484 9.60 -28.11 28.55
CA PRO B 484 9.03 -26.87 29.04
C PRO B 484 10.01 -25.74 29.43
N TRP B 485 11.11 -26.12 30.09
CA TRP B 485 12.18 -25.19 30.57
C TRP B 485 13.04 -24.66 29.41
N HIS B 486 12.80 -25.08 28.16
CA HIS B 486 13.35 -24.43 26.94
C HIS B 486 12.80 -23.00 26.88
N PHE B 487 11.61 -22.77 27.43
CA PHE B 487 10.85 -21.51 27.25
C PHE B 487 10.94 -20.65 28.52
N ASP B 488 10.38 -19.44 28.47
CA ASP B 488 10.46 -18.50 29.60
C ASP B 488 9.63 -19.04 30.78
N ALA B 489 9.69 -18.36 31.92
CA ALA B 489 9.07 -18.80 33.18
C ALA B 489 7.54 -18.94 33.01
N VAL B 490 6.92 -18.05 32.26
CA VAL B 490 5.44 -18.06 32.06
C VAL B 490 5.08 -19.27 31.22
N ILE B 491 5.76 -19.43 30.07
CA ILE B 491 5.46 -20.53 29.14
C ILE B 491 5.76 -21.85 29.86
N GLU B 492 6.90 -21.92 30.56
CA GLU B 492 7.33 -23.19 31.22
C GLU B 492 6.25 -23.59 32.21
N GLN B 493 5.79 -22.66 33.04
CA GLN B 493 4.82 -23.03 34.10
C GLN B 493 3.52 -23.53 33.45
N SER B 494 3.05 -22.86 32.42
CA SER B 494 1.81 -23.24 31.72
C SER B 494 1.98 -24.63 31.09
N MET B 495 3.11 -24.90 30.47
CA MET B 495 3.34 -26.21 29.85
C MET B 495 3.32 -27.29 30.94
N ILE B 496 3.98 -27.05 32.07
CA ILE B 496 3.98 -28.04 33.17
C ILE B 496 2.54 -28.23 33.65
N ASP B 497 1.77 -27.15 33.85
CA ASP B 497 0.36 -27.28 34.30
C ASP B 497 -0.41 -28.17 33.33
N PHE B 498 -0.23 -27.99 32.02
CA PHE B 498 -1.01 -28.76 31.01
C PHE B 498 -0.50 -30.21 31.00
N LEU B 499 0.80 -30.44 31.17
CA LEU B 499 1.33 -31.84 31.16
C LEU B 499 0.83 -32.56 32.41
N GLN B 500 0.71 -31.87 33.55
CA GLN B 500 0.08 -32.51 34.75
C GLN B 500 -1.39 -32.82 34.49
N LEU B 501 -2.14 -31.89 33.90
CA LEU B 501 -3.53 -32.12 33.51
C LEU B 501 -3.63 -33.41 32.68
N ARG B 502 -2.72 -33.68 31.75
CA ARG B 502 -2.90 -34.89 30.88
C ARG B 502 -3.06 -36.09 31.79
N HIS B 503 -2.21 -36.17 32.82
CA HIS B 503 -2.18 -37.32 33.77
C HIS B 503 -3.45 -37.28 34.63
N GLN B 504 -3.93 -36.11 35.01
CA GLN B 504 -5.23 -36.03 35.73
C GLN B 504 -6.35 -36.61 34.87
N LEU B 505 -6.24 -36.51 33.55
CA LEU B 505 -7.29 -36.98 32.60
C LEU B 505 -7.15 -38.49 32.28
N ILE B 506 -6.13 -39.20 32.78
CA ILE B 506 -5.94 -40.62 32.36
C ILE B 506 -7.18 -41.43 32.74
N PRO B 507 -7.76 -41.33 33.94
CA PRO B 507 -8.97 -42.09 34.24
C PRO B 507 -10.05 -41.89 33.18
N TYR B 508 -10.31 -40.63 32.82
CA TYR B 508 -11.33 -40.27 31.82
C TYR B 508 -10.94 -40.87 30.49
N LEU B 509 -9.65 -40.77 30.15
CA LEU B 509 -9.13 -41.22 28.82
C LEU B 509 -9.24 -42.74 28.77
N TYR B 510 -8.83 -43.42 29.84
CA TYR B 510 -8.78 -44.90 29.86
C TYR B 510 -10.20 -45.45 29.77
N SER B 511 -11.12 -44.87 30.52
CA SER B 511 -12.55 -45.23 30.48
C SER B 511 -13.06 -45.10 29.02
N ALA B 512 -12.80 -43.96 28.37
CA ALA B 512 -13.20 -43.69 26.96
C ALA B 512 -12.54 -44.75 26.07
N ASN B 513 -11.30 -45.15 26.35
CA ASN B 513 -10.59 -46.18 25.56
C ASN B 513 -11.39 -47.48 25.61
N LEU B 514 -11.82 -47.88 26.80
CA LEU B 514 -12.57 -49.15 26.95
C LEU B 514 -13.91 -49.04 26.21
N ILE B 515 -14.50 -47.85 26.20
CA ILE B 515 -15.74 -47.53 25.43
C ILE B 515 -15.46 -47.64 23.92
N THR B 516 -14.30 -47.20 23.43
CA THR B 516 -13.97 -47.37 21.98
C THR B 516 -13.95 -48.87 21.65
N ALA B 517 -13.20 -49.62 22.44
CA ALA B 517 -12.91 -51.06 22.24
C ALA B 517 -14.19 -51.91 22.41
N SER B 518 -15.10 -51.53 23.31
CA SER B 518 -16.32 -52.34 23.60
C SER B 518 -17.55 -51.83 22.87
N GLU B 519 -17.71 -50.54 22.64
CA GLU B 519 -18.99 -50.03 22.08
C GLU B 519 -18.77 -49.29 20.77
N GLY B 520 -17.53 -49.13 20.30
CA GLY B 520 -17.25 -48.51 18.99
C GLY B 520 -17.55 -47.02 18.94
N ARG B 521 -17.42 -46.31 20.07
CA ARG B 521 -17.59 -44.85 20.18
C ARG B 521 -16.19 -44.22 20.30
N ALA B 522 -15.88 -43.28 19.41
CA ALA B 522 -14.59 -42.55 19.39
C ALA B 522 -14.51 -41.65 20.62
N LEU B 523 -13.31 -41.50 21.15
CA LEU B 523 -13.02 -40.49 22.19
C LEU B 523 -13.28 -39.10 21.58
N VAL B 524 -12.65 -38.81 20.45
CA VAL B 524 -12.79 -37.48 19.77
C VAL B 524 -13.87 -37.59 18.70
N GLU B 525 -14.96 -36.85 18.89
CA GLU B 525 -16.08 -36.81 17.93
C GLU B 525 -16.23 -35.41 17.36
N PRO B 526 -16.40 -35.27 16.02
CA PRO B 526 -16.90 -34.04 15.44
C PRO B 526 -18.24 -33.66 16.08
N LEU B 527 -18.53 -32.38 16.11
CA LEU B 527 -19.80 -31.91 16.73
C LEU B 527 -21.00 -32.61 16.10
N TYR B 528 -20.97 -32.89 14.79
CA TYR B 528 -22.15 -33.34 14.05
C TYR B 528 -22.54 -34.77 14.47
N TYR B 529 -21.71 -35.51 15.21
CA TYR B 529 -22.12 -36.83 15.78
C TYR B 529 -23.23 -36.62 16.80
N GLU B 530 -23.08 -35.65 17.70
CA GLU B 530 -24.06 -35.37 18.76
C GLU B 530 -25.16 -34.44 18.22
N TYR B 531 -24.83 -33.53 17.27
CA TYR B 531 -25.77 -32.51 16.74
C TYR B 531 -25.92 -32.60 15.23
N PRO B 532 -26.36 -33.75 14.67
CA PRO B 532 -26.32 -33.96 13.21
C PRO B 532 -27.25 -33.03 12.40
N MET B 533 -28.29 -32.46 13.04
CA MET B 533 -29.30 -31.64 12.37
C MET B 533 -29.08 -30.14 12.66
N GLU B 534 -27.98 -29.79 13.35
CA GLU B 534 -27.61 -28.37 13.61
C GLU B 534 -26.58 -27.92 12.58
N GLU B 535 -26.88 -26.88 11.78
CA GLU B 535 -25.95 -26.46 10.70
C GLU B 535 -24.67 -25.98 11.37
N GLU B 536 -24.74 -25.45 12.60
CA GLU B 536 -23.54 -24.89 13.27
C GLU B 536 -22.55 -26.02 13.57
N ALA B 537 -23.04 -27.23 13.75
CA ALA B 537 -22.18 -28.40 14.07
C ALA B 537 -21.24 -28.73 12.89
N TYR B 538 -21.53 -28.22 11.70
CA TYR B 538 -20.71 -28.44 10.50
C TYR B 538 -19.81 -27.23 10.24
N GLN B 539 -19.87 -26.19 11.07
CA GLN B 539 -19.27 -24.87 10.74
C GLN B 539 -18.15 -24.53 11.72
N HIS B 540 -17.72 -25.45 12.58
CA HIS B 540 -16.71 -25.18 13.64
C HIS B 540 -15.69 -26.31 13.57
N ARG B 541 -14.82 -26.27 12.56
CA ARG B 541 -14.01 -27.42 12.09
C ARG B 541 -13.12 -27.94 13.21
N ASN B 542 -12.65 -27.06 14.09
CA ASN B 542 -11.64 -27.43 15.13
C ASN B 542 -12.33 -27.72 16.47
N GLN B 543 -13.65 -27.67 16.51
CA GLN B 543 -14.42 -27.88 17.76
C GLN B 543 -14.83 -29.35 17.77
N TYR B 544 -14.83 -29.93 18.93
CA TYR B 544 -15.05 -31.39 19.04
C TYR B 544 -15.51 -31.76 20.45
N LEU B 545 -16.19 -32.91 20.51
CA LEU B 545 -16.48 -33.55 21.82
C LEU B 545 -15.26 -34.43 22.18
N PHE B 546 -14.92 -34.43 23.46
CA PHE B 546 -13.75 -35.11 24.05
C PHE B 546 -14.34 -36.03 25.11
N GLY B 547 -14.51 -37.31 24.75
CA GLY B 547 -15.40 -38.17 25.54
C GLY B 547 -16.80 -37.59 25.59
N GLU B 548 -17.58 -37.96 26.59
CA GLU B 548 -19.03 -37.64 26.64
C GLU B 548 -19.27 -36.38 27.44
N GLN B 549 -18.30 -35.90 28.22
CA GLN B 549 -18.54 -34.88 29.26
C GLN B 549 -17.90 -33.55 28.89
N LEU B 550 -17.09 -33.48 27.84
CA LEU B 550 -16.31 -32.24 27.55
C LEU B 550 -16.40 -31.86 26.09
N MET B 551 -16.43 -30.54 25.84
CA MET B 551 -16.39 -29.95 24.47
C MET B 551 -15.17 -29.02 24.43
N VAL B 552 -14.36 -29.15 23.38
CA VAL B 552 -13.06 -28.45 23.28
C VAL B 552 -13.10 -27.59 22.03
N ALA B 553 -12.65 -26.34 22.20
CA ALA B 553 -12.47 -25.41 21.09
C ALA B 553 -11.06 -24.85 21.24
N PRO B 554 -10.05 -25.57 20.74
CA PRO B 554 -8.68 -25.09 20.88
C PRO B 554 -8.51 -23.77 20.14
N ILE B 555 -7.65 -22.94 20.68
CA ILE B 555 -7.18 -21.72 20.01
C ILE B 555 -5.93 -22.09 19.21
N THR B 556 -6.02 -21.81 17.91
CA THR B 556 -5.03 -22.25 16.90
C THR B 556 -4.59 -21.06 16.04
N GLU B 557 -4.74 -19.85 16.56
CA GLU B 557 -4.28 -18.61 15.89
C GLU B 557 -3.50 -17.75 16.89
N LYS B 558 -2.46 -17.07 16.44
CA LYS B 558 -1.60 -16.23 17.31
C LYS B 558 -2.46 -15.14 17.96
N MET B 559 -2.15 -14.77 19.18
CA MET B 559 -2.95 -13.78 19.92
C MET B 559 -2.94 -12.42 19.20
N ASN B 560 -4.00 -11.69 19.44
CA ASN B 560 -4.05 -10.25 19.10
C ASN B 560 -3.24 -9.51 20.17
N SER B 561 -2.13 -8.85 19.81
CA SER B 561 -1.24 -8.24 20.82
C SER B 561 -1.95 -7.08 21.53
N LEU B 562 -2.94 -6.45 20.88
CA LEU B 562 -3.71 -5.36 21.55
C LEU B 562 -4.45 -5.94 22.77
N LEU B 563 -5.00 -7.15 22.64
CA LEU B 563 -5.78 -7.79 23.71
C LEU B 563 -4.87 -8.63 24.61
N GLN B 564 -3.71 -9.06 24.11
CA GLN B 564 -2.87 -10.06 24.80
C GLN B 564 -3.71 -11.33 25.00
N MET B 565 -4.62 -11.62 24.09
CA MET B 565 -5.42 -12.87 24.15
C MET B 565 -5.65 -13.40 22.73
N GLY B 566 -5.68 -14.72 22.59
CA GLY B 566 -6.13 -15.41 21.39
C GLY B 566 -7.62 -15.61 21.44
N SER B 567 -8.20 -16.15 20.38
CA SER B 567 -9.66 -16.34 20.33
C SER B 567 -10.04 -17.41 19.33
N VAL B 568 -11.26 -17.89 19.49
CA VAL B 568 -11.86 -18.90 18.59
C VAL B 568 -13.37 -18.70 18.66
N GLU B 569 -14.05 -18.84 17.54
CA GLU B 569 -15.52 -18.75 17.56
C GLU B 569 -16.07 -20.09 18.03
N VAL B 570 -16.84 -20.05 19.12
CA VAL B 570 -17.39 -21.29 19.73
C VAL B 570 -18.88 -21.37 19.43
N TRP B 571 -19.35 -22.55 19.00
CA TRP B 571 -20.79 -22.82 18.95
C TRP B 571 -21.20 -23.52 20.24
N PHE B 572 -22.13 -22.94 20.97
CA PHE B 572 -22.70 -23.54 22.21
C PHE B 572 -24.06 -24.13 21.87
N PRO B 573 -24.20 -25.47 21.92
CA PRO B 573 -25.51 -26.09 21.76
C PRO B 573 -26.48 -25.60 22.83
N GLU B 574 -27.75 -25.80 22.56
CA GLU B 574 -28.83 -25.51 23.54
C GLU B 574 -28.44 -26.11 24.90
N GLY B 575 -28.70 -25.36 25.96
CA GLY B 575 -28.35 -25.75 27.34
C GLY B 575 -27.41 -24.75 27.97
N THR B 576 -27.14 -24.93 29.26
CA THR B 576 -26.17 -24.14 30.02
C THR B 576 -24.79 -24.80 29.95
N TRP B 577 -23.79 -24.03 29.59
CA TRP B 577 -22.38 -24.50 29.51
C TRP B 577 -21.52 -23.69 30.45
N TYR B 578 -20.44 -24.29 30.87
CA TYR B 578 -19.41 -23.68 31.74
C TYR B 578 -18.03 -23.97 31.17
N ASP B 579 -17.17 -22.99 31.29
CA ASP B 579 -15.72 -23.20 31.10
C ASP B 579 -15.30 -24.20 32.18
N PHE B 580 -14.61 -25.25 31.75
CA PHE B 580 -14.21 -26.37 32.61
C PHE B 580 -13.26 -25.91 33.72
N PHE B 581 -12.43 -24.91 33.42
CA PHE B 581 -11.36 -24.37 34.29
C PHE B 581 -11.87 -23.25 35.18
N SER B 582 -12.63 -22.29 34.65
CA SER B 582 -12.99 -21.04 35.39
C SER B 582 -14.43 -21.07 35.91
N GLY B 583 -15.32 -21.89 35.34
CA GLY B 583 -16.76 -21.87 35.60
C GLY B 583 -17.47 -20.73 34.89
N GLN B 584 -16.80 -19.98 34.01
CA GLN B 584 -17.50 -18.94 33.23
C GLN B 584 -18.71 -19.58 32.55
N PRO B 585 -19.92 -19.00 32.75
CA PRO B 585 -21.15 -19.58 32.20
C PRO B 585 -21.50 -19.06 30.80
N TYR B 586 -22.16 -19.91 30.01
CA TYR B 586 -22.64 -19.57 28.65
C TYR B 586 -24.02 -20.17 28.42
N ASP B 587 -24.98 -19.31 28.08
CA ASP B 587 -26.33 -19.78 27.70
C ASP B 587 -26.34 -20.17 26.22
N GLY B 588 -26.47 -21.45 25.89
CA GLY B 588 -26.68 -21.89 24.49
C GLY B 588 -28.15 -21.59 24.12
N LYS B 589 -28.56 -21.71 22.86
CA LYS B 589 -27.78 -21.94 21.68
C LYS B 589 -27.27 -20.58 21.17
N VAL B 590 -25.98 -20.48 20.89
CA VAL B 590 -25.34 -19.21 20.49
C VAL B 590 -23.98 -19.55 19.88
N SER B 591 -23.54 -18.72 18.93
CA SER B 591 -22.17 -18.73 18.36
C SER B 591 -21.47 -17.48 18.90
N LEU B 592 -20.40 -17.69 19.66
CA LEU B 592 -19.79 -16.59 20.43
C LEU B 592 -18.28 -16.70 20.27
N LYS B 593 -17.62 -15.60 19.93
CA LYS B 593 -16.15 -15.56 19.91
C LYS B 593 -15.70 -15.51 21.37
N VAL B 594 -14.83 -16.43 21.77
CA VAL B 594 -14.31 -16.44 23.15
C VAL B 594 -12.82 -16.14 23.10
N TYR B 595 -12.33 -15.50 24.14
CA TYR B 595 -10.96 -14.96 24.21
C TYR B 595 -10.28 -15.61 25.41
N ARG B 596 -9.02 -16.03 25.26
CA ARG B 596 -8.23 -16.59 26.36
C ARG B 596 -6.79 -16.12 26.26
N GLU B 597 -6.19 -15.84 27.41
CA GLU B 597 -4.73 -15.61 27.46
C GLU B 597 -4.04 -16.88 26.94
N ILE B 598 -2.75 -16.79 26.63
CA ILE B 598 -2.06 -17.94 25.95
C ILE B 598 -1.96 -19.12 26.92
N THR B 599 -2.17 -18.88 28.22
CA THR B 599 -2.00 -19.90 29.27
C THR B 599 -3.34 -20.60 29.53
N GLU B 600 -4.42 -20.28 28.81
CA GLU B 600 -5.79 -20.80 29.09
C GLU B 600 -6.43 -21.34 27.81
N MET B 601 -7.15 -22.45 27.95
CA MET B 601 -7.74 -23.18 26.80
C MET B 601 -9.26 -23.20 26.94
N PRO B 602 -10.01 -22.94 25.84
CA PRO B 602 -11.46 -23.10 25.86
C PRO B 602 -11.85 -24.60 25.87
N VAL B 603 -12.32 -25.03 27.04
CA VAL B 603 -12.89 -26.39 27.25
C VAL B 603 -14.14 -26.18 28.07
N PHE B 604 -15.22 -26.84 27.70
CA PHE B 604 -16.56 -26.56 28.26
C PHE B 604 -17.21 -27.87 28.74
N ALA B 605 -17.99 -27.74 29.81
CA ALA B 605 -18.87 -28.80 30.34
C ALA B 605 -20.31 -28.26 30.48
N LYS B 606 -21.29 -29.09 30.10
CA LYS B 606 -22.72 -28.79 30.30
C LYS B 606 -23.06 -28.87 31.79
N ALA B 607 -24.11 -28.17 32.18
CA ALA B 607 -24.82 -28.45 33.47
C ALA B 607 -25.07 -29.95 33.54
N GLY B 608 -24.74 -30.52 34.69
CA GLY B 608 -24.94 -31.96 34.96
C GLY B 608 -23.73 -32.77 34.62
N ALA B 609 -22.69 -32.16 34.02
CA ALA B 609 -21.49 -32.93 33.63
C ALA B 609 -20.81 -33.44 34.89
N ILE B 610 -20.26 -34.64 34.81
CA ILE B 610 -19.39 -35.22 35.88
C ILE B 610 -18.09 -35.67 35.23
N ILE B 611 -16.97 -35.16 35.73
CA ILE B 611 -15.63 -35.54 35.20
C ILE B 611 -14.77 -36.01 36.37
N PRO B 612 -14.31 -37.28 36.28
CA PRO B 612 -13.35 -37.80 37.24
C PRO B 612 -11.95 -37.31 36.88
N LEU B 613 -11.17 -36.96 37.89
CA LEU B 613 -9.75 -36.58 37.73
C LEU B 613 -8.92 -37.35 38.74
N ASP B 614 -7.72 -37.72 38.34
CA ASP B 614 -6.71 -38.26 39.27
C ASP B 614 -6.27 -37.13 40.20
N LYS B 615 -6.40 -37.30 41.52
CA LYS B 615 -5.97 -36.26 42.48
C LYS B 615 -4.43 -36.22 42.55
N ASN B 616 -3.76 -37.33 42.22
CA ASN B 616 -2.29 -37.49 42.39
C ASN B 616 -1.61 -37.83 41.07
N PRO B 617 -1.62 -36.89 40.10
CA PRO B 617 -1.10 -37.15 38.75
C PRO B 617 0.40 -37.47 38.73
N LEU B 618 1.13 -36.98 39.72
CA LEU B 618 2.59 -37.24 39.79
C LEU B 618 2.85 -38.59 40.45
N LYS B 619 1.88 -39.18 41.14
CA LYS B 619 2.09 -40.48 41.81
C LYS B 619 2.09 -41.55 40.74
N LYS B 620 3.09 -42.40 40.79
CA LYS B 620 3.22 -43.56 39.91
C LYS B 620 2.37 -44.63 40.59
N GLU B 621 1.10 -44.72 40.18
CA GLU B 621 0.12 -45.72 40.66
C GLU B 621 -0.46 -46.38 39.41
N GLU B 622 -0.57 -47.70 39.36
CA GLU B 622 -1.20 -48.33 38.17
C GLU B 622 -2.66 -47.93 38.12
N ILE B 623 -3.32 -47.70 39.27
CA ILE B 623 -4.66 -47.06 39.27
C ILE B 623 -4.77 -46.06 40.41
N PRO B 624 -5.52 -44.98 40.20
CA PRO B 624 -5.54 -43.88 41.17
C PRO B 624 -6.11 -44.32 42.52
N SER B 625 -5.38 -43.96 43.58
CA SER B 625 -5.77 -44.15 44.99
C SER B 625 -6.80 -43.08 45.35
N GLU B 626 -6.84 -41.97 44.62
CA GLU B 626 -7.81 -40.88 44.90
C GLU B 626 -8.36 -40.30 43.60
N ILE B 627 -9.68 -40.20 43.49
CA ILE B 627 -10.39 -39.55 42.37
C ILE B 627 -11.11 -38.30 42.89
N ILE B 628 -10.92 -37.19 42.18
CA ILE B 628 -11.73 -35.96 42.28
C ILE B 628 -12.91 -36.11 41.30
N TRP B 629 -14.13 -35.97 41.79
CA TRP B 629 -15.34 -35.87 40.96
C TRP B 629 -15.67 -34.38 40.82
N LYS B 630 -15.44 -33.84 39.60
CA LYS B 630 -15.81 -32.46 39.25
C LYS B 630 -17.23 -32.47 38.67
N ILE B 631 -18.13 -31.78 39.34
CA ILE B 631 -19.59 -31.80 39.06
C ILE B 631 -19.99 -30.39 38.65
N PHE B 632 -20.69 -30.25 37.52
CA PHE B 632 -21.19 -28.96 36.99
C PHE B 632 -22.67 -28.87 37.36
N PRO B 633 -23.10 -27.81 38.08
CA PRO B 633 -24.46 -27.71 38.57
C PRO B 633 -25.48 -27.45 37.46
N GLY B 634 -26.74 -27.80 37.75
CA GLY B 634 -27.89 -27.24 37.03
C GLY B 634 -28.66 -28.27 36.24
N ALA B 635 -28.24 -29.53 36.23
CA ALA B 635 -29.02 -30.65 35.67
C ALA B 635 -28.51 -31.95 36.25
N ASP B 636 -29.27 -33.02 36.02
CA ASP B 636 -28.93 -34.40 36.35
C ASP B 636 -27.78 -34.83 35.46
N GLY B 637 -26.93 -35.72 35.94
CA GLY B 637 -25.90 -36.33 35.11
C GLY B 637 -25.53 -37.70 35.62
N GLU B 638 -24.60 -38.32 34.91
CA GLU B 638 -24.16 -39.70 35.17
C GLU B 638 -22.81 -39.88 34.50
N TYR B 639 -21.92 -40.60 35.17
CA TYR B 639 -20.61 -40.97 34.61
C TYR B 639 -20.28 -42.41 35.04
N LEU B 640 -19.88 -43.25 34.09
CA LEU B 640 -19.35 -44.60 34.37
C LEU B 640 -17.83 -44.63 34.17
N LEU B 641 -17.07 -44.76 35.25
CA LEU B 641 -15.60 -44.94 35.21
C LEU B 641 -15.24 -46.43 35.04
N LEU B 642 -14.89 -46.86 33.81
CA LEU B 642 -14.40 -48.22 33.50
C LEU B 642 -12.91 -48.30 33.77
N GLU B 643 -12.48 -49.35 34.48
CA GLU B 643 -11.07 -49.57 34.85
C GLU B 643 -10.68 -51.00 34.50
N GLU B 644 -9.40 -51.34 34.64
CA GLU B 644 -8.83 -52.69 34.35
C GLU B 644 -9.67 -53.73 35.11
N ASP B 645 -9.99 -53.46 36.38
CA ASP B 645 -10.60 -54.47 37.30
C ASP B 645 -11.73 -53.83 38.13
N ASN B 646 -12.48 -52.88 37.58
CA ASN B 646 -13.60 -52.29 38.34
C ASN B 646 -14.50 -51.45 37.43
N GLU B 647 -15.67 -51.10 37.95
CA GLU B 647 -16.59 -50.13 37.31
C GLU B 647 -17.20 -49.28 38.41
N THR B 648 -17.11 -47.96 38.27
CA THR B 648 -17.62 -47.02 39.28
C THR B 648 -18.66 -46.13 38.62
N LYS B 649 -19.90 -46.22 39.07
CA LYS B 649 -21.00 -45.36 38.59
C LYS B 649 -21.14 -44.12 39.49
N ALA B 650 -21.08 -42.94 38.90
CA ALA B 650 -21.37 -41.65 39.56
C ALA B 650 -22.67 -41.13 38.98
N GLU B 651 -23.70 -40.99 39.82
CA GLU B 651 -25.03 -40.48 39.45
C GLU B 651 -25.27 -39.14 40.13
N PHE B 652 -25.87 -38.17 39.43
CA PHE B 652 -26.28 -36.87 40.01
C PHE B 652 -27.74 -36.71 39.65
N VAL B 653 -28.63 -37.02 40.60
CA VAL B 653 -30.11 -37.04 40.38
C VAL B 653 -30.71 -36.18 41.48
N ASN B 654 -31.37 -35.10 41.09
CA ASN B 654 -32.08 -34.13 41.99
C ASN B 654 -31.15 -33.67 43.09
N GLY B 655 -29.90 -33.33 42.76
CA GLY B 655 -28.97 -32.70 43.71
C GLY B 655 -28.27 -33.72 44.58
N ILE B 656 -28.57 -35.01 44.37
CA ILE B 656 -27.94 -36.12 45.12
C ILE B 656 -26.87 -36.76 44.26
N PHE B 657 -25.64 -36.72 44.74
CA PHE B 657 -24.48 -37.37 44.09
C PHE B 657 -24.20 -38.68 44.79
N THR B 658 -24.20 -39.77 44.02
CA THR B 658 -24.06 -41.15 44.52
C THR B 658 -22.96 -41.84 43.72
N VAL B 659 -22.03 -42.49 44.42
CA VAL B 659 -20.94 -43.29 43.83
C VAL B 659 -21.09 -44.72 44.33
N THR B 660 -21.14 -45.66 43.40
CA THR B 660 -21.13 -47.12 43.66
C THR B 660 -20.04 -47.72 42.78
N SER B 661 -19.54 -48.90 43.12
CA SER B 661 -18.57 -49.66 42.30
C SER B 661 -18.90 -51.17 42.31
N LYS B 662 -18.59 -51.89 41.24
CA LYS B 662 -18.82 -53.35 41.16
C LYS B 662 -18.05 -54.05 42.28
N LYS B 663 -16.85 -53.56 42.62
CA LYS B 663 -15.91 -54.17 43.61
C LYS B 663 -15.50 -53.13 44.65
N GLU B 664 -15.32 -53.52 45.91
CA GLU B 664 -14.84 -52.61 46.99
C GLU B 664 -13.39 -52.23 46.70
N SER B 665 -12.93 -51.09 47.20
CA SER B 665 -11.49 -50.69 47.13
C SER B 665 -11.21 -49.69 48.24
N SER B 666 -9.95 -49.34 48.45
CA SER B 666 -9.54 -48.37 49.47
C SER B 666 -9.58 -46.96 48.87
N ARG B 667 -10.10 -46.78 47.64
CA ARG B 667 -10.01 -45.48 46.93
C ARG B 667 -10.69 -44.38 47.74
N LYS B 668 -10.08 -43.21 47.80
CA LYS B 668 -10.65 -42.03 48.49
C LYS B 668 -11.19 -41.11 47.41
N HIS B 669 -12.43 -40.67 47.58
CA HIS B 669 -13.19 -39.82 46.64
C HIS B 669 -13.25 -38.39 47.18
N THR B 670 -12.87 -37.42 46.35
CA THR B 670 -13.08 -35.98 46.60
C THR B 670 -14.18 -35.49 45.65
N ILE B 671 -15.05 -34.66 46.16
CA ILE B 671 -16.15 -34.07 45.38
C ILE B 671 -15.95 -32.57 45.33
N ILE B 672 -15.93 -32.02 44.12
CA ILE B 672 -15.95 -30.57 43.83
C ILE B 672 -17.26 -30.23 43.11
N TYR B 673 -18.14 -29.49 43.78
CA TYR B 673 -19.42 -29.01 43.22
C TYR B 673 -19.20 -27.59 42.72
N GLY B 674 -19.21 -27.40 41.39
CA GLY B 674 -18.74 -26.17 40.74
C GLY B 674 -17.30 -25.87 41.13
N GLU B 675 -17.12 -24.89 42.05
CA GLU B 675 -15.80 -24.35 42.48
C GLU B 675 -15.44 -24.87 43.88
N HIS B 676 -16.42 -25.32 44.70
CA HIS B 676 -16.23 -25.61 46.14
C HIS B 676 -16.04 -27.12 46.37
N GLU B 677 -14.98 -27.49 47.08
CA GLU B 677 -14.73 -28.88 47.54
C GLU B 677 -15.67 -29.17 48.71
N ILE B 678 -16.49 -30.22 48.62
CA ILE B 678 -17.59 -30.52 49.58
C ILE B 678 -17.11 -31.59 50.57
N VAL B 679 -16.63 -32.70 50.03
CA VAL B 679 -16.14 -33.92 50.76
C VAL B 679 -14.71 -34.15 50.30
N SER B 680 -13.82 -34.45 51.24
CA SER B 680 -12.41 -34.85 50.94
C SER B 680 -12.22 -36.28 51.44
N ALA B 681 -11.61 -37.12 50.60
CA ALA B 681 -10.98 -38.41 50.98
C ALA B 681 -12.01 -39.31 51.68
N LYS B 682 -13.20 -39.43 51.09
CA LYS B 682 -14.27 -40.34 51.56
C LYS B 682 -14.07 -41.69 50.86
N ARG B 683 -14.13 -42.79 51.62
CA ARG B 683 -13.88 -44.15 51.08
C ARG B 683 -15.20 -44.84 50.76
N GLY B 684 -15.14 -45.86 49.90
CA GLY B 684 -16.23 -46.81 49.64
C GLY B 684 -17.36 -46.16 48.86
N GLU B 685 -18.53 -46.79 48.87
CA GLU B 685 -19.76 -46.28 48.23
C GLU B 685 -20.35 -45.23 49.19
N PHE B 686 -21.06 -44.26 48.65
CA PHE B 686 -21.67 -43.18 49.45
C PHE B 686 -22.58 -42.34 48.57
N SER B 687 -23.35 -41.48 49.24
CA SER B 687 -24.40 -40.63 48.68
C SER B 687 -24.27 -39.29 49.41
N ILE B 688 -24.16 -38.17 48.68
CA ILE B 688 -24.09 -36.82 49.31
C ILE B 688 -25.10 -35.88 48.67
N ASP B 689 -25.82 -35.12 49.50
CA ASP B 689 -26.90 -34.18 49.11
C ASP B 689 -26.26 -32.79 48.88
N LEU B 690 -26.15 -32.37 47.62
CA LEU B 690 -25.51 -31.08 47.25
C LEU B 690 -26.58 -30.01 47.04
N ASN B 691 -27.85 -30.33 47.25
CA ASN B 691 -28.98 -29.35 47.16
C ASN B 691 -28.69 -28.11 48.01
N GLY B 692 -28.47 -28.31 49.32
CA GLY B 692 -28.15 -27.21 50.27
C GLY B 692 -26.71 -26.71 50.16
N LYS B 693 -26.12 -26.72 48.95
CA LYS B 693 -24.72 -26.29 48.65
C LYS B 693 -24.73 -25.17 47.61
N GLU B 694 -23.68 -24.35 47.64
CA GLU B 694 -23.38 -23.25 46.69
C GLU B 694 -23.15 -23.90 45.33
N GLU B 695 -24.12 -23.73 44.44
CA GLU B 695 -24.15 -24.24 43.04
C GLU B 695 -23.46 -23.23 42.13
N ASN B 696 -23.19 -22.03 42.63
CA ASN B 696 -22.52 -20.95 41.85
C ASN B 696 -21.01 -21.15 41.99
N PHE B 697 -20.32 -20.87 40.89
CA PHE B 697 -18.86 -20.69 40.80
C PHE B 697 -18.55 -19.28 41.30
N ASP B 698 -17.28 -19.02 41.59
CA ASP B 698 -16.82 -17.65 41.96
C ASP B 698 -16.80 -16.77 40.71
N TRP B 699 -16.54 -17.34 39.51
CA TRP B 699 -16.30 -16.56 38.25
C TRP B 699 -17.16 -15.33 38.30
N ASN B 700 -16.59 -14.14 38.17
CA ASN B 700 -17.51 -12.98 38.06
C ASN B 700 -17.00 -12.01 37.02
N PHE B 701 -17.99 -11.34 36.45
CA PHE B 701 -17.88 -10.36 35.39
C PHE B 701 -16.84 -9.31 35.78
N SER B 702 -16.94 -8.71 36.98
CA SER B 702 -16.11 -7.55 37.37
C SER B 702 -14.64 -7.92 37.39
N THR B 703 -14.30 -9.07 37.96
CA THR B 703 -12.91 -9.57 38.04
C THR B 703 -12.38 -9.85 36.63
N ALA B 704 -13.17 -10.51 35.81
CA ALA B 704 -12.76 -10.84 34.43
C ALA B 704 -12.55 -9.54 33.64
N LEU B 705 -13.48 -8.58 33.74
CA LEU B 705 -13.44 -7.29 33.01
C LEU B 705 -12.15 -6.60 33.37
N PHE B 706 -11.87 -6.42 34.66
CA PHE B 706 -10.63 -5.77 35.11
C PHE B 706 -9.43 -6.46 34.48
N ARG B 707 -9.37 -7.80 34.57
CA ARG B 707 -8.20 -8.57 34.08
C ARG B 707 -8.02 -8.28 32.58
N ARG B 708 -9.10 -8.32 31.79
CA ARG B 708 -8.94 -8.21 30.30
C ARG B 708 -8.47 -6.76 30.00
N LEU B 709 -9.05 -5.75 30.66
CA LEU B 709 -8.62 -4.34 30.45
C LEU B 709 -7.15 -4.19 30.87
N ASP B 710 -6.77 -4.82 31.98
CA ASP B 710 -5.44 -4.59 32.58
C ASP B 710 -4.35 -5.14 31.66
N ILE B 711 -4.52 -6.33 31.06
CA ILE B 711 -3.43 -6.92 30.24
C ILE B 711 -3.43 -6.27 28.85
N ALA B 712 -4.53 -5.70 28.41
CA ALA B 712 -4.63 -5.16 27.03
C ALA B 712 -3.57 -4.06 26.76
N GLU B 713 -2.97 -4.08 25.57
CA GLU B 713 -2.02 -3.03 25.14
C GLU B 713 -2.80 -1.99 24.35
N ILE B 714 -3.62 -1.24 25.06
CA ILE B 714 -4.57 -0.21 24.54
C ILE B 714 -4.36 1.02 25.44
N SER B 715 -4.93 2.15 25.05
CA SER B 715 -4.74 3.42 25.80
C SER B 715 -5.32 3.28 27.21
N TYR B 716 -4.69 3.88 28.20
CA TYR B 716 -5.19 3.88 29.60
C TYR B 716 -6.49 4.66 29.67
N GLU B 717 -6.67 5.68 28.83
CA GLU B 717 -7.92 6.45 28.84
C GLU B 717 -9.07 5.54 28.39
N GLN B 718 -8.86 4.69 27.38
CA GLN B 718 -9.87 3.67 26.99
C GLN B 718 -10.15 2.74 28.18
N LYS B 719 -9.13 2.18 28.85
CA LYS B 719 -9.33 1.23 29.98
C LYS B 719 -10.20 1.88 31.06
N ASP B 720 -9.83 3.09 31.45
CA ASP B 720 -10.51 3.89 32.52
C ASP B 720 -11.98 4.03 32.14
N GLU B 721 -12.24 4.39 30.90
CA GLU B 721 -13.60 4.78 30.47
C GLU B 721 -14.43 3.50 30.42
N ILE B 722 -13.85 2.39 29.94
CA ILE B 722 -14.62 1.11 29.83
C ILE B 722 -14.95 0.60 31.23
N LEU B 723 -13.99 0.64 32.14
CA LEU B 723 -14.24 0.15 33.51
C LEU B 723 -15.36 0.97 34.15
N GLN B 724 -15.24 2.29 34.07
CA GLN B 724 -16.17 3.31 34.65
C GLN B 724 -17.59 3.09 34.12
N GLN B 725 -17.75 3.08 32.79
CA GLN B 725 -19.06 2.96 32.12
C GLN B 725 -19.70 1.59 32.40
N LEU B 726 -18.96 0.50 32.29
CA LEU B 726 -19.54 -0.85 32.49
C LEU B 726 -19.91 -1.00 33.97
N SER B 727 -19.27 -0.26 34.88
CA SER B 727 -19.59 -0.31 36.34
C SER B 727 -20.86 0.48 36.62
N LEU B 728 -21.02 1.63 35.97
CA LEU B 728 -22.08 2.64 36.18
C LEU B 728 -23.37 2.26 35.45
N ILE B 729 -23.29 1.75 34.22
CA ILE B 729 -24.50 1.45 33.42
C ILE B 729 -25.10 0.16 33.97
N GLU B 730 -26.33 0.20 34.47
CA GLU B 730 -26.98 -0.93 35.17
C GLU B 730 -27.62 -1.90 34.19
N GLU B 731 -28.26 -1.41 33.12
CA GLU B 731 -29.09 -2.27 32.24
C GLU B 731 -28.15 -2.98 31.26
N HIS B 732 -28.26 -4.29 31.20
CA HIS B 732 -27.44 -5.13 30.31
C HIS B 732 -27.49 -4.59 28.86
N GLU B 733 -28.65 -4.20 28.34
CA GLU B 733 -28.76 -3.82 26.89
C GLU B 733 -27.95 -2.55 26.64
N LYS B 734 -27.90 -1.66 27.63
CA LYS B 734 -27.16 -0.38 27.53
C LYS B 734 -25.66 -0.63 27.75
N GLN B 735 -25.29 -1.67 28.49
CA GLN B 735 -23.86 -2.03 28.63
C GLN B 735 -23.36 -2.52 27.26
N VAL B 736 -24.17 -3.32 26.57
CA VAL B 736 -23.84 -3.76 25.18
C VAL B 736 -23.76 -2.52 24.25
N ALA B 737 -24.73 -1.61 24.30
CA ALA B 737 -24.76 -0.41 23.45
C ALA B 737 -23.48 0.39 23.70
N PHE B 738 -23.04 0.50 24.95
CA PHE B 738 -21.79 1.22 25.25
C PHE B 738 -20.61 0.55 24.52
N ILE B 739 -20.45 -0.77 24.59
CA ILE B 739 -19.25 -1.43 23.99
C ILE B 739 -19.38 -1.36 22.45
N LYS B 740 -20.59 -1.29 21.92
CA LYS B 740 -20.83 -1.31 20.44
C LYS B 740 -20.25 -0.03 19.80
N THR B 741 -19.99 1.02 20.60
CA THR B 741 -19.40 2.30 20.16
C THR B 741 -17.87 2.22 20.15
N ASN B 742 -17.28 1.13 20.59
CA ASN B 742 -15.83 1.08 20.78
C ASN B 742 -15.17 0.98 19.41
N GLU B 743 -14.14 1.78 19.14
CA GLU B 743 -13.48 1.75 17.80
C GLU B 743 -12.67 0.47 17.61
N ASN B 744 -12.31 -0.21 18.69
CA ASN B 744 -11.52 -1.48 18.58
C ASN B 744 -12.50 -2.65 18.40
N GLN B 745 -12.56 -3.23 17.19
CA GLN B 745 -13.63 -4.21 16.86
C GLN B 745 -13.40 -5.50 17.66
N GLU B 746 -12.14 -5.92 17.84
CA GLU B 746 -11.86 -7.18 18.55
C GLU B 746 -12.08 -6.96 20.05
N LEU B 747 -11.73 -5.77 20.57
CA LEU B 747 -12.05 -5.40 21.98
C LEU B 747 -13.58 -5.49 22.18
N GLN B 748 -14.39 -5.00 21.24
CA GLN B 748 -15.86 -5.09 21.37
C GLN B 748 -16.20 -6.56 21.60
N ASN B 749 -15.63 -7.46 20.80
CA ASN B 749 -16.00 -8.89 20.82
C ASN B 749 -15.59 -9.51 22.15
N SER B 750 -14.43 -9.11 22.69
CA SER B 750 -13.94 -9.63 23.98
C SER B 750 -14.88 -9.12 25.09
N LEU B 751 -15.26 -7.85 25.06
CA LEU B 751 -16.16 -7.29 26.11
C LEU B 751 -17.53 -7.97 25.97
N PHE B 752 -17.97 -8.30 24.75
CA PHE B 752 -19.30 -8.87 24.51
C PHE B 752 -19.34 -10.28 25.11
N GLU B 753 -18.23 -11.02 25.00
CA GLU B 753 -18.16 -12.36 25.59
C GLU B 753 -18.47 -12.25 27.10
N LEU B 754 -17.81 -11.32 27.77
CA LEU B 754 -17.97 -11.09 29.24
C LEU B 754 -19.42 -10.69 29.54
N LEU B 755 -19.97 -9.75 28.78
CA LEU B 755 -21.36 -9.32 28.99
C LEU B 755 -22.31 -10.50 28.75
N TYR B 756 -22.07 -11.34 27.74
CA TYR B 756 -22.95 -12.48 27.43
C TYR B 756 -22.96 -13.45 28.60
N SER B 757 -21.78 -13.82 29.10
CA SER B 757 -21.61 -14.70 30.28
C SER B 757 -22.25 -14.07 31.52
N GLY B 758 -22.23 -12.74 31.63
CA GLY B 758 -22.77 -11.99 32.79
C GLY B 758 -24.23 -11.61 32.64
N LYS B 759 -24.92 -12.05 31.59
CA LYS B 759 -26.31 -11.60 31.30
C LYS B 759 -27.25 -12.23 32.32
N ASN C 32 30.55 -63.16 -20.70
CA ASN C 32 31.52 -62.50 -19.77
C ASN C 32 30.79 -61.47 -18.89
N ASN C 33 30.47 -60.34 -19.51
CA ASN C 33 29.79 -59.17 -18.89
C ASN C 33 28.30 -59.25 -19.23
N ILE C 34 27.89 -60.31 -19.93
CA ILE C 34 26.47 -60.55 -20.31
C ILE C 34 25.93 -61.65 -19.40
N ILE C 35 24.79 -61.39 -18.74
CA ILE C 35 24.04 -62.37 -17.90
C ILE C 35 22.61 -62.39 -18.43
N LYS C 36 22.05 -63.57 -18.72
CA LYS C 36 20.60 -63.75 -18.98
C LYS C 36 19.96 -64.34 -17.73
N PHE C 37 18.71 -63.98 -17.48
CA PHE C 37 17.89 -64.59 -16.41
C PHE C 37 16.43 -64.36 -16.83
N ASP C 38 15.64 -65.43 -16.84
CA ASP C 38 14.21 -65.35 -17.26
C ASP C 38 14.24 -64.72 -18.66
N LYS C 39 13.42 -63.70 -18.94
CA LYS C 39 13.34 -63.07 -20.29
C LYS C 39 14.20 -61.79 -20.33
N ALA C 40 15.18 -61.64 -19.45
CA ALA C 40 16.00 -60.42 -19.29
C ALA C 40 17.43 -60.68 -19.77
N ARG C 41 18.15 -59.61 -20.13
CA ARG C 41 19.61 -59.63 -20.35
C ARG C 41 20.21 -58.39 -19.68
N PHE C 42 21.23 -58.62 -18.84
CA PHE C 42 22.06 -57.59 -18.16
C PHE C 42 23.43 -57.56 -18.79
N THR C 43 23.89 -56.39 -19.22
CA THR C 43 25.27 -56.23 -19.72
C THR C 43 25.97 -55.25 -18.76
N VAL C 44 27.01 -55.69 -18.06
CA VAL C 44 27.81 -54.84 -17.14
C VAL C 44 28.88 -54.10 -17.96
N LEU C 45 28.54 -52.92 -18.50
CA LEU C 45 29.38 -52.21 -19.49
C LEU C 45 30.58 -51.61 -18.77
N THR C 46 30.37 -51.01 -17.60
CA THR C 46 31.43 -50.57 -16.67
C THR C 46 30.98 -51.00 -15.28
N GLU C 47 31.78 -50.72 -14.28
CA GLU C 47 31.38 -51.03 -12.89
C GLU C 47 30.13 -50.21 -12.54
N HIS C 48 29.83 -49.18 -13.34
CA HIS C 48 28.83 -48.14 -12.93
C HIS C 48 27.76 -48.00 -14.00
N LEU C 49 27.77 -48.88 -15.01
CA LEU C 49 26.84 -48.79 -16.15
C LEU C 49 26.35 -50.18 -16.55
N ILE C 50 25.06 -50.42 -16.44
CA ILE C 50 24.50 -51.77 -16.70
C ILE C 50 23.32 -51.62 -17.65
N ARG C 51 23.39 -52.29 -18.79
CA ARG C 51 22.26 -52.33 -19.74
C ARG C 51 21.31 -53.40 -19.21
N ILE C 52 20.02 -53.12 -19.25
CA ILE C 52 18.93 -54.02 -18.79
C ILE C 52 17.94 -54.14 -19.93
N GLU C 53 17.75 -55.36 -20.43
CA GLU C 53 16.83 -55.61 -21.56
C GLU C 53 15.80 -56.65 -21.17
N TYR C 54 14.64 -56.57 -21.81
CA TYR C 54 13.54 -57.57 -21.78
C TYR C 54 13.20 -57.95 -23.22
N SER C 55 13.00 -59.24 -23.47
CA SER C 55 12.53 -59.74 -24.79
C SER C 55 11.44 -60.82 -24.60
N GLU C 56 10.30 -60.64 -25.27
CA GLU C 56 9.24 -61.66 -25.38
C GLU C 56 9.79 -62.87 -26.14
N THR C 57 10.64 -62.65 -27.16
CA THR C 57 11.07 -63.68 -28.14
C THR C 57 12.35 -64.41 -27.69
N GLY C 58 13.01 -64.00 -26.61
CA GLY C 58 14.36 -64.52 -26.28
C GLY C 58 15.43 -64.07 -27.27
N GLU C 59 15.11 -63.18 -28.23
CA GLU C 59 16.14 -62.48 -29.06
C GLU C 59 16.40 -61.08 -28.49
N PHE C 60 17.67 -60.74 -28.24
CA PHE C 60 18.08 -59.42 -27.71
C PHE C 60 18.74 -58.60 -28.83
N GLU C 61 18.62 -57.28 -28.72
CA GLU C 61 19.00 -56.31 -29.76
C GLU C 61 20.50 -56.02 -29.69
N GLU C 62 21.21 -56.28 -30.80
CA GLU C 62 22.66 -56.02 -30.96
C GLU C 62 22.85 -54.75 -31.78
N ARG C 63 21.86 -54.35 -32.57
CA ARG C 63 21.99 -53.22 -33.53
C ARG C 63 22.08 -51.91 -32.74
N MET C 64 22.64 -50.88 -33.38
CA MET C 64 22.63 -49.47 -32.89
C MET C 64 21.19 -48.98 -32.85
N THR C 65 20.93 -47.96 -32.04
CA THR C 65 19.64 -47.23 -32.00
C THR C 65 19.91 -45.74 -32.27
N GLN C 66 18.83 -44.97 -32.48
CA GLN C 66 18.89 -43.49 -32.54
C GLN C 66 19.86 -43.01 -31.45
N MET C 67 19.77 -43.57 -30.25
CA MET C 67 20.53 -43.04 -29.10
C MET C 67 21.90 -43.71 -29.01
N VAL C 68 21.96 -45.05 -29.08
CA VAL C 68 23.18 -45.82 -28.72
C VAL C 68 23.92 -46.20 -30.00
N GLN C 69 25.24 -45.94 -30.03
CA GLN C 69 26.11 -46.10 -31.24
C GLN C 69 27.22 -47.13 -30.97
N ASN C 70 27.50 -47.47 -29.71
CA ASN C 70 28.66 -48.32 -29.38
C ASN C 70 28.45 -49.00 -28.03
N ARG C 71 28.44 -50.34 -27.99
CA ARG C 71 28.36 -51.11 -26.71
C ARG C 71 29.67 -51.87 -26.46
N GLU C 72 30.74 -51.56 -27.19
CA GLU C 72 32.11 -52.10 -26.94
C GLU C 72 32.71 -51.34 -25.76
N PHE C 73 32.88 -52.01 -24.62
CA PHE C 73 33.54 -51.48 -23.40
C PHE C 73 34.50 -52.56 -22.88
N SER C 74 35.60 -52.16 -22.24
CA SER C 74 36.60 -53.09 -21.66
C SER C 74 35.97 -53.88 -20.52
N GLU C 75 36.42 -55.12 -20.31
CA GLU C 75 35.89 -56.07 -19.28
C GLU C 75 35.99 -55.41 -17.91
N VAL C 76 35.10 -55.80 -17.00
CA VAL C 76 35.10 -55.30 -15.61
C VAL C 76 34.79 -56.46 -14.66
N ASN C 77 35.27 -56.33 -13.44
CA ASN C 77 35.06 -57.24 -12.31
C ASN C 77 33.68 -56.92 -11.70
N PHE C 78 32.89 -57.94 -11.38
CA PHE C 78 31.62 -57.80 -10.65
C PHE C 78 31.25 -59.18 -10.10
N ASP C 79 30.31 -59.24 -9.16
CA ASP C 79 29.81 -60.50 -8.53
C ASP C 79 28.35 -60.73 -8.90
N ILE C 80 27.96 -62.01 -8.97
CA ILE C 80 26.57 -62.48 -9.18
C ILE C 80 26.15 -63.35 -7.98
N ILE C 81 24.88 -63.26 -7.59
CA ILE C 81 24.19 -64.24 -6.71
C ILE C 81 22.94 -64.66 -7.47
N GLU C 82 23.04 -65.80 -8.16
CA GLU C 82 21.93 -66.42 -8.90
C GLU C 82 21.34 -67.53 -8.04
N LYS C 83 20.01 -67.55 -7.94
CA LYS C 83 19.23 -68.59 -7.25
C LYS C 83 18.17 -69.07 -8.24
N GLU C 84 17.29 -69.97 -7.78
CA GLU C 84 16.22 -70.55 -8.62
C GLU C 84 15.40 -69.41 -9.24
N GLU C 85 14.97 -68.46 -8.40
CA GLU C 85 13.85 -67.53 -8.71
C GLU C 85 14.34 -66.07 -8.82
N THR C 86 15.55 -65.76 -8.35
CA THR C 86 16.08 -64.37 -8.27
C THR C 86 17.52 -64.29 -8.79
N ILE C 87 17.97 -63.11 -9.21
CA ILE C 87 19.41 -62.82 -9.46
C ILE C 87 19.77 -61.46 -8.86
N GLU C 88 20.96 -61.36 -8.26
CA GLU C 88 21.57 -60.09 -7.82
C GLU C 88 22.91 -59.93 -8.54
N ILE C 89 23.08 -58.83 -9.27
CA ILE C 89 24.37 -58.35 -9.84
C ILE C 89 24.95 -57.31 -8.87
N ILE C 90 26.16 -57.54 -8.34
CA ILE C 90 26.86 -56.58 -7.43
C ILE C 90 28.11 -56.04 -8.12
N THR C 91 28.24 -54.70 -8.22
CA THR C 91 29.47 -53.98 -8.62
C THR C 91 30.03 -53.23 -7.41
N SER C 92 31.10 -52.45 -7.61
CA SER C 92 31.69 -51.49 -6.62
C SER C 92 30.63 -50.47 -6.14
N THR C 93 29.59 -50.15 -6.92
CA THR C 93 28.68 -49.00 -6.59
C THR C 93 27.20 -49.41 -6.60
N VAL C 94 26.81 -50.55 -7.17
CA VAL C 94 25.36 -50.89 -7.23
C VAL C 94 25.10 -52.38 -6.99
N HIS C 95 23.98 -52.68 -6.30
CA HIS C 95 23.30 -54.00 -6.25
C HIS C 95 22.09 -53.90 -7.16
N LEU C 96 22.05 -54.66 -8.25
CA LEU C 96 20.89 -54.67 -9.17
C LEU C 96 20.17 -56.00 -8.99
N TYR C 97 18.87 -55.96 -8.66
CA TYR C 97 18.06 -57.16 -8.35
C TYR C 97 17.01 -57.35 -9.43
N TYR C 98 16.77 -58.62 -9.80
CA TYR C 98 15.67 -59.04 -10.71
C TYR C 98 15.07 -60.34 -10.13
N ASN C 99 13.76 -60.35 -9.83
CA ASN C 99 13.05 -61.48 -9.17
C ASN C 99 12.23 -62.27 -10.20
N GLY C 100 12.50 -62.09 -11.50
CA GLY C 100 11.81 -62.83 -12.57
C GLY C 100 10.46 -62.23 -12.87
N GLY C 101 9.81 -62.69 -13.95
CA GLY C 101 8.54 -62.15 -14.46
C GLY C 101 8.75 -60.87 -15.27
N GLU C 102 7.66 -60.22 -15.64
CA GLU C 102 7.68 -58.94 -16.38
C GLU C 102 8.38 -57.88 -15.51
N PHE C 103 9.01 -56.88 -16.14
CA PHE C 103 9.66 -55.78 -15.39
C PHE C 103 8.54 -54.97 -14.72
N THR C 104 8.60 -54.82 -13.40
CA THR C 104 7.71 -53.98 -12.56
C THR C 104 8.58 -53.26 -11.53
N ASN C 105 8.02 -52.26 -10.85
CA ASN C 105 8.73 -51.58 -9.73
C ASN C 105 9.08 -52.56 -8.60
N ALA C 106 8.38 -53.70 -8.51
CA ALA C 106 8.64 -54.73 -7.48
C ALA C 106 9.66 -55.78 -7.97
N SER C 107 9.72 -56.07 -9.28
CA SER C 107 10.53 -57.21 -9.82
C SER C 107 11.93 -56.76 -10.23
N LEU C 108 12.15 -55.47 -10.46
CA LEU C 108 13.44 -54.92 -10.97
C LEU C 108 13.72 -53.62 -10.21
N PHE C 109 14.81 -53.60 -9.47
CA PHE C 109 15.18 -52.47 -8.60
C PHE C 109 16.65 -52.65 -8.23
N ALA C 110 17.27 -51.61 -7.66
CA ALA C 110 18.71 -51.51 -7.40
C ALA C 110 18.96 -50.66 -6.17
N ASP C 111 19.92 -51.02 -5.34
CA ASP C 111 20.41 -50.20 -4.21
C ASP C 111 21.82 -49.73 -4.54
N VAL C 112 22.07 -48.41 -4.52
CA VAL C 112 23.45 -47.90 -4.76
C VAL C 112 24.20 -48.03 -3.46
N LYS C 113 25.52 -48.18 -3.59
CA LYS C 113 26.44 -48.38 -2.46
C LYS C 113 27.03 -47.02 -2.11
N PHE C 114 26.15 -46.06 -1.81
CA PHE C 114 26.53 -44.68 -1.44
C PHE C 114 25.58 -44.24 -0.32
N ASN C 115 25.98 -43.22 0.43
CA ASN C 115 25.15 -42.68 1.54
C ASN C 115 24.88 -41.18 1.33
N PHE C 116 24.66 -40.75 0.09
CA PHE C 116 24.35 -39.34 -0.25
C PHE C 116 22.95 -38.93 0.22
N SER C 117 22.04 -39.88 0.46
CA SER C 117 20.70 -39.64 1.05
C SER C 117 20.46 -40.64 2.18
N VAL C 118 19.47 -40.38 3.03
CA VAL C 118 19.06 -41.38 4.06
C VAL C 118 18.19 -42.49 3.42
N TYR C 119 17.33 -42.24 2.45
CA TYR C 119 16.44 -43.31 1.92
C TYR C 119 15.97 -43.03 0.49
N SER C 120 16.79 -42.33 -0.30
CA SER C 120 16.58 -42.18 -1.76
C SER C 120 17.73 -42.89 -2.50
N ASN C 121 18.20 -44.01 -1.95
CA ASN C 121 19.34 -44.80 -2.51
C ASN C 121 18.83 -45.99 -3.34
N ARG C 122 17.54 -46.09 -3.56
CA ARG C 122 16.95 -47.23 -4.30
C ARG C 122 16.27 -46.77 -5.58
N TRP C 123 16.61 -47.44 -6.68
CA TRP C 123 15.96 -47.31 -8.00
C TRP C 123 14.88 -48.39 -8.10
N TYR C 124 13.66 -48.00 -8.45
CA TYR C 124 12.56 -48.94 -8.76
C TYR C 124 12.21 -48.75 -10.23
N PHE C 125 12.08 -49.85 -10.98
CA PHE C 125 11.76 -49.78 -12.41
C PHE C 125 10.47 -48.97 -12.62
N GLY C 126 10.55 -47.98 -13.50
CA GLY C 126 9.40 -47.17 -13.93
C GLY C 126 9.02 -46.08 -12.93
N GLU C 127 9.74 -45.94 -11.81
CA GLU C 127 9.49 -44.91 -10.77
C GLU C 127 10.53 -43.79 -10.89
N LYS C 128 10.12 -42.58 -10.57
CA LYS C 128 11.03 -41.41 -10.42
C LYS C 128 11.53 -41.43 -8.98
N SER C 129 12.77 -41.03 -8.76
CA SER C 129 13.38 -40.80 -7.44
C SER C 129 13.95 -39.38 -7.44
N ASP C 130 14.21 -38.79 -6.27
CA ASP C 130 14.72 -37.41 -6.24
C ASP C 130 16.24 -37.45 -6.46
N GLY C 131 16.83 -36.28 -6.59
CA GLY C 131 18.28 -36.13 -6.75
C GLY C 131 18.66 -35.74 -8.17
N ASN C 132 17.82 -35.99 -9.18
CA ASN C 132 18.25 -35.83 -10.60
C ASN C 132 18.56 -34.35 -10.85
N LEU C 133 19.72 -34.04 -11.43
CA LEU C 133 20.24 -32.65 -11.62
C LEU C 133 19.80 -32.09 -12.97
N LYS C 134 18.99 -32.85 -13.71
CA LYS C 134 18.24 -32.42 -14.91
C LYS C 134 19.21 -32.34 -16.10
N GLY C 135 18.65 -32.17 -17.28
CA GLY C 135 19.39 -32.12 -18.56
C GLY C 135 18.96 -30.95 -19.41
N THR C 136 18.14 -31.18 -20.43
CA THR C 136 17.70 -30.11 -21.35
C THR C 136 16.33 -30.42 -21.92
N THR C 137 15.93 -29.66 -22.91
CA THR C 137 14.64 -29.83 -23.58
C THR C 137 14.81 -29.39 -25.03
N ARG C 138 13.83 -29.68 -25.86
CA ARG C 138 13.82 -29.42 -27.32
C ARG C 138 14.18 -27.95 -27.59
N THR C 139 13.59 -27.01 -26.84
CA THR C 139 13.54 -25.61 -27.31
C THR C 139 13.13 -24.64 -26.18
N LEU C 140 13.52 -23.39 -26.37
CA LEU C 140 12.99 -22.25 -25.55
C LEU C 140 11.96 -21.47 -26.35
N ASP C 141 11.39 -22.04 -27.42
CA ASP C 141 10.34 -21.39 -28.22
C ASP C 141 9.21 -20.93 -27.26
N MET C 142 8.92 -19.63 -27.29
CA MET C 142 7.79 -19.01 -26.54
C MET C 142 8.05 -19.06 -25.03
N ILE C 143 9.27 -19.32 -24.57
CA ILE C 143 9.53 -19.43 -23.11
C ILE C 143 10.01 -18.08 -22.58
N ASP C 144 9.27 -17.54 -21.62
CA ASP C 144 9.63 -16.30 -20.89
C ASP C 144 10.13 -16.72 -19.52
N GLY C 145 11.45 -16.75 -19.32
CA GLY C 145 12.02 -17.23 -18.06
C GLY C 145 12.21 -18.72 -18.10
N GLU C 146 11.84 -19.39 -17.01
CA GLU C 146 12.17 -20.83 -16.79
C GLU C 146 11.17 -21.77 -17.50
N CYS C 147 11.61 -22.97 -17.92
CA CYS C 147 10.70 -24.07 -18.32
C CYS C 147 11.18 -25.37 -17.70
N PRO C 148 10.28 -26.39 -17.65
CA PRO C 148 10.71 -27.70 -17.21
C PRO C 148 11.79 -28.27 -18.14
N LEU C 149 12.70 -29.01 -17.52
CA LEU C 149 13.76 -29.75 -18.23
C LEU C 149 13.49 -31.23 -18.07
N GLU C 150 13.90 -32.02 -19.06
CA GLU C 150 13.96 -33.49 -18.94
C GLU C 150 15.10 -33.83 -17.98
N ASP C 151 15.06 -35.06 -17.47
CA ASP C 151 16.12 -35.63 -16.60
C ASP C 151 17.40 -35.76 -17.44
N GLY C 152 18.54 -35.75 -16.76
CA GLY C 152 19.82 -36.13 -17.36
C GLY C 152 20.36 -37.36 -16.64
N ILE C 153 21.65 -37.67 -16.82
CA ILE C 153 22.26 -38.90 -16.27
C ILE C 153 22.93 -38.58 -14.94
N MET C 154 22.82 -37.34 -14.45
CA MET C 154 23.51 -36.93 -13.21
C MET C 154 22.48 -36.81 -12.09
N SER C 155 22.84 -37.27 -10.89
CA SER C 155 21.98 -37.24 -9.70
C SER C 155 22.88 -37.06 -8.50
N LYS C 156 22.45 -36.20 -7.57
CA LYS C 156 23.15 -35.97 -6.29
C LYS C 156 23.16 -37.24 -5.44
N ASN C 157 22.25 -38.17 -5.70
CA ASN C 157 22.13 -39.44 -4.93
C ASN C 157 22.87 -40.57 -5.68
N GLY C 158 23.35 -40.33 -6.91
CA GLY C 158 24.39 -41.17 -7.53
C GLY C 158 23.92 -42.19 -8.55
N PHE C 159 22.64 -42.21 -8.92
CA PHE C 159 22.14 -43.06 -10.01
C PHE C 159 21.11 -42.34 -10.87
N ALA C 160 21.00 -42.75 -12.12
CA ALA C 160 19.95 -42.35 -13.09
C ALA C 160 19.72 -43.50 -14.02
N VAL C 161 18.57 -43.53 -14.68
CA VAL C 161 18.27 -44.56 -15.70
C VAL C 161 17.93 -43.81 -16.97
N LEU C 162 18.63 -44.14 -18.03
CA LEU C 162 18.39 -43.61 -19.37
C LEU C 162 17.70 -44.73 -20.14
N ALA C 163 16.41 -44.56 -20.40
CA ALA C 163 15.60 -45.48 -21.23
C ALA C 163 16.03 -45.31 -22.69
N ASP C 164 16.26 -46.42 -23.38
CA ASP C 164 16.40 -46.36 -24.85
C ASP C 164 15.05 -46.74 -25.42
N LYS C 165 14.28 -45.75 -25.87
CA LYS C 165 12.94 -46.00 -26.45
C LYS C 165 13.01 -45.91 -27.97
N GLY C 166 14.19 -45.66 -28.53
CA GLY C 166 14.30 -45.31 -29.96
C GLY C 166 14.29 -46.51 -30.87
N LYS C 167 14.24 -46.26 -32.17
CA LYS C 167 14.28 -47.30 -33.22
C LYS C 167 15.72 -47.75 -33.38
N VAL C 168 15.89 -48.92 -33.99
CA VAL C 168 17.23 -49.48 -34.33
C VAL C 168 17.67 -48.88 -35.66
N LEU C 169 18.99 -48.75 -35.84
CA LEU C 169 19.60 -48.30 -37.12
C LEU C 169 20.23 -49.49 -37.85
N THR C 170 20.31 -49.38 -39.18
CA THR C 170 21.17 -50.23 -40.03
C THR C 170 22.64 -49.81 -39.80
N GLU C 171 23.57 -50.62 -40.30
CA GLU C 171 25.03 -50.36 -40.27
C GLU C 171 25.30 -48.92 -40.69
N VAL C 172 24.65 -48.47 -41.76
CA VAL C 172 24.93 -47.19 -42.47
C VAL C 172 24.03 -46.06 -41.91
N GLY C 173 23.25 -46.32 -40.86
CA GLY C 173 22.54 -45.27 -40.09
C GLY C 173 21.21 -44.87 -40.69
N ASP C 174 20.46 -45.81 -41.27
CA ASP C 174 19.03 -45.60 -41.63
C ASP C 174 18.18 -46.24 -40.53
N ILE C 175 16.92 -45.85 -40.42
CA ILE C 175 15.94 -46.43 -39.45
C ILE C 175 15.64 -47.86 -39.90
N ALA C 176 15.90 -48.86 -39.04
CA ALA C 176 15.74 -50.31 -39.32
C ALA C 176 14.37 -50.83 -38.85
N GLY C 177 13.71 -50.17 -37.91
CA GLY C 177 12.40 -50.57 -37.36
C GLY C 177 12.48 -50.65 -35.85
N ASN C 178 11.60 -51.46 -35.22
CA ASN C 178 11.55 -51.62 -33.73
C ASN C 178 12.64 -52.56 -33.25
N SER C 179 13.16 -52.29 -32.05
CA SER C 179 14.15 -53.13 -31.33
C SER C 179 13.50 -54.48 -30.95
N VAL C 180 14.29 -55.54 -30.91
CA VAL C 180 13.79 -56.85 -30.40
C VAL C 180 13.87 -56.80 -28.88
N SER C 181 14.68 -55.91 -28.31
CA SER C 181 14.70 -55.65 -26.85
C SER C 181 13.59 -54.64 -26.49
N THR C 182 12.35 -55.11 -26.34
CA THR C 182 11.13 -54.26 -26.20
C THR C 182 11.20 -53.37 -24.93
N ILE C 183 12.05 -53.70 -23.95
CA ILE C 183 12.53 -52.77 -22.88
C ILE C 183 14.06 -52.79 -22.94
N ASP C 184 14.68 -51.62 -23.04
CA ASP C 184 16.16 -51.47 -23.09
C ASP C 184 16.55 -50.22 -22.29
N LEU C 185 17.20 -50.39 -21.13
CA LEU C 185 17.56 -49.32 -20.16
C LEU C 185 19.05 -49.35 -19.87
N TYR C 186 19.59 -48.20 -19.48
CA TYR C 186 20.98 -48.05 -19.01
C TYR C 186 20.94 -47.47 -17.61
N LEU C 187 21.33 -48.30 -16.63
CA LEU C 187 21.43 -47.90 -15.21
C LEU C 187 22.82 -47.31 -14.98
N PHE C 188 22.87 -46.01 -14.71
CA PHE C 188 24.11 -45.25 -14.39
C PHE C 188 24.19 -45.19 -12.89
N ALA C 189 25.29 -45.65 -12.31
CA ALA C 189 25.51 -45.64 -10.85
C ALA C 189 26.89 -45.11 -10.54
N TYR C 190 27.22 -43.94 -11.11
CA TYR C 190 28.56 -43.30 -10.99
C TYR C 190 28.68 -42.50 -9.68
N GLY C 191 27.62 -42.38 -8.88
CA GLY C 191 27.75 -41.55 -7.66
C GLY C 191 27.75 -40.09 -8.06
N ARG C 192 28.74 -39.35 -7.56
CA ARG C 192 28.99 -37.94 -7.95
C ARG C 192 30.25 -37.83 -8.79
N ASP C 193 30.72 -38.91 -9.41
CA ASP C 193 31.77 -38.83 -10.46
C ASP C 193 31.08 -38.43 -11.77
N TYR C 194 30.67 -37.16 -11.86
CA TYR C 194 29.79 -36.71 -12.97
C TYR C 194 30.59 -36.76 -14.28
N ARG C 195 31.88 -36.38 -14.21
CA ARG C 195 32.76 -36.30 -15.39
C ARG C 195 32.84 -37.67 -16.07
N GLN C 196 33.03 -38.73 -15.26
CA GLN C 196 33.21 -40.12 -15.75
C GLN C 196 31.88 -40.62 -16.30
N ALA C 197 30.77 -40.27 -15.66
CA ALA C 197 29.46 -40.66 -16.20
C ALA C 197 29.32 -40.08 -17.61
N LEU C 198 29.71 -38.81 -17.81
CA LEU C 198 29.54 -38.13 -19.12
C LEU C 198 30.47 -38.76 -20.17
N LYS C 199 31.73 -39.01 -19.82
CA LYS C 199 32.67 -39.75 -20.72
C LYS C 199 32.01 -41.06 -21.19
N ASP C 200 31.52 -41.87 -20.24
CA ASP C 200 30.99 -43.20 -20.56
C ASP C 200 29.69 -43.05 -21.36
N PHE C 201 28.86 -42.06 -21.04
CA PHE C 201 27.66 -41.75 -21.87
C PHE C 201 28.08 -41.51 -23.33
N TYR C 202 29.17 -40.78 -23.55
CA TYR C 202 29.69 -40.44 -24.91
C TYR C 202 30.22 -41.72 -25.60
N GLN C 203 30.92 -42.56 -24.85
CA GLN C 203 31.38 -43.88 -25.38
C GLN C 203 30.15 -44.69 -25.83
N LEU C 204 29.08 -44.67 -25.03
CA LEU C 204 27.82 -45.39 -25.38
C LEU C 204 27.13 -44.74 -26.58
N THR C 205 27.01 -43.38 -26.61
CA THR C 205 26.10 -42.69 -27.56
C THR C 205 26.89 -42.11 -28.73
N GLY C 206 28.23 -42.17 -28.70
CA GLY C 206 29.07 -41.56 -29.73
C GLY C 206 29.52 -40.18 -29.24
N ASN C 207 30.80 -39.86 -29.41
CA ASN C 207 31.38 -38.58 -28.93
C ASN C 207 30.78 -37.45 -29.80
N THR C 208 30.79 -36.24 -29.25
CA THR C 208 30.44 -35.03 -30.01
C THR C 208 31.48 -34.89 -31.11
N PRO C 209 31.09 -34.69 -32.38
CA PRO C 209 32.07 -34.42 -33.44
C PRO C 209 32.80 -33.11 -33.16
N LYS C 210 34.02 -32.97 -33.69
CA LYS C 210 34.76 -31.68 -33.71
C LYS C 210 33.90 -30.62 -34.38
N LEU C 211 33.81 -29.44 -33.77
CA LEU C 211 33.30 -28.24 -34.49
C LEU C 211 34.41 -27.70 -35.39
N PRO C 212 34.02 -27.08 -36.52
CA PRO C 212 34.95 -26.24 -37.26
C PRO C 212 35.16 -24.93 -36.49
N ARG C 213 36.37 -24.37 -36.53
CA ARG C 213 36.75 -23.12 -35.83
C ARG C 213 35.72 -22.01 -36.12
N PHE C 214 35.22 -21.90 -37.36
CA PHE C 214 34.37 -20.76 -37.78
C PHE C 214 33.12 -20.67 -36.89
N ALA C 215 32.66 -21.79 -36.32
CA ALA C 215 31.41 -21.87 -35.52
C ALA C 215 31.60 -21.13 -34.20
N LEU C 216 32.84 -20.83 -33.80
CA LEU C 216 33.17 -20.29 -32.46
C LEU C 216 33.34 -18.78 -32.47
N GLY C 217 33.27 -18.14 -33.63
CA GLY C 217 33.30 -16.67 -33.75
C GLY C 217 31.87 -16.11 -33.62
N ASN C 218 31.68 -14.82 -33.90
CA ASN C 218 30.36 -14.17 -33.78
C ASN C 218 29.55 -14.49 -35.03
N TRP C 219 28.25 -14.67 -34.88
CA TRP C 219 27.29 -14.82 -35.99
C TRP C 219 26.39 -13.59 -35.99
N TRP C 220 26.07 -13.12 -37.18
CA TRP C 220 25.00 -12.12 -37.42
C TRP C 220 23.77 -12.81 -37.98
N SER C 221 22.64 -12.49 -37.38
CA SER C 221 21.33 -13.04 -37.79
C SER C 221 20.27 -12.01 -37.41
N ARG C 222 19.28 -11.86 -38.29
CA ARG C 222 18.11 -11.00 -38.06
C ARG C 222 17.00 -11.43 -39.01
N TYR C 223 15.82 -11.66 -38.44
CA TYR C 223 14.58 -11.93 -39.20
C TYR C 223 14.17 -10.60 -39.81
N TYR C 224 14.69 -10.29 -40.99
CA TYR C 224 14.63 -8.95 -41.60
C TYR C 224 14.85 -9.12 -43.09
N ASP C 225 14.05 -8.42 -43.91
CA ASP C 225 14.04 -8.61 -45.39
C ASP C 225 15.17 -7.80 -46.03
N TYR C 226 16.41 -8.14 -45.70
CA TYR C 226 17.59 -7.51 -46.34
C TYR C 226 17.55 -7.76 -47.84
N SER C 227 18.11 -6.83 -48.61
CA SER C 227 18.60 -7.06 -50.00
C SER C 227 20.05 -7.58 -49.97
N ASP C 228 20.57 -8.11 -51.09
CA ASP C 228 22.02 -8.39 -51.18
C ASP C 228 22.82 -7.12 -50.79
N LYS C 229 22.41 -5.97 -51.32
CA LYS C 229 23.15 -4.70 -51.11
C LYS C 229 23.12 -4.32 -49.62
N SER C 230 21.94 -4.38 -48.99
CA SER C 230 21.79 -3.87 -47.61
C SER C 230 22.49 -4.85 -46.67
N TYR C 231 22.46 -6.15 -46.99
CA TYR C 231 23.17 -7.15 -46.16
C TYR C 231 24.69 -6.93 -46.25
N LEU C 232 25.25 -6.77 -47.46
CA LEU C 232 26.72 -6.57 -47.58
C LEU C 232 27.09 -5.22 -46.95
N ALA C 233 26.26 -4.18 -47.09
CA ALA C 233 26.54 -2.87 -46.46
C ALA C 233 26.66 -3.08 -44.95
N LEU C 234 25.82 -3.94 -44.35
CA LEU C 234 25.88 -4.17 -42.88
C LEU C 234 27.17 -4.93 -42.53
N MET C 235 27.51 -5.96 -43.30
CA MET C 235 28.78 -6.70 -43.06
C MET C 235 29.96 -5.73 -43.14
N ASP C 236 29.97 -4.80 -44.10
CA ASP C 236 31.06 -3.80 -44.24
C ASP C 236 30.99 -2.83 -43.05
N LYS C 237 29.77 -2.53 -42.55
CA LYS C 237 29.69 -1.63 -41.38
C LYS C 237 30.28 -2.32 -40.16
N PHE C 238 30.04 -3.64 -40.01
CA PHE C 238 30.65 -4.42 -38.90
C PHE C 238 32.18 -4.26 -38.97
N THR C 239 32.73 -4.40 -40.18
CA THR C 239 34.19 -4.21 -40.40
C THR C 239 34.62 -2.81 -39.96
N ASP C 240 33.92 -1.76 -40.41
CA ASP C 240 34.23 -0.34 -40.07
C ASP C 240 34.16 -0.16 -38.55
N LYS C 241 33.26 -0.87 -37.88
CA LYS C 241 33.00 -0.69 -36.43
C LYS C 241 33.93 -1.57 -35.62
N LYS C 242 34.78 -2.36 -36.27
CA LYS C 242 35.79 -3.15 -35.56
C LYS C 242 35.10 -4.30 -34.82
N VAL C 243 34.05 -4.85 -35.41
CA VAL C 243 33.34 -6.04 -34.86
C VAL C 243 33.61 -7.22 -35.78
N PRO C 244 34.41 -8.21 -35.32
CA PRO C 244 34.65 -9.41 -36.13
C PRO C 244 33.40 -10.31 -36.22
N LEU C 245 33.16 -10.94 -37.38
CA LEU C 245 32.12 -11.97 -37.57
C LEU C 245 32.73 -13.19 -38.25
N SER C 246 32.23 -14.39 -37.96
CA SER C 246 32.55 -15.65 -38.68
C SER C 246 31.39 -16.12 -39.57
N VAL C 247 30.14 -15.83 -39.18
CA VAL C 247 28.97 -16.40 -39.90
C VAL C 247 27.99 -15.30 -40.24
N SER C 248 27.51 -15.33 -41.49
CA SER C 248 26.39 -14.55 -42.02
C SER C 248 25.19 -15.47 -42.09
N VAL C 249 24.21 -15.28 -41.23
CA VAL C 249 22.92 -15.99 -41.35
C VAL C 249 21.99 -15.16 -42.25
N ILE C 250 21.31 -15.84 -43.17
CA ILE C 250 20.20 -15.25 -43.96
C ILE C 250 18.91 -15.95 -43.54
N ASP C 251 18.00 -15.19 -42.93
CA ASP C 251 16.71 -15.71 -42.45
C ASP C 251 15.75 -15.77 -43.64
N MET C 252 14.55 -16.32 -43.36
CA MET C 252 13.53 -16.80 -44.31
C MET C 252 13.22 -15.83 -45.43
N ASP C 253 13.44 -14.51 -45.25
CA ASP C 253 13.15 -13.49 -46.29
C ASP C 253 14.12 -13.64 -47.48
N TRP C 254 15.10 -14.53 -47.39
CA TRP C 254 15.90 -14.93 -48.59
C TRP C 254 14.97 -15.46 -49.68
N HIS C 255 13.92 -16.17 -49.32
CA HIS C 255 13.04 -16.88 -50.28
C HIS C 255 11.74 -16.10 -50.48
N LYS C 256 10.94 -16.49 -51.48
CA LYS C 256 9.60 -15.88 -51.67
C LYS C 256 8.80 -16.04 -50.36
N VAL C 257 8.07 -14.99 -49.98
CA VAL C 257 7.14 -15.06 -48.81
C VAL C 257 5.78 -14.49 -49.23
N SER C 258 5.63 -13.16 -49.29
CA SER C 258 4.29 -12.55 -49.54
C SER C 258 3.81 -12.91 -50.96
N GLU C 259 4.74 -13.18 -51.89
CA GLU C 259 4.42 -13.44 -53.32
C GLU C 259 3.71 -14.78 -53.51
N VAL C 260 3.88 -15.72 -52.58
CA VAL C 260 3.37 -17.11 -52.74
C VAL C 260 1.85 -17.07 -52.82
N PRO C 261 1.22 -17.50 -53.94
CA PRO C 261 -0.24 -17.51 -54.01
C PRO C 261 -0.85 -18.31 -52.86
N SER C 262 -1.95 -17.81 -52.30
CA SER C 262 -2.50 -18.28 -51.01
C SER C 262 -3.03 -19.71 -51.18
N ARG C 263 -3.35 -20.14 -52.40
CA ARG C 263 -3.86 -21.53 -52.60
C ARG C 263 -2.78 -22.54 -52.19
N PHE C 264 -1.52 -22.11 -52.10
CA PHE C 264 -0.39 -23.01 -51.76
C PHE C 264 -0.26 -23.13 -50.24
N GLY C 265 -0.99 -22.36 -49.44
CA GLY C 265 -0.61 -22.17 -48.03
C GLY C 265 0.21 -20.90 -47.85
N SER C 266 1.02 -20.85 -46.80
CA SER C 266 1.85 -19.66 -46.45
C SER C 266 3.16 -19.63 -47.24
N GLY C 267 3.93 -18.56 -47.06
CA GLY C 267 5.31 -18.49 -47.59
C GLY C 267 6.36 -18.84 -46.55
N TRP C 268 5.99 -19.52 -45.46
CA TRP C 268 6.90 -19.91 -44.36
C TRP C 268 7.98 -20.87 -44.91
N THR C 269 7.52 -21.93 -45.54
CA THR C 269 8.41 -22.84 -46.30
C THR C 269 8.79 -22.16 -47.60
N GLY C 270 10.08 -22.20 -47.95
CA GLY C 270 10.54 -21.64 -49.23
C GLY C 270 11.90 -22.15 -49.63
N TYR C 271 12.05 -22.42 -50.93
CA TYR C 271 13.34 -22.87 -51.51
C TYR C 271 13.70 -22.05 -52.73
N SER C 272 12.96 -20.97 -53.02
CA SER C 272 13.12 -20.12 -54.23
C SER C 272 13.53 -18.71 -53.81
N TRP C 273 14.72 -18.26 -54.20
CA TRP C 273 15.19 -16.89 -53.93
C TRP C 273 14.13 -15.89 -54.33
N ASN C 274 13.91 -14.92 -53.45
CA ASN C 274 13.29 -13.61 -53.75
C ASN C 274 14.30 -12.80 -54.59
N LYS C 275 14.11 -12.77 -55.91
CA LYS C 275 15.10 -12.22 -56.87
C LYS C 275 15.01 -10.69 -56.89
N LYS C 276 13.93 -10.10 -56.35
CA LYS C 276 13.86 -8.63 -56.12
C LYS C 276 14.91 -8.24 -55.08
N LEU C 277 15.18 -9.09 -54.09
CA LEU C 277 16.14 -8.78 -52.99
C LEU C 277 17.53 -9.35 -53.31
N PHE C 278 17.57 -10.51 -53.98
CA PHE C 278 18.80 -11.24 -54.33
C PHE C 278 18.76 -11.57 -55.82
N PRO C 279 18.93 -10.57 -56.72
CA PRO C 279 18.88 -10.80 -58.16
C PRO C 279 19.94 -11.78 -58.70
N ASN C 280 21.05 -11.95 -57.97
CA ASN C 280 22.22 -12.82 -58.31
C ASN C 280 22.72 -13.48 -57.04
N PRO C 281 22.06 -14.57 -56.57
CA PRO C 281 22.38 -15.18 -55.29
C PRO C 281 23.80 -15.72 -55.20
N GLU C 282 24.29 -16.39 -56.25
CA GLU C 282 25.69 -16.88 -56.25
C GLU C 282 26.69 -15.75 -56.03
N ASN C 283 26.53 -14.62 -56.73
CA ASN C 283 27.43 -13.45 -56.60
C ASN C 283 27.40 -12.88 -55.17
N PHE C 284 26.21 -12.80 -54.57
CA PHE C 284 25.99 -12.34 -53.18
C PHE C 284 26.77 -13.23 -52.23
N ILE C 285 26.63 -14.55 -52.42
CA ILE C 285 27.32 -15.51 -51.51
C ILE C 285 28.84 -15.46 -51.76
N ASP C 286 29.28 -15.26 -53.02
CA ASP C 286 30.73 -15.02 -53.35
C ASP C 286 31.25 -13.84 -52.54
N GLU C 287 30.49 -12.74 -52.47
CA GLU C 287 30.87 -11.48 -51.76
C GLU C 287 31.04 -11.79 -50.27
N LEU C 288 30.10 -12.55 -49.69
CA LEU C 288 30.24 -12.97 -48.26
C LEU C 288 31.49 -13.85 -48.10
N HIS C 289 31.69 -14.83 -48.99
CA HIS C 289 32.89 -15.70 -48.97
C HIS C 289 34.17 -14.86 -49.06
N GLN C 290 34.20 -13.81 -49.88
CA GLN C 290 35.37 -12.88 -50.01
C GLN C 290 35.63 -12.17 -48.69
N ARG C 291 34.59 -11.89 -47.89
CA ARG C 291 34.71 -11.27 -46.54
C ARG C 291 35.04 -12.33 -45.49
N LYS C 292 35.31 -13.57 -45.92
CA LYS C 292 35.71 -14.69 -45.01
C LYS C 292 34.55 -15.02 -44.06
N LEU C 293 33.32 -15.07 -44.59
CA LEU C 293 32.10 -15.44 -43.83
C LEU C 293 31.57 -16.77 -44.35
N LYS C 294 31.11 -17.62 -43.44
CA LYS C 294 30.33 -18.82 -43.83
C LYS C 294 28.87 -18.41 -43.88
N VAL C 295 28.10 -19.04 -44.74
CA VAL C 295 26.73 -18.56 -45.08
C VAL C 295 25.78 -19.70 -44.82
N THR C 296 24.69 -19.42 -44.09
CA THR C 296 23.64 -20.41 -43.80
C THR C 296 22.31 -19.75 -44.06
N LEU C 297 21.39 -20.48 -44.66
CA LEU C 297 20.01 -20.02 -44.95
C LEU C 297 19.05 -20.69 -44.00
N ASN C 298 17.97 -19.99 -43.66
CA ASN C 298 16.86 -20.58 -42.88
C ASN C 298 16.12 -21.58 -43.77
N ASP C 299 15.88 -22.79 -43.24
CA ASP C 299 15.03 -23.81 -43.89
C ASP C 299 13.88 -24.19 -42.97
N HIS C 300 12.66 -23.83 -43.39
CA HIS C 300 11.36 -24.27 -42.84
C HIS C 300 10.86 -25.43 -43.69
N PRO C 301 11.17 -26.69 -43.33
CA PRO C 301 10.88 -27.84 -44.19
C PRO C 301 9.41 -28.27 -44.34
N ALA C 302 8.53 -27.88 -43.41
CA ALA C 302 7.26 -28.61 -43.12
C ALA C 302 6.27 -28.62 -44.29
N ASP C 303 6.23 -27.64 -45.18
CA ASP C 303 5.25 -27.62 -46.31
C ASP C 303 5.90 -28.17 -47.59
N GLY C 304 7.06 -28.80 -47.46
CA GLY C 304 7.71 -29.55 -48.57
C GLY C 304 8.01 -28.68 -49.77
N ILE C 305 7.90 -29.24 -50.97
CA ILE C 305 8.16 -28.52 -52.24
C ILE C 305 6.84 -28.45 -53.02
N ARG C 306 6.25 -27.26 -53.14
CA ARG C 306 4.94 -27.01 -53.78
C ARG C 306 5.19 -26.48 -55.20
N ALA C 307 4.12 -26.44 -56.00
CA ALA C 307 4.17 -26.29 -57.48
C ALA C 307 4.77 -24.94 -57.90
N PHE C 308 4.79 -23.91 -57.04
CA PHE C 308 5.31 -22.56 -57.43
C PHE C 308 6.85 -22.53 -57.33
N GLU C 309 7.48 -23.52 -56.68
CA GLU C 309 8.92 -23.45 -56.32
C GLU C 309 9.85 -23.70 -57.53
N ASP C 310 11.01 -23.05 -57.49
CA ASP C 310 12.08 -23.17 -58.50
C ASP C 310 12.47 -24.62 -58.71
N PRO C 311 12.81 -25.41 -57.67
CA PRO C 311 13.08 -26.84 -57.88
C PRO C 311 11.87 -27.75 -58.15
N TYR C 312 10.64 -27.24 -58.21
CA TYR C 312 9.45 -28.15 -58.25
C TYR C 312 9.48 -29.00 -59.52
N PRO C 313 9.68 -28.41 -60.72
CA PRO C 313 9.72 -29.22 -61.96
C PRO C 313 10.60 -30.46 -61.86
N GLN C 314 11.80 -30.33 -61.30
CA GLN C 314 12.81 -31.41 -61.13
C GLN C 314 12.27 -32.42 -60.10
N VAL C 315 11.84 -31.96 -58.91
CA VAL C 315 11.39 -32.84 -57.80
C VAL C 315 10.17 -33.63 -58.27
N ALA C 316 9.23 -33.00 -58.97
CA ALA C 316 7.98 -33.59 -59.48
C ALA C 316 8.32 -34.68 -60.50
N GLN C 317 9.33 -34.43 -61.35
CA GLN C 317 9.82 -35.42 -62.33
C GLN C 317 10.36 -36.62 -61.56
N THR C 318 11.26 -36.40 -60.59
CA THR C 318 11.92 -37.44 -59.73
C THR C 318 10.86 -38.24 -58.96
N LEU C 319 9.84 -37.58 -58.40
CA LEU C 319 8.89 -38.25 -57.46
C LEU C 319 7.60 -38.62 -58.22
N ASP C 320 7.55 -38.33 -59.52
CA ASP C 320 6.43 -38.65 -60.44
C ASP C 320 5.15 -38.02 -59.88
N LEU C 321 5.12 -36.68 -59.72
CA LEU C 321 3.94 -35.98 -59.17
C LEU C 321 3.11 -35.48 -60.34
N ASN C 322 1.79 -35.41 -60.13
CA ASN C 322 0.83 -34.81 -61.09
C ASN C 322 1.00 -33.28 -61.08
N THR C 323 1.74 -32.75 -62.05
CA THR C 323 2.09 -31.31 -62.12
C THR C 323 0.84 -30.50 -62.50
N GLU C 324 -0.06 -31.02 -63.34
CA GLU C 324 -1.23 -30.24 -63.82
C GLU C 324 -2.20 -30.02 -62.65
N LEU C 325 -2.26 -30.94 -61.68
CA LEU C 325 -3.05 -30.83 -60.42
C LEU C 325 -2.21 -30.17 -59.32
N GLU C 326 -1.00 -29.70 -59.66
CA GLU C 326 -0.06 -29.01 -58.73
C GLU C 326 0.16 -29.85 -57.48
N GLU C 327 0.27 -31.17 -57.64
CA GLU C 327 0.59 -32.08 -56.52
C GLU C 327 1.94 -31.72 -55.89
N ALA C 328 1.90 -31.46 -54.58
CA ALA C 328 3.05 -31.06 -53.77
C ALA C 328 3.90 -32.28 -53.44
N ALA C 329 5.20 -32.08 -53.37
CA ALA C 329 6.13 -33.00 -52.68
C ALA C 329 6.02 -32.69 -51.19
N LYS C 330 5.14 -33.39 -50.49
CA LYS C 330 4.87 -33.09 -49.05
C LYS C 330 6.07 -33.57 -48.26
N PHE C 331 6.36 -32.85 -47.18
CA PHE C 331 7.52 -33.16 -46.33
C PHE C 331 7.32 -34.55 -45.77
N ASP C 332 8.30 -35.44 -45.94
CA ASP C 332 8.19 -36.80 -45.38
C ASP C 332 9.57 -37.40 -45.26
N PHE C 333 10.18 -37.28 -44.08
CA PHE C 333 11.59 -37.67 -43.92
C PHE C 333 11.68 -39.16 -43.58
N ASP C 334 10.56 -39.87 -43.53
CA ASP C 334 10.51 -41.36 -43.47
C ASP C 334 10.69 -41.95 -44.88
N ASN C 335 10.57 -41.10 -45.92
CA ASN C 335 10.58 -41.52 -47.34
C ASN C 335 12.00 -41.30 -47.91
N LEU C 336 12.68 -42.37 -48.32
CA LEU C 336 14.08 -42.29 -48.83
C LEU C 336 14.10 -41.42 -50.08
N LYS C 337 13.06 -41.51 -50.92
CA LYS C 337 12.94 -40.77 -52.21
C LYS C 337 12.76 -39.27 -51.92
N PHE C 338 11.87 -38.91 -50.99
CA PHE C 338 11.77 -37.51 -50.49
C PHE C 338 13.13 -37.03 -49.97
N ARG C 339 13.81 -37.75 -49.08
CA ARG C 339 15.10 -37.26 -48.50
C ARG C 339 16.11 -37.02 -49.64
N LYS C 340 16.18 -37.98 -50.58
CA LYS C 340 17.11 -37.92 -51.72
C LYS C 340 16.84 -36.65 -52.53
N ALA C 341 15.59 -36.39 -52.92
CA ALA C 341 15.19 -35.17 -53.68
C ALA C 341 15.50 -33.91 -52.86
N TYR C 342 15.26 -33.92 -51.55
CA TYR C 342 15.45 -32.74 -50.65
C TYR C 342 16.93 -32.37 -50.62
N PHE C 343 17.81 -33.35 -50.46
CA PHE C 343 19.27 -33.08 -50.41
C PHE C 343 19.80 -32.70 -51.80
N GLU C 344 19.39 -33.44 -52.83
CA GLU C 344 20.08 -33.37 -54.15
C GLU C 344 19.43 -32.29 -55.02
N GLU C 345 18.09 -32.24 -55.07
CA GLU C 345 17.35 -31.37 -56.04
C GLU C 345 16.85 -30.07 -55.39
N VAL C 346 16.85 -30.00 -54.06
CA VAL C 346 16.39 -28.76 -53.35
C VAL C 346 17.59 -28.05 -52.70
N HIS C 347 18.23 -28.66 -51.71
CA HIS C 347 19.48 -28.12 -51.11
C HIS C 347 20.63 -28.08 -52.13
N GLY C 348 20.73 -29.08 -53.02
CA GLY C 348 21.83 -29.19 -54.01
C GLY C 348 22.09 -27.87 -54.75
N PRO C 349 21.12 -27.33 -55.53
CA PRO C 349 21.31 -26.08 -56.26
C PRO C 349 21.71 -24.89 -55.37
N LEU C 350 21.18 -24.84 -54.15
CA LEU C 350 21.47 -23.73 -53.20
C LEU C 350 22.90 -23.85 -52.70
N GLU C 351 23.34 -25.07 -52.38
CA GLU C 351 24.74 -25.35 -51.96
C GLU C 351 25.70 -25.01 -53.12
N LYS C 352 25.29 -25.27 -54.38
CA LYS C 352 26.13 -24.97 -55.56
C LYS C 352 26.23 -23.44 -55.70
N GLU C 353 25.22 -22.69 -55.26
CA GLU C 353 25.29 -21.19 -55.26
C GLU C 353 26.21 -20.75 -54.11
N GLY C 354 26.56 -21.63 -53.16
CA GLY C 354 27.60 -21.37 -52.14
C GLY C 354 27.15 -21.49 -50.69
N VAL C 355 25.88 -21.84 -50.43
CA VAL C 355 25.37 -22.04 -49.05
C VAL C 355 26.25 -23.07 -48.36
N ASP C 356 26.86 -22.69 -47.24
CA ASP C 356 27.85 -23.54 -46.51
C ASP C 356 27.20 -24.60 -45.62
N PHE C 357 26.11 -24.29 -44.94
CA PHE C 357 25.48 -25.20 -43.95
C PHE C 357 24.04 -24.74 -43.68
N TRP C 358 23.22 -25.62 -43.15
CA TRP C 358 21.75 -25.43 -43.12
C TRP C 358 21.28 -25.09 -41.71
N TRP C 359 20.42 -24.07 -41.63
CA TRP C 359 19.67 -23.74 -40.40
C TRP C 359 18.30 -24.42 -40.51
N ILE C 360 18.20 -25.61 -39.91
CA ILE C 360 16.97 -26.41 -39.88
C ILE C 360 16.07 -25.77 -38.80
N ASP C 361 14.95 -25.21 -39.21
CA ASP C 361 14.08 -24.38 -38.33
C ASP C 361 12.71 -25.04 -38.28
N TRP C 362 12.64 -26.08 -37.48
CA TRP C 362 11.47 -26.99 -37.38
C TRP C 362 10.71 -26.65 -36.11
N GLN C 363 9.45 -26.26 -36.29
CA GLN C 363 8.54 -25.92 -35.16
C GLN C 363 7.18 -26.58 -35.43
N GLN C 364 7.11 -27.68 -36.20
CA GLN C 364 5.81 -28.17 -36.73
C GLN C 364 5.46 -29.55 -36.15
N GLY C 365 6.01 -29.91 -34.98
CA GLY C 365 5.50 -31.03 -34.14
C GLY C 365 6.32 -32.30 -34.33
N ALA C 366 5.89 -33.42 -33.74
CA ALA C 366 6.69 -34.67 -33.65
C ALA C 366 5.98 -35.82 -34.37
N ILE C 367 5.02 -35.55 -35.26
CA ILE C 367 4.18 -36.62 -35.87
C ILE C 367 4.90 -37.22 -37.09
N SER C 368 4.89 -38.55 -37.20
CA SER C 368 5.44 -39.30 -38.37
C SER C 368 4.75 -40.67 -38.42
N LYS C 369 4.73 -41.30 -39.58
CA LYS C 369 4.20 -42.69 -39.68
C LYS C 369 5.11 -43.63 -38.87
N SER C 370 6.43 -43.47 -38.97
CA SER C 370 7.48 -44.35 -38.36
C SER C 370 7.45 -44.29 -36.82
N GLY C 371 6.96 -43.18 -36.25
CA GLY C 371 7.11 -42.93 -34.80
C GLY C 371 8.42 -42.25 -34.48
N VAL C 372 9.20 -41.86 -35.49
CA VAL C 372 10.50 -41.18 -35.29
C VAL C 372 10.22 -39.68 -35.46
N ASP C 373 10.68 -38.90 -34.50
CA ASP C 373 10.51 -37.44 -34.48
C ASP C 373 11.08 -36.88 -35.78
N PRO C 374 10.30 -36.19 -36.65
CA PRO C 374 10.87 -35.54 -37.83
C PRO C 374 12.07 -34.64 -37.51
N LEU C 375 12.12 -33.98 -36.36
CA LEU C 375 13.33 -33.20 -35.99
C LEU C 375 14.52 -34.15 -35.90
N TRP C 376 14.36 -35.34 -35.28
CA TRP C 376 15.48 -36.32 -35.15
C TRP C 376 15.97 -36.69 -36.56
N LEU C 377 15.02 -37.01 -37.47
CA LEU C 377 15.31 -37.46 -38.86
C LEU C 377 16.06 -36.34 -39.57
N LEU C 378 15.57 -35.09 -39.45
CA LEU C 378 16.18 -33.93 -40.13
C LEU C 378 17.61 -33.77 -39.62
N ASN C 379 17.81 -33.78 -38.29
CA ASN C 379 19.14 -33.41 -37.76
C ASN C 379 20.13 -34.53 -38.15
N HIS C 380 19.71 -35.79 -37.99
CA HIS C 380 20.53 -37.01 -38.27
C HIS C 380 20.96 -36.98 -39.73
N TYR C 381 20.03 -36.86 -40.66
CA TYR C 381 20.32 -36.99 -42.11
C TYR C 381 20.96 -35.70 -42.62
N GLN C 382 20.51 -34.50 -42.19
CA GLN C 382 21.18 -33.25 -42.63
C GLN C 382 22.61 -33.21 -42.10
N TYR C 383 22.85 -33.63 -40.86
CA TYR C 383 24.22 -33.51 -40.32
C TYR C 383 25.16 -34.37 -41.19
N GLN C 384 24.75 -35.60 -41.46
CA GLN C 384 25.49 -36.55 -42.34
C GLN C 384 25.69 -35.89 -43.71
N ASN C 385 24.61 -35.42 -44.34
CA ASN C 385 24.66 -34.77 -45.67
C ASN C 385 25.62 -33.56 -45.65
N ALA C 386 25.70 -32.80 -44.54
CA ALA C 386 26.53 -31.58 -44.45
C ALA C 386 28.03 -31.89 -44.54
N GLN C 387 28.47 -33.10 -44.17
CA GLN C 387 29.90 -33.52 -44.24
C GLN C 387 30.36 -33.60 -45.70
N LYS C 388 29.47 -33.80 -46.67
CA LYS C 388 29.84 -33.78 -48.11
C LYS C 388 30.42 -32.39 -48.44
N LYS C 389 29.76 -31.35 -47.95
CA LYS C 389 29.98 -29.92 -48.33
C LYS C 389 31.32 -29.41 -47.78
N HIS C 390 31.61 -29.65 -46.50
CA HIS C 390 32.85 -29.22 -45.79
C HIS C 390 33.24 -30.28 -44.77
N LYS C 391 34.51 -30.31 -44.36
CA LYS C 391 35.05 -31.20 -43.30
C LYS C 391 34.51 -30.70 -41.96
N ASN C 392 34.02 -31.58 -41.09
CA ASN C 392 33.53 -31.19 -39.73
C ASN C 392 32.44 -30.11 -39.88
N ASN C 393 31.50 -30.30 -40.80
CA ASN C 393 30.43 -29.30 -41.04
C ASN C 393 29.40 -29.38 -39.90
N ILE C 394 28.59 -28.32 -39.76
CA ILE C 394 27.54 -28.23 -38.71
C ILE C 394 26.15 -28.12 -39.35
N ILE C 395 25.16 -28.29 -38.49
CA ILE C 395 23.80 -27.71 -38.73
C ILE C 395 23.53 -26.68 -37.60
N LEU C 396 22.32 -26.13 -37.63
CA LEU C 396 21.79 -25.30 -36.52
C LEU C 396 20.34 -25.77 -36.38
N SER C 397 20.04 -26.50 -35.30
CA SER C 397 18.72 -27.14 -35.14
C SER C 397 18.43 -27.42 -33.67
N ARG C 398 17.14 -27.53 -33.35
CA ARG C 398 16.64 -27.80 -31.99
C ARG C 398 17.08 -29.20 -31.53
N TYR C 399 17.01 -29.43 -30.22
CA TYR C 399 17.43 -30.67 -29.53
C TYR C 399 16.44 -31.80 -29.78
N ALA C 400 16.97 -32.93 -30.25
CA ALA C 400 16.19 -34.05 -30.80
C ALA C 400 16.33 -35.26 -29.89
N GLY C 401 16.63 -35.03 -28.62
CA GLY C 401 16.65 -36.07 -27.57
C GLY C 401 18.06 -36.63 -27.33
N PRO C 402 18.20 -37.56 -26.36
CA PRO C 402 19.53 -38.03 -25.95
C PRO C 402 20.29 -38.67 -27.13
N GLY C 403 21.54 -38.25 -27.30
CA GLY C 403 22.39 -38.69 -28.42
C GLY C 403 22.39 -37.70 -29.57
N SER C 404 21.47 -36.72 -29.64
CA SER C 404 21.38 -35.77 -30.77
C SER C 404 22.51 -34.73 -30.67
N HIS C 405 23.33 -34.80 -29.62
CA HIS C 405 24.60 -34.04 -29.53
C HIS C 405 25.54 -34.43 -30.69
N ARG C 406 25.29 -35.56 -31.33
CA ARG C 406 26.14 -36.02 -32.47
C ARG C 406 25.94 -35.07 -33.64
N TYR C 407 24.92 -34.19 -33.56
CA TYR C 407 24.49 -33.35 -34.69
C TYR C 407 24.52 -31.88 -34.27
N PRO C 408 25.68 -31.30 -33.87
CA PRO C 408 25.79 -29.90 -33.49
C PRO C 408 25.51 -29.00 -34.69
N LEU C 409 25.00 -27.77 -34.48
CA LEU C 409 24.83 -27.11 -33.19
C LEU C 409 23.36 -27.17 -32.75
N GLY C 410 23.15 -27.07 -31.44
CA GLY C 410 21.83 -26.84 -30.82
C GLY C 410 21.38 -25.41 -31.05
N PHE C 411 20.09 -25.24 -31.33
CA PHE C 411 19.45 -23.94 -31.58
C PHE C 411 18.24 -23.84 -30.65
N SER C 412 18.22 -22.91 -29.68
CA SER C 412 17.15 -22.94 -28.63
C SER C 412 15.90 -22.18 -29.08
N GLY C 413 15.99 -21.34 -30.12
CA GLY C 413 14.81 -20.77 -30.78
C GLY C 413 14.22 -19.57 -30.04
N ASP C 414 12.89 -19.49 -30.03
CA ASP C 414 12.14 -18.23 -29.88
C ASP C 414 11.94 -17.89 -28.40
N SER C 415 13.03 -17.62 -27.70
CA SER C 415 12.97 -17.08 -26.32
C SER C 415 12.25 -15.73 -26.34
N VAL C 416 11.57 -15.40 -25.26
CA VAL C 416 11.04 -14.05 -25.03
C VAL C 416 12.14 -13.15 -24.46
N ILE C 417 12.19 -11.91 -24.97
CA ILE C 417 13.24 -10.93 -24.58
C ILE C 417 12.88 -10.35 -23.22
N SER C 418 13.46 -10.93 -22.18
CA SER C 418 13.20 -10.49 -20.80
C SER C 418 14.40 -10.77 -19.92
N TRP C 419 14.48 -10.02 -18.82
CA TRP C 419 15.39 -10.33 -17.70
C TRP C 419 15.17 -11.77 -17.23
N ALA C 420 13.92 -12.27 -17.19
CA ALA C 420 13.61 -13.62 -16.69
C ALA C 420 14.32 -14.67 -17.57
N SER C 421 14.16 -14.52 -18.88
CA SER C 421 14.75 -15.45 -19.88
C SER C 421 16.27 -15.41 -19.72
N LEU C 422 16.88 -14.23 -19.53
CA LEU C 422 18.37 -14.19 -19.42
C LEU C 422 18.76 -14.88 -18.12
N ASP C 423 18.02 -14.65 -17.04
CA ASP C 423 18.34 -15.24 -15.72
C ASP C 423 18.26 -16.79 -15.75
N PHE C 424 17.44 -17.37 -16.61
CA PHE C 424 17.32 -18.84 -16.77
C PHE C 424 18.49 -19.39 -17.61
N GLN C 425 19.06 -18.58 -18.47
CA GLN C 425 19.86 -19.15 -19.60
C GLN C 425 21.20 -19.75 -19.14
N PRO C 426 22.00 -19.19 -18.21
CA PRO C 426 23.24 -19.83 -17.83
C PRO C 426 23.03 -21.20 -17.17
N TYR C 427 22.07 -21.27 -16.26
CA TYR C 427 21.57 -22.53 -15.68
C TYR C 427 21.16 -23.49 -16.80
N PHE C 428 20.35 -23.05 -17.76
CA PHE C 428 19.87 -23.96 -18.84
C PHE C 428 21.10 -24.54 -19.55
N THR C 429 22.10 -23.68 -19.73
CA THR C 429 23.22 -24.01 -20.63
C THR C 429 24.13 -25.04 -19.95
N SER C 430 24.55 -24.78 -18.73
CA SER C 430 25.49 -25.66 -17.99
C SER C 430 24.77 -26.99 -17.70
N THR C 431 23.49 -26.95 -17.35
CA THR C 431 22.70 -28.15 -16.98
C THR C 431 22.65 -29.10 -18.20
N ALA C 432 22.67 -28.58 -19.41
CA ALA C 432 22.55 -29.36 -20.65
C ALA C 432 23.73 -30.35 -20.76
N SER C 433 24.88 -30.03 -20.15
CA SER C 433 26.06 -30.93 -20.13
C SER C 433 25.66 -32.29 -19.50
N ASN C 434 24.68 -32.30 -18.60
CA ASN C 434 24.24 -33.52 -17.89
C ASN C 434 23.56 -34.50 -18.83
N ILE C 435 23.24 -34.14 -20.08
CA ILE C 435 22.80 -35.14 -21.10
C ILE C 435 23.70 -35.00 -22.35
N GLY C 436 24.88 -34.41 -22.15
CA GLY C 436 25.96 -34.28 -23.12
C GLY C 436 25.67 -33.32 -24.27
N TYR C 437 24.68 -32.43 -24.15
CA TYR C 437 24.32 -31.53 -25.26
C TYR C 437 25.03 -30.20 -25.04
N THR C 438 26.28 -30.09 -25.51
CA THR C 438 27.21 -29.08 -24.96
C THR C 438 27.37 -27.90 -25.90
N TRP C 439 26.64 -27.85 -27.00
CA TRP C 439 26.79 -26.76 -28.00
C TRP C 439 25.45 -26.04 -28.23
N TRP C 440 24.79 -25.62 -27.16
CA TRP C 440 23.58 -24.75 -27.32
C TRP C 440 23.99 -23.38 -27.85
N SER C 441 23.42 -22.98 -28.98
CA SER C 441 23.41 -21.58 -29.50
C SER C 441 22.05 -20.94 -29.16
N HIS C 442 22.06 -20.04 -28.20
CA HIS C 442 20.88 -19.17 -27.88
C HIS C 442 20.87 -17.93 -28.79
N ASP C 443 19.67 -17.42 -29.11
CA ASP C 443 19.50 -16.07 -29.67
C ASP C 443 20.03 -15.09 -28.63
N ILE C 444 21.21 -14.49 -28.88
CA ILE C 444 21.81 -13.58 -27.87
C ILE C 444 21.02 -12.28 -27.87
N GLY C 445 20.59 -11.87 -26.67
CA GLY C 445 19.70 -10.71 -26.47
C GLY C 445 18.21 -11.11 -26.49
N GLY C 446 17.90 -12.38 -26.77
CA GLY C 446 16.52 -12.91 -26.80
C GLY C 446 15.89 -12.79 -28.16
N HIS C 447 14.87 -13.60 -28.44
CA HIS C 447 14.29 -13.68 -29.81
C HIS C 447 13.18 -12.65 -30.01
N MET C 448 12.12 -12.70 -29.20
CA MET C 448 10.85 -12.02 -29.58
C MET C 448 10.08 -11.48 -28.38
N GLN C 449 9.07 -10.66 -28.68
CA GLN C 449 8.16 -10.12 -27.64
C GLN C 449 9.01 -9.50 -26.53
N GLY C 450 8.53 -9.52 -25.29
CA GLY C 450 9.22 -8.83 -24.19
C GLY C 450 9.39 -7.33 -24.45
N TYR C 451 10.45 -6.76 -23.90
CA TYR C 451 10.55 -5.31 -23.61
CA TYR C 451 10.56 -5.31 -23.69
C TYR C 451 11.98 -4.85 -23.93
N LYS C 452 12.11 -3.60 -24.34
CA LYS C 452 13.39 -2.97 -24.66
C LYS C 452 14.06 -2.62 -23.33
N ASP C 453 15.35 -2.92 -23.24
CA ASP C 453 16.19 -2.47 -22.12
C ASP C 453 17.64 -2.68 -22.60
N ALA C 454 18.36 -1.60 -22.94
CA ALA C 454 19.72 -1.69 -23.51
C ALA C 454 20.64 -2.47 -22.56
N GLU C 455 20.49 -2.25 -21.26
CA GLU C 455 21.26 -2.99 -20.24
C GLU C 455 20.97 -4.50 -20.31
N LEU C 456 19.72 -4.92 -20.56
CA LEU C 456 19.39 -6.36 -20.77
C LEU C 456 20.19 -6.85 -21.98
N SER C 457 20.22 -6.08 -23.07
CA SER C 457 20.86 -6.51 -24.35
C SER C 457 22.36 -6.69 -24.06
N LEU C 458 22.94 -5.82 -23.25
CA LEU C 458 24.40 -5.83 -22.96
C LEU C 458 24.69 -6.99 -22.03
N ARG C 459 23.93 -7.16 -20.96
CA ARG C 459 24.17 -8.33 -20.08
C ARG C 459 24.05 -9.63 -20.85
N TRP C 460 23.10 -9.72 -21.78
CA TRP C 460 22.82 -10.96 -22.53
C TRP C 460 24.06 -11.26 -23.40
N LEU C 461 24.65 -10.22 -24.00
CA LEU C 461 25.84 -10.38 -24.86
C LEU C 461 27.01 -10.87 -24.00
N GLN C 462 27.14 -10.34 -22.80
CA GLN C 462 28.23 -10.71 -21.88
C GLN C 462 28.14 -12.22 -21.65
N PHE C 463 26.94 -12.73 -21.40
CA PHE C 463 26.71 -14.18 -21.24
C PHE C 463 27.06 -14.92 -22.54
N GLY C 464 26.53 -14.47 -23.67
CA GLY C 464 26.71 -15.10 -25.00
C GLY C 464 28.19 -15.28 -25.29
N VAL C 465 29.03 -14.30 -24.94
CA VAL C 465 30.49 -14.39 -25.21
C VAL C 465 31.08 -15.56 -24.43
N PHE C 466 30.59 -15.79 -23.22
CA PHE C 466 31.02 -16.89 -22.34
C PHE C 466 30.02 -18.04 -22.37
N SER C 467 29.50 -18.33 -23.55
CA SER C 467 28.54 -19.42 -23.81
C SER C 467 29.12 -20.27 -24.94
N PRO C 468 28.55 -21.44 -25.22
CA PRO C 468 29.13 -22.30 -26.25
C PRO C 468 29.25 -21.59 -27.60
N ILE C 469 28.22 -20.80 -27.99
CA ILE C 469 28.10 -20.17 -29.34
C ILE C 469 27.57 -18.76 -29.14
N ASN C 470 28.12 -17.80 -29.90
CA ASN C 470 27.73 -16.37 -29.75
C ASN C 470 27.05 -15.89 -31.03
N ARG C 471 25.76 -16.20 -31.17
CA ARG C 471 24.95 -15.90 -32.37
C ARG C 471 23.94 -14.81 -31.98
N LEU C 472 24.06 -13.63 -32.55
CA LEU C 472 23.10 -12.52 -32.39
C LEU C 472 21.94 -12.78 -33.33
N HIS C 473 20.71 -12.73 -32.83
CA HIS C 473 19.51 -12.99 -33.65
C HIS C 473 18.33 -12.29 -33.00
N SER C 474 17.33 -11.95 -33.81
CA SER C 474 16.11 -11.20 -33.39
C SER C 474 14.96 -11.56 -34.32
N SER C 475 13.72 -11.36 -33.86
CA SER C 475 12.49 -11.59 -34.67
C SER C 475 12.30 -10.38 -35.59
N LYS C 476 11.15 -10.32 -36.25
CA LYS C 476 10.82 -9.43 -37.39
C LYS C 476 10.59 -7.97 -36.93
N SER C 477 10.62 -7.63 -35.67
CA SER C 477 10.40 -6.22 -35.25
C SER C 477 11.42 -5.26 -35.88
N GLU C 478 10.98 -4.08 -36.31
CA GLU C 478 11.85 -2.95 -36.71
C GLU C 478 12.74 -2.50 -35.53
N PHE C 479 12.44 -2.92 -34.32
CA PHE C 479 13.00 -2.33 -33.09
C PHE C 479 13.93 -3.28 -32.31
N THR C 480 14.19 -4.49 -32.80
CA THR C 480 14.93 -5.50 -31.99
C THR C 480 16.30 -5.87 -32.60
N SER C 481 16.83 -5.11 -33.53
CA SER C 481 18.21 -5.32 -34.04
C SER C 481 19.23 -5.39 -32.90
N LYS C 482 20.17 -6.33 -33.02
CA LYS C 482 21.24 -6.49 -32.02
C LYS C 482 22.53 -5.76 -32.43
N GLU C 483 22.52 -4.97 -33.49
CA GLU C 483 23.64 -4.10 -33.92
C GLU C 483 24.08 -3.22 -32.77
N PRO C 484 25.36 -3.26 -32.34
CA PRO C 484 25.78 -2.46 -31.21
C PRO C 484 25.41 -0.98 -31.29
N TRP C 485 25.50 -0.42 -32.51
CA TRP C 485 25.22 1.01 -32.81
C TRP C 485 23.70 1.29 -32.83
N HIS C 486 22.86 0.28 -32.55
CA HIS C 486 21.43 0.51 -32.19
C HIS C 486 21.34 1.25 -30.85
N PHE C 487 22.36 1.12 -30.01
CA PHE C 487 22.34 1.59 -28.61
C PHE C 487 23.22 2.83 -28.47
N ASP C 488 23.20 3.43 -27.29
CA ASP C 488 23.92 4.68 -27.01
C ASP C 488 25.44 4.39 -26.99
N ALA C 489 26.26 5.43 -26.88
CA ALA C 489 27.71 5.36 -27.07
C ALA C 489 28.33 4.42 -26.03
N VAL C 490 27.82 4.42 -24.80
CA VAL C 490 28.36 3.59 -23.69
C VAL C 490 28.09 2.12 -23.98
N ILE C 491 26.85 1.84 -24.37
CA ILE C 491 26.37 0.47 -24.60
C ILE C 491 27.06 -0.04 -25.86
N GLU C 492 27.11 0.80 -26.89
CA GLU C 492 27.72 0.44 -28.19
C GLU C 492 29.18 0.00 -27.94
N GLN C 493 29.95 0.79 -27.23
CA GLN C 493 31.40 0.54 -27.04
C GLN C 493 31.60 -0.75 -26.24
N SER C 494 30.78 -0.96 -25.22
CA SER C 494 30.88 -2.17 -24.36
C SER C 494 30.55 -3.41 -25.20
N MET C 495 29.50 -3.34 -26.02
CA MET C 495 29.10 -4.46 -26.90
C MET C 495 30.28 -4.76 -27.86
N ILE C 496 30.85 -3.73 -28.48
CA ILE C 496 31.97 -3.92 -29.44
C ILE C 496 33.12 -4.58 -28.67
N ASP C 497 33.45 -4.09 -27.47
CA ASP C 497 34.54 -4.70 -26.65
C ASP C 497 34.26 -6.18 -26.40
N PHE C 498 33.03 -6.54 -26.03
CA PHE C 498 32.71 -7.96 -25.75
C PHE C 498 32.80 -8.79 -27.03
N LEU C 499 32.29 -8.27 -28.13
CA LEU C 499 32.29 -8.99 -29.42
C LEU C 499 33.76 -9.24 -29.84
N GLN C 500 34.67 -8.30 -29.57
CA GLN C 500 36.10 -8.49 -29.92
C GLN C 500 36.69 -9.55 -28.99
N LEU C 501 36.36 -9.48 -27.71
CA LEU C 501 36.72 -10.52 -26.72
C LEU C 501 36.31 -11.92 -27.18
N ARG C 502 35.11 -12.10 -27.78
CA ARG C 502 34.71 -13.45 -28.27
C ARG C 502 35.76 -13.99 -29.24
N HIS C 503 36.20 -13.18 -30.20
CA HIS C 503 37.24 -13.61 -31.18
C HIS C 503 38.60 -13.81 -30.49
N GLN C 504 38.93 -13.01 -29.49
CA GLN C 504 40.15 -13.22 -28.67
C GLN C 504 40.07 -14.60 -28.01
N LEU C 505 38.87 -15.08 -27.66
CA LEU C 505 38.71 -16.37 -26.94
C LEU C 505 38.68 -17.55 -27.90
N ILE C 506 38.75 -17.35 -29.21
CA ILE C 506 38.55 -18.48 -30.15
C ILE C 506 39.62 -19.56 -29.92
N PRO C 507 40.92 -19.26 -29.70
CA PRO C 507 41.89 -20.32 -29.45
C PRO C 507 41.48 -21.21 -28.27
N TYR C 508 41.09 -20.57 -27.17
CA TYR C 508 40.66 -21.27 -25.92
C TYR C 508 39.40 -22.09 -26.21
N LEU C 509 38.45 -21.53 -26.96
CA LEU C 509 37.18 -22.20 -27.36
C LEU C 509 37.48 -23.38 -28.30
N TYR C 510 38.36 -23.19 -29.28
CA TYR C 510 38.65 -24.26 -30.27
C TYR C 510 39.36 -25.44 -29.58
N SER C 511 40.27 -25.14 -28.67
CA SER C 511 40.98 -26.17 -27.87
C SER C 511 39.96 -26.97 -27.06
N ALA C 512 39.02 -26.31 -26.39
CA ALA C 512 38.02 -27.00 -25.55
C ALA C 512 37.10 -27.84 -26.43
N ASN C 513 36.82 -27.37 -27.66
CA ASN C 513 36.04 -28.10 -28.67
C ASN C 513 36.76 -29.43 -28.92
N LEU C 514 38.07 -29.37 -29.12
CA LEU C 514 38.82 -30.60 -29.48
C LEU C 514 38.81 -31.53 -28.27
N ILE C 515 38.86 -30.95 -27.06
CA ILE C 515 38.73 -31.72 -25.78
C ILE C 515 37.33 -32.36 -25.70
N THR C 516 36.22 -31.63 -25.94
CA THR C 516 34.87 -32.26 -25.96
C THR C 516 34.86 -33.46 -26.93
N ALA C 517 35.33 -33.28 -28.16
CA ALA C 517 35.29 -34.31 -29.22
C ALA C 517 36.19 -35.51 -28.89
N SER C 518 37.33 -35.28 -28.23
CA SER C 518 38.33 -36.36 -28.01
C SER C 518 38.22 -36.96 -26.60
N GLU C 519 37.82 -36.20 -25.58
CA GLU C 519 37.88 -36.67 -24.17
C GLU C 519 36.53 -36.58 -23.46
N GLY C 520 35.47 -36.17 -24.15
CA GLY C 520 34.08 -36.17 -23.62
C GLY C 520 33.91 -35.20 -22.47
N ARG C 521 34.70 -34.11 -22.46
CA ARG C 521 34.59 -33.02 -21.46
C ARG C 521 33.88 -31.79 -22.06
N ALA C 522 32.78 -31.36 -21.41
CA ALA C 522 32.01 -30.16 -21.80
C ALA C 522 32.86 -28.91 -21.61
N LEU C 523 32.71 -27.95 -22.52
CA LEU C 523 33.21 -26.57 -22.35
C LEU C 523 32.59 -25.95 -21.10
N VAL C 524 31.25 -25.97 -21.04
CA VAL C 524 30.50 -25.39 -19.88
C VAL C 524 30.10 -26.51 -18.93
N GLU C 525 30.56 -26.41 -17.69
CA GLU C 525 30.36 -27.38 -16.60
C GLU C 525 29.67 -26.67 -15.46
N PRO C 526 28.61 -27.29 -14.93
CA PRO C 526 28.09 -26.91 -13.61
C PRO C 526 29.23 -26.97 -12.60
N LEU C 527 29.15 -26.16 -11.56
CA LEU C 527 30.19 -26.07 -10.51
C LEU C 527 30.38 -27.44 -9.86
N TYR C 528 29.31 -28.23 -9.78
CA TYR C 528 29.36 -29.51 -9.04
C TYR C 528 30.18 -30.56 -9.82
N TYR C 529 30.47 -30.37 -11.10
CA TYR C 529 31.39 -31.30 -11.81
C TYR C 529 32.76 -31.22 -11.13
N GLU C 530 33.23 -30.02 -10.78
CA GLU C 530 34.59 -29.87 -10.18
C GLU C 530 34.54 -30.00 -8.66
N TYR C 531 33.40 -29.68 -8.04
CA TYR C 531 33.24 -29.57 -6.56
C TYR C 531 32.03 -30.40 -6.13
N PRO C 532 31.98 -31.70 -6.46
CA PRO C 532 30.76 -32.49 -6.23
C PRO C 532 30.36 -32.61 -4.76
N MET C 533 31.31 -32.43 -3.83
CA MET C 533 31.06 -32.62 -2.38
C MET C 533 30.85 -31.28 -1.67
N GLU C 534 30.88 -30.14 -2.36
CA GLU C 534 30.59 -28.82 -1.75
C GLU C 534 29.12 -28.43 -1.93
N GLU C 535 28.39 -28.15 -0.84
CA GLU C 535 26.96 -27.82 -0.92
C GLU C 535 26.78 -26.54 -1.76
N GLU C 536 27.71 -25.59 -1.68
CA GLU C 536 27.60 -24.30 -2.39
C GLU C 536 27.66 -24.52 -3.90
N ALA C 537 28.28 -25.60 -4.37
CA ALA C 537 28.39 -25.90 -5.81
C ALA C 537 27.01 -26.22 -6.38
N TYR C 538 25.99 -26.52 -5.54
CA TYR C 538 24.59 -26.80 -5.98
C TYR C 538 23.69 -25.59 -5.74
N GLN C 539 24.22 -24.48 -5.24
CA GLN C 539 23.41 -23.30 -4.80
C GLN C 539 23.70 -22.05 -5.65
N HIS C 540 24.40 -22.17 -6.78
CA HIS C 540 24.73 -21.03 -7.66
C HIS C 540 24.40 -21.42 -9.09
N ARG C 541 23.10 -21.45 -9.40
CA ARG C 541 22.54 -22.09 -10.62
C ARG C 541 23.18 -21.50 -11.87
N ASN C 542 23.52 -20.21 -11.86
CA ASN C 542 23.98 -19.52 -13.07
C ASN C 542 25.51 -19.43 -13.11
N GLN C 543 26.20 -19.92 -12.08
CA GLN C 543 27.68 -19.92 -12.04
C GLN C 543 28.22 -21.23 -12.66
N TYR C 544 29.32 -21.13 -13.38
CA TYR C 544 29.82 -22.28 -14.17
C TYR C 544 31.32 -22.19 -14.39
N LEU C 545 31.90 -23.33 -14.76
CA LEU C 545 33.29 -23.38 -15.27
C LEU C 545 33.19 -23.28 -16.78
N PHE C 546 34.07 -22.48 -17.37
CA PHE C 546 34.17 -22.16 -18.82
C PHE C 546 35.56 -22.60 -19.32
N GLY C 547 35.63 -23.77 -19.97
CA GLY C 547 36.89 -24.54 -20.03
C GLY C 547 37.47 -24.79 -18.64
N GLU C 548 38.78 -24.98 -18.53
CA GLU C 548 39.45 -25.44 -17.30
C GLU C 548 40.03 -24.29 -16.50
N GLN C 549 40.13 -23.09 -17.08
CA GLN C 549 40.91 -21.99 -16.48
C GLN C 549 40.02 -20.86 -15.95
N LEU C 550 38.73 -20.85 -16.32
CA LEU C 550 37.85 -19.67 -16.05
C LEU C 550 36.56 -20.11 -15.35
N MET C 551 36.11 -19.25 -14.46
CA MET C 551 34.86 -19.45 -13.68
C MET C 551 34.00 -18.20 -13.86
N VAL C 552 32.75 -18.37 -14.29
CA VAL C 552 31.92 -17.25 -14.81
C VAL C 552 30.70 -17.14 -13.89
N ALA C 553 30.37 -15.93 -13.45
CA ALA C 553 29.14 -15.63 -12.69
C ALA C 553 28.41 -14.48 -13.36
N PRO C 554 27.64 -14.74 -14.45
CA PRO C 554 27.03 -13.67 -15.23
C PRO C 554 26.03 -12.91 -14.34
N ILE C 555 25.96 -11.61 -14.56
CA ILE C 555 24.91 -10.75 -13.92
C ILE C 555 23.68 -10.81 -14.80
N THR C 556 22.56 -11.27 -14.19
CA THR C 556 21.31 -11.54 -14.92
C THR C 556 20.17 -10.79 -14.25
N GLU C 557 20.46 -9.77 -13.46
CA GLU C 557 19.38 -8.91 -12.90
CA GLU C 557 19.42 -8.90 -12.84
C GLU C 557 19.73 -7.44 -13.19
N LYS C 558 18.68 -6.64 -13.40
CA LYS C 558 18.80 -5.20 -13.67
C LYS C 558 19.58 -4.56 -12.51
N MET C 559 20.39 -3.53 -12.82
CA MET C 559 21.21 -2.86 -11.81
C MET C 559 20.32 -2.20 -10.76
N ASN C 560 20.86 -2.08 -9.57
CA ASN C 560 20.37 -1.21 -8.47
C ASN C 560 20.72 0.23 -8.87
N SER C 561 19.72 1.07 -9.16
CA SER C 561 19.99 2.44 -9.67
C SER C 561 20.73 3.23 -8.59
N LEU C 562 20.59 2.88 -7.30
CA LEU C 562 21.28 3.68 -6.25
C LEU C 562 22.79 3.42 -6.30
N LEU C 563 23.17 2.23 -6.72
CA LEU C 563 24.60 1.84 -6.83
C LEU C 563 25.11 2.09 -8.24
N GLN C 564 24.21 2.09 -9.23
CA GLN C 564 24.60 2.13 -10.66
C GLN C 564 25.42 0.85 -10.97
N MET C 565 25.10 -0.25 -10.29
CA MET C 565 25.81 -1.54 -10.49
C MET C 565 24.81 -2.66 -10.34
N GLY C 566 25.03 -3.73 -11.10
CA GLY C 566 24.32 -5.00 -10.90
C GLY C 566 25.12 -5.89 -9.98
N SER C 567 24.57 -7.03 -9.60
CA SER C 567 25.28 -7.92 -8.66
C SER C 567 24.82 -9.38 -8.83
N VAL C 568 25.67 -10.27 -8.38
CA VAL C 568 25.43 -11.73 -8.35
C VAL C 568 26.14 -12.26 -7.10
N GLU C 569 25.54 -13.24 -6.41
CA GLU C 569 26.21 -13.90 -5.28
C GLU C 569 27.12 -14.97 -5.88
N VAL C 570 28.41 -14.80 -5.64
CA VAL C 570 29.48 -15.69 -6.18
C VAL C 570 29.94 -16.61 -5.05
N TRP C 571 30.08 -17.91 -5.37
CA TRP C 571 30.77 -18.90 -4.52
C TRP C 571 32.20 -19.08 -5.02
N PHE C 572 33.15 -18.73 -4.18
CA PHE C 572 34.59 -18.84 -4.48
C PHE C 572 35.08 -20.08 -3.78
N PRO C 573 35.43 -21.15 -4.53
CA PRO C 573 36.05 -22.33 -3.94
C PRO C 573 37.34 -21.97 -3.21
N GLU C 574 37.79 -22.86 -2.32
CA GLU C 574 39.09 -22.73 -1.60
C GLU C 574 40.15 -22.34 -2.63
N GLY C 575 41.03 -21.40 -2.31
CA GLY C 575 42.00 -20.91 -3.31
C GLY C 575 41.98 -19.40 -3.44
N THR C 576 42.96 -18.85 -4.14
CA THR C 576 43.06 -17.41 -4.45
C THR C 576 42.54 -17.19 -5.87
N TRP C 577 41.54 -16.32 -5.97
CA TRP C 577 40.85 -16.05 -7.24
C TRP C 577 41.11 -14.61 -7.62
N TYR C 578 41.15 -14.35 -8.91
CA TYR C 578 41.27 -12.97 -9.46
C TYR C 578 40.18 -12.75 -10.50
N ASP C 579 39.59 -11.55 -10.46
CA ASP C 579 38.77 -11.06 -11.59
C ASP C 579 39.67 -11.06 -12.82
N PHE C 580 39.24 -11.77 -13.86
CA PHE C 580 39.97 -11.97 -15.12
C PHE C 580 40.27 -10.63 -15.82
N PHE C 581 39.40 -9.62 -15.62
CA PHE C 581 39.49 -8.31 -16.28
C PHE C 581 40.28 -7.33 -15.42
N SER C 582 40.01 -7.26 -14.11
CA SER C 582 40.52 -6.17 -13.24
C SER C 582 41.69 -6.65 -12.35
N GLY C 583 41.85 -7.96 -12.14
CA GLY C 583 42.77 -8.52 -11.14
C GLY C 583 42.33 -8.33 -9.70
N GLN C 584 41.13 -7.80 -9.43
CA GLN C 584 40.56 -7.78 -8.06
C GLN C 584 40.69 -9.19 -7.46
N PRO C 585 41.30 -9.31 -6.26
CA PRO C 585 41.51 -10.63 -5.64
C PRO C 585 40.39 -11.03 -4.68
N TYR C 586 40.21 -12.35 -4.52
CA TYR C 586 39.28 -12.96 -3.55
C TYR C 586 39.90 -14.21 -2.95
N ASP C 587 39.94 -14.23 -1.63
CA ASP C 587 40.31 -15.41 -0.83
C ASP C 587 39.09 -16.35 -0.74
N GLY C 588 39.12 -17.50 -1.41
CA GLY C 588 38.14 -18.59 -1.16
C GLY C 588 38.45 -19.22 0.20
N LYS C 589 37.65 -20.14 0.72
CA LYS C 589 36.29 -20.43 0.31
C LYS C 589 35.39 -19.37 0.96
N VAL C 590 34.51 -18.77 0.17
CA VAL C 590 33.56 -17.75 0.69
C VAL C 590 32.43 -17.64 -0.32
N SER C 591 31.25 -17.26 0.18
CA SER C 591 30.14 -16.83 -0.69
C SER C 591 29.99 -15.32 -0.49
N LEU C 592 30.07 -14.60 -1.59
CA LEU C 592 30.26 -13.13 -1.55
C LEU C 592 29.44 -12.46 -2.65
N LYS C 593 28.63 -11.47 -2.26
CA LYS C 593 27.89 -10.70 -3.28
C LYS C 593 28.91 -9.80 -3.98
N VAL C 594 29.04 -9.89 -5.29
CA VAL C 594 29.93 -9.01 -6.12
C VAL C 594 29.08 -8.12 -7.02
N TYR C 595 29.54 -6.88 -7.16
CA TYR C 595 28.89 -5.76 -7.87
C TYR C 595 29.76 -5.36 -9.06
N ARG C 596 29.15 -5.15 -10.20
CA ARG C 596 29.82 -4.64 -11.41
C ARG C 596 28.92 -3.60 -12.09
N GLU C 597 29.57 -2.63 -12.74
CA GLU C 597 28.90 -1.71 -13.68
C GLU C 597 28.37 -2.53 -14.84
N ILE C 598 27.46 -1.94 -15.62
CA ILE C 598 26.75 -2.69 -16.68
C ILE C 598 27.76 -3.09 -17.76
N THR C 599 28.88 -2.40 -17.84
CA THR C 599 29.93 -2.69 -18.84
C THR C 599 30.93 -3.75 -18.38
N GLU C 600 30.77 -4.36 -17.21
CA GLU C 600 31.79 -5.29 -16.64
C GLU C 600 31.11 -6.59 -16.24
N MET C 601 31.76 -7.71 -16.49
CA MET C 601 31.19 -9.07 -16.20
C MET C 601 32.06 -9.76 -15.15
N PRO C 602 31.46 -10.45 -14.15
CA PRO C 602 32.21 -11.25 -13.18
C PRO C 602 32.74 -12.55 -13.81
N VAL C 603 34.03 -12.56 -14.09
CA VAL C 603 34.75 -13.72 -14.67
C VAL C 603 36.04 -13.84 -13.83
N PHE C 604 36.34 -15.05 -13.36
CA PHE C 604 37.44 -15.23 -12.38
C PHE C 604 38.42 -16.29 -12.88
N ALA C 605 39.66 -16.18 -12.44
CA ALA C 605 40.75 -17.15 -12.69
C ALA C 605 41.54 -17.37 -11.39
N LYS C 606 41.91 -18.63 -11.11
CA LYS C 606 42.76 -19.02 -9.94
C LYS C 606 44.19 -18.52 -10.12
N ALA C 607 44.90 -18.30 -9.00
CA ALA C 607 46.38 -18.26 -8.96
C ALA C 607 46.88 -19.42 -9.82
N GLY C 608 47.73 -19.10 -10.81
CA GLY C 608 48.43 -20.09 -11.66
C GLY C 608 47.68 -20.34 -12.95
N ALA C 609 46.54 -19.69 -13.15
CA ALA C 609 45.77 -19.82 -14.42
C ALA C 609 46.63 -19.27 -15.56
N ILE C 610 46.50 -19.89 -16.72
CA ILE C 610 47.12 -19.44 -17.98
C ILE C 610 46.03 -19.43 -19.04
N ILE C 611 45.74 -18.27 -19.61
CA ILE C 611 44.73 -18.19 -20.70
C ILE C 611 45.40 -17.61 -21.93
N PRO C 612 45.29 -18.34 -23.06
CA PRO C 612 45.68 -17.83 -24.36
C PRO C 612 44.56 -16.98 -24.96
N LEU C 613 44.96 -15.90 -25.60
CA LEU C 613 44.07 -14.95 -26.32
C LEU C 613 44.68 -14.69 -27.68
N ASP C 614 43.86 -14.67 -28.74
CA ASP C 614 44.28 -14.17 -30.07
C ASP C 614 44.69 -12.71 -29.89
N LYS C 615 45.92 -12.37 -30.26
CA LYS C 615 46.39 -10.97 -30.12
C LYS C 615 45.75 -10.15 -31.25
N ASN C 616 45.27 -10.77 -32.32
CA ASN C 616 44.80 -10.04 -33.52
C ASN C 616 43.38 -10.46 -33.87
N PRO C 617 42.39 -10.26 -32.96
CA PRO C 617 41.03 -10.78 -33.17
C PRO C 617 40.35 -10.26 -34.45
N LEU C 618 40.71 -9.06 -34.93
CA LEU C 618 40.10 -8.49 -36.16
C LEU C 618 40.76 -9.02 -37.43
N LYS C 619 41.98 -9.56 -37.36
CA LYS C 619 42.69 -9.97 -38.61
C LYS C 619 42.14 -11.32 -39.06
N LYS C 620 41.81 -11.44 -40.34
CA LYS C 620 41.18 -12.67 -40.90
C LYS C 620 42.28 -13.71 -41.20
N GLU C 621 42.51 -14.62 -40.25
CA GLU C 621 43.57 -15.66 -40.29
C GLU C 621 42.94 -17.00 -39.95
N GLU C 622 43.19 -18.08 -40.71
CA GLU C 622 42.60 -19.40 -40.36
C GLU C 622 43.09 -19.82 -38.95
N ILE C 623 44.35 -19.56 -38.58
CA ILE C 623 44.84 -19.77 -37.18
C ILE C 623 45.65 -18.56 -36.75
N PRO C 624 45.65 -18.19 -35.46
CA PRO C 624 46.34 -16.98 -35.04
C PRO C 624 47.83 -16.99 -35.37
N SER C 625 48.30 -15.93 -36.01
CA SER C 625 49.73 -15.60 -36.18
C SER C 625 50.35 -15.19 -34.85
N GLU C 626 49.58 -14.66 -33.89
CA GLU C 626 50.11 -14.22 -32.56
C GLU C 626 49.17 -14.64 -31.45
N ILE C 627 49.71 -15.22 -30.37
CA ILE C 627 48.97 -15.61 -29.13
C ILE C 627 49.52 -14.77 -28.00
N ILE C 628 48.65 -14.13 -27.22
CA ILE C 628 48.97 -13.60 -25.86
C ILE C 628 48.73 -14.74 -24.87
N TRP C 629 49.72 -15.02 -24.03
CA TRP C 629 49.64 -15.89 -22.83
C TRP C 629 49.40 -14.99 -21.63
N LYS C 630 48.17 -15.04 -21.09
CA LYS C 630 47.84 -14.26 -19.88
C LYS C 630 48.00 -15.17 -18.66
N ILE C 631 48.88 -14.77 -17.74
CA ILE C 631 49.27 -15.58 -16.55
C ILE C 631 48.81 -14.84 -15.30
N PHE C 632 48.18 -15.59 -14.38
CA PHE C 632 47.73 -15.12 -13.05
C PHE C 632 48.70 -15.63 -12.02
N PRO C 633 49.50 -14.74 -11.42
CA PRO C 633 50.50 -15.13 -10.44
C PRO C 633 49.97 -15.86 -9.20
N GLY C 634 50.91 -16.50 -8.48
CA GLY C 634 50.71 -16.99 -7.11
C GLY C 634 50.66 -18.50 -6.98
N ALA C 635 50.75 -19.26 -8.09
CA ALA C 635 50.86 -20.75 -8.07
C ALA C 635 51.39 -21.24 -9.41
N ASP C 636 51.71 -22.53 -9.46
CA ASP C 636 52.11 -23.24 -10.70
C ASP C 636 50.86 -23.44 -11.57
N GLY C 637 51.06 -23.51 -12.89
CA GLY C 637 49.97 -23.78 -13.84
C GLY C 637 50.44 -24.33 -15.18
N GLU C 638 49.48 -24.73 -16.01
CA GLU C 638 49.72 -25.47 -17.26
C GLU C 638 48.51 -25.26 -18.15
N TYR C 639 48.74 -24.93 -19.41
CA TYR C 639 47.69 -24.89 -20.46
C TYR C 639 48.21 -25.60 -21.72
N LEU C 640 47.40 -26.50 -22.27
CA LEU C 640 47.64 -27.19 -23.54
C LEU C 640 46.68 -26.61 -24.59
N LEU C 641 47.21 -25.85 -25.55
CA LEU C 641 46.45 -25.30 -26.69
C LEU C 641 46.43 -26.30 -27.83
N LEU C 642 45.32 -27.03 -28.00
CA LEU C 642 45.10 -27.93 -29.16
C LEU C 642 44.59 -27.15 -30.38
N GLU C 643 45.16 -27.42 -31.56
CA GLU C 643 44.81 -26.72 -32.83
C GLU C 643 44.65 -27.76 -33.95
N GLU C 644 44.19 -27.30 -35.12
CA GLU C 644 43.96 -28.11 -36.34
C GLU C 644 45.24 -28.91 -36.57
N ASP C 645 46.39 -28.22 -36.64
CA ASP C 645 47.68 -28.84 -37.02
C ASP C 645 48.78 -28.50 -36.01
N ASN C 646 48.49 -28.56 -34.72
CA ASN C 646 49.53 -28.43 -33.69
C ASN C 646 48.98 -28.65 -32.27
N GLU C 647 49.89 -28.73 -31.32
CA GLU C 647 49.64 -28.69 -29.86
C GLU C 647 50.75 -27.84 -29.26
N THR C 648 50.40 -26.89 -28.40
CA THR C 648 51.34 -26.00 -27.72
C THR C 648 51.12 -26.11 -26.22
N LYS C 649 52.18 -26.40 -25.48
CA LYS C 649 52.13 -26.56 -24.01
C LYS C 649 52.76 -25.32 -23.40
N ALA C 650 51.96 -24.57 -22.62
CA ALA C 650 52.44 -23.50 -21.73
C ALA C 650 52.49 -24.07 -20.32
N GLU C 651 53.67 -23.98 -19.69
CA GLU C 651 53.96 -24.48 -18.32
C GLU C 651 54.46 -23.33 -17.47
N PHE C 652 54.02 -23.23 -16.23
CA PHE C 652 54.49 -22.23 -15.24
C PHE C 652 54.78 -22.98 -13.94
N VAL C 653 56.08 -23.16 -13.65
CA VAL C 653 56.59 -23.98 -12.52
C VAL C 653 57.68 -23.17 -11.80
N ASN C 654 57.52 -22.99 -10.48
CA ASN C 654 58.39 -22.14 -9.63
C ASN C 654 58.84 -20.91 -10.45
N GLY C 655 57.86 -20.15 -10.94
CA GLY C 655 58.08 -18.87 -11.62
C GLY C 655 58.77 -19.01 -12.96
N ILE C 656 58.87 -20.21 -13.53
CA ILE C 656 59.46 -20.38 -14.88
C ILE C 656 58.32 -20.65 -15.88
N PHE C 657 58.16 -19.76 -16.85
CA PHE C 657 57.18 -19.93 -17.94
C PHE C 657 57.91 -20.50 -19.15
N THR C 658 57.43 -21.62 -19.66
CA THR C 658 57.99 -22.35 -20.82
C THR C 658 56.87 -22.66 -21.80
N VAL C 659 57.11 -22.33 -23.06
CA VAL C 659 56.23 -22.67 -24.20
C VAL C 659 56.99 -23.68 -25.09
N THR C 660 56.32 -24.76 -25.48
CA THR C 660 56.82 -25.78 -26.43
C THR C 660 55.67 -26.12 -27.37
N SER C 661 55.94 -26.67 -28.55
CA SER C 661 54.91 -27.18 -29.48
C SER C 661 55.39 -28.47 -30.14
N LYS C 662 54.48 -29.40 -30.43
CA LYS C 662 54.77 -30.67 -31.16
C LYS C 662 55.39 -30.36 -32.53
N LYS C 663 54.96 -29.29 -33.20
CA LYS C 663 55.49 -28.83 -34.51
C LYS C 663 56.05 -27.43 -34.33
N GLU C 664 57.08 -27.05 -35.09
CA GLU C 664 57.55 -25.64 -35.17
C GLU C 664 56.54 -24.85 -35.99
N SER C 665 56.59 -23.52 -35.92
CA SER C 665 55.72 -22.59 -36.70
C SER C 665 56.27 -21.18 -36.62
N SER C 666 55.76 -20.30 -37.47
CA SER C 666 56.07 -18.84 -37.50
C SER C 666 55.29 -18.08 -36.41
N ARG C 667 54.52 -18.74 -35.54
CA ARG C 667 53.70 -18.03 -34.51
C ARG C 667 54.62 -17.25 -33.58
N LYS C 668 54.22 -16.02 -33.24
CA LYS C 668 54.89 -15.11 -32.26
C LYS C 668 54.06 -15.06 -30.96
N HIS C 669 54.73 -15.19 -29.82
CA HIS C 669 54.11 -15.35 -28.48
C HIS C 669 54.31 -14.07 -27.69
N THR C 670 53.24 -13.51 -27.17
CA THR C 670 53.30 -12.38 -26.21
C THR C 670 52.98 -12.96 -24.83
N ILE C 671 53.68 -12.53 -23.79
CA ILE C 671 53.45 -12.97 -22.39
C ILE C 671 53.06 -11.76 -21.54
N ILE C 672 51.91 -11.86 -20.86
CA ILE C 672 51.47 -10.88 -19.84
C ILE C 672 51.46 -11.64 -18.51
N TYR C 673 52.29 -11.18 -17.58
CA TYR C 673 52.45 -11.71 -16.20
C TYR C 673 51.73 -10.72 -15.27
N GLY C 674 50.58 -11.15 -14.73
CA GLY C 674 49.68 -10.29 -13.96
C GLY C 674 49.35 -9.06 -14.77
N GLU C 675 49.91 -7.91 -14.37
CA GLU C 675 49.63 -6.56 -14.91
C GLU C 675 50.44 -6.31 -16.20
N HIS C 676 51.65 -6.85 -16.34
CA HIS C 676 52.75 -6.32 -17.21
C HIS C 676 53.06 -7.26 -18.38
N GLU C 677 53.15 -6.67 -19.59
CA GLU C 677 53.66 -7.35 -20.81
C GLU C 677 55.17 -7.52 -20.62
N ILE C 678 55.65 -8.75 -20.63
CA ILE C 678 57.08 -9.09 -20.41
C ILE C 678 57.75 -9.26 -21.78
N VAL C 679 57.16 -10.06 -22.67
CA VAL C 679 57.72 -10.51 -23.97
C VAL C 679 56.69 -10.21 -25.08
N SER C 680 57.08 -9.45 -26.11
CA SER C 680 56.24 -9.17 -27.30
C SER C 680 56.78 -9.93 -28.50
N ALA C 681 55.90 -10.61 -29.23
CA ALA C 681 56.18 -11.09 -30.60
C ALA C 681 57.44 -11.99 -30.63
N LYS C 682 57.65 -12.84 -29.63
CA LYS C 682 58.80 -13.79 -29.57
C LYS C 682 58.45 -15.08 -30.32
N ARG C 683 59.28 -15.49 -31.30
CA ARG C 683 59.02 -16.70 -32.12
C ARG C 683 59.48 -17.94 -31.36
N GLY C 684 59.03 -19.12 -31.80
CA GLY C 684 59.57 -20.46 -31.45
C GLY C 684 59.45 -20.77 -29.98
N GLU C 685 59.92 -21.96 -29.59
CA GLU C 685 59.88 -22.49 -28.20
C GLU C 685 60.89 -21.73 -27.35
N PHE C 686 60.52 -21.44 -26.10
CA PHE C 686 61.39 -20.69 -25.16
C PHE C 686 60.96 -20.95 -23.71
N SER C 687 61.79 -20.46 -22.80
CA SER C 687 61.61 -20.47 -21.33
C SER C 687 61.98 -19.07 -20.82
N ILE C 688 61.25 -18.55 -19.84
CA ILE C 688 61.63 -17.24 -19.20
C ILE C 688 61.33 -17.30 -17.71
N ASP C 689 62.24 -16.73 -16.92
CA ASP C 689 62.16 -16.69 -15.44
C ASP C 689 61.38 -15.43 -15.05
N LEU C 690 60.19 -15.62 -14.45
CA LEU C 690 59.26 -14.53 -14.07
C LEU C 690 59.37 -14.25 -12.58
N ASN C 691 60.36 -14.84 -11.91
CA ASN C 691 60.54 -14.70 -10.44
C ASN C 691 60.96 -13.26 -10.13
N GLY C 692 61.67 -12.59 -11.03
CA GLY C 692 62.11 -11.20 -10.83
C GLY C 692 60.94 -10.21 -10.87
N LYS C 693 59.90 -10.55 -11.64
CA LYS C 693 58.88 -9.57 -12.14
C LYS C 693 57.78 -9.35 -11.10
N GLU C 694 57.12 -8.18 -11.20
CA GLU C 694 56.00 -7.76 -10.32
C GLU C 694 54.84 -8.74 -10.52
N GLU C 695 54.45 -9.40 -9.44
CA GLU C 695 53.37 -10.42 -9.40
C GLU C 695 52.01 -9.75 -9.14
N ASN C 696 52.01 -8.52 -8.61
CA ASN C 696 50.78 -7.86 -8.08
C ASN C 696 50.08 -7.09 -9.19
N PHE C 697 48.75 -7.16 -9.22
CA PHE C 697 47.90 -6.30 -10.08
C PHE C 697 47.84 -4.91 -9.46
N ASP C 698 47.49 -3.90 -10.26
CA ASP C 698 47.34 -2.50 -9.80
C ASP C 698 46.07 -2.39 -8.95
N TRP C 699 45.03 -3.18 -9.24
CA TRP C 699 43.72 -3.11 -8.52
C TRP C 699 44.01 -2.71 -7.08
N ASN C 700 43.38 -1.66 -6.58
CA ASN C 700 43.53 -1.34 -5.15
C ASN C 700 42.20 -0.83 -4.61
N PHE C 701 42.05 -1.07 -3.33
CA PHE C 701 40.87 -0.73 -2.52
C PHE C 701 40.50 0.75 -2.72
N SER C 702 41.46 1.67 -2.61
CA SER C 702 41.20 3.12 -2.55
C SER C 702 40.57 3.59 -3.86
N THR C 703 41.10 3.13 -4.99
CA THR C 703 40.66 3.50 -6.34
C THR C 703 39.25 2.92 -6.53
N ALA C 704 39.04 1.65 -6.18
CA ALA C 704 37.73 1.00 -6.41
C ALA C 704 36.67 1.69 -5.53
N LEU C 705 37.02 2.03 -4.30
CA LEU C 705 36.07 2.63 -3.36
C LEU C 705 35.63 3.97 -3.92
N PHE C 706 36.58 4.76 -4.45
CA PHE C 706 36.27 6.11 -4.97
C PHE C 706 35.30 5.96 -6.15
N ARG C 707 35.58 5.02 -7.05
CA ARG C 707 34.74 4.79 -8.26
C ARG C 707 33.32 4.40 -7.83
N ARG C 708 33.16 3.46 -6.88
CA ARG C 708 31.83 2.97 -6.47
C ARG C 708 31.07 4.11 -5.80
N LEU C 709 31.71 4.85 -4.91
CA LEU C 709 31.01 6.02 -4.31
C LEU C 709 30.69 7.05 -5.38
N ASP C 710 31.56 7.26 -6.37
CA ASP C 710 31.40 8.38 -7.33
C ASP C 710 30.19 8.11 -8.26
N ILE C 711 30.00 6.87 -8.72
CA ILE C 711 28.87 6.57 -9.64
C ILE C 711 27.54 6.48 -8.87
N ALA C 712 27.57 6.20 -7.57
CA ALA C 712 26.33 5.83 -6.81
C ALA C 712 25.40 7.05 -6.80
N GLU C 713 24.10 6.83 -7.02
CA GLU C 713 23.07 7.88 -6.90
C GLU C 713 22.59 7.92 -5.46
N ILE C 714 23.46 8.34 -4.56
CA ILE C 714 23.20 8.51 -3.11
C ILE C 714 23.59 9.94 -2.73
N SER C 715 23.36 10.30 -1.47
CA SER C 715 23.64 11.67 -0.95
C SER C 715 25.15 11.91 -0.92
N TYR C 716 25.54 13.12 -1.25
CA TYR C 716 26.96 13.53 -1.29
C TYR C 716 27.49 13.48 0.15
N GLU C 717 26.65 13.76 1.16
CA GLU C 717 27.06 13.71 2.58
C GLU C 717 27.46 12.28 2.91
N GLN C 718 26.72 11.28 2.42
CA GLN C 718 27.05 9.86 2.65
C GLN C 718 28.34 9.54 1.89
N LYS C 719 28.50 10.00 0.66
CA LYS C 719 29.75 9.66 -0.07
C LYS C 719 30.95 10.20 0.73
N ASP C 720 30.88 11.44 1.15
CA ASP C 720 31.96 12.14 1.88
C ASP C 720 32.30 11.36 3.15
N GLU C 721 31.29 11.02 3.94
CA GLU C 721 31.49 10.31 5.23
C GLU C 721 32.15 8.96 4.98
N ILE C 722 31.70 8.18 4.00
CA ILE C 722 32.24 6.82 3.73
C ILE C 722 33.69 6.98 3.29
N LEU C 723 33.97 7.87 2.34
CA LEU C 723 35.37 8.07 1.85
C LEU C 723 36.26 8.44 3.05
N GLN C 724 35.82 9.35 3.89
CA GLN C 724 36.63 9.86 5.02
C GLN C 724 36.87 8.75 6.06
N GLN C 725 35.81 8.08 6.51
CA GLN C 725 35.93 7.04 7.58
C GLN C 725 36.72 5.84 7.06
N LEU C 726 36.50 5.36 5.83
CA LEU C 726 37.27 4.16 5.37
C LEU C 726 38.73 4.55 5.10
N SER C 727 39.05 5.82 4.83
CA SER C 727 40.45 6.28 4.64
C SER C 727 41.12 6.35 6.01
N LEU C 728 40.43 6.93 7.00
CA LEU C 728 40.96 7.19 8.37
C LEU C 728 41.04 5.92 9.23
N ILE C 729 40.07 5.00 9.16
CA ILE C 729 40.04 3.80 10.03
C ILE C 729 41.05 2.77 9.48
N GLU C 730 42.08 2.41 10.25
CA GLU C 730 43.15 1.52 9.75
C GLU C 730 42.78 0.03 9.90
N GLU C 731 42.17 -0.38 11.02
CA GLU C 731 41.90 -1.81 11.32
C GLU C 731 40.72 -2.30 10.46
N HIS C 732 40.95 -3.37 9.71
CA HIS C 732 39.97 -3.98 8.78
C HIS C 732 38.66 -4.22 9.53
N GLU C 733 38.70 -4.70 10.78
CA GLU C 733 37.47 -5.16 11.47
C GLU C 733 36.62 -3.93 11.78
N LYS C 734 37.27 -2.79 11.98
CA LYS C 734 36.59 -1.53 12.38
C LYS C 734 36.10 -0.83 11.11
N GLN C 735 36.72 -1.10 9.97
CA GLN C 735 36.22 -0.62 8.65
C GLN C 735 34.92 -1.37 8.36
N VAL C 736 34.92 -2.67 8.63
CA VAL C 736 33.68 -3.48 8.46
C VAL C 736 32.61 -2.98 9.43
N ALA C 737 32.94 -2.74 10.70
CA ALA C 737 32.00 -2.20 11.71
C ALA C 737 31.43 -0.87 11.20
N PHE C 738 32.27 -0.02 10.61
CA PHE C 738 31.77 1.27 10.09
C PHE C 738 30.73 1.04 8.97
N ILE C 739 31.00 0.18 8.00
CA ILE C 739 30.05 -0.04 6.87
C ILE C 739 28.79 -0.76 7.42
N LYS C 740 28.88 -1.45 8.57
CA LYS C 740 27.73 -2.24 9.10
C LYS C 740 26.67 -1.28 9.65
N THR C 741 27.04 -0.04 9.94
CA THR C 741 26.11 1.01 10.44
C THR C 741 25.36 1.70 9.29
N ASN C 742 25.69 1.39 8.05
CA ASN C 742 25.15 2.17 6.91
C ASN C 742 23.69 1.76 6.71
N GLU C 743 22.78 2.71 6.49
CA GLU C 743 21.33 2.42 6.38
C GLU C 743 21.02 1.75 5.04
N ASN C 744 21.85 1.96 4.03
CA ASN C 744 21.60 1.33 2.71
C ASN C 744 22.17 -0.09 2.72
N GLN C 745 21.33 -1.11 2.74
CA GLN C 745 21.79 -2.52 2.90
C GLN C 745 22.60 -2.95 1.67
N GLU C 746 22.19 -2.62 0.45
CA GLU C 746 22.99 -3.09 -0.71
C GLU C 746 24.32 -2.33 -0.77
N LEU C 747 24.30 -1.07 -0.41
CA LEU C 747 25.59 -0.30 -0.33
C LEU C 747 26.50 -1.01 0.66
N GLN C 748 26.02 -1.45 1.81
CA GLN C 748 26.88 -2.20 2.77
C GLN C 748 27.57 -3.36 2.03
N ASN C 749 26.79 -4.13 1.27
CA ASN C 749 27.27 -5.38 0.64
C ASN C 749 28.31 -5.05 -0.43
N SER C 750 28.10 -3.99 -1.22
CA SER C 750 29.09 -3.47 -2.20
C SER C 750 30.38 -3.04 -1.48
N LEU C 751 30.29 -2.23 -0.43
CA LEU C 751 31.51 -1.79 0.29
C LEU C 751 32.18 -3.03 0.90
N PHE C 752 31.40 -4.01 1.36
CA PHE C 752 31.92 -5.23 1.99
C PHE C 752 32.74 -6.02 0.99
N GLU C 753 32.29 -6.07 -0.26
CA GLU C 753 33.04 -6.81 -1.31
C GLU C 753 34.44 -6.20 -1.44
N LEU C 754 34.51 -4.88 -1.48
CA LEU C 754 35.81 -4.15 -1.60
C LEU C 754 36.68 -4.43 -0.37
N LEU C 755 36.10 -4.36 0.82
CA LEU C 755 36.88 -4.57 2.06
C LEU C 755 37.36 -6.03 2.09
N TYR C 756 36.53 -6.98 1.65
CA TYR C 756 36.88 -8.43 1.61
C TYR C 756 38.03 -8.67 0.60
N SER C 757 37.99 -8.06 -0.58
CA SER C 757 39.10 -8.19 -1.55
C SER C 757 40.37 -7.53 -0.97
N GLY C 758 40.19 -6.49 -0.17
CA GLY C 758 41.31 -5.65 0.29
C GLY C 758 41.85 -6.09 1.63
N LYS C 759 41.44 -7.26 2.13
CA LYS C 759 41.72 -7.67 3.53
C LYS C 759 43.17 -8.16 3.67
N ASN D 32 -25.37 51.76 45.29
CA ASN D 32 -25.79 50.38 45.72
C ASN D 32 -24.81 49.36 45.14
N ASN D 33 -24.94 49.08 43.84
CA ASN D 33 -24.27 47.93 43.20
C ASN D 33 -22.97 48.44 42.57
N ILE D 34 -22.55 49.67 42.88
CA ILE D 34 -21.35 50.31 42.26
C ILE D 34 -20.31 50.54 43.35
N ILE D 35 -19.07 50.13 43.09
CA ILE D 35 -17.93 50.22 44.05
C ILE D 35 -16.80 50.89 43.29
N LYS D 36 -16.14 51.89 43.88
CA LYS D 36 -14.92 52.50 43.33
C LYS D 36 -13.77 52.17 44.26
N PHE D 37 -12.62 51.96 43.68
CA PHE D 37 -11.36 51.66 44.42
C PHE D 37 -10.21 52.06 43.50
N ASP D 38 -9.26 52.87 43.99
CA ASP D 38 -8.13 53.37 43.18
C ASP D 38 -8.77 53.93 41.89
N LYS D 39 -8.26 53.57 40.70
CA LYS D 39 -8.79 54.08 39.40
C LYS D 39 -9.85 53.16 38.78
N ALA D 40 -10.51 52.29 39.56
CA ALA D 40 -11.43 51.23 39.07
C ALA D 40 -12.86 51.47 39.58
N ARG D 41 -13.83 51.08 38.77
CA ARG D 41 -15.26 51.01 39.15
C ARG D 41 -15.77 49.61 38.82
N PHE D 42 -16.45 49.01 39.78
CA PHE D 42 -17.05 47.66 39.72
C PHE D 42 -18.56 47.86 39.82
N THR D 43 -19.31 47.21 38.93
CA THR D 43 -20.79 47.26 38.96
C THR D 43 -21.34 45.85 39.02
N VAL D 44 -21.89 45.46 40.18
CA VAL D 44 -22.51 44.12 40.35
C VAL D 44 -23.88 44.17 39.67
N LEU D 45 -23.98 43.79 38.39
CA LEU D 45 -25.27 43.84 37.66
C LEU D 45 -26.19 42.69 38.10
N THR D 46 -25.65 41.47 38.19
CA THR D 46 -26.36 40.29 38.75
C THR D 46 -25.39 39.65 39.70
N GLU D 47 -25.83 38.64 40.44
CA GLU D 47 -24.92 37.90 41.33
C GLU D 47 -23.83 37.22 40.48
N HIS D 48 -24.01 37.14 39.15
CA HIS D 48 -23.09 36.38 38.25
C HIS D 48 -22.48 37.26 37.16
N LEU D 49 -22.68 38.57 37.23
CA LEU D 49 -22.22 39.49 36.15
C LEU D 49 -21.72 40.79 36.75
N ILE D 50 -20.42 41.07 36.63
CA ILE D 50 -19.79 42.30 37.18
C ILE D 50 -19.10 43.08 36.06
N ARG D 51 -19.48 44.34 35.89
CA ARG D 51 -18.75 45.28 35.01
C ARG D 51 -17.49 45.72 35.75
N ILE D 52 -16.38 45.77 35.04
CA ILE D 52 -15.06 46.19 35.57
C ILE D 52 -14.55 47.31 34.65
N GLU D 53 -14.34 48.52 35.20
CA GLU D 53 -13.81 49.69 34.46
C GLU D 53 -12.52 50.19 35.10
N TYR D 54 -11.66 50.73 34.26
CA TYR D 54 -10.48 51.55 34.64
C TYR D 54 -10.63 52.92 33.96
N SER D 55 -10.30 53.98 34.68
CA SER D 55 -10.32 55.37 34.15
C SER D 55 -9.12 56.15 34.70
N GLU D 56 -8.34 56.73 33.80
CA GLU D 56 -7.16 57.60 34.09
C GLU D 56 -7.65 58.94 34.65
N THR D 57 -8.83 59.39 34.19
CA THR D 57 -9.44 60.72 34.45
C THR D 57 -10.36 60.69 35.68
N GLY D 58 -10.64 59.53 36.30
CA GLY D 58 -11.65 59.39 37.38
C GLY D 58 -13.09 59.54 36.87
N GLU D 59 -13.29 59.74 35.57
CA GLU D 59 -14.64 59.67 34.98
C GLU D 59 -14.83 58.28 34.36
N PHE D 60 -15.97 57.66 34.65
CA PHE D 60 -16.40 56.34 34.16
C PHE D 60 -17.59 56.49 33.21
N GLU D 61 -17.73 55.53 32.29
CA GLU D 61 -18.56 55.74 31.08
C GLU D 61 -19.99 55.30 31.38
N GLU D 62 -20.98 56.17 31.13
CA GLU D 62 -22.42 55.86 31.34
C GLU D 62 -23.10 55.60 30.00
N ARG D 63 -22.50 56.02 28.90
CA ARG D 63 -23.16 55.96 27.57
C ARG D 63 -23.21 54.49 27.12
N MET D 64 -24.19 54.19 26.26
CA MET D 64 -24.22 52.95 25.46
C MET D 64 -22.96 52.87 24.59
N THR D 65 -22.61 51.64 24.17
CA THR D 65 -21.48 51.37 23.25
C THR D 65 -22.04 50.60 22.04
N GLN D 66 -21.22 50.30 21.05
CA GLN D 66 -21.65 49.40 19.94
C GLN D 66 -22.20 48.09 20.54
N MET D 67 -21.59 47.62 21.62
CA MET D 67 -21.94 46.31 22.24
C MET D 67 -23.10 46.50 23.20
N VAL D 68 -22.98 47.46 24.13
CA VAL D 68 -23.84 47.49 25.35
C VAL D 68 -24.94 48.53 25.15
N GLN D 69 -26.19 48.12 25.29
CA GLN D 69 -27.38 49.00 25.13
C GLN D 69 -28.00 49.35 26.49
N ASN D 70 -27.75 48.58 27.55
CA ASN D 70 -28.57 48.67 28.80
C ASN D 70 -27.75 48.18 29.99
N ARG D 71 -27.63 49.00 31.02
CA ARG D 71 -26.99 48.54 32.29
C ARG D 71 -27.97 48.68 33.45
N GLU D 72 -29.27 48.84 33.16
CA GLU D 72 -30.36 48.83 34.18
C GLU D 72 -30.65 47.38 34.55
N PHE D 73 -30.14 46.93 35.70
CA PHE D 73 -30.39 45.60 36.27
C PHE D 73 -30.97 45.78 37.67
N SER D 74 -31.85 44.87 38.09
CA SER D 74 -32.42 44.85 39.47
C SER D 74 -31.31 44.61 40.50
N GLU D 75 -31.49 45.18 41.70
CA GLU D 75 -30.45 45.26 42.77
C GLU D 75 -30.17 43.83 43.22
N VAL D 76 -28.94 43.55 43.62
CA VAL D 76 -28.55 42.20 44.08
C VAL D 76 -27.71 42.32 45.35
N ASN D 77 -27.70 41.24 46.12
CA ASN D 77 -26.92 41.14 47.37
C ASN D 77 -25.49 40.73 46.99
N PHE D 78 -24.53 41.25 47.73
CA PHE D 78 -23.11 40.86 47.67
C PHE D 78 -22.39 41.45 48.86
N ASP D 79 -21.14 41.06 49.02
CA ASP D 79 -20.31 41.44 50.17
C ASP D 79 -19.06 42.07 49.60
N ILE D 80 -18.42 42.92 50.40
CA ILE D 80 -17.14 43.58 50.06
C ILE D 80 -16.17 43.34 51.24
N ILE D 81 -14.92 43.04 50.95
CA ILE D 81 -13.82 43.22 51.94
C ILE D 81 -12.89 44.29 51.38
N GLU D 82 -12.97 45.51 51.92
CA GLU D 82 -12.16 46.69 51.50
C GLU D 82 -11.09 46.94 52.57
N LYS D 83 -9.84 46.99 52.16
CA LYS D 83 -8.68 47.29 53.03
C LYS D 83 -8.00 48.52 52.46
N GLU D 84 -6.81 48.87 52.97
CA GLU D 84 -6.07 50.08 52.54
C GLU D 84 -5.70 49.87 51.07
N GLU D 85 -5.21 48.67 50.76
CA GLU D 85 -4.44 48.41 49.51
C GLU D 85 -5.19 47.48 48.55
N THR D 86 -6.30 46.85 48.99
CA THR D 86 -6.95 45.74 48.26
C THR D 86 -8.47 45.88 48.39
N ILE D 87 -9.21 45.38 47.43
CA ILE D 87 -10.67 45.20 47.59
C ILE D 87 -11.02 43.81 47.09
N GLU D 88 -12.01 43.17 47.71
CA GLU D 88 -12.59 41.87 47.29
C GLU D 88 -14.11 42.03 47.21
N ILE D 89 -14.69 41.72 46.06
CA ILE D 89 -16.16 41.68 45.86
C ILE D 89 -16.58 40.22 45.85
N ILE D 90 -17.60 39.86 46.62
CA ILE D 90 -18.02 38.44 46.79
C ILE D 90 -19.49 38.35 46.44
N THR D 91 -19.82 37.51 45.47
CA THR D 91 -21.20 37.13 45.14
C THR D 91 -21.38 35.64 45.45
N SER D 92 -22.58 35.11 45.22
CA SER D 92 -22.93 33.68 45.33
C SER D 92 -22.00 32.77 44.48
N THR D 93 -21.30 33.30 43.47
CA THR D 93 -20.57 32.47 42.48
C THR D 93 -19.15 32.96 42.19
N VAL D 94 -18.75 34.16 42.59
CA VAL D 94 -17.37 34.65 42.31
C VAL D 94 -16.81 35.58 43.42
N HIS D 95 -15.49 35.46 43.60
CA HIS D 95 -14.59 36.33 44.38
C HIS D 95 -13.79 37.16 43.37
N LEU D 96 -14.05 38.48 43.27
CA LEU D 96 -13.29 39.38 42.38
C LEU D 96 -12.33 40.19 43.24
N TYR D 97 -11.04 40.13 42.90
CA TYR D 97 -9.93 40.72 43.69
C TYR D 97 -9.27 41.84 42.89
N TYR D 98 -9.05 42.99 43.51
CA TYR D 98 -8.28 44.10 42.88
C TYR D 98 -7.28 44.63 43.91
N ASN D 99 -5.98 44.60 43.56
CA ASN D 99 -4.84 44.95 44.45
C ASN D 99 -4.36 46.38 44.22
N GLY D 100 -5.10 47.18 43.44
CA GLY D 100 -4.74 48.57 43.12
C GLY D 100 -3.78 48.66 41.96
N GLY D 101 -3.61 49.88 41.43
CA GLY D 101 -2.67 50.16 40.33
C GLY D 101 -3.28 49.82 38.98
N GLU D 102 -2.45 49.79 37.93
CA GLU D 102 -2.95 49.45 36.57
C GLU D 102 -3.43 47.99 36.58
N PHE D 103 -4.43 47.70 35.75
CA PHE D 103 -4.93 46.33 35.53
C PHE D 103 -3.81 45.50 34.90
N THR D 104 -3.36 44.47 35.62
CA THR D 104 -2.43 43.44 35.11
C THR D 104 -3.00 42.08 35.51
N ASN D 105 -2.39 41.00 35.01
CA ASN D 105 -2.79 39.63 35.39
C ASN D 105 -2.63 39.43 36.92
N ALA D 106 -1.74 40.17 37.58
CA ALA D 106 -1.41 40.04 39.02
C ALA D 106 -2.30 40.94 39.88
N SER D 107 -2.76 42.08 39.37
CA SER D 107 -3.49 43.11 40.17
C SER D 107 -5.01 42.88 40.08
N LEU D 108 -5.51 42.18 39.05
CA LEU D 108 -6.97 42.01 38.86
C LEU D 108 -7.23 40.56 38.45
N PHE D 109 -7.89 39.79 39.32
CA PHE D 109 -8.14 38.34 39.11
C PHE D 109 -9.39 37.96 39.90
N ALA D 110 -9.91 36.75 39.67
CA ALA D 110 -11.18 36.26 40.26
C ALA D 110 -11.15 34.74 40.38
N ASP D 111 -11.72 34.21 41.46
CA ASP D 111 -11.94 32.76 41.68
C ASP D 111 -13.44 32.53 41.66
N VAL D 112 -13.87 31.54 40.88
CA VAL D 112 -15.27 31.09 40.93
C VAL D 112 -15.46 30.12 42.09
N LYS D 113 -16.68 30.15 42.62
CA LYS D 113 -17.16 29.29 43.72
C LYS D 113 -17.83 28.06 43.09
N PHE D 114 -17.09 27.39 42.21
CA PHE D 114 -17.51 26.14 41.52
C PHE D 114 -16.30 25.21 41.51
N ASN D 115 -16.54 23.91 41.33
CA ASN D 115 -15.45 22.91 41.26
C ASN D 115 -15.53 22.14 39.94
N PHE D 116 -15.86 22.81 38.83
CA PHE D 116 -15.97 22.13 37.51
C PHE D 116 -14.59 21.72 37.00
N SER D 117 -13.52 22.31 37.53
CA SER D 117 -12.12 21.95 37.18
C SER D 117 -11.34 21.89 38.47
N VAL D 118 -10.19 21.24 38.43
CA VAL D 118 -9.33 21.17 39.64
C VAL D 118 -8.54 22.47 39.79
N TYR D 119 -8.07 23.11 38.71
CA TYR D 119 -7.27 24.37 38.86
C TYR D 119 -7.42 25.33 37.67
N SER D 120 -8.58 25.35 37.03
CA SER D 120 -8.93 26.31 35.97
C SER D 120 -10.08 27.16 36.49
N ASN D 121 -10.06 27.48 37.81
CA ASN D 121 -11.21 28.22 38.42
C ASN D 121 -10.85 29.67 38.70
N ARG D 122 -9.74 30.12 38.13
CA ARG D 122 -9.26 31.49 38.32
C ARG D 122 -9.17 32.20 36.96
N TRP D 123 -9.75 33.40 36.89
CA TRP D 123 -9.57 34.36 35.79
C TRP D 123 -8.43 35.31 36.17
N TYR D 124 -7.46 35.48 35.29
CA TYR D 124 -6.45 36.54 35.41
C TYR D 124 -6.71 37.54 34.29
N PHE D 125 -6.68 38.85 34.62
CA PHE D 125 -6.87 39.95 33.65
C PHE D 125 -5.90 39.75 32.47
N GLY D 126 -6.40 39.85 31.25
CA GLY D 126 -5.61 39.75 30.01
C GLY D 126 -5.03 38.34 29.76
N GLU D 127 -5.47 37.31 30.48
CA GLU D 127 -5.00 35.91 30.23
C GLU D 127 -6.15 35.03 29.73
N LYS D 128 -5.86 34.04 28.90
CA LYS D 128 -6.90 33.04 28.49
C LYS D 128 -6.88 31.91 29.50
N SER D 129 -8.04 31.34 29.80
CA SER D 129 -8.17 30.10 30.59
C SER D 129 -8.85 29.09 29.69
N ASP D 130 -8.82 27.80 30.01
CA ASP D 130 -9.54 26.85 29.14
C ASP D 130 -10.98 26.73 29.63
N GLY D 131 -11.76 26.01 28.84
CA GLY D 131 -13.17 25.72 29.12
C GLY D 131 -14.10 26.45 28.20
N ASN D 132 -13.65 27.52 27.55
CA ASN D 132 -14.58 28.38 26.76
C ASN D 132 -15.19 27.53 25.65
N LEU D 133 -16.53 27.51 25.54
CA LEU D 133 -17.27 26.68 24.57
C LEU D 133 -17.38 27.36 23.22
N LYS D 134 -16.81 28.56 23.08
CA LYS D 134 -16.61 29.29 21.81
C LYS D 134 -17.91 29.98 21.39
N GLY D 135 -17.85 30.75 20.30
CA GLY D 135 -18.99 31.59 19.88
C GLY D 135 -19.13 31.55 18.37
N THR D 136 -18.70 32.59 17.67
CA THR D 136 -18.78 32.61 16.19
C THR D 136 -17.67 33.47 15.62
N THR D 137 -17.74 33.75 14.34
CA THR D 137 -16.74 34.59 13.64
C THR D 137 -17.47 35.31 12.50
N ARG D 138 -16.81 36.27 11.91
CA ARG D 138 -17.35 37.13 10.86
C ARG D 138 -18.03 36.33 9.76
N THR D 139 -17.36 35.27 9.27
CA THR D 139 -17.71 34.69 7.95
C THR D 139 -17.15 33.28 7.80
N LEU D 140 -17.75 32.52 6.89
CA LEU D 140 -17.17 31.28 6.31
C LEU D 140 -16.57 31.52 4.90
N ASP D 141 -16.37 32.79 4.49
CA ASP D 141 -15.75 33.09 3.18
C ASP D 141 -14.44 32.29 3.03
N MET D 142 -14.35 31.55 1.94
CA MET D 142 -13.16 30.74 1.55
C MET D 142 -12.85 29.64 2.57
N ILE D 143 -13.78 29.23 3.44
CA ILE D 143 -13.54 28.19 4.46
C ILE D 143 -14.02 26.83 3.93
N ASP D 144 -13.07 25.93 3.79
CA ASP D 144 -13.33 24.52 3.45
C ASP D 144 -13.23 23.71 4.73
N GLY D 145 -14.37 23.35 5.32
CA GLY D 145 -14.44 22.69 6.62
C GLY D 145 -14.38 23.66 7.78
N GLU D 146 -13.55 23.37 8.77
CA GLU D 146 -13.51 24.08 10.07
C GLU D 146 -12.65 25.36 9.95
N CYS D 147 -13.01 26.37 10.70
CA CYS D 147 -12.14 27.55 10.95
C CYS D 147 -12.18 27.86 12.44
N PRO D 148 -11.20 28.64 12.94
CA PRO D 148 -11.25 29.12 14.32
C PRO D 148 -12.48 30.01 14.57
N LEU D 149 -13.00 29.90 15.79
CA LEU D 149 -14.10 30.73 16.29
C LEU D 149 -13.58 31.64 17.42
N GLU D 150 -14.23 32.75 17.64
CA GLU D 150 -13.93 33.61 18.81
C GLU D 150 -14.58 32.97 20.03
N ASP D 151 -14.15 33.38 21.20
CA ASP D 151 -14.79 32.95 22.47
C ASP D 151 -16.23 33.45 22.52
N GLY D 152 -17.08 32.76 23.26
CA GLY D 152 -18.40 33.24 23.69
C GLY D 152 -18.38 33.55 25.16
N ILE D 153 -19.56 33.66 25.76
CA ILE D 153 -19.71 33.93 27.21
C ILE D 153 -19.92 32.63 27.99
N MET D 154 -19.88 31.50 27.29
CA MET D 154 -20.16 30.19 27.91
C MET D 154 -18.84 29.46 28.11
N SER D 155 -18.65 28.91 29.31
CA SER D 155 -17.44 28.12 29.65
C SER D 155 -17.84 26.95 30.53
N LYS D 156 -17.29 25.77 30.26
CA LYS D 156 -17.53 24.56 31.08
C LYS D 156 -17.03 24.81 32.50
N ASN D 157 -16.07 25.74 32.66
CA ASN D 157 -15.48 26.09 33.98
C ASN D 157 -16.22 27.25 34.65
N GLY D 158 -17.22 27.82 34.01
CA GLY D 158 -18.21 28.65 34.72
C GLY D 158 -17.96 30.14 34.64
N PHE D 159 -16.90 30.59 34.00
CA PHE D 159 -16.69 32.03 33.79
C PHE D 159 -16.16 32.36 32.42
N ALA D 160 -16.43 33.60 32.01
CA ALA D 160 -15.94 34.16 30.74
C ALA D 160 -15.88 35.67 30.91
N VAL D 161 -14.97 36.32 30.22
CA VAL D 161 -14.88 37.79 30.22
C VAL D 161 -15.17 38.30 28.81
N LEU D 162 -16.09 39.25 28.73
CA LEU D 162 -16.48 39.90 27.46
C LEU D 162 -15.91 41.32 27.54
N ALA D 163 -14.86 41.61 26.79
CA ALA D 163 -14.28 42.96 26.75
C ALA D 163 -15.14 43.88 25.88
N ASP D 164 -15.40 45.10 26.33
CA ASP D 164 -16.15 46.11 25.53
C ASP D 164 -15.13 47.06 24.93
N LYS D 165 -14.66 46.79 23.71
CA LYS D 165 -13.56 47.55 23.09
C LYS D 165 -14.14 48.51 22.07
N GLY D 166 -15.46 48.70 22.06
CA GLY D 166 -16.14 49.50 21.04
C GLY D 166 -16.23 50.97 21.43
N LYS D 167 -16.76 51.74 20.51
CA LYS D 167 -17.05 53.19 20.67
C LYS D 167 -18.32 53.37 21.49
N VAL D 168 -18.43 54.54 22.11
CA VAL D 168 -19.71 54.96 22.74
C VAL D 168 -20.63 55.48 21.65
N LEU D 169 -21.92 55.33 21.89
CA LEU D 169 -22.99 55.88 21.02
C LEU D 169 -23.60 57.11 21.69
N THR D 170 -24.17 57.99 20.86
CA THR D 170 -25.06 59.08 21.30
C THR D 170 -26.44 58.46 21.58
N GLU D 171 -27.33 59.25 22.15
CA GLU D 171 -28.71 58.87 22.53
C GLU D 171 -29.46 58.23 21.35
N VAL D 172 -29.24 58.78 20.15
CA VAL D 172 -29.97 58.37 18.90
C VAL D 172 -29.18 57.28 18.17
N GLY D 173 -28.04 56.82 18.74
CA GLY D 173 -27.28 55.65 18.26
C GLY D 173 -26.27 55.97 17.15
N ASP D 174 -25.68 57.16 17.10
CA ASP D 174 -24.53 57.48 16.22
C ASP D 174 -23.25 57.30 17.03
N ILE D 175 -22.12 57.13 16.37
CA ILE D 175 -20.80 56.94 17.04
C ILE D 175 -20.39 58.27 17.72
N ALA D 176 -20.19 58.28 19.04
CA ALA D 176 -19.86 59.51 19.81
C ALA D 176 -18.34 59.70 19.88
N GLY D 177 -17.56 58.61 19.87
CA GLY D 177 -16.09 58.60 19.98
C GLY D 177 -15.66 57.61 21.04
N ASN D 178 -14.52 57.81 21.69
CA ASN D 178 -13.93 56.83 22.62
C ASN D 178 -14.59 56.96 24.00
N SER D 179 -14.86 55.81 24.63
CA SER D 179 -15.26 55.66 26.05
C SER D 179 -14.27 56.35 26.99
N VAL D 180 -14.77 56.92 28.08
CA VAL D 180 -13.90 57.46 29.16
C VAL D 180 -13.41 56.29 30.03
N SER D 181 -14.14 55.17 30.02
CA SER D 181 -13.68 53.90 30.65
C SER D 181 -12.73 53.21 29.65
N THR D 182 -11.43 53.48 29.76
CA THR D 182 -10.38 53.04 28.82
C THR D 182 -10.19 51.52 28.95
N ILE D 183 -10.56 50.92 30.07
CA ILE D 183 -10.79 49.45 30.13
C ILE D 183 -12.22 49.24 30.61
N ASP D 184 -12.98 48.45 29.86
CA ASP D 184 -14.40 48.16 30.15
C ASP D 184 -14.63 46.66 29.86
N LEU D 185 -14.87 45.86 30.91
CA LEU D 185 -14.99 44.36 30.87
C LEU D 185 -16.26 43.92 31.59
N TYR D 186 -16.82 42.77 31.16
CA TYR D 186 -17.97 42.11 31.83
C TYR D 186 -17.50 40.71 32.21
N LEU D 187 -17.49 40.43 33.51
CA LEU D 187 -17.13 39.11 34.07
C LEU D 187 -18.43 38.35 34.32
N PHE D 188 -18.67 37.35 33.46
CA PHE D 188 -19.79 36.40 33.57
C PHE D 188 -19.31 35.21 34.43
N ALA D 189 -20.07 34.84 35.44
CA ALA D 189 -19.70 33.76 36.36
C ALA D 189 -20.99 33.04 36.69
N TYR D 190 -21.69 32.63 35.64
CA TYR D 190 -22.98 31.90 35.70
C TYR D 190 -22.80 30.38 35.83
N GLY D 191 -21.57 29.85 35.94
CA GLY D 191 -21.39 28.40 36.06
C GLY D 191 -21.77 27.73 34.75
N ARG D 192 -22.68 26.74 34.80
CA ARG D 192 -23.24 26.09 33.59
C ARG D 192 -24.71 26.44 33.46
N ASP D 193 -25.14 27.57 34.03
CA ASP D 193 -26.50 28.07 33.76
C ASP D 193 -26.36 28.89 32.48
N TYR D 194 -26.16 28.22 31.33
CA TYR D 194 -25.86 28.90 30.06
C TYR D 194 -27.05 29.73 29.60
N ARG D 195 -28.25 29.21 29.80
CA ARG D 195 -29.45 29.92 29.30
C ARG D 195 -29.60 31.26 30.04
N GLN D 196 -29.34 31.29 31.35
CA GLN D 196 -29.47 32.56 32.13
C GLN D 196 -28.40 33.56 31.69
N ALA D 197 -27.17 33.08 31.48
CA ALA D 197 -26.05 33.90 30.99
C ALA D 197 -26.49 34.58 29.70
N LEU D 198 -27.09 33.81 28.80
CA LEU D 198 -27.55 34.36 27.51
C LEU D 198 -28.66 35.39 27.73
N LYS D 199 -29.67 35.05 28.53
CA LYS D 199 -30.78 36.00 28.88
C LYS D 199 -30.17 37.33 29.36
N ASP D 200 -29.23 37.31 30.32
CA ASP D 200 -28.63 38.53 30.92
C ASP D 200 -27.68 39.21 29.93
N PHE D 201 -27.04 38.48 29.01
CA PHE D 201 -26.27 39.04 27.89
C PHE D 201 -27.19 39.87 27.00
N TYR D 202 -28.38 39.34 26.69
CA TYR D 202 -29.39 40.07 25.89
C TYR D 202 -29.89 41.30 26.65
N GLN D 203 -30.06 41.17 27.97
CA GLN D 203 -30.48 42.34 28.77
C GLN D 203 -29.41 43.42 28.63
N LEU D 204 -28.12 43.04 28.67
CA LEU D 204 -26.98 43.95 28.59
C LEU D 204 -26.91 44.55 27.19
N THR D 205 -26.98 43.70 26.15
CA THR D 205 -26.62 44.12 24.77
C THR D 205 -27.87 44.43 23.96
N GLY D 206 -29.06 44.21 24.52
CA GLY D 206 -30.32 44.36 23.76
C GLY D 206 -30.82 43.03 23.25
N ASN D 207 -32.13 42.83 23.25
CA ASN D 207 -32.72 41.58 22.73
C ASN D 207 -32.55 41.56 21.21
N THR D 208 -32.56 40.36 20.64
CA THR D 208 -32.77 40.17 19.20
C THR D 208 -34.14 40.73 18.84
N PRO D 209 -34.26 41.53 17.77
CA PRO D 209 -35.59 41.94 17.28
C PRO D 209 -36.37 40.72 16.76
N LYS D 210 -37.68 40.86 16.70
CA LYS D 210 -38.58 39.88 16.04
C LYS D 210 -38.15 39.83 14.58
N LEU D 211 -38.06 38.64 14.00
CA LEU D 211 -38.05 38.50 12.53
C LEU D 211 -39.49 38.55 12.02
N PRO D 212 -39.65 38.98 10.75
CA PRO D 212 -40.92 38.89 10.06
C PRO D 212 -41.06 37.44 9.55
N ARG D 213 -42.30 36.99 9.45
CA ARG D 213 -42.61 35.60 9.07
C ARG D 213 -41.95 35.24 7.72
N PHE D 214 -41.87 36.18 6.75
CA PHE D 214 -41.35 35.87 5.41
C PHE D 214 -39.90 35.36 5.48
N ALA D 215 -39.12 35.80 6.47
CA ALA D 215 -37.68 35.42 6.59
C ALA D 215 -37.52 33.92 6.84
N LEU D 216 -38.55 33.22 7.34
CA LEU D 216 -38.46 31.84 7.83
C LEU D 216 -38.85 30.81 6.77
N GLY D 217 -39.30 31.23 5.59
CA GLY D 217 -39.59 30.32 4.47
C GLY D 217 -38.35 30.05 3.64
N ASN D 218 -38.52 29.40 2.49
CA ASN D 218 -37.39 29.11 1.60
C ASN D 218 -37.01 30.38 0.83
N TRP D 219 -35.72 30.60 0.64
CA TRP D 219 -35.21 31.69 -0.23
C TRP D 219 -34.56 31.06 -1.46
N TRP D 220 -34.84 31.62 -2.64
CA TRP D 220 -34.09 31.32 -3.89
C TRP D 220 -33.02 32.39 -4.14
N SER D 221 -31.81 31.93 -4.43
CA SER D 221 -30.63 32.79 -4.71
C SER D 221 -29.69 32.03 -5.64
N ARG D 222 -29.12 32.76 -6.57
CA ARG D 222 -28.04 32.20 -7.42
C ARG D 222 -27.26 33.37 -8.01
N TYR D 223 -25.92 33.28 -7.99
CA TYR D 223 -25.05 34.27 -8.69
C TYR D 223 -25.07 33.93 -10.16
N TYR D 224 -26.04 34.45 -10.88
CA TYR D 224 -26.39 34.05 -12.26
C TYR D 224 -27.06 35.25 -12.92
N ASP D 225 -26.78 35.50 -14.20
CA ASP D 225 -27.22 36.70 -14.93
C ASP D 225 -28.62 36.44 -15.48
N TYR D 226 -29.58 36.30 -14.58
CA TYR D 226 -31.00 36.15 -14.99
C TYR D 226 -31.44 37.43 -15.72
N SER D 227 -32.34 37.26 -16.68
CA SER D 227 -33.25 38.33 -17.15
C SER D 227 -34.52 38.33 -16.32
N ASP D 228 -35.32 39.39 -16.46
CA ASP D 228 -36.64 39.43 -15.79
C ASP D 228 -37.40 38.17 -16.17
N LYS D 229 -37.42 37.87 -17.49
CA LYS D 229 -38.17 36.75 -18.09
C LYS D 229 -37.69 35.43 -17.47
N SER D 230 -36.39 35.17 -17.43
CA SER D 230 -35.87 33.86 -16.98
C SER D 230 -36.04 33.74 -15.47
N TYR D 231 -35.91 34.83 -14.70
CA TYR D 231 -36.15 34.78 -13.25
C TYR D 231 -37.62 34.43 -12.97
N LEU D 232 -38.57 35.10 -13.61
CA LEU D 232 -40.00 34.82 -13.36
C LEU D 232 -40.35 33.41 -13.87
N ALA D 233 -39.75 32.96 -14.97
CA ALA D 233 -39.97 31.59 -15.49
C ALA D 233 -39.53 30.61 -14.41
N LEU D 234 -38.42 30.90 -13.75
CA LEU D 234 -37.90 30.05 -12.66
C LEU D 234 -38.90 30.06 -11.50
N MET D 235 -39.37 31.23 -11.08
CA MET D 235 -40.30 31.33 -9.95
C MET D 235 -41.56 30.53 -10.30
N ASP D 236 -42.01 30.57 -11.55
CA ASP D 236 -43.24 29.84 -11.97
C ASP D 236 -42.93 28.33 -11.95
N LYS D 237 -41.70 27.93 -12.26
CA LYS D 237 -41.32 26.50 -12.25
C LYS D 237 -41.36 25.98 -10.82
N PHE D 238 -40.88 26.77 -9.85
CA PHE D 238 -40.97 26.40 -8.42
C PHE D 238 -42.44 26.09 -8.09
N THR D 239 -43.36 26.98 -8.44
CA THR D 239 -44.82 26.78 -8.21
C THR D 239 -45.28 25.47 -8.85
N ASP D 240 -44.92 25.25 -10.13
CA ASP D 240 -45.30 24.05 -10.91
C ASP D 240 -44.76 22.79 -10.22
N LYS D 241 -43.57 22.89 -9.63
CA LYS D 241 -42.86 21.75 -8.99
C LYS D 241 -43.28 21.62 -7.53
N LYS D 242 -44.21 22.43 -7.01
CA LYS D 242 -44.73 22.28 -5.64
C LYS D 242 -43.66 22.62 -4.62
N VAL D 243 -42.83 23.59 -4.92
CA VAL D 243 -41.80 24.10 -3.96
C VAL D 243 -42.18 25.50 -3.52
N PRO D 244 -42.53 25.70 -2.25
CA PRO D 244 -42.88 27.03 -1.76
C PRO D 244 -41.62 27.87 -1.57
N LEU D 245 -41.71 29.16 -1.88
CA LEU D 245 -40.67 30.17 -1.59
C LEU D 245 -41.29 31.38 -0.90
N SER D 246 -40.52 32.03 -0.03
CA SER D 246 -40.89 33.31 0.64
CA SER D 246 -40.92 33.32 0.62
C SER D 246 -40.05 34.47 0.11
N VAL D 247 -38.80 34.18 -0.30
CA VAL D 247 -37.86 35.27 -0.74
C VAL D 247 -37.26 34.96 -2.11
N SER D 248 -37.26 35.99 -2.95
CA SER D 248 -36.51 36.08 -4.22
C SER D 248 -35.29 36.98 -4.00
N VAL D 249 -34.11 36.36 -4.02
CA VAL D 249 -32.86 37.13 -4.03
C VAL D 249 -32.44 37.35 -5.48
N ILE D 250 -31.96 38.55 -5.77
CA ILE D 250 -31.38 38.93 -7.09
C ILE D 250 -29.93 39.33 -6.79
N ASP D 251 -28.98 38.52 -7.24
CA ASP D 251 -27.54 38.78 -7.01
C ASP D 251 -27.05 39.85 -8.00
N MET D 252 -25.78 40.20 -7.88
CA MET D 252 -25.11 41.41 -8.40
C MET D 252 -25.37 41.62 -9.90
N ASP D 253 -25.67 40.57 -10.68
CA ASP D 253 -25.92 40.72 -12.14
C ASP D 253 -27.24 41.53 -12.40
N TRP D 254 -27.94 41.95 -11.34
CA TRP D 254 -29.10 42.88 -11.51
C TRP D 254 -28.57 44.21 -12.03
N HIS D 255 -27.37 44.59 -11.61
CA HIS D 255 -26.77 45.90 -12.00
C HIS D 255 -25.74 45.74 -13.12
N LYS D 256 -25.29 46.88 -13.66
CA LYS D 256 -24.25 46.91 -14.71
C LYS D 256 -23.02 46.21 -14.17
N VAL D 257 -22.38 45.38 -14.99
CA VAL D 257 -21.10 44.74 -14.56
C VAL D 257 -20.09 44.86 -15.68
N SER D 258 -20.21 44.04 -16.73
CA SER D 258 -19.16 44.05 -17.79
C SER D 258 -19.17 45.38 -18.54
N GLU D 259 -20.30 46.10 -18.61
CA GLU D 259 -20.41 47.39 -19.34
C GLU D 259 -19.67 48.51 -18.59
N VAL D 260 -19.32 48.36 -17.32
CA VAL D 260 -18.69 49.48 -16.57
C VAL D 260 -17.33 49.83 -17.22
N PRO D 261 -17.09 51.05 -17.74
CA PRO D 261 -15.79 51.37 -18.32
C PRO D 261 -14.70 51.13 -17.28
N SER D 262 -13.61 50.50 -17.70
CA SER D 262 -12.50 50.04 -16.85
C SER D 262 -11.89 51.20 -16.05
N ARG D 263 -11.96 52.45 -16.53
CA ARG D 263 -11.38 53.62 -15.79
C ARG D 263 -12.02 53.78 -14.40
N PHE D 264 -13.26 53.30 -14.23
CA PHE D 264 -14.01 53.32 -12.94
C PHE D 264 -13.62 52.19 -12.00
N GLY D 265 -12.79 51.25 -12.45
CA GLY D 265 -12.54 50.01 -11.69
C GLY D 265 -13.51 48.93 -12.11
N SER D 266 -13.85 48.03 -11.22
CA SER D 266 -14.67 46.84 -11.57
C SER D 266 -16.17 47.15 -11.57
N GLY D 267 -16.97 46.18 -11.98
CA GLY D 267 -18.43 46.26 -11.89
C GLY D 267 -18.98 45.56 -10.66
N TRP D 268 -18.15 45.29 -9.64
CA TRP D 268 -18.59 44.54 -8.43
C TRP D 268 -19.64 45.37 -7.66
N THR D 269 -19.31 46.61 -7.40
CA THR D 269 -20.26 47.64 -6.89
C THR D 269 -21.11 48.12 -8.07
N GLY D 270 -22.42 48.17 -7.87
CA GLY D 270 -23.33 48.79 -8.85
C GLY D 270 -24.65 49.18 -8.22
N TYR D 271 -25.24 50.27 -8.69
CA TYR D 271 -26.57 50.70 -8.22
C TYR D 271 -27.49 50.96 -9.40
N SER D 272 -27.13 50.52 -10.59
CA SER D 272 -27.82 50.88 -11.84
C SER D 272 -28.26 49.60 -12.51
N TRP D 273 -29.56 49.42 -12.72
CA TRP D 273 -30.09 48.21 -13.40
C TRP D 273 -29.37 48.01 -14.74
N ASN D 274 -29.06 46.75 -15.00
CA ASN D 274 -28.77 46.28 -16.38
C ASN D 274 -30.09 46.18 -17.13
N LYS D 275 -30.39 47.18 -17.95
CA LYS D 275 -31.72 47.32 -18.62
C LYS D 275 -31.84 46.33 -19.78
N LYS D 276 -30.77 45.64 -20.18
CA LYS D 276 -30.88 44.52 -21.16
C LYS D 276 -31.56 43.35 -20.46
N LEU D 277 -31.24 43.12 -19.18
CA LEU D 277 -31.78 41.97 -18.43
C LEU D 277 -33.07 42.41 -17.74
N PHE D 278 -33.19 43.69 -17.34
CA PHE D 278 -34.34 44.22 -16.55
C PHE D 278 -34.78 45.55 -17.16
N PRO D 279 -35.41 45.52 -18.34
CA PRO D 279 -35.86 46.74 -19.02
C PRO D 279 -36.90 47.57 -18.26
N ASN D 280 -37.67 46.95 -17.36
CA ASN D 280 -38.63 47.64 -16.45
C ASN D 280 -38.54 47.01 -15.08
N PRO D 281 -37.58 47.46 -14.25
CA PRO D 281 -37.35 46.85 -12.94
C PRO D 281 -38.61 46.86 -12.05
N GLU D 282 -39.32 47.99 -12.00
CA GLU D 282 -40.50 48.08 -11.11
C GLU D 282 -41.55 47.04 -11.51
N ASN D 283 -41.81 46.87 -12.80
CA ASN D 283 -42.72 45.81 -13.29
C ASN D 283 -42.23 44.42 -12.84
N PHE D 284 -40.93 44.15 -12.95
CA PHE D 284 -40.35 42.81 -12.59
C PHE D 284 -40.65 42.57 -11.12
N ILE D 285 -40.35 43.54 -10.27
CA ILE D 285 -40.57 43.43 -8.80
C ILE D 285 -42.07 43.33 -8.51
N ASP D 286 -42.90 44.10 -9.21
CA ASP D 286 -44.38 43.95 -9.06
C ASP D 286 -44.74 42.51 -9.31
N GLU D 287 -44.17 41.87 -10.35
CA GLU D 287 -44.45 40.46 -10.68
C GLU D 287 -44.08 39.54 -9.51
N LEU D 288 -42.94 39.81 -8.88
CA LEU D 288 -42.48 38.96 -7.74
C LEU D 288 -43.45 39.19 -6.56
N HIS D 289 -43.85 40.45 -6.33
CA HIS D 289 -44.82 40.77 -5.25
C HIS D 289 -46.16 40.08 -5.53
N GLN D 290 -46.61 40.04 -6.80
CA GLN D 290 -47.90 39.39 -7.14
C GLN D 290 -47.81 37.91 -6.78
N ARG D 291 -46.60 37.33 -6.81
CA ARG D 291 -46.34 35.92 -6.41
C ARG D 291 -46.07 35.81 -4.91
N LYS D 292 -46.28 36.89 -4.13
CA LYS D 292 -46.13 36.92 -2.66
C LYS D 292 -44.69 36.60 -2.26
N LEU D 293 -43.76 37.11 -3.03
CA LEU D 293 -42.33 36.97 -2.74
C LEU D 293 -41.84 38.32 -2.24
N LYS D 294 -41.00 38.34 -1.21
CA LYS D 294 -40.21 39.52 -0.85
C LYS D 294 -38.93 39.49 -1.67
N VAL D 295 -38.43 40.67 -2.04
CA VAL D 295 -37.30 40.84 -2.99
C VAL D 295 -36.14 41.57 -2.31
N THR D 296 -34.93 41.04 -2.47
CA THR D 296 -33.70 41.64 -1.98
C THR D 296 -32.69 41.64 -3.12
N LEU D 297 -31.87 42.65 -3.13
CA LEU D 297 -30.79 42.83 -4.10
C LEU D 297 -29.47 42.79 -3.38
N ASN D 298 -28.50 42.16 -4.02
CA ASN D 298 -27.11 42.21 -3.56
C ASN D 298 -26.54 43.63 -3.68
N ASP D 299 -26.02 44.16 -2.59
CA ASP D 299 -25.30 45.43 -2.58
C ASP D 299 -23.86 45.14 -2.17
N HIS D 300 -22.94 45.51 -3.04
CA HIS D 300 -21.48 45.58 -2.79
C HIS D 300 -21.11 47.05 -2.57
N PRO D 301 -21.03 47.52 -1.31
CA PRO D 301 -20.94 48.97 -1.07
C PRO D 301 -19.56 49.61 -1.31
N ALA D 302 -18.49 48.82 -1.39
CA ALA D 302 -17.10 49.30 -1.13
C ALA D 302 -16.60 50.33 -2.13
N ASP D 303 -17.03 50.34 -3.40
CA ASP D 303 -16.53 51.32 -4.40
C ASP D 303 -17.48 52.53 -4.49
N GLY D 304 -18.44 52.64 -3.57
CA GLY D 304 -19.28 53.84 -3.44
C GLY D 304 -20.07 54.11 -4.72
N ILE D 305 -20.30 55.40 -5.01
CA ILE D 305 -21.14 55.82 -6.17
C ILE D 305 -20.26 56.56 -7.16
N ARG D 306 -19.93 55.87 -8.25
CA ARG D 306 -19.04 56.41 -9.30
C ARG D 306 -19.88 57.08 -10.40
N ALA D 307 -19.20 57.79 -11.26
CA ALA D 307 -19.76 58.80 -12.17
C ALA D 307 -20.63 58.18 -13.26
N PHE D 308 -20.52 56.88 -13.56
CA PHE D 308 -21.38 56.20 -14.58
C PHE D 308 -22.75 55.82 -13.98
N GLU D 309 -22.94 55.85 -12.65
CA GLU D 309 -24.14 55.32 -11.96
C GLU D 309 -25.35 56.23 -12.19
N ASP D 310 -26.49 55.61 -12.40
CA ASP D 310 -27.83 56.23 -12.48
C ASP D 310 -28.04 57.25 -11.37
N PRO D 311 -27.84 56.95 -10.06
CA PRO D 311 -28.00 57.97 -9.02
C PRO D 311 -26.90 59.04 -8.89
N TYR D 312 -25.82 58.96 -9.68
CA TYR D 312 -24.64 59.83 -9.44
C TYR D 312 -25.00 61.31 -9.58
N PRO D 313 -25.74 61.76 -10.62
CA PRO D 313 -26.13 63.18 -10.71
C PRO D 313 -26.73 63.70 -9.39
N GLN D 314 -27.68 62.97 -8.80
CA GLN D 314 -28.32 63.37 -7.52
C GLN D 314 -27.28 63.31 -6.37
N VAL D 315 -26.52 62.21 -6.21
CA VAL D 315 -25.48 62.08 -5.15
C VAL D 315 -24.41 63.18 -5.29
N ALA D 316 -23.93 63.43 -6.50
CA ALA D 316 -22.86 64.43 -6.76
C ALA D 316 -23.33 65.84 -6.36
N GLN D 317 -24.60 66.12 -6.64
CA GLN D 317 -25.28 67.39 -6.28
C GLN D 317 -25.27 67.51 -4.76
N THR D 318 -25.77 66.49 -4.06
CA THR D 318 -25.88 66.48 -2.58
C THR D 318 -24.50 66.61 -1.96
N LEU D 319 -23.47 65.91 -2.46
CA LEU D 319 -22.17 65.87 -1.77
C LEU D 319 -21.19 66.87 -2.39
N ASP D 320 -21.61 67.72 -3.33
CA ASP D 320 -20.77 68.80 -3.94
C ASP D 320 -19.53 68.17 -4.58
N LEU D 321 -19.71 67.15 -5.41
CA LEU D 321 -18.59 66.44 -6.08
C LEU D 321 -18.31 67.15 -7.40
N ASN D 322 -17.08 67.05 -7.87
CA ASN D 322 -16.66 67.58 -9.18
C ASN D 322 -17.01 66.57 -10.28
N THR D 323 -18.15 66.75 -10.94
CA THR D 323 -18.68 65.85 -11.99
C THR D 323 -17.82 65.88 -13.26
N GLU D 324 -17.18 67.00 -13.59
CA GLU D 324 -16.38 67.05 -14.85
C GLU D 324 -15.08 66.27 -14.63
N LEU D 325 -14.59 66.13 -13.39
CA LEU D 325 -13.43 65.25 -13.05
C LEU D 325 -13.90 63.86 -12.63
N GLU D 326 -15.20 63.57 -12.75
CA GLU D 326 -15.83 62.27 -12.36
C GLU D 326 -15.40 61.87 -10.94
N GLU D 327 -15.40 62.84 -10.03
CA GLU D 327 -15.11 62.57 -8.61
C GLU D 327 -16.17 61.59 -8.09
N ALA D 328 -15.72 60.48 -7.53
CA ALA D 328 -16.60 59.44 -6.96
C ALA D 328 -17.06 59.86 -5.56
N ALA D 329 -18.29 59.51 -5.23
CA ALA D 329 -18.73 59.40 -3.82
C ALA D 329 -18.13 58.11 -3.22
N LYS D 330 -16.94 58.20 -2.64
CA LYS D 330 -16.30 57.01 -2.04
C LYS D 330 -17.11 56.54 -0.83
N PHE D 331 -17.09 55.23 -0.61
CA PHE D 331 -17.78 54.61 0.54
C PHE D 331 -17.21 55.23 1.81
N ASP D 332 -18.06 55.79 2.65
CA ASP D 332 -17.61 56.39 3.93
C ASP D 332 -18.80 56.42 4.89
N PHE D 333 -19.02 55.30 5.58
CA PHE D 333 -20.16 55.13 6.49
C PHE D 333 -19.87 55.80 7.84
N ASP D 334 -18.67 56.33 8.05
CA ASP D 334 -18.41 57.26 9.18
C ASP D 334 -19.14 58.60 8.95
N ASN D 335 -19.43 58.95 7.68
CA ASN D 335 -19.81 60.32 7.27
C ASN D 335 -21.33 60.42 7.17
N LEU D 336 -21.94 61.28 7.99
CA LEU D 336 -23.41 61.47 8.07
C LEU D 336 -24.00 61.76 6.67
N LYS D 337 -23.37 62.63 5.87
CA LYS D 337 -23.94 63.07 4.57
C LYS D 337 -23.83 61.90 3.59
N PHE D 338 -22.77 61.09 3.68
CA PHE D 338 -22.63 59.91 2.79
C PHE D 338 -23.77 58.92 3.11
N ARG D 339 -24.03 58.63 4.39
CA ARG D 339 -25.09 57.66 4.76
C ARG D 339 -26.45 58.17 4.26
N LYS D 340 -26.74 59.46 4.50
CA LYS D 340 -28.00 60.08 3.99
C LYS D 340 -28.13 59.89 2.46
N ALA D 341 -27.07 60.19 1.73
CA ALA D 341 -27.08 60.06 0.24
C ALA D 341 -27.28 58.59 -0.13
N TYR D 342 -26.58 57.71 0.55
CA TYR D 342 -26.65 56.24 0.28
C TYR D 342 -28.09 55.74 0.51
N PHE D 343 -28.71 56.04 1.66
CA PHE D 343 -30.10 55.60 1.95
C PHE D 343 -31.14 56.28 1.03
N GLU D 344 -31.10 57.60 0.91
CA GLU D 344 -32.16 58.39 0.22
C GLU D 344 -31.98 58.40 -1.30
N GLU D 345 -30.76 58.56 -1.82
CA GLU D 345 -30.58 58.81 -3.27
C GLU D 345 -30.15 57.54 -3.99
N VAL D 346 -29.60 56.56 -3.26
CA VAL D 346 -29.13 55.29 -3.92
C VAL D 346 -30.11 54.15 -3.65
N HIS D 347 -30.36 53.78 -2.41
CA HIS D 347 -31.34 52.74 -2.05
C HIS D 347 -32.74 53.29 -2.30
N GLY D 348 -32.98 54.58 -2.04
CA GLY D 348 -34.36 55.09 -2.06
C GLY D 348 -35.05 54.78 -3.39
N PRO D 349 -34.49 55.18 -4.55
CA PRO D 349 -35.11 54.87 -5.84
C PRO D 349 -35.37 53.37 -6.06
N LEU D 350 -34.47 52.50 -5.56
CA LEU D 350 -34.59 51.04 -5.80
C LEU D 350 -35.68 50.51 -4.88
N GLU D 351 -35.81 51.04 -3.67
CA GLU D 351 -36.90 50.68 -2.74
C GLU D 351 -38.24 51.12 -3.35
N LYS D 352 -38.27 52.27 -4.01
CA LYS D 352 -39.47 52.81 -4.70
C LYS D 352 -39.85 51.84 -5.82
N GLU D 353 -38.88 51.21 -6.50
CA GLU D 353 -39.17 50.20 -7.55
C GLU D 353 -39.70 48.91 -6.90
N GLY D 354 -39.50 48.74 -5.58
CA GLY D 354 -40.17 47.68 -4.79
C GLY D 354 -39.20 46.78 -4.02
N VAL D 355 -37.89 47.08 -4.04
CA VAL D 355 -36.92 46.31 -3.22
C VAL D 355 -37.33 46.33 -1.74
N ASP D 356 -37.48 45.18 -1.11
CA ASP D 356 -38.02 45.06 0.27
C ASP D 356 -36.92 45.18 1.32
N PHE D 357 -35.75 44.58 1.09
CA PHE D 357 -34.68 44.61 2.10
C PHE D 357 -33.35 44.35 1.39
N TRP D 358 -32.27 44.63 2.11
CA TRP D 358 -30.92 44.74 1.52
C TRP D 358 -30.05 43.56 1.96
N TRP D 359 -29.44 42.93 0.96
CA TRP D 359 -28.31 41.98 1.12
C TRP D 359 -27.02 42.79 1.08
N ILE D 360 -26.50 43.14 2.26
CA ILE D 360 -25.20 43.84 2.40
C ILE D 360 -24.10 42.78 2.29
N ASP D 361 -23.32 42.88 1.21
CA ASP D 361 -22.33 41.82 0.86
C ASP D 361 -20.94 42.45 0.90
N TRP D 362 -20.43 42.66 2.12
CA TRP D 362 -19.16 43.35 2.40
C TRP D 362 -18.07 42.32 2.63
N GLN D 363 -17.00 42.37 1.83
N GLN D 363 -17.03 42.38 1.81
CA GLN D 363 -15.82 41.47 1.94
CA GLN D 363 -15.86 41.47 1.91
C GLN D 363 -14.55 42.31 1.77
C GLN D 363 -14.59 42.32 1.72
N GLN D 364 -14.60 43.60 2.11
CA GLN D 364 -13.49 44.54 1.75
C GLN D 364 -12.76 45.05 2.99
N GLY D 365 -12.78 44.31 4.09
CA GLY D 365 -11.89 44.62 5.21
C GLY D 365 -12.55 45.43 6.33
N ALA D 366 -11.76 45.83 7.32
CA ALA D 366 -12.25 46.46 8.57
C ALA D 366 -11.64 47.86 8.75
N ILE D 367 -11.17 48.48 7.67
CA ILE D 367 -10.45 49.80 7.76
C ILE D 367 -11.49 50.92 7.77
N SER D 368 -11.37 51.87 8.71
CA SER D 368 -12.15 53.14 8.74
C SER D 368 -11.33 54.21 9.48
N LYS D 369 -11.61 55.49 9.28
CA LYS D 369 -10.80 56.49 10.03
C LYS D 369 -11.25 56.52 11.50
N SER D 370 -12.51 56.17 11.79
CA SER D 370 -13.07 56.18 13.16
C SER D 370 -12.51 55.03 14.00
N GLY D 371 -12.03 53.96 13.35
CA GLY D 371 -11.69 52.67 13.94
C GLY D 371 -12.94 51.82 14.16
N VAL D 372 -14.06 52.20 13.55
CA VAL D 372 -15.31 51.39 13.63
C VAL D 372 -15.33 50.53 12.36
N ASP D 373 -15.56 49.23 12.54
CA ASP D 373 -15.62 48.30 11.39
C ASP D 373 -16.70 48.80 10.45
N PRO D 374 -16.39 49.05 9.16
CA PRO D 374 -17.43 49.40 8.20
C PRO D 374 -18.60 48.42 8.16
N LEU D 375 -18.33 47.12 8.36
CA LEU D 375 -19.42 46.12 8.42
C LEU D 375 -20.36 46.45 9.58
N TRP D 376 -19.81 46.85 10.73
CA TRP D 376 -20.65 47.25 11.89
C TRP D 376 -21.51 48.44 11.50
N LEU D 377 -20.91 49.47 10.91
CA LEU D 377 -21.69 50.69 10.55
C LEU D 377 -22.79 50.31 9.57
N LEU D 378 -22.49 49.48 8.56
CA LEU D 378 -23.50 49.06 7.56
C LEU D 378 -24.62 48.32 8.26
N ASN D 379 -24.30 47.37 9.13
CA ASN D 379 -25.35 46.50 9.71
C ASN D 379 -26.28 47.37 10.60
N HIS D 380 -25.65 48.21 11.42
CA HIS D 380 -26.31 49.08 12.43
C HIS D 380 -27.27 50.02 11.72
N TYR D 381 -26.76 50.75 10.74
CA TYR D 381 -27.52 51.84 10.05
C TYR D 381 -28.47 51.25 9.01
N GLN D 382 -28.08 50.18 8.29
CA GLN D 382 -29.02 49.55 7.34
C GLN D 382 -30.16 48.89 8.12
N TYR D 383 -29.88 48.26 9.26
CA TYR D 383 -30.98 47.57 9.96
C TYR D 383 -32.02 48.65 10.35
N GLN D 384 -31.52 49.79 10.83
CA GLN D 384 -32.40 50.91 11.28
C GLN D 384 -33.21 51.42 10.08
N ASN D 385 -32.55 51.69 8.97
CA ASN D 385 -33.18 52.24 7.75
C ASN D 385 -34.19 51.23 7.19
N ALA D 386 -33.96 49.93 7.33
CA ALA D 386 -34.86 48.90 6.80
C ALA D 386 -36.26 48.99 7.41
N GLN D 387 -36.34 49.48 8.63
CA GLN D 387 -37.64 49.60 9.36
C GLN D 387 -38.58 50.61 8.63
N LYS D 388 -38.06 51.48 7.79
CA LYS D 388 -38.89 52.42 6.97
C LYS D 388 -39.68 51.68 5.91
N LYS D 389 -39.25 50.46 5.54
CA LYS D 389 -39.85 49.73 4.41
C LYS D 389 -40.93 48.74 4.92
N HIS D 390 -40.65 48.02 6.02
CA HIS D 390 -41.50 46.93 6.56
C HIS D 390 -41.34 46.89 8.07
N LYS D 391 -42.40 46.45 8.76
CA LYS D 391 -42.39 46.19 10.22
C LYS D 391 -41.40 45.05 10.48
N ASN D 392 -40.49 45.26 11.42
CA ASN D 392 -39.53 44.23 11.86
C ASN D 392 -38.76 43.70 10.64
N ASN D 393 -38.33 44.62 9.77
CA ASN D 393 -37.61 44.26 8.54
C ASN D 393 -36.23 43.69 8.92
N ILE D 394 -35.61 43.04 7.95
CA ILE D 394 -34.25 42.45 8.13
C ILE D 394 -33.25 43.07 7.16
N ILE D 395 -31.99 42.74 7.41
CA ILE D 395 -30.87 42.78 6.44
C ILE D 395 -30.38 41.34 6.21
N LEU D 396 -29.40 41.19 5.33
CA LEU D 396 -28.63 39.92 5.22
C LEU D 396 -27.18 40.33 5.14
N SER D 397 -26.41 40.11 6.19
CA SER D 397 -25.00 40.58 6.30
C SER D 397 -24.21 39.71 7.26
N ARG D 398 -22.88 39.76 7.11
CA ARG D 398 -21.90 39.03 7.95
C ARG D 398 -21.95 39.55 9.39
N TYR D 399 -21.46 38.73 10.30
CA TYR D 399 -21.37 38.97 11.76
C TYR D 399 -20.40 40.10 12.02
N ALA D 400 -20.83 41.09 12.81
CA ALA D 400 -20.09 42.33 13.09
C ALA D 400 -19.71 42.39 14.57
N GLY D 401 -19.56 41.27 15.24
CA GLY D 401 -19.09 41.27 16.63
C GLY D 401 -20.22 41.27 17.65
N PRO D 402 -19.84 41.12 18.92
CA PRO D 402 -20.82 40.92 19.97
C PRO D 402 -21.80 42.09 20.02
N GLY D 403 -23.08 41.78 20.12
CA GLY D 403 -24.20 42.74 20.04
C GLY D 403 -24.78 42.89 18.65
N SER D 404 -24.08 42.45 17.61
CA SER D 404 -24.56 42.64 16.20
C SER D 404 -25.70 41.66 15.90
N HIS D 405 -26.10 40.79 16.84
CA HIS D 405 -27.40 40.06 16.78
C HIS D 405 -28.59 41.02 16.74
N ARG D 406 -28.42 42.28 17.17
CA ARG D 406 -29.53 43.27 17.05
C ARG D 406 -29.84 43.55 15.58
N TYR D 407 -29.01 43.07 14.66
CA TYR D 407 -29.20 43.38 13.23
C TYR D 407 -29.28 42.12 12.37
N PRO D 408 -30.29 41.26 12.60
CA PRO D 408 -30.44 40.04 11.81
C PRO D 408 -30.80 40.38 10.37
N LEU D 409 -30.49 39.52 9.39
CA LEU D 409 -29.99 38.16 9.56
C LEU D 409 -28.47 38.07 9.35
N GLY D 410 -27.86 37.05 9.97
CA GLY D 410 -26.48 36.64 9.71
C GLY D 410 -26.34 36.02 8.33
N PHE D 411 -25.24 36.31 7.61
CA PHE D 411 -24.94 35.78 6.27
C PHE D 411 -23.52 35.23 6.34
N SER D 412 -23.32 33.92 6.28
CA SER D 412 -21.97 33.35 6.49
C SER D 412 -21.12 33.43 5.22
N GLY D 413 -21.69 33.59 4.03
CA GLY D 413 -20.88 33.85 2.82
C GLY D 413 -20.25 32.59 2.20
N ASP D 414 -19.01 32.77 1.68
CA ASP D 414 -18.46 31.96 0.56
C ASP D 414 -17.84 30.65 1.07
N SER D 415 -18.67 29.78 1.60
CA SER D 415 -18.22 28.46 2.05
C SER D 415 -17.73 27.68 0.82
N VAL D 416 -16.77 26.79 1.02
CA VAL D 416 -16.37 25.81 -0.03
C VAL D 416 -17.35 24.63 -0.01
N ILE D 417 -17.79 24.21 -1.19
CA ILE D 417 -18.75 23.09 -1.38
C ILE D 417 -18.03 21.77 -1.10
N SER D 418 -18.17 21.23 0.11
CA SER D 418 -17.46 20.02 0.51
C SER D 418 -18.23 19.35 1.67
N TRP D 419 -18.04 18.06 1.82
CA TRP D 419 -18.51 17.29 2.98
C TRP D 419 -17.89 17.93 4.24
N ALA D 420 -16.65 18.41 4.16
CA ALA D 420 -15.99 19.00 5.34
C ALA D 420 -16.75 20.24 5.79
N SER D 421 -17.10 21.10 4.85
CA SER D 421 -17.86 22.35 5.15
C SER D 421 -19.20 21.95 5.77
N LEU D 422 -19.92 20.99 5.17
CA LEU D 422 -21.23 20.60 5.77
C LEU D 422 -21.02 20.05 7.18
N ASP D 423 -19.99 19.24 7.40
CA ASP D 423 -19.74 18.59 8.71
C ASP D 423 -19.41 19.64 9.78
N PHE D 424 -18.89 20.81 9.41
CA PHE D 424 -18.60 21.88 10.40
C PHE D 424 -19.87 22.67 10.75
N GLN D 425 -20.85 22.71 9.84
CA GLN D 425 -21.87 23.80 9.88
C GLN D 425 -22.86 23.65 11.03
N PRO D 426 -23.41 22.45 11.39
CA PRO D 426 -24.31 22.36 12.53
C PRO D 426 -23.64 22.86 13.83
N TYR D 427 -22.43 22.38 14.10
CA TYR D 427 -21.59 22.83 15.24
C TYR D 427 -21.46 24.37 15.23
N PHE D 428 -21.11 24.90 14.07
CA PHE D 428 -20.90 26.35 13.88
C PHE D 428 -22.20 27.06 14.31
N THR D 429 -23.32 26.52 13.88
CA THR D 429 -24.64 27.18 14.02
C THR D 429 -25.09 27.17 15.49
N SER D 430 -25.04 26.01 16.14
CA SER D 430 -25.47 25.91 17.56
C SER D 430 -24.49 26.67 18.49
N THR D 431 -23.19 26.64 18.20
CA THR D 431 -22.14 27.30 19.03
C THR D 431 -22.35 28.83 18.98
N ALA D 432 -22.87 29.34 17.87
CA ALA D 432 -23.11 30.80 17.72
C ALA D 432 -24.10 31.34 18.78
N SER D 433 -24.96 30.50 19.32
CA SER D 433 -25.90 30.86 20.42
C SER D 433 -25.12 31.29 21.67
N ASN D 434 -23.87 30.87 21.80
CA ASN D 434 -22.99 31.22 22.94
C ASN D 434 -22.55 32.69 22.92
N ILE D 435 -22.69 33.39 21.80
CA ILE D 435 -22.51 34.86 21.73
C ILE D 435 -23.81 35.51 21.26
N GLY D 436 -24.94 34.81 21.40
CA GLY D 436 -26.27 35.37 21.15
C GLY D 436 -26.58 35.67 19.68
N TYR D 437 -25.80 35.12 18.74
CA TYR D 437 -26.00 35.36 17.29
C TYR D 437 -26.78 34.19 16.68
N THR D 438 -28.11 34.21 16.74
CA THR D 438 -28.93 32.97 16.65
C THR D 438 -29.61 32.88 15.29
N TRP D 439 -29.31 33.80 14.36
CA TRP D 439 -29.99 33.83 13.04
C TRP D 439 -28.98 33.72 11.88
N TRP D 440 -28.04 32.80 11.97
CA TRP D 440 -27.12 32.53 10.83
C TRP D 440 -27.87 31.94 9.64
N SER D 441 -27.74 32.58 8.46
CA SER D 441 -28.16 32.05 7.14
C SER D 441 -26.91 31.61 6.39
N HIS D 442 -26.75 30.30 6.22
CA HIS D 442 -25.64 29.69 5.41
C HIS D 442 -26.14 29.51 4.00
N ASP D 443 -25.24 29.59 3.03
CA ASP D 443 -25.57 29.15 1.65
C ASP D 443 -25.85 27.65 1.71
N ILE D 444 -27.09 27.24 1.52
CA ILE D 444 -27.48 25.81 1.62
C ILE D 444 -26.95 25.08 0.38
N GLY D 445 -26.14 24.04 0.64
CA GLY D 445 -25.40 23.32 -0.41
C GLY D 445 -23.99 23.84 -0.63
N GLY D 446 -23.59 24.86 0.11
CA GLY D 446 -22.27 25.48 -0.03
C GLY D 446 -22.22 26.49 -1.16
N HIS D 447 -21.26 27.42 -1.07
CA HIS D 447 -21.21 28.56 -2.02
C HIS D 447 -20.43 28.21 -3.28
N MET D 448 -19.16 27.83 -3.15
CA MET D 448 -18.25 27.86 -4.33
C MET D 448 -17.19 26.75 -4.27
N GLN D 449 -16.52 26.58 -5.40
CA GLN D 449 -15.40 25.62 -5.58
C GLN D 449 -15.87 24.26 -5.10
N GLY D 450 -14.96 23.44 -4.58
CA GLY D 450 -15.31 22.09 -4.18
C GLY D 450 -15.77 21.22 -5.34
N TYR D 451 -16.60 20.23 -5.02
N TYR D 451 -16.61 20.25 -5.03
CA TYR D 451 -16.85 19.06 -5.89
CA TYR D 451 -16.90 19.13 -5.97
C TYR D 451 -18.36 18.76 -5.93
C TYR D 451 -18.39 18.82 -5.96
N LYS D 452 -18.84 18.23 -7.06
CA LYS D 452 -20.23 17.85 -7.27
C LYS D 452 -20.49 16.52 -6.56
N ASP D 453 -21.59 16.47 -5.83
CA ASP D 453 -22.05 15.23 -5.13
C ASP D 453 -23.50 15.49 -4.77
N ALA D 454 -24.44 14.95 -5.55
CA ALA D 454 -25.87 15.20 -5.34
C ALA D 454 -26.25 14.90 -3.90
N GLU D 455 -25.66 13.88 -3.31
CA GLU D 455 -25.95 13.43 -1.93
C GLU D 455 -25.47 14.51 -0.93
N LEU D 456 -24.32 15.13 -1.16
CA LEU D 456 -23.89 16.30 -0.35
C LEU D 456 -24.96 17.42 -0.44
N SER D 457 -25.45 17.72 -1.64
CA SER D 457 -26.44 18.81 -1.83
C SER D 457 -27.72 18.47 -1.03
N LEU D 458 -28.11 17.20 -0.98
CA LEU D 458 -29.35 16.73 -0.33
C LEU D 458 -29.15 16.74 1.19
N ARG D 459 -28.01 16.26 1.65
CA ARG D 459 -27.71 16.31 3.10
C ARG D 459 -27.68 17.76 3.56
N TRP D 460 -27.15 18.69 2.74
CA TRP D 460 -26.95 20.09 3.16
C TRP D 460 -28.35 20.73 3.29
N LEU D 461 -29.24 20.38 2.38
CA LEU D 461 -30.65 20.88 2.40
C LEU D 461 -31.36 20.36 3.66
N GLN D 462 -31.19 19.07 3.99
CA GLN D 462 -31.76 18.48 5.24
C GLN D 462 -31.33 19.34 6.43
N PHE D 463 -30.05 19.70 6.52
CA PHE D 463 -29.58 20.56 7.63
C PHE D 463 -30.26 21.93 7.55
N GLY D 464 -30.29 22.52 6.36
CA GLY D 464 -30.80 23.89 6.15
C GLY D 464 -32.23 24.05 6.65
N VAL D 465 -33.05 23.03 6.42
CA VAL D 465 -34.48 22.98 6.80
C VAL D 465 -34.56 23.03 8.34
N PHE D 466 -33.56 22.47 9.00
CA PHE D 466 -33.46 22.48 10.50
C PHE D 466 -32.36 23.43 10.96
N SER D 467 -32.21 24.55 10.25
CA SER D 467 -31.31 25.64 10.62
C SER D 467 -32.12 26.93 10.78
N PRO D 468 -31.48 28.02 11.27
CA PRO D 468 -32.23 29.26 11.53
C PRO D 468 -32.92 29.78 10.27
N ILE D 469 -32.26 29.65 9.13
CA ILE D 469 -32.75 30.24 7.84
C ILE D 469 -32.46 29.25 6.70
N ASN D 470 -33.38 29.11 5.74
CA ASN D 470 -33.16 28.13 4.64
C ASN D 470 -33.05 28.84 3.31
N ARG D 471 -31.86 29.31 3.00
CA ARG D 471 -31.59 30.14 1.81
C ARG D 471 -30.70 29.36 0.85
N LEU D 472 -31.25 28.96 -0.28
CA LEU D 472 -30.47 28.25 -1.33
C LEU D 472 -29.67 29.31 -2.08
N HIS D 473 -28.35 29.11 -2.26
CA HIS D 473 -27.51 30.07 -3.00
C HIS D 473 -26.30 29.33 -3.51
N SER D 474 -25.70 29.86 -4.57
CA SER D 474 -24.51 29.27 -5.24
CA SER D 474 -24.48 29.27 -5.19
C SER D 474 -23.71 30.37 -5.93
N SER D 475 -22.44 30.07 -6.23
CA SER D 475 -21.57 31.02 -6.98
CA SER D 475 -21.40 30.66 -7.09
C SER D 475 -21.91 30.97 -8.48
N LYS D 476 -21.08 31.64 -9.25
CA LYS D 476 -21.24 31.95 -10.68
C LYS D 476 -21.09 30.73 -11.59
N SER D 477 -20.78 29.53 -11.09
CA SER D 477 -20.63 28.32 -11.97
C SER D 477 -21.92 28.00 -12.73
N GLU D 478 -21.83 27.59 -13.99
CA GLU D 478 -22.99 27.04 -14.74
C GLU D 478 -23.45 25.74 -14.08
N PHE D 479 -22.66 25.16 -13.18
CA PHE D 479 -22.86 23.77 -12.71
C PHE D 479 -23.32 23.68 -11.25
N THR D 480 -23.55 24.80 -10.54
CA THR D 480 -23.83 24.72 -9.08
C THR D 480 -25.25 25.22 -8.74
N SER D 481 -26.18 25.25 -9.68
CA SER D 481 -27.59 25.53 -9.30
C SER D 481 -28.11 24.56 -8.21
N LYS D 482 -28.81 25.09 -7.23
CA LYS D 482 -29.49 24.33 -6.14
C LYS D 482 -30.94 23.96 -6.49
N GLU D 483 -31.38 24.16 -7.73
CA GLU D 483 -32.72 23.75 -8.18
C GLU D 483 -32.84 22.25 -7.98
N PRO D 484 -33.88 21.75 -7.31
CA PRO D 484 -34.07 20.31 -7.10
C PRO D 484 -33.99 19.50 -8.39
N TRP D 485 -34.55 20.04 -9.48
CA TRP D 485 -34.64 19.35 -10.79
C TRP D 485 -33.30 19.38 -11.51
N HIS D 486 -32.28 20.02 -10.93
CA HIS D 486 -30.87 19.88 -11.40
C HIS D 486 -30.48 18.41 -11.28
N PHE D 487 -31.05 17.71 -10.29
CA PHE D 487 -30.60 16.37 -9.87
C PHE D 487 -31.56 15.30 -10.39
N ASP D 488 -31.17 14.04 -10.17
CA ASP D 488 -31.99 12.90 -10.64
C ASP D 488 -33.36 12.86 -9.92
N ALA D 489 -34.22 11.96 -10.37
CA ALA D 489 -35.62 11.86 -9.88
C ALA D 489 -35.65 11.65 -8.36
N VAL D 490 -34.74 10.86 -7.83
CA VAL D 490 -34.71 10.49 -6.40
C VAL D 490 -34.32 11.69 -5.56
N ILE D 491 -33.25 12.36 -5.94
CA ILE D 491 -32.72 13.55 -5.22
C ILE D 491 -33.77 14.65 -5.34
N GLU D 492 -34.24 14.87 -6.56
CA GLU D 492 -35.23 15.95 -6.80
C GLU D 492 -36.40 15.80 -5.83
N GLN D 493 -37.04 14.62 -5.76
CA GLN D 493 -38.26 14.42 -4.97
C GLN D 493 -37.93 14.62 -3.49
N SER D 494 -36.81 14.07 -3.01
CA SER D 494 -36.39 14.28 -1.59
C SER D 494 -36.16 15.77 -1.30
N MET D 495 -35.54 16.51 -2.22
CA MET D 495 -35.31 17.98 -2.03
C MET D 495 -36.65 18.72 -2.00
N ILE D 496 -37.56 18.38 -2.91
CA ILE D 496 -38.92 18.98 -2.91
C ILE D 496 -39.59 18.69 -1.56
N ASP D 497 -39.52 17.45 -1.05
CA ASP D 497 -40.19 17.05 0.21
C ASP D 497 -39.62 17.88 1.36
N PHE D 498 -38.30 18.04 1.45
CA PHE D 498 -37.68 18.84 2.54
C PHE D 498 -38.05 20.33 2.39
N LEU D 499 -38.10 20.85 1.17
CA LEU D 499 -38.46 22.27 0.95
C LEU D 499 -39.92 22.53 1.36
N GLN D 500 -40.84 21.59 1.11
CA GLN D 500 -42.24 21.67 1.61
C GLN D 500 -42.21 21.61 3.15
N LEU D 501 -41.38 20.75 3.73
CA LEU D 501 -41.27 20.62 5.20
C LEU D 501 -40.88 21.96 5.81
N ARG D 502 -39.95 22.71 5.20
CA ARG D 502 -39.54 24.02 5.75
C ARG D 502 -40.80 24.88 6.00
N HIS D 503 -41.65 24.98 4.99
CA HIS D 503 -42.89 25.80 5.10
C HIS D 503 -43.87 25.15 6.09
N GLN D 504 -43.92 23.84 6.19
CA GLN D 504 -44.73 23.19 7.26
C GLN D 504 -44.24 23.64 8.65
N LEU D 505 -42.95 23.88 8.82
CA LEU D 505 -42.35 24.24 10.13
C LEU D 505 -42.41 25.75 10.39
N ILE D 506 -42.97 26.57 9.50
CA ILE D 506 -42.95 28.04 9.72
C ILE D 506 -43.70 28.43 11.01
N PRO D 507 -44.88 27.83 11.33
CA PRO D 507 -45.54 28.14 12.61
C PRO D 507 -44.61 27.91 13.81
N TYR D 508 -43.93 26.77 13.81
CA TYR D 508 -42.98 26.42 14.89
C TYR D 508 -41.85 27.45 14.91
N LEU D 509 -41.29 27.74 13.75
CA LEU D 509 -40.13 28.64 13.62
C LEU D 509 -40.57 30.04 14.04
N TYR D 510 -41.76 30.45 13.63
CA TYR D 510 -42.18 31.85 13.92
C TYR D 510 -42.39 32.01 15.43
N SER D 511 -43.02 31.03 16.04
CA SER D 511 -43.25 30.99 17.50
C SER D 511 -41.89 31.01 18.21
N ALA D 512 -40.91 30.24 17.77
CA ALA D 512 -39.58 30.25 18.43
C ALA D 512 -38.93 31.60 18.25
N ASN D 513 -39.08 32.20 17.08
CA ASN D 513 -38.58 33.58 16.83
C ASN D 513 -39.11 34.54 17.92
N LEU D 514 -40.43 34.58 18.10
CA LEU D 514 -41.04 35.51 19.09
C LEU D 514 -40.46 35.19 20.47
N ILE D 515 -40.11 33.93 20.74
CA ILE D 515 -39.48 33.54 22.03
C ILE D 515 -38.03 34.03 22.05
N THR D 516 -37.28 33.97 20.95
CA THR D 516 -35.92 34.58 20.95
C THR D 516 -36.05 36.05 21.35
N ALA D 517 -36.98 36.77 20.72
CA ALA D 517 -37.09 38.23 20.85
C ALA D 517 -37.58 38.58 22.26
N SER D 518 -38.54 37.83 22.80
CA SER D 518 -39.21 38.22 24.08
C SER D 518 -38.50 37.62 25.30
N GLU D 519 -37.86 36.45 25.17
CA GLU D 519 -37.31 35.74 26.34
C GLU D 519 -35.82 35.42 26.21
N GLY D 520 -35.17 35.71 25.09
CA GLY D 520 -33.71 35.52 24.96
C GLY D 520 -33.34 34.05 24.89
N ARG D 521 -34.22 33.23 24.35
CA ARG D 521 -33.93 31.79 24.13
C ARG D 521 -33.66 31.56 22.63
N ALA D 522 -32.52 30.97 22.32
CA ALA D 522 -32.13 30.60 20.93
C ALA D 522 -33.02 29.48 20.40
N LEU D 523 -33.33 29.57 19.11
CA LEU D 523 -34.05 28.50 18.36
C LEU D 523 -33.15 27.25 18.38
N VAL D 524 -31.90 27.43 17.94
CA VAL D 524 -30.87 26.35 17.93
C VAL D 524 -30.01 26.45 19.18
N GLU D 525 -30.10 25.43 20.03
CA GLU D 525 -29.26 25.32 21.24
C GLU D 525 -28.35 24.09 21.18
N PRO D 526 -27.08 24.25 21.61
CA PRO D 526 -26.22 23.10 21.91
C PRO D 526 -26.89 22.20 22.95
N LEU D 527 -26.56 20.91 22.92
CA LEU D 527 -27.16 19.95 23.87
C LEU D 527 -26.88 20.42 25.31
N TYR D 528 -25.73 21.05 25.55
CA TYR D 528 -25.27 21.38 26.93
C TYR D 528 -26.14 22.49 27.55
N TYR D 529 -27.00 23.14 26.78
CA TYR D 529 -27.93 24.15 27.38
C TYR D 529 -28.95 23.43 28.23
N GLU D 530 -29.48 22.32 27.72
CA GLU D 530 -30.52 21.54 28.41
C GLU D 530 -29.85 20.51 29.33
N TYR D 531 -28.66 20.00 28.99
CA TYR D 531 -28.00 18.91 29.75
C TYR D 531 -26.57 19.33 30.15
N PRO D 532 -26.40 20.42 30.95
CA PRO D 532 -25.08 20.97 31.24
C PRO D 532 -24.15 20.04 32.04
N MET D 533 -24.71 19.11 32.78
CA MET D 533 -23.90 18.22 33.65
C MET D 533 -23.68 16.85 32.98
N GLU D 534 -24.18 16.63 31.74
CA GLU D 534 -24.02 15.32 31.03
C GLU D 534 -22.83 15.47 30.09
N GLU D 535 -21.77 14.73 30.36
CA GLU D 535 -20.55 14.76 29.54
C GLU D 535 -20.93 14.48 28.07
N GLU D 536 -21.92 13.64 27.82
CA GLU D 536 -22.22 13.26 26.40
C GLU D 536 -22.78 14.50 25.66
N ALA D 537 -23.30 15.49 26.39
CA ALA D 537 -23.87 16.71 25.80
C ALA D 537 -22.73 17.59 25.25
N TYR D 538 -21.47 17.26 25.52
CA TYR D 538 -20.30 18.02 25.02
C TYR D 538 -19.58 17.20 23.93
N GLN D 539 -20.11 16.04 23.55
CA GLN D 539 -19.37 15.07 22.70
C GLN D 539 -20.09 14.84 21.37
N HIS D 540 -21.15 15.58 21.09
CA HIS D 540 -21.94 15.41 19.83
C HIS D 540 -22.06 16.80 19.17
N ARG D 541 -20.97 17.26 18.58
CA ARG D 541 -20.81 18.66 18.12
C ARG D 541 -21.94 19.10 17.20
N ASN D 542 -22.48 18.19 16.40
CA ASN D 542 -23.43 18.52 15.32
C ASN D 542 -24.86 18.26 15.77
N GLN D 543 -25.06 17.87 17.03
CA GLN D 543 -26.41 17.53 17.55
C GLN D 543 -26.91 18.77 18.29
N TYR D 544 -28.19 19.05 18.16
CA TYR D 544 -28.78 20.27 18.76
C TYR D 544 -30.26 20.12 19.01
N LEU D 545 -30.73 20.98 19.91
CA LEU D 545 -32.17 21.20 20.14
C LEU D 545 -32.64 22.28 19.16
N PHE D 546 -33.77 22.00 18.55
CA PHE D 546 -34.40 22.83 17.51
C PHE D 546 -35.75 23.23 18.09
N GLY D 547 -35.83 24.44 18.62
CA GLY D 547 -36.97 24.85 19.46
C GLY D 547 -36.94 24.03 20.72
N GLU D 548 -38.10 23.78 21.32
CA GLU D 548 -38.19 23.09 22.62
C GLU D 548 -38.67 21.64 22.43
N GLN D 549 -39.17 21.25 21.24
CA GLN D 549 -39.85 19.95 21.05
C GLN D 549 -38.98 18.97 20.23
N LEU D 550 -37.93 19.41 19.59
CA LEU D 550 -37.24 18.58 18.53
C LEU D 550 -35.74 18.58 18.81
N MET D 551 -35.08 17.45 18.51
CA MET D 551 -33.63 17.23 18.70
C MET D 551 -33.13 16.65 17.36
N VAL D 552 -32.11 17.27 16.81
CA VAL D 552 -31.66 17.02 15.42
C VAL D 552 -30.24 16.51 15.48
N ALA D 553 -29.94 15.54 14.64
CA ALA D 553 -28.60 14.92 14.51
C ALA D 553 -28.39 14.73 13.02
N PRO D 554 -28.01 15.81 12.32
CA PRO D 554 -27.88 15.78 10.87
C PRO D 554 -26.78 14.80 10.49
N ILE D 555 -26.97 14.13 9.37
CA ILE D 555 -25.91 13.29 8.78
C ILE D 555 -25.08 14.19 7.86
N THR D 556 -23.77 14.20 8.08
CA THR D 556 -22.82 15.13 7.43
C THR D 556 -21.60 14.37 6.89
N GLU D 557 -21.76 13.07 6.69
CA GLU D 557 -20.74 12.25 5.99
CA GLU D 557 -20.76 12.17 6.06
C GLU D 557 -21.40 11.38 4.91
N LYS D 558 -20.65 11.16 3.85
CA LYS D 558 -21.14 10.41 2.65
C LYS D 558 -21.56 9.00 3.10
N MET D 559 -22.57 8.45 2.46
CA MET D 559 -23.08 7.12 2.79
C MET D 559 -21.98 6.08 2.56
N ASN D 560 -22.06 5.05 3.36
CA ASN D 560 -21.36 3.78 3.18
C ASN D 560 -22.05 3.05 2.05
N SER D 561 -21.37 2.89 0.92
CA SER D 561 -22.04 2.29 -0.28
C SER D 561 -22.45 0.84 0.00
N LEU D 562 -21.78 0.11 0.89
CA LEU D 562 -22.23 -1.26 1.25
C LEU D 562 -23.62 -1.23 1.89
N LEU D 563 -23.90 -0.22 2.71
CA LEU D 563 -25.23 -0.14 3.39
C LEU D 563 -26.24 0.67 2.61
N GLN D 564 -25.80 1.55 1.69
CA GLN D 564 -26.64 2.53 0.98
C GLN D 564 -27.30 3.41 2.03
N MET D 565 -26.59 3.68 3.13
CA MET D 565 -27.10 4.54 4.22
C MET D 565 -25.92 5.34 4.77
N GLY D 566 -26.21 6.56 5.20
CA GLY D 566 -25.31 7.38 5.99
C GLY D 566 -25.62 7.20 7.47
N SER D 567 -24.75 7.71 8.33
CA SER D 567 -24.92 7.51 9.78
C SER D 567 -24.36 8.67 10.57
N VAL D 568 -24.81 8.73 11.81
CA VAL D 568 -24.34 9.68 12.83
C VAL D 568 -24.45 8.97 14.17
N GLU D 569 -23.50 9.19 15.08
CA GLU D 569 -23.67 8.78 16.48
C GLU D 569 -24.56 9.81 17.19
N VAL D 570 -25.70 9.37 17.69
CA VAL D 570 -26.65 10.21 18.49
C VAL D 570 -26.52 9.86 19.98
N TRP D 571 -26.54 10.90 20.79
CA TRP D 571 -26.75 10.74 22.25
C TRP D 571 -28.23 10.99 22.51
N PHE D 572 -28.90 9.98 23.03
CA PHE D 572 -30.30 10.12 23.49
C PHE D 572 -30.24 10.37 24.98
N PRO D 573 -30.68 11.56 25.45
CA PRO D 573 -30.87 11.79 26.89
C PRO D 573 -31.88 10.81 27.50
N GLU D 574 -31.94 10.78 28.83
CA GLU D 574 -32.91 9.94 29.56
C GLU D 574 -34.32 10.29 29.04
N GLY D 575 -35.19 9.29 28.90
CA GLY D 575 -36.56 9.45 28.41
C GLY D 575 -36.77 8.58 27.21
N THR D 576 -37.99 8.61 26.67
CA THR D 576 -38.40 7.81 25.50
C THR D 576 -38.44 8.74 24.30
N TRP D 577 -37.66 8.41 23.28
CA TRP D 577 -37.50 9.22 22.05
C TRP D 577 -38.09 8.46 20.86
N TYR D 578 -38.61 9.23 19.90
CA TYR D 578 -39.20 8.79 18.63
C TYR D 578 -38.54 9.56 17.49
N ASP D 579 -38.21 8.84 16.43
CA ASP D 579 -37.90 9.51 15.14
C ASP D 579 -39.15 10.29 14.73
N PHE D 580 -38.96 11.56 14.45
CA PHE D 580 -40.04 12.52 14.14
C PHE D 580 -40.76 12.08 12.87
N PHE D 581 -40.06 11.42 11.95
CA PHE D 581 -40.63 11.00 10.64
C PHE D 581 -41.19 9.59 10.71
N SER D 582 -40.49 8.64 11.33
CA SER D 582 -40.85 7.19 11.24
C SER D 582 -41.54 6.68 12.51
N GLY D 583 -41.35 7.34 13.65
CA GLY D 583 -41.84 6.81 14.94
C GLY D 583 -40.95 5.71 15.50
N GLN D 584 -39.78 5.48 14.88
CA GLN D 584 -38.81 4.51 15.42
C GLN D 584 -38.50 4.96 16.84
N PRO D 585 -38.64 4.04 17.82
CA PRO D 585 -38.41 4.38 19.23
C PRO D 585 -36.97 4.15 19.71
N TYR D 586 -36.55 4.96 20.65
CA TYR D 586 -35.27 4.83 21.34
C TYR D 586 -35.40 5.12 22.84
N ASP D 587 -34.97 4.16 23.62
CA ASP D 587 -34.89 4.31 25.09
C ASP D 587 -33.59 5.02 25.45
N GLY D 588 -33.63 6.23 26.02
CA GLY D 588 -32.41 6.84 26.60
C GLY D 588 -32.11 6.22 27.95
N LYS D 589 -30.99 6.57 28.61
CA LYS D 589 -29.87 7.33 28.10
C LYS D 589 -28.95 6.34 27.36
N VAL D 590 -28.55 6.67 26.15
CA VAL D 590 -27.69 5.76 25.36
C VAL D 590 -27.01 6.57 24.27
N SER D 591 -25.82 6.14 23.86
CA SER D 591 -25.17 6.71 22.64
C SER D 591 -25.20 5.60 21.58
N LEU D 592 -25.81 5.91 20.44
CA LEU D 592 -26.19 4.88 19.47
C LEU D 592 -25.89 5.44 18.10
N LYS D 593 -25.19 4.68 17.27
CA LYS D 593 -24.98 5.02 15.86
C LYS D 593 -26.31 4.80 15.13
N VAL D 594 -26.83 5.82 14.43
CA VAL D 594 -28.12 5.67 13.70
C VAL D 594 -27.86 5.87 12.21
N TYR D 595 -28.57 5.11 11.41
CA TYR D 595 -28.33 4.92 9.95
C TYR D 595 -29.60 5.40 9.26
N ARG D 596 -29.45 6.16 8.18
CA ARG D 596 -30.60 6.61 7.35
C ARG D 596 -30.18 6.60 5.88
N GLU D 597 -31.15 6.28 5.04
CA GLU D 597 -31.06 6.51 3.58
C GLU D 597 -30.76 7.99 3.33
N ILE D 598 -30.26 8.30 2.13
CA ILE D 598 -29.89 9.70 1.79
C ILE D 598 -31.13 10.57 1.82
N THR D 599 -32.32 9.99 1.77
CA THR D 599 -33.60 10.76 1.66
C THR D 599 -34.21 10.97 3.05
N GLU D 600 -33.56 10.54 4.11
CA GLU D 600 -34.16 10.59 5.46
C GLU D 600 -33.16 11.28 6.37
N MET D 601 -33.64 12.03 7.37
CA MET D 601 -32.79 12.75 8.35
C MET D 601 -33.12 12.31 9.78
N PRO D 602 -32.12 12.15 10.67
CA PRO D 602 -32.38 11.88 12.10
C PRO D 602 -32.86 13.14 12.83
N VAL D 603 -34.17 13.20 13.06
CA VAL D 603 -34.84 14.21 13.94
C VAL D 603 -35.71 13.46 14.94
N PHE D 604 -35.67 13.87 16.20
CA PHE D 604 -36.28 13.09 17.30
C PHE D 604 -37.15 14.01 18.16
N ALA D 605 -38.21 13.41 18.68
CA ALA D 605 -39.16 14.03 19.61
C ALA D 605 -39.35 13.11 20.80
N LYS D 606 -39.45 13.68 21.99
CA LYS D 606 -39.75 12.96 23.26
C LYS D 606 -41.23 12.57 23.31
N ALA D 607 -41.52 11.52 24.07
CA ALA D 607 -42.89 11.15 24.48
C ALA D 607 -43.54 12.42 25.04
N GLY D 608 -44.76 12.73 24.59
CA GLY D 608 -45.51 13.93 25.00
C GLY D 608 -45.14 15.17 24.18
N ALA D 609 -44.28 15.06 23.17
CA ALA D 609 -43.99 16.22 22.30
C ALA D 609 -45.23 16.59 21.48
N ILE D 610 -45.47 17.89 21.33
CA ILE D 610 -46.53 18.47 20.47
C ILE D 610 -45.87 19.41 19.49
N ILE D 611 -46.01 19.15 18.19
CA ILE D 611 -45.42 20.03 17.14
C ILE D 611 -46.54 20.49 16.19
N PRO D 612 -46.74 21.82 16.06
CA PRO D 612 -47.65 22.35 15.06
C PRO D 612 -47.00 22.30 13.68
N LEU D 613 -47.78 21.93 12.67
CA LEU D 613 -47.37 22.01 11.24
C LEU D 613 -48.44 22.75 10.42
N ASP D 614 -48.02 23.60 9.50
CA ASP D 614 -48.96 24.18 8.52
C ASP D 614 -49.50 23.01 7.68
N LYS D 615 -50.81 22.82 7.64
CA LYS D 615 -51.40 21.74 6.83
C LYS D 615 -51.25 22.07 5.35
N ASN D 616 -51.21 23.37 5.01
CA ASN D 616 -51.27 23.88 3.60
C ASN D 616 -49.99 24.66 3.27
N PRO D 617 -48.79 24.01 3.33
CA PRO D 617 -47.53 24.74 3.11
C PRO D 617 -47.40 25.47 1.77
N LEU D 618 -48.10 25.01 0.74
CA LEU D 618 -48.02 25.63 -0.61
C LEU D 618 -48.99 26.81 -0.75
N LYS D 619 -50.03 26.87 0.07
CA LYS D 619 -51.05 27.96 -0.06
C LYS D 619 -50.45 29.26 0.45
N LYS D 620 -50.59 30.33 -0.33
CA LYS D 620 -50.10 31.67 0.02
C LYS D 620 -51.13 32.28 0.98
N GLU D 621 -50.82 32.29 2.28
CA GLU D 621 -51.66 32.80 3.40
C GLU D 621 -50.72 33.54 4.35
N GLU D 622 -51.07 34.73 4.86
CA GLU D 622 -50.14 35.45 5.77
C GLU D 622 -50.01 34.61 7.04
N ILE D 623 -51.08 33.94 7.48
CA ILE D 623 -51.04 32.98 8.63
C ILE D 623 -51.83 31.74 8.23
N PRO D 624 -51.46 30.55 8.75
CA PRO D 624 -52.09 29.32 8.28
C PRO D 624 -53.58 29.21 8.63
N SER D 625 -54.38 28.87 7.64
CA SER D 625 -55.83 28.59 7.83
C SER D 625 -56.05 27.22 8.50
N GLU D 626 -55.08 26.30 8.42
CA GLU D 626 -55.16 25.01 9.16
C GLU D 626 -53.82 24.66 9.79
N ILE D 627 -53.84 24.24 11.05
CA ILE D 627 -52.68 23.68 11.80
C ILE D 627 -52.93 22.19 12.05
N ILE D 628 -51.93 21.36 11.73
CA ILE D 628 -51.85 19.97 12.20
C ILE D 628 -51.12 20.02 13.55
N TRP D 629 -51.74 19.44 14.56
CA TRP D 629 -51.10 19.17 15.87
C TRP D 629 -50.60 17.73 15.84
N LYS D 630 -49.28 17.57 15.79
CA LYS D 630 -48.64 16.24 15.78
C LYS D 630 -48.25 15.92 17.21
N ILE D 631 -48.81 14.84 17.77
CA ILE D 631 -48.62 14.46 19.20
C ILE D 631 -47.85 13.16 19.25
N PHE D 632 -46.82 13.11 20.08
CA PHE D 632 -46.07 11.86 20.36
C PHE D 632 -46.59 11.28 21.67
N PRO D 633 -47.26 10.10 21.64
CA PRO D 633 -47.82 9.51 22.85
C PRO D 633 -46.75 9.12 23.88
N GLY D 634 -47.19 8.97 25.13
CA GLY D 634 -46.44 8.34 26.22
C GLY D 634 -46.16 9.28 27.36
N ALA D 635 -46.66 10.51 27.30
CA ALA D 635 -46.46 11.49 28.40
C ALA D 635 -47.31 12.73 28.19
N ASP D 636 -47.42 13.51 29.27
CA ASP D 636 -48.08 14.83 29.24
C ASP D 636 -47.18 15.73 28.41
N GLY D 637 -47.75 16.71 27.70
CA GLY D 637 -46.94 17.77 27.08
C GLY D 637 -47.73 19.04 26.94
N GLU D 638 -47.12 20.04 26.32
CA GLU D 638 -47.73 21.37 26.17
C GLU D 638 -46.97 22.10 25.08
N TYR D 639 -47.69 22.82 24.22
CA TYR D 639 -47.08 23.76 23.24
C TYR D 639 -47.86 25.07 23.20
N LEU D 640 -47.12 26.19 23.21
CA LEU D 640 -47.67 27.56 23.00
C LEU D 640 -47.28 28.09 21.60
N LEU D 641 -48.25 28.15 20.70
CA LEU D 641 -48.10 28.70 19.32
C LEU D 641 -48.31 30.21 19.39
N LEU D 642 -47.21 30.96 19.37
CA LEU D 642 -47.21 32.45 19.31
C LEU D 642 -47.35 32.89 17.85
N GLU D 643 -48.23 33.88 17.60
CA GLU D 643 -48.49 34.42 16.24
C GLU D 643 -48.56 35.95 16.31
N GLU D 644 -48.62 36.61 15.13
CA GLU D 644 -48.62 38.09 14.97
C GLU D 644 -49.75 38.67 15.82
N ASP D 645 -50.94 38.06 15.79
CA ASP D 645 -52.16 38.57 16.47
C ASP D 645 -52.89 37.46 17.26
N ASN D 646 -52.18 36.51 17.86
CA ASN D 646 -52.84 35.45 18.66
C ASN D 646 -51.84 34.60 19.45
N GLU D 647 -52.36 33.79 20.37
CA GLU D 647 -51.61 32.79 21.16
C GLU D 647 -52.50 31.58 21.32
N THR D 648 -52.01 30.41 20.95
CA THR D 648 -52.78 29.16 20.98
C THR D 648 -52.04 28.16 21.85
N LYS D 649 -52.73 27.60 22.83
CA LYS D 649 -52.12 26.67 23.80
C LYS D 649 -52.70 25.30 23.51
N ALA D 650 -51.81 24.34 23.29
CA ALA D 650 -52.14 22.91 23.13
C ALA D 650 -51.64 22.20 24.40
N GLU D 651 -52.53 21.49 25.07
CA GLU D 651 -52.27 20.82 26.37
C GLU D 651 -52.60 19.33 26.22
N PHE D 652 -51.69 18.48 26.68
CA PHE D 652 -51.88 17.01 26.69
C PHE D 652 -51.61 16.54 28.12
N VAL D 653 -52.69 16.31 28.88
CA VAL D 653 -52.68 15.97 30.33
C VAL D 653 -53.57 14.74 30.55
N ASN D 654 -52.97 13.67 31.07
CA ASN D 654 -53.65 12.34 31.22
C ASN D 654 -54.58 12.07 30.04
N GLY D 655 -54.07 12.13 28.81
CA GLY D 655 -54.76 11.63 27.61
C GLY D 655 -55.82 12.59 27.10
N ILE D 656 -55.89 13.79 27.67
CA ILE D 656 -56.83 14.85 27.23
C ILE D 656 -56.07 15.94 26.47
N PHE D 657 -56.36 16.09 25.19
CA PHE D 657 -55.77 17.15 24.33
C PHE D 657 -56.72 18.36 24.26
N THR D 658 -56.28 19.51 24.76
CA THR D 658 -57.07 20.77 24.79
C THR D 658 -56.34 21.84 24.00
N VAL D 659 -57.06 22.51 23.11
CA VAL D 659 -56.63 23.69 22.31
C VAL D 659 -57.48 24.89 22.73
N THR D 660 -56.81 25.97 23.16
CA THR D 660 -57.44 27.27 23.51
C THR D 660 -56.63 28.39 22.86
N SER D 661 -57.25 29.55 22.63
CA SER D 661 -56.58 30.73 22.05
C SER D 661 -57.00 32.00 22.78
N LYS D 662 -56.13 33.02 22.77
CA LYS D 662 -56.43 34.36 23.34
C LYS D 662 -57.56 35.02 22.53
N LYS D 663 -57.55 34.87 21.20
CA LYS D 663 -58.60 35.42 20.30
C LYS D 663 -59.25 34.27 19.56
N GLU D 664 -60.53 34.38 19.19
CA GLU D 664 -61.25 33.38 18.36
C GLU D 664 -60.77 33.52 16.93
N SER D 665 -60.88 32.49 16.13
CA SER D 665 -60.63 32.59 14.67
C SER D 665 -61.31 31.41 13.99
N SER D 666 -61.42 31.52 12.68
CA SER D 666 -61.97 30.51 11.75
C SER D 666 -60.95 29.39 11.46
N ARG D 667 -59.79 29.38 12.12
CA ARG D 667 -58.75 28.35 11.88
C ARG D 667 -59.35 26.96 12.11
N LYS D 668 -59.06 26.02 11.21
CA LYS D 668 -59.40 24.59 11.37
C LYS D 668 -58.17 23.85 11.89
N HIS D 669 -58.33 23.03 12.93
CA HIS D 669 -57.25 22.24 13.58
C HIS D 669 -57.39 20.76 13.24
N THR D 670 -56.29 20.13 12.81
CA THR D 670 -56.17 18.67 12.57
C THR D 670 -55.30 18.11 13.68
N ILE D 671 -55.62 16.93 14.19
CA ILE D 671 -54.87 16.31 15.31
C ILE D 671 -54.37 14.97 14.79
N ILE D 672 -53.06 14.74 14.88
CA ILE D 672 -52.46 13.42 14.60
C ILE D 672 -51.87 12.91 15.92
N TYR D 673 -52.47 11.84 16.43
CA TYR D 673 -52.07 11.12 17.65
C TYR D 673 -51.26 9.91 17.20
N GLY D 674 -49.97 9.92 17.54
CA GLY D 674 -49.01 8.91 17.04
C GLY D 674 -49.10 8.81 15.54
N GLU D 675 -49.66 7.71 15.08
CA GLU D 675 -49.69 7.29 13.66
C GLU D 675 -50.90 7.89 12.95
N HIS D 676 -52.00 8.19 13.66
CA HIS D 676 -53.37 8.27 13.09
C HIS D 676 -53.98 9.68 13.24
N GLU D 677 -54.55 10.19 12.15
CA GLU D 677 -55.35 11.45 12.15
C GLU D 677 -56.65 11.19 12.92
N ILE D 678 -56.93 11.93 13.98
CA ILE D 678 -58.07 11.71 14.90
C ILE D 678 -59.17 12.70 14.58
N VAL D 679 -58.80 13.96 14.35
CA VAL D 679 -59.68 15.13 14.12
C VAL D 679 -59.16 15.79 12.86
N SER D 680 -60.04 16.07 11.89
CA SER D 680 -59.72 16.82 10.66
C SER D 680 -60.52 18.11 10.68
N ALA D 681 -59.86 19.25 10.63
CA ALA D 681 -60.49 20.51 10.20
C ALA D 681 -61.57 20.94 11.20
N LYS D 682 -61.28 20.82 12.50
CA LYS D 682 -62.19 21.23 13.60
C LYS D 682 -61.91 22.69 13.99
N ARG D 683 -62.97 23.50 14.08
CA ARG D 683 -62.88 24.96 14.34
C ARG D 683 -62.98 25.21 15.83
N GLY D 684 -62.51 26.38 16.26
CA GLY D 684 -62.70 26.93 17.60
C GLY D 684 -61.84 26.20 18.60
N GLU D 685 -61.98 26.57 19.88
CA GLU D 685 -61.36 25.87 21.03
C GLU D 685 -62.10 24.54 21.24
N PHE D 686 -61.42 23.56 21.81
CA PHE D 686 -62.00 22.22 22.05
C PHE D 686 -61.07 21.40 22.92
N SER D 687 -61.62 20.30 23.41
CA SER D 687 -60.96 19.28 24.25
C SER D 687 -61.30 17.92 23.64
N ILE D 688 -60.35 16.99 23.56
CA ILE D 688 -60.65 15.60 23.10
C ILE D 688 -59.85 14.61 23.94
N ASP D 689 -60.53 13.53 24.33
CA ASP D 689 -60.01 12.42 25.16
C ASP D 689 -59.33 11.43 24.22
N LEU D 690 -58.02 11.23 24.37
CA LEU D 690 -57.21 10.39 23.45
C LEU D 690 -56.83 9.06 24.11
N ASN D 691 -57.35 8.80 25.32
CA ASN D 691 -56.94 7.63 26.16
C ASN D 691 -57.28 6.30 25.47
N GLY D 692 -58.38 6.21 24.74
CA GLY D 692 -58.83 4.96 24.10
C GLY D 692 -58.29 4.78 22.69
N LYS D 693 -57.47 5.72 22.20
CA LYS D 693 -56.92 5.71 20.80
C LYS D 693 -55.52 5.10 20.79
N GLU D 694 -55.22 4.39 19.70
CA GLU D 694 -53.96 3.63 19.49
C GLU D 694 -52.75 4.57 19.70
N GLU D 695 -51.91 4.27 20.70
CA GLU D 695 -50.70 5.06 21.08
C GLU D 695 -49.48 4.71 20.22
N ASN D 696 -49.40 3.51 19.67
CA ASN D 696 -48.18 2.93 19.04
C ASN D 696 -48.09 3.38 17.58
N PHE D 697 -46.86 3.72 17.17
CA PHE D 697 -46.51 3.91 15.74
C PHE D 697 -46.47 2.54 15.05
N ASP D 698 -46.64 2.54 13.73
CA ASP D 698 -46.58 1.31 12.88
C ASP D 698 -45.13 0.80 12.79
N TRP D 699 -44.13 1.67 12.97
CA TRP D 699 -42.69 1.30 12.84
C TRP D 699 -42.49 -0.07 13.46
N ASN D 700 -41.88 -1.01 12.74
CA ASN D 700 -41.60 -2.32 13.39
C ASN D 700 -40.30 -2.87 12.85
N PHE D 701 -39.61 -3.55 13.73
CA PHE D 701 -38.31 -4.21 13.52
C PHE D 701 -38.30 -4.98 12.17
N SER D 702 -39.29 -5.84 11.90
CA SER D 702 -39.23 -6.81 10.77
C SER D 702 -39.22 -6.03 9.47
N THR D 703 -40.08 -5.05 9.33
CA THR D 703 -40.19 -4.21 8.11
C THR D 703 -38.89 -3.41 7.94
N ALA D 704 -38.37 -2.83 9.03
CA ALA D 704 -37.15 -1.99 8.92
C ALA D 704 -35.96 -2.90 8.57
N LEU D 705 -35.85 -4.08 9.18
CA LEU D 705 -34.76 -5.03 8.89
C LEU D 705 -34.79 -5.37 7.39
N PHE D 706 -35.96 -5.73 6.88
CA PHE D 706 -36.05 -6.17 5.49
C PHE D 706 -35.54 -5.05 4.60
N ARG D 707 -35.97 -3.80 4.85
CA ARG D 707 -35.60 -2.67 4.01
C ARG D 707 -34.08 -2.51 4.06
N ARG D 708 -33.46 -2.61 5.24
CA ARG D 708 -32.02 -2.31 5.34
C ARG D 708 -31.24 -3.39 4.58
N LEU D 709 -31.67 -4.63 4.72
CA LEU D 709 -31.00 -5.77 4.02
C LEU D 709 -31.20 -5.61 2.52
N ASP D 710 -32.37 -5.16 2.10
CA ASP D 710 -32.73 -5.14 0.66
C ASP D 710 -31.91 -4.07 -0.09
N ILE D 711 -31.66 -2.91 0.52
CA ILE D 711 -30.89 -1.88 -0.24
C ILE D 711 -29.38 -2.16 -0.18
N ALA D 712 -28.93 -2.91 0.81
CA ALA D 712 -27.48 -3.09 1.08
C ALA D 712 -26.79 -3.75 -0.13
N GLU D 713 -25.64 -3.22 -0.52
CA GLU D 713 -24.82 -3.82 -1.60
C GLU D 713 -23.87 -4.84 -0.98
N ILE D 714 -24.43 -5.89 -0.42
CA ILE D 714 -23.72 -7.03 0.23
C ILE D 714 -24.19 -8.31 -0.44
N SER D 715 -23.61 -9.44 -0.05
CA SER D 715 -23.90 -10.73 -0.75
C SER D 715 -25.34 -11.16 -0.42
N TYR D 716 -26.04 -11.77 -1.37
CA TYR D 716 -27.41 -12.27 -1.11
C TYR D 716 -27.43 -13.38 -0.06
N GLU D 717 -26.39 -14.22 0.00
CA GLU D 717 -26.29 -15.28 1.03
C GLU D 717 -26.27 -14.62 2.40
N GLN D 718 -25.53 -13.52 2.60
CA GLN D 718 -25.55 -12.77 3.90
C GLN D 718 -26.95 -12.20 4.16
N LYS D 719 -27.60 -11.62 3.17
CA LYS D 719 -28.97 -11.05 3.41
C LYS D 719 -29.89 -12.18 3.88
N ASP D 720 -29.87 -13.29 3.17
CA ASP D 720 -30.75 -14.46 3.42
C ASP D 720 -30.50 -14.95 4.85
N GLU D 721 -29.25 -15.15 5.21
CA GLU D 721 -28.88 -15.67 6.56
C GLU D 721 -29.33 -14.66 7.62
N ILE D 722 -29.09 -13.37 7.46
CA ILE D 722 -29.43 -12.38 8.53
C ILE D 722 -30.96 -12.40 8.71
N LEU D 723 -31.69 -12.38 7.59
CA LEU D 723 -33.15 -12.31 7.66
C LEU D 723 -33.67 -13.58 8.36
N GLN D 724 -33.13 -14.74 8.01
CA GLN D 724 -33.62 -16.06 8.54
C GLN D 724 -33.30 -16.14 10.03
N GLN D 725 -32.07 -15.82 10.42
CA GLN D 725 -31.62 -15.95 11.84
C GLN D 725 -32.35 -14.92 12.69
N LEU D 726 -32.49 -13.68 12.26
CA LEU D 726 -33.09 -12.69 13.18
C LEU D 726 -34.60 -12.96 13.28
N SER D 727 -35.19 -13.62 12.29
CA SER D 727 -36.62 -14.04 12.33
C SER D 727 -36.75 -15.20 13.30
N LEU D 728 -35.80 -16.12 13.29
CA LEU D 728 -35.89 -17.39 14.03
C LEU D 728 -35.52 -17.21 15.52
N ILE D 729 -34.47 -16.42 15.81
CA ILE D 729 -33.90 -16.28 17.19
C ILE D 729 -34.83 -15.36 17.98
N GLU D 730 -35.40 -15.86 19.09
CA GLU D 730 -36.47 -15.15 19.82
C GLU D 730 -35.84 -14.25 20.87
N GLU D 731 -34.78 -14.70 21.53
CA GLU D 731 -34.19 -13.94 22.67
C GLU D 731 -33.37 -12.77 22.16
N HIS D 732 -33.68 -11.55 22.63
CA HIS D 732 -33.03 -10.29 22.20
C HIS D 732 -31.51 -10.40 22.36
N GLU D 733 -30.99 -10.90 23.49
CA GLU D 733 -29.51 -11.01 23.71
C GLU D 733 -28.88 -11.94 22.66
N LYS D 734 -29.58 -12.98 22.23
CA LYS D 734 -29.04 -13.98 21.25
C LYS D 734 -29.15 -13.38 19.85
N GLN D 735 -30.15 -12.51 19.61
CA GLN D 735 -30.23 -11.74 18.33
C GLN D 735 -29.00 -10.84 18.22
N VAL D 736 -28.66 -10.13 19.30
CA VAL D 736 -27.43 -9.28 19.36
C VAL D 736 -26.21 -10.19 19.21
N ALA D 737 -26.13 -11.33 19.89
CA ALA D 737 -24.98 -12.24 19.72
C ALA D 737 -24.86 -12.67 18.24
N PHE D 738 -25.95 -12.95 17.57
CA PHE D 738 -25.86 -13.34 16.14
C PHE D 738 -25.23 -12.22 15.32
N ILE D 739 -25.71 -10.98 15.44
CA ILE D 739 -25.16 -9.88 14.59
C ILE D 739 -23.70 -9.62 14.99
N LYS D 740 -23.29 -9.89 16.22
CA LYS D 740 -21.92 -9.60 16.71
C LYS D 740 -20.87 -10.43 15.95
N THR D 741 -21.30 -11.52 15.30
CA THR D 741 -20.41 -12.40 14.50
C THR D 741 -20.30 -11.90 13.06
N ASN D 742 -21.01 -10.86 12.68
CA ASN D 742 -21.00 -10.45 11.26
C ASN D 742 -19.63 -9.84 10.97
N GLU D 743 -18.97 -10.21 9.87
CA GLU D 743 -17.64 -9.63 9.52
C GLU D 743 -17.72 -8.18 9.02
N ASN D 744 -18.90 -7.67 8.69
CA ASN D 744 -19.07 -6.25 8.27
C ASN D 744 -19.39 -5.46 9.54
N GLN D 745 -18.43 -4.65 9.98
CA GLN D 745 -18.50 -3.91 11.25
C GLN D 745 -19.63 -2.86 11.22
N GLU D 746 -19.81 -2.15 10.10
CA GLU D 746 -20.86 -1.10 10.02
C GLU D 746 -22.23 -1.77 9.90
N LEU D 747 -22.32 -2.91 9.22
CA LEU D 747 -23.58 -3.67 9.16
C LEU D 747 -23.96 -4.07 10.60
N GLN D 748 -23.01 -4.55 11.40
CA GLN D 748 -23.32 -4.84 12.82
C GLN D 748 -24.03 -3.64 13.44
N ASN D 749 -23.47 -2.46 13.23
CA ASN D 749 -23.93 -1.25 13.94
C ASN D 749 -25.33 -0.90 13.43
N SER D 750 -25.56 -1.00 12.12
CA SER D 750 -26.91 -0.79 11.54
C SER D 750 -27.93 -1.77 12.16
N LEU D 751 -27.62 -3.07 12.14
CA LEU D 751 -28.52 -4.11 12.72
C LEU D 751 -28.70 -3.89 14.22
N PHE D 752 -27.65 -3.41 14.91
CA PHE D 752 -27.75 -3.12 16.36
C PHE D 752 -28.76 -2.02 16.60
N GLU D 753 -28.73 -0.97 15.78
CA GLU D 753 -29.69 0.16 15.96
C GLU D 753 -31.12 -0.37 15.90
N LEU D 754 -31.43 -1.20 14.90
CA LEU D 754 -32.78 -1.82 14.79
C LEU D 754 -33.07 -2.67 16.02
N LEU D 755 -32.12 -3.49 16.49
CA LEU D 755 -32.36 -4.40 17.64
C LEU D 755 -32.61 -3.54 18.90
N TYR D 756 -31.89 -2.44 19.01
CA TYR D 756 -31.98 -1.54 20.17
C TYR D 756 -33.38 -0.91 20.19
N SER D 757 -33.82 -0.36 19.05
CA SER D 757 -35.19 0.20 18.91
C SER D 757 -36.24 -0.90 19.12
N GLY D 758 -35.94 -2.17 18.79
CA GLY D 758 -36.90 -3.27 18.89
C GLY D 758 -36.87 -3.94 20.25
N LYS D 759 -36.11 -3.46 21.24
CA LYS D 759 -35.87 -4.21 22.50
C LYS D 759 -37.05 -4.09 23.46
N ASN E 32 40.62 46.23 39.68
CA ASN E 32 41.59 45.20 39.22
C ASN E 32 41.00 44.46 38.00
N ASN E 33 40.01 43.60 38.28
CA ASN E 33 39.30 42.75 37.28
C ASN E 33 38.01 43.49 36.92
N ILE E 34 37.81 44.69 37.45
CA ILE E 34 36.66 45.57 37.11
C ILE E 34 37.19 46.68 36.20
N ILE E 35 36.53 46.87 35.04
CA ILE E 35 36.77 47.98 34.07
C ILE E 35 35.42 48.64 33.85
N LYS E 36 35.38 49.98 33.90
CA LYS E 36 34.22 50.80 33.48
C LYS E 36 34.55 51.49 32.15
N PHE E 37 33.51 51.74 31.36
CA PHE E 37 33.55 52.46 30.06
C PHE E 37 32.12 52.90 29.78
N ASP E 38 31.96 54.19 29.48
CA ASP E 38 30.63 54.79 29.19
C ASP E 38 29.77 54.30 30.36
N LYS E 39 28.58 53.74 30.10
CA LYS E 39 27.61 53.36 31.16
C LYS E 39 27.69 51.86 31.47
N ALA E 40 28.77 51.19 31.06
CA ALA E 40 28.98 49.76 31.25
C ALA E 40 30.03 49.51 32.30
N ARG E 41 29.95 48.30 32.89
CA ARG E 41 30.97 47.71 33.77
C ARG E 41 31.22 46.28 33.27
N PHE E 42 32.49 45.90 33.23
CA PHE E 42 32.99 44.57 32.84
C PHE E 42 33.78 44.04 34.02
N THR E 43 33.42 42.85 34.49
CA THR E 43 34.20 42.14 35.52
C THR E 43 34.78 40.89 34.87
N VAL E 44 36.11 40.79 34.75
CA VAL E 44 36.76 39.54 34.27
C VAL E 44 36.87 38.55 35.44
N LEU E 45 35.87 37.69 35.62
CA LEU E 45 35.80 36.75 36.78
C LEU E 45 36.83 35.62 36.63
N THR E 46 36.96 35.08 35.41
CA THR E 46 38.01 34.11 35.01
C THR E 46 38.47 34.53 33.60
N GLU E 47 39.48 33.87 33.05
CA GLU E 47 39.94 34.13 31.67
C GLU E 47 38.80 33.81 30.70
N HIS E 48 37.78 33.05 31.14
CA HIS E 48 36.70 32.55 30.25
C HIS E 48 35.32 33.03 30.69
N LEU E 49 35.25 33.98 31.62
CA LEU E 49 33.96 34.43 32.20
C LEU E 49 34.01 35.92 32.48
N ILE E 50 33.12 36.66 31.84
CA ILE E 50 33.06 38.13 31.94
C ILE E 50 31.63 38.54 32.23
N ARG E 51 31.45 39.20 33.38
CA ARG E 51 30.19 39.91 33.70
C ARG E 51 30.16 41.21 32.89
N ILE E 52 28.99 41.50 32.30
CA ILE E 52 28.75 42.72 31.51
C ILE E 52 27.50 43.40 32.07
N GLU E 53 27.64 44.66 32.51
CA GLU E 53 26.53 45.41 33.12
C GLU E 53 26.38 46.74 32.38
N TYR E 54 25.15 47.20 32.31
CA TYR E 54 24.77 48.56 31.88
C TYR E 54 24.00 49.21 33.02
N SER E 55 24.24 50.50 33.27
CA SER E 55 23.53 51.27 34.32
C SER E 55 23.21 52.67 33.79
N GLU E 56 21.95 53.08 33.85
CA GLU E 56 21.51 54.46 33.51
C GLU E 56 22.01 55.46 34.55
N THR E 57 22.17 55.02 35.82
CA THR E 57 22.42 55.87 37.02
C THR E 57 23.90 55.94 37.42
N GLY E 58 24.80 55.17 36.81
CA GLY E 58 26.20 55.07 37.27
C GLY E 58 26.35 54.16 38.48
N GLU E 59 25.24 53.67 39.03
CA GLU E 59 25.31 52.66 40.11
C GLU E 59 25.19 51.27 39.48
N PHE E 60 26.11 50.36 39.81
CA PHE E 60 26.16 48.94 39.37
C PHE E 60 25.85 48.03 40.56
N GLU E 61 25.38 46.81 40.30
CA GLU E 61 24.75 45.96 41.33
C GLU E 61 25.80 45.06 42.00
N GLU E 62 25.93 45.15 43.34
CA GLU E 62 26.86 44.30 44.11
C GLU E 62 26.11 43.17 44.79
N ARG E 63 24.80 43.32 44.97
CA ARG E 63 23.99 42.34 45.73
C ARG E 63 23.89 41.04 44.91
N MET E 64 23.69 39.93 45.61
CA MET E 64 23.30 38.63 45.04
C MET E 64 21.96 38.81 44.32
N THR E 65 21.63 37.86 43.44
CA THR E 65 20.36 37.81 42.67
C THR E 65 19.75 36.42 42.88
N GLN E 66 18.50 36.23 42.43
CA GLN E 66 17.88 34.88 42.40
C GLN E 66 18.86 33.88 41.77
N MET E 67 19.64 34.30 40.76
CA MET E 67 20.58 33.40 40.03
C MET E 67 21.95 33.38 40.71
N VAL E 68 22.51 34.55 41.01
CA VAL E 68 23.96 34.66 41.31
C VAL E 68 24.13 34.81 42.83
N GLN E 69 25.02 34.00 43.41
CA GLN E 69 25.24 33.92 44.88
C GLN E 69 26.64 34.41 45.23
N ASN E 70 27.55 34.54 44.27
CA ASN E 70 28.97 34.78 44.59
C ASN E 70 29.70 35.32 43.36
N ARG E 71 30.33 36.49 43.49
CA ARG E 71 31.20 37.04 42.44
C ARG E 71 32.66 37.11 42.93
N GLU E 72 33.01 36.40 44.00
CA GLU E 72 34.42 36.35 44.50
C GLU E 72 35.15 35.27 43.73
N PHE E 73 36.06 35.66 42.85
CA PHE E 73 36.93 34.78 42.04
C PHE E 73 38.34 35.35 42.13
N SER E 74 39.35 34.49 42.09
CA SER E 74 40.78 34.85 42.16
C SER E 74 41.12 35.69 40.92
N GLU E 75 42.05 36.64 41.09
CA GLU E 75 42.54 37.57 40.05
C GLU E 75 42.99 36.74 38.86
N VAL E 76 42.76 37.25 37.65
CA VAL E 76 43.26 36.60 36.41
C VAL E 76 43.96 37.67 35.58
N ASN E 77 44.83 37.22 34.69
CA ASN E 77 45.52 38.06 33.70
C ASN E 77 44.57 38.32 32.51
N PHE E 78 44.55 39.54 31.99
CA PHE E 78 43.91 39.89 30.69
C PHE E 78 44.51 41.21 30.21
N ASP E 79 44.20 41.58 28.96
CA ASP E 79 44.69 42.85 28.35
C ASP E 79 43.49 43.71 27.98
N ILE E 80 43.73 45.01 27.91
CA ILE E 80 42.73 46.04 27.56
C ILE E 80 43.36 46.89 26.46
N ILE E 81 42.60 47.16 25.41
CA ILE E 81 42.88 48.27 24.45
C ILE E 81 41.74 49.25 24.60
N GLU E 82 42.02 50.34 25.31
CA GLU E 82 41.03 51.41 25.57
C GLU E 82 41.39 52.61 24.71
N LYS E 83 40.45 53.08 23.92
CA LYS E 83 40.57 54.28 23.06
C LYS E 83 39.52 55.29 23.53
N GLU E 84 39.43 56.40 22.82
CA GLU E 84 38.45 57.47 23.12
C GLU E 84 37.05 56.86 23.15
N GLU E 85 36.68 56.17 22.07
CA GLU E 85 35.25 55.82 21.78
C GLU E 85 35.02 54.30 21.88
N THR E 86 36.09 53.50 22.03
CA THR E 86 36.01 52.01 22.06
C THR E 86 36.87 51.41 23.18
N ILE E 87 36.45 50.25 23.69
CA ILE E 87 37.29 49.38 24.55
C ILE E 87 37.22 47.96 24.01
N GLU E 88 38.33 47.26 24.14
CA GLU E 88 38.47 45.82 23.85
C GLU E 88 39.15 45.14 25.05
N ILE E 89 38.50 44.10 25.55
CA ILE E 89 39.05 43.25 26.65
C ILE E 89 39.47 41.93 26.01
N ILE E 90 40.72 41.56 26.21
CA ILE E 90 41.31 40.32 25.60
C ILE E 90 41.73 39.36 26.73
N THR E 91 41.22 38.13 26.66
CA THR E 91 41.64 37.01 27.53
C THR E 91 42.30 35.97 26.62
N SER E 92 42.72 34.86 27.19
CA SER E 92 43.25 33.67 26.48
C SER E 92 42.21 33.17 25.46
N THR E 93 40.91 33.39 25.70
CA THR E 93 39.84 32.75 24.86
C THR E 93 38.82 33.73 24.24
N VAL E 94 38.84 35.04 24.54
CA VAL E 94 37.81 35.95 23.95
C VAL E 94 38.37 37.38 23.80
N HIS E 95 37.93 38.04 22.72
CA HIS E 95 37.99 39.50 22.48
C HIS E 95 36.58 40.03 22.70
N LEU E 96 36.33 40.82 23.74
CA LEU E 96 35.02 41.43 24.03
C LEU E 96 35.14 42.92 23.68
N TYR E 97 34.29 43.38 22.77
CA TYR E 97 34.36 44.75 22.24
C TYR E 97 33.12 45.50 22.67
N TYR E 98 33.30 46.78 22.99
CA TYR E 98 32.20 47.71 23.30
C TYR E 98 32.58 49.03 22.65
N ASN E 99 31.69 49.55 21.79
CA ASN E 99 31.86 50.82 21.03
C ASN E 99 31.08 51.97 21.67
N GLY E 100 30.57 51.81 22.90
CA GLY E 100 29.86 52.88 23.64
C GLY E 100 28.42 53.03 23.23
N GLY E 101 27.65 53.87 23.94
CA GLY E 101 26.19 54.00 23.78
C GLY E 101 25.46 52.79 24.35
N GLU E 102 24.15 52.71 24.11
CA GLU E 102 23.26 51.62 24.56
C GLU E 102 23.76 50.28 23.97
N PHE E 103 23.68 49.20 24.75
CA PHE E 103 23.96 47.82 24.30
C PHE E 103 23.06 47.48 23.10
N THR E 104 23.66 47.14 21.96
CA THR E 104 22.92 46.74 20.74
C THR E 104 23.77 45.65 20.10
N ASN E 105 23.27 44.97 19.07
CA ASN E 105 24.03 43.88 18.40
C ASN E 105 25.28 44.45 17.72
N ALA E 106 25.35 45.77 17.48
CA ALA E 106 26.46 46.44 16.78
C ALA E 106 27.44 47.06 17.79
N SER E 107 26.95 47.45 18.97
CA SER E 107 27.77 48.19 19.96
C SER E 107 28.49 47.23 20.90
N LEU E 108 28.01 45.99 21.08
CA LEU E 108 28.57 45.03 22.11
C LEU E 108 28.63 43.63 21.50
N PHE E 109 29.82 43.12 21.27
CA PHE E 109 30.00 41.82 20.58
C PHE E 109 31.35 41.28 20.97
N ALA E 110 31.62 40.04 20.60
CA ALA E 110 32.82 39.32 21.03
C ALA E 110 33.20 38.27 20.01
N ASP E 111 34.49 38.13 19.78
CA ASP E 111 35.09 37.04 18.97
C ASP E 111 35.78 36.07 19.92
N VAL E 112 35.50 34.77 19.81
CA VAL E 112 36.26 33.75 20.59
C VAL E 112 37.52 33.40 19.80
N LYS E 113 38.55 33.04 20.55
CA LYS E 113 39.90 32.64 20.06
C LYS E 113 39.93 31.11 19.89
N PHE E 114 38.93 30.59 19.19
CA PHE E 114 38.83 29.17 18.78
C PHE E 114 38.45 29.10 17.31
N ASN E 115 38.65 27.94 16.71
CA ASN E 115 38.23 27.71 15.30
C ASN E 115 37.29 26.50 15.24
N PHE E 116 36.35 26.38 16.19
CA PHE E 116 35.37 25.24 16.18
C PHE E 116 34.40 25.34 14.99
N SER E 117 34.22 26.52 14.41
CA SER E 117 33.34 26.81 13.27
C SER E 117 34.06 27.78 12.35
N VAL E 118 33.63 27.82 11.11
CA VAL E 118 34.22 28.76 10.11
C VAL E 118 33.74 30.18 10.37
N TYR E 119 32.46 30.42 10.71
CA TYR E 119 31.98 31.80 10.94
C TYR E 119 30.87 31.92 11.98
N SER E 120 30.86 31.07 13.00
CA SER E 120 29.91 31.19 14.14
C SER E 120 30.72 31.42 15.43
N ASN E 121 31.81 32.18 15.29
CA ASN E 121 32.78 32.43 16.41
C ASN E 121 32.57 33.84 16.98
N ARG E 122 31.46 34.47 16.66
CA ARG E 122 31.14 35.85 17.12
C ARG E 122 29.82 35.86 17.87
N TRP E 123 29.83 36.43 19.07
CA TRP E 123 28.63 36.76 19.88
C TRP E 123 28.19 38.18 19.57
N TYR E 124 26.90 38.39 19.29
CA TYR E 124 26.32 39.76 19.17
C TYR E 124 25.27 39.94 20.25
N PHE E 125 25.33 41.08 20.97
CA PHE E 125 24.38 41.37 22.07
C PHE E 125 22.97 41.17 21.52
N GLY E 126 22.17 40.36 22.22
CA GLY E 126 20.74 40.17 21.92
C GLY E 126 20.50 39.27 20.70
N GLU E 127 21.54 38.63 20.16
CA GLU E 127 21.39 37.71 19.00
C GLU E 127 21.66 36.25 19.41
N LYS E 128 21.02 35.31 18.75
CA LYS E 128 21.26 33.86 18.97
C LYS E 128 22.34 33.47 17.97
N SER E 129 23.24 32.58 18.38
CA SER E 129 24.23 31.97 17.48
C SER E 129 24.02 30.45 17.53
N ASP E 130 24.58 29.69 16.60
CA ASP E 130 24.35 28.23 16.64
C ASP E 130 25.46 27.62 17.50
N GLY E 131 25.17 26.41 17.92
CA GLY E 131 26.12 25.53 18.61
C GLY E 131 25.71 25.28 20.05
N ASN E 132 24.69 25.95 20.57
CA ASN E 132 24.36 25.75 22.01
C ASN E 132 23.86 24.31 22.19
N LEU E 133 24.38 23.60 23.19
CA LEU E 133 24.06 22.17 23.42
C LEU E 133 22.82 22.01 24.33
N LYS E 134 22.15 23.13 24.64
CA LYS E 134 20.86 23.22 25.37
C LYS E 134 21.05 22.89 26.86
N GLY E 135 19.97 23.07 27.61
CA GLY E 135 19.95 22.92 29.08
C GLY E 135 18.73 22.14 29.50
N THR E 136 17.72 22.80 30.03
CA THR E 136 16.51 22.07 30.49
C THR E 136 15.30 23.00 30.36
N THR E 137 14.20 22.62 30.98
CA THR E 137 12.97 23.41 30.99
C THR E 137 12.21 23.07 32.27
N ARG E 138 11.17 23.85 32.52
CA ARG E 138 10.39 23.82 33.78
C ARG E 138 9.89 22.38 34.04
N THR E 139 9.34 21.70 33.02
CA THR E 139 8.55 20.47 33.30
C THR E 139 8.39 19.64 32.03
N LEU E 140 8.02 18.38 32.22
CA LEU E 140 7.53 17.49 31.14
C LEU E 140 6.04 17.29 31.26
N ASP E 141 5.34 18.13 32.04
CA ASP E 141 3.87 18.13 32.10
C ASP E 141 3.27 18.04 30.69
N MET E 142 2.50 16.99 30.41
CA MET E 142 1.66 16.87 29.18
C MET E 142 2.56 16.68 27.95
N ILE E 143 3.84 16.36 28.11
CA ILE E 143 4.77 16.11 26.98
C ILE E 143 4.78 14.63 26.64
N ASP E 144 4.49 14.33 25.37
CA ASP E 144 4.55 12.97 24.78
C ASP E 144 5.73 13.01 23.82
N GLY E 145 6.88 12.49 24.26
CA GLY E 145 8.14 12.56 23.52
C GLY E 145 8.89 13.82 23.84
N GLU E 146 9.39 14.43 22.79
CA GLU E 146 10.37 15.52 22.90
C GLU E 146 9.63 16.85 23.15
N CYS E 147 10.25 17.80 23.85
CA CYS E 147 9.81 19.21 23.88
C CYS E 147 11.04 20.09 23.73
N PRO E 148 10.88 21.38 23.39
CA PRO E 148 12.02 22.28 23.29
C PRO E 148 12.68 22.46 24.66
N LEU E 149 14.00 22.67 24.67
CA LEU E 149 14.74 23.01 25.90
C LEU E 149 15.24 24.44 25.82
N GLU E 150 15.51 25.05 26.95
CA GLU E 150 16.23 26.34 27.02
C GLU E 150 17.69 26.07 26.70
N ASP E 151 18.41 27.14 26.38
CA ASP E 151 19.87 27.15 26.20
C ASP E 151 20.50 26.85 27.56
N GLY E 152 21.64 26.18 27.53
CA GLY E 152 22.58 26.06 28.65
C GLY E 152 23.76 26.97 28.48
N ILE E 153 24.85 26.70 29.23
CA ILE E 153 26.10 27.49 29.15
C ILE E 153 27.10 26.78 28.25
N MET E 154 26.77 25.63 27.69
CA MET E 154 27.70 24.84 26.87
C MET E 154 27.33 25.02 25.38
N SER E 155 28.34 25.23 24.53
CA SER E 155 28.20 25.37 23.08
C SER E 155 29.37 24.67 22.41
N LYS E 156 29.10 23.94 21.33
CA LYS E 156 30.13 23.32 20.48
C LYS E 156 31.09 24.38 19.93
N ASN E 157 30.62 25.60 19.74
CA ASN E 157 31.44 26.69 19.17
C ASN E 157 32.18 27.50 20.26
N GLY E 158 31.93 27.25 21.52
CA GLY E 158 32.87 27.69 22.58
C GLY E 158 32.39 28.84 23.44
N PHE E 159 31.24 29.46 23.19
CA PHE E 159 30.74 30.56 24.02
C PHE E 159 29.22 30.48 24.22
N ALA E 160 28.77 31.04 25.33
CA ALA E 160 27.33 31.21 25.64
C ALA E 160 27.16 32.45 26.49
N VAL E 161 26.00 33.09 26.40
CA VAL E 161 25.66 34.21 27.32
C VAL E 161 24.50 33.78 28.18
N LEU E 162 24.67 34.00 29.48
CA LEU E 162 23.65 33.74 30.53
C LEU E 162 23.21 35.09 31.07
N ALA E 163 22.04 35.56 30.62
CA ALA E 163 21.36 36.77 31.10
C ALA E 163 20.94 36.57 32.56
N ASP E 164 21.24 37.54 33.42
CA ASP E 164 20.69 37.57 34.80
C ASP E 164 19.52 38.54 34.81
N LYS E 165 18.30 38.03 34.68
CA LYS E 165 17.09 38.90 34.61
C LYS E 165 16.38 38.89 35.97
N GLY E 166 16.98 38.30 37.00
CA GLY E 166 16.34 38.09 38.30
C GLY E 166 16.38 39.34 39.17
N LYS E 167 15.56 39.33 40.21
CA LYS E 167 15.56 40.32 41.30
C LYS E 167 16.81 40.18 42.14
N VAL E 168 17.19 41.24 42.84
CA VAL E 168 18.31 41.20 43.82
C VAL E 168 17.78 40.61 45.12
N LEU E 169 18.68 39.99 45.89
CA LEU E 169 18.37 39.45 47.23
C LEU E 169 18.97 40.35 48.31
N THR E 170 18.35 40.33 49.50
CA THR E 170 18.96 40.83 50.77
C THR E 170 20.05 39.84 51.17
N GLU E 171 20.86 40.23 52.15
CA GLU E 171 21.95 39.44 52.77
C GLU E 171 21.47 38.03 53.16
N VAL E 172 20.26 37.95 53.71
CA VAL E 172 19.66 36.72 54.30
C VAL E 172 18.82 35.99 53.25
N GLY E 173 18.76 36.47 52.00
CA GLY E 173 18.20 35.71 50.87
C GLY E 173 16.75 36.00 50.59
N ASP E 174 16.22 37.15 51.01
CA ASP E 174 14.86 37.63 50.67
C ASP E 174 14.94 38.50 49.39
N ILE E 175 13.85 38.57 48.64
CA ILE E 175 13.68 39.44 47.42
C ILE E 175 13.82 40.89 47.87
N ALA E 176 14.77 41.64 47.30
CA ALA E 176 15.10 43.03 47.68
C ALA E 176 14.49 44.02 46.67
N GLY E 177 14.21 43.59 45.44
CA GLY E 177 13.63 44.44 44.38
C GLY E 177 14.47 44.36 43.12
N ASN E 178 14.45 45.42 42.30
CA ASN E 178 15.12 45.41 40.97
C ASN E 178 16.59 45.77 41.10
N SER E 179 17.44 45.09 40.34
CA SER E 179 18.90 45.34 40.22
C SER E 179 19.10 46.78 39.73
N VAL E 180 20.15 47.46 40.17
CA VAL E 180 20.53 48.77 39.57
C VAL E 180 21.30 48.53 38.28
N SER E 181 21.82 47.32 38.07
CA SER E 181 22.39 46.94 36.75
C SER E 181 21.20 46.49 35.87
N THR E 182 20.67 47.38 35.03
CA THR E 182 19.42 47.16 34.26
C THR E 182 19.66 46.15 33.13
N ILE E 183 20.92 45.94 32.75
CA ILE E 183 21.40 44.78 31.95
C ILE E 183 22.55 44.17 32.72
N ASP E 184 22.49 42.86 32.91
CA ASP E 184 23.50 42.09 33.64
C ASP E 184 23.58 40.73 32.96
N LEU E 185 24.74 40.41 32.39
CA LEU E 185 24.99 39.22 31.52
C LEU E 185 26.28 38.57 32.00
N TYR E 186 26.39 37.26 31.81
CA TYR E 186 27.67 36.54 31.95
C TYR E 186 28.01 35.92 30.61
N LEU E 187 29.17 36.31 30.07
CA LEU E 187 29.73 35.70 28.84
C LEU E 187 30.68 34.58 29.24
N PHE E 188 30.29 33.36 28.93
CA PHE E 188 31.13 32.16 29.09
C PHE E 188 31.85 31.90 27.77
N ALA E 189 33.17 31.77 27.81
CA ALA E 189 34.00 31.50 26.62
C ALA E 189 34.99 30.41 26.98
N TYR E 190 34.47 29.28 27.46
CA TYR E 190 35.29 28.13 27.92
C TYR E 190 35.66 27.19 26.76
N GLY E 191 35.28 27.48 25.49
CA GLY E 191 35.55 26.53 24.41
C GLY E 191 34.72 25.27 24.63
N ARG E 192 35.36 24.11 24.61
CA ARG E 192 34.75 22.78 24.90
C ARG E 192 35.29 22.23 26.25
N ASP E 193 35.83 23.09 27.12
CA ASP E 193 36.17 22.70 28.51
C ASP E 193 34.87 22.83 29.31
N TYR E 194 33.94 21.92 29.00
CA TYR E 194 32.57 21.97 29.52
C TYR E 194 32.61 21.81 31.04
N ARG E 195 33.46 20.90 31.52
CA ARG E 195 33.52 20.60 32.99
C ARG E 195 33.90 21.87 33.76
N GLN E 196 34.90 22.60 33.30
CA GLN E 196 35.35 23.85 33.97
C GLN E 196 34.26 24.93 33.87
N ALA E 197 33.58 25.04 32.74
CA ALA E 197 32.41 25.95 32.62
C ALA E 197 31.40 25.70 33.73
N LEU E 198 31.08 24.43 33.96
CA LEU E 198 30.05 24.06 34.95
C LEU E 198 30.58 24.34 36.38
N LYS E 199 31.83 24.00 36.62
CA LYS E 199 32.51 24.28 37.92
C LYS E 199 32.38 25.77 38.26
N ASP E 200 32.73 26.66 37.31
CA ASP E 200 32.73 28.12 37.52
C ASP E 200 31.30 28.65 37.56
N PHE E 201 30.35 28.07 36.82
CA PHE E 201 28.91 28.39 36.96
C PHE E 201 28.48 28.09 38.41
N TYR E 202 28.90 26.97 38.98
CA TYR E 202 28.55 26.60 40.40
C TYR E 202 29.22 27.59 41.38
N GLN E 203 30.46 28.00 41.09
CA GLN E 203 31.14 29.06 41.88
C GLN E 203 30.31 30.34 41.82
N LEU E 204 29.79 30.69 40.65
CA LEU E 204 28.97 31.92 40.49
C LEU E 204 27.59 31.74 41.13
N THR E 205 26.92 30.59 40.96
CA THR E 205 25.48 30.47 41.30
C THR E 205 25.29 29.68 42.61
N GLY E 206 26.38 29.23 43.22
CA GLY E 206 26.29 28.41 44.44
C GLY E 206 26.32 26.95 44.07
N ASN E 207 27.11 26.17 44.79
CA ASN E 207 27.18 24.71 44.58
C ASN E 207 25.81 24.11 44.84
N THR E 208 25.56 22.95 44.22
CA THR E 208 24.40 22.09 44.59
C THR E 208 24.64 21.66 46.03
N PRO E 209 23.65 21.81 46.93
CA PRO E 209 23.80 21.25 48.28
C PRO E 209 23.95 19.73 48.23
N LYS E 210 24.42 19.14 49.34
CA LYS E 210 24.49 17.68 49.55
C LYS E 210 23.07 17.14 49.62
N LEU E 211 22.78 16.08 48.86
CA LEU E 211 21.57 15.28 49.13
C LEU E 211 21.81 14.46 50.40
N PRO E 212 20.71 14.09 51.09
CA PRO E 212 20.75 13.04 52.10
C PRO E 212 20.67 11.67 51.42
N ARG E 213 21.34 10.68 52.00
CA ARG E 213 21.47 9.32 51.41
C ARG E 213 20.07 8.77 51.07
N PHE E 214 19.06 9.04 51.90
CA PHE E 214 17.70 8.45 51.74
C PHE E 214 17.09 8.78 50.37
N ALA E 215 17.43 9.93 49.78
CA ALA E 215 16.88 10.38 48.48
C ALA E 215 17.34 9.49 47.33
N LEU E 216 18.42 8.72 47.49
CA LEU E 216 19.07 7.96 46.40
C LEU E 216 18.57 6.52 46.31
N GLY E 217 17.72 6.09 47.24
CA GLY E 217 17.04 4.78 47.17
C GLY E 217 15.77 4.86 46.34
N ASN E 218 15.01 3.77 46.31
CA ASN E 218 13.71 3.70 45.58
C ASN E 218 12.63 4.48 46.32
N TRP E 219 11.83 5.25 45.59
CA TRP E 219 10.64 5.91 46.12
C TRP E 219 9.38 5.18 45.63
N TRP E 220 8.38 5.08 46.48
CA TRP E 220 7.07 4.60 46.02
C TRP E 220 6.11 5.78 46.02
N SER E 221 5.39 5.91 44.91
CA SER E 221 4.35 6.94 44.75
C SER E 221 3.23 6.43 43.85
N ARG E 222 1.99 6.90 44.11
CA ARG E 222 0.83 6.63 43.22
C ARG E 222 -0.28 7.60 43.58
N TYR E 223 -0.85 8.27 42.55
CA TYR E 223 -2.06 9.11 42.68
C TYR E 223 -3.25 8.14 42.88
N TYR E 224 -3.42 7.70 44.12
CA TYR E 224 -4.38 6.63 44.46
C TYR E 224 -4.86 6.87 45.89
N ASP E 225 -6.14 6.66 46.17
CA ASP E 225 -6.76 7.01 47.48
C ASP E 225 -6.54 5.88 48.50
N TYR E 226 -5.26 5.59 48.77
CA TYR E 226 -4.89 4.64 49.85
C TYR E 226 -5.51 5.08 51.18
N SER E 227 -5.84 4.09 52.01
CA SER E 227 -6.04 4.27 53.47
C SER E 227 -4.71 4.06 54.19
N ASP E 228 -4.64 4.37 55.50
CA ASP E 228 -3.45 4.03 56.31
C ASP E 228 -3.20 2.53 56.19
N LYS E 229 -4.23 1.71 56.34
CA LYS E 229 -4.13 0.23 56.35
C LYS E 229 -3.62 -0.25 54.98
N SER E 230 -4.24 0.21 53.89
CA SER E 230 -3.89 -0.30 52.53
C SER E 230 -2.47 0.18 52.18
N TYR E 231 -2.06 1.37 52.60
CA TYR E 231 -0.69 1.86 52.28
C TYR E 231 0.34 1.04 53.05
N LEU E 232 0.08 0.80 54.34
CA LEU E 232 1.04 0.02 55.15
C LEU E 232 1.11 -1.41 54.62
N ALA E 233 0.01 -1.98 54.15
CA ALA E 233 -0.03 -3.37 53.61
C ALA E 233 0.87 -3.45 52.38
N LEU E 234 0.88 -2.37 51.58
CA LEU E 234 1.68 -2.27 50.33
C LEU E 234 3.13 -2.16 50.75
N MET E 235 3.43 -1.36 51.77
CA MET E 235 4.86 -1.24 52.18
C MET E 235 5.36 -2.63 52.63
N ASP E 236 4.51 -3.37 53.36
CA ASP E 236 4.89 -4.70 53.89
C ASP E 236 4.97 -5.67 52.70
N LYS E 237 4.11 -5.48 51.70
CA LYS E 237 4.24 -6.33 50.49
C LYS E 237 5.58 -6.08 49.78
N PHE E 238 6.04 -4.82 49.65
CA PHE E 238 7.38 -4.50 49.10
C PHE E 238 8.45 -5.30 49.86
N THR E 239 8.38 -5.29 51.19
CA THR E 239 9.34 -6.05 52.05
C THR E 239 9.26 -7.54 51.72
N ASP E 240 8.06 -8.12 51.71
CA ASP E 240 7.86 -9.56 51.37
C ASP E 240 8.46 -9.87 50.01
N LYS E 241 8.32 -8.96 49.06
CA LYS E 241 8.74 -9.17 47.65
C LYS E 241 10.23 -8.84 47.48
N LYS E 242 10.92 -8.40 48.53
CA LYS E 242 12.40 -8.17 48.47
C LYS E 242 12.71 -6.96 47.59
N VAL E 243 11.82 -5.98 47.64
CA VAL E 243 12.05 -4.66 46.98
C VAL E 243 12.32 -3.63 48.06
N PRO E 244 13.55 -3.11 48.13
CA PRO E 244 13.84 -2.01 49.05
C PRO E 244 13.26 -0.67 48.60
N LEU E 245 12.85 0.14 49.59
CA LEU E 245 12.33 1.51 49.44
C LEU E 245 12.98 2.38 50.49
N SER E 246 13.26 3.65 50.15
CA SER E 246 13.75 4.73 51.07
C SER E 246 12.69 5.78 51.33
N VAL E 247 11.77 5.99 50.39
CA VAL E 247 10.75 7.07 50.51
C VAL E 247 9.35 6.56 50.23
N SER E 248 8.42 7.02 51.04
CA SER E 248 6.96 6.79 50.92
C SER E 248 6.33 8.12 50.58
N VAL E 249 5.87 8.27 49.36
CA VAL E 249 5.12 9.49 48.95
C VAL E 249 3.65 9.20 49.19
N ILE E 250 2.94 10.19 49.73
CA ILE E 250 1.47 10.16 49.83
C ILE E 250 0.91 11.28 48.96
N ASP E 251 0.16 10.91 47.92
CA ASP E 251 -0.33 11.90 46.94
C ASP E 251 -1.59 12.54 47.55
N MET E 252 -2.14 13.50 46.81
CA MET E 252 -3.16 14.49 47.27
C MET E 252 -4.37 13.85 47.98
N ASP E 253 -4.64 12.55 47.81
CA ASP E 253 -5.81 11.90 48.46
C ASP E 253 -5.56 11.74 49.97
N TRP E 254 -4.38 12.10 50.45
CA TRP E 254 -4.15 12.23 51.92
C TRP E 254 -5.13 13.25 52.49
N HIS E 255 -5.45 14.31 51.73
CA HIS E 255 -6.27 15.44 52.24
C HIS E 255 -7.72 15.34 51.73
N LYS E 256 -8.59 16.20 52.24
CA LYS E 256 -9.98 16.25 51.74
C LYS E 256 -9.95 16.55 50.23
N VAL E 257 -10.82 15.90 49.47
CA VAL E 257 -10.96 16.17 48.02
C VAL E 257 -12.45 16.31 47.74
N SER E 258 -13.17 15.19 47.61
CA SER E 258 -14.59 15.21 47.18
C SER E 258 -15.48 15.86 48.27
N GLU E 259 -15.08 15.83 49.56
CA GLU E 259 -15.88 16.38 50.70
C GLU E 259 -15.86 17.91 50.68
N VAL E 260 -14.89 18.54 50.00
CA VAL E 260 -14.76 20.02 50.03
C VAL E 260 -16.03 20.64 49.45
N PRO E 261 -16.79 21.47 50.19
CA PRO E 261 -18.01 22.09 49.61
C PRO E 261 -17.64 22.93 48.38
N SER E 262 -18.47 22.90 47.33
CA SER E 262 -18.11 23.40 45.99
C SER E 262 -17.94 24.93 46.01
N ARG E 263 -18.51 25.63 47.01
CA ARG E 263 -18.40 27.12 47.12
C ARG E 263 -16.92 27.49 47.35
N PHE E 264 -16.09 26.56 47.81
CA PHE E 264 -14.64 26.82 48.08
C PHE E 264 -13.81 26.63 46.81
N GLY E 265 -14.43 26.11 45.75
CA GLY E 265 -13.69 25.62 44.56
C GLY E 265 -13.41 24.13 44.70
N SER E 266 -12.28 23.69 44.18
CA SER E 266 -11.95 22.25 44.10
C SER E 266 -11.25 21.77 45.39
N GLY E 267 -11.09 20.45 45.49
CA GLY E 267 -10.25 19.78 46.50
C GLY E 267 -8.80 19.59 46.07
N TRP E 268 -8.33 20.27 45.02
CA TRP E 268 -6.96 20.07 44.49
C TRP E 268 -5.96 20.51 45.57
N THR E 269 -6.13 21.73 46.05
CA THR E 269 -5.39 22.26 47.22
C THR E 269 -6.03 21.67 48.47
N GLY E 270 -5.19 21.17 49.38
CA GLY E 270 -5.67 20.70 50.69
C GLY E 270 -4.59 20.63 51.75
N TYR E 271 -4.95 20.92 52.99
CA TYR E 271 -4.05 20.81 54.16
C TYR E 271 -4.70 20.04 55.31
N SER E 272 -5.83 19.35 55.05
CA SER E 272 -6.67 18.68 56.06
C SER E 272 -6.76 17.20 55.71
N TRP E 273 -6.20 16.35 56.55
CA TRP E 273 -6.35 14.87 56.45
C TRP E 273 -7.82 14.47 56.21
N ASN E 274 -7.98 13.59 55.24
CA ASN E 274 -9.18 12.74 55.09
C ASN E 274 -9.13 11.71 56.25
N LYS E 275 -9.95 11.96 57.27
CA LYS E 275 -9.94 11.15 58.54
C LYS E 275 -10.59 9.77 58.34
N LYS E 276 -11.39 9.57 57.29
CA LYS E 276 -11.89 8.22 56.90
C LYS E 276 -10.73 7.34 56.41
N LEU E 277 -9.75 7.93 55.70
CA LEU E 277 -8.60 7.19 55.15
C LEU E 277 -7.44 7.18 56.17
N PHE E 278 -7.28 8.25 56.93
CA PHE E 278 -6.17 8.39 57.89
C PHE E 278 -6.74 8.88 59.22
N PRO E 279 -7.43 8.00 59.99
CA PRO E 279 -8.04 8.39 61.26
C PRO E 279 -7.03 8.81 62.35
N ASN E 280 -5.77 8.39 62.23
CA ASN E 280 -4.68 8.79 63.15
C ASN E 280 -3.40 9.00 62.35
N PRO E 281 -3.23 10.19 61.72
CA PRO E 281 -2.09 10.46 60.83
C PRO E 281 -0.73 10.25 61.49
N GLU E 282 -0.59 10.72 62.73
CA GLU E 282 0.70 10.65 63.43
C GLU E 282 1.08 9.18 63.63
N ASN E 283 0.12 8.33 63.95
CA ASN E 283 0.40 6.89 64.12
C ASN E 283 0.84 6.28 62.78
N PHE E 284 0.12 6.60 61.71
CA PHE E 284 0.43 6.07 60.35
C PHE E 284 1.87 6.41 59.99
N ILE E 285 2.25 7.67 60.22
CA ILE E 285 3.60 8.15 59.82
C ILE E 285 4.66 7.50 60.72
N ASP E 286 4.36 7.32 62.01
CA ASP E 286 5.24 6.55 62.94
C ASP E 286 5.44 5.15 62.36
N GLU E 287 4.36 4.51 61.88
CA GLU E 287 4.43 3.15 61.25
C GLU E 287 5.41 3.17 60.06
N LEU E 288 5.30 4.15 59.16
CA LEU E 288 6.26 4.30 58.03
C LEU E 288 7.66 4.53 58.58
N HIS E 289 7.79 5.41 59.59
CA HIS E 289 9.11 5.69 60.23
C HIS E 289 9.73 4.41 60.79
N GLN E 290 8.92 3.55 61.43
CA GLN E 290 9.36 2.27 62.04
C GLN E 290 9.87 1.36 60.92
N ARG E 291 9.35 1.51 59.70
CA ARG E 291 9.83 0.76 58.50
C ARG E 291 11.04 1.46 57.87
N LYS E 292 11.58 2.53 58.49
CA LYS E 292 12.80 3.25 58.00
C LYS E 292 12.49 3.89 56.65
N LEU E 293 11.30 4.47 56.51
CA LEU E 293 10.86 5.20 55.30
C LEU E 293 10.79 6.69 55.66
N LYS E 294 11.29 7.56 54.79
CA LYS E 294 10.97 9.01 54.88
C LYS E 294 9.64 9.27 54.18
N VAL E 295 8.88 10.24 54.69
CA VAL E 295 7.49 10.51 54.26
C VAL E 295 7.39 11.93 53.71
N THR E 296 6.74 12.05 52.56
CA THR E 296 6.44 13.35 51.93
C THR E 296 4.98 13.32 51.52
N LEU E 297 4.30 14.46 51.68
CA LEU E 297 2.91 14.68 51.21
C LEU E 297 2.97 15.58 49.98
N ASN E 298 2.06 15.30 49.05
CA ASN E 298 1.75 16.25 47.94
C ASN E 298 1.18 17.54 48.50
N ASP E 299 1.75 18.66 48.12
CA ASP E 299 1.18 20.02 48.38
C ASP E 299 0.85 20.73 47.07
N HIS E 300 -0.43 21.01 46.84
CA HIS E 300 -0.92 21.92 45.78
C HIS E 300 -1.20 23.30 46.38
N PRO E 301 -0.26 24.27 46.29
CA PRO E 301 -0.38 25.51 47.09
C PRO E 301 -1.39 26.57 46.60
N ALA E 302 -1.87 26.48 45.34
CA ALA E 302 -2.35 27.64 44.56
C ALA E 302 -3.67 28.20 45.11
N ASP E 303 -4.53 27.41 45.77
CA ASP E 303 -5.82 27.94 46.27
C ASP E 303 -5.68 28.38 47.73
N GLY E 304 -4.48 28.26 48.31
CA GLY E 304 -4.14 28.82 49.63
C GLY E 304 -4.84 28.07 50.76
N ILE E 305 -5.28 28.80 51.79
CA ILE E 305 -5.91 28.20 52.98
C ILE E 305 -7.32 28.76 53.10
N ARG E 306 -8.29 27.97 52.67
CA ARG E 306 -9.71 28.38 52.63
C ARG E 306 -10.41 27.97 53.93
N ALA E 307 -11.66 28.42 54.12
CA ALA E 307 -12.28 28.51 55.47
C ALA E 307 -12.67 27.11 55.99
N PHE E 308 -12.75 26.08 55.16
CA PHE E 308 -13.12 24.72 55.61
C PHE E 308 -11.89 24.03 56.15
N GLU E 309 -10.68 24.59 56.00
CA GLU E 309 -9.44 23.85 56.34
C GLU E 309 -9.22 23.81 57.87
N ASP E 310 -8.61 22.72 58.34
CA ASP E 310 -8.31 22.48 59.77
C ASP E 310 -7.41 23.60 60.30
N PRO E 311 -6.29 23.96 59.62
CA PRO E 311 -5.48 25.12 60.02
C PRO E 311 -6.07 26.52 59.83
N TYR E 312 -7.24 26.65 59.22
CA TYR E 312 -7.76 27.97 58.82
C TYR E 312 -7.95 28.84 60.06
N PRO E 313 -8.55 28.37 61.18
CA PRO E 313 -8.74 29.28 62.32
C PRO E 313 -7.44 29.94 62.78
N GLN E 314 -6.35 29.18 62.84
CA GLN E 314 -5.03 29.69 63.28
C GLN E 314 -4.53 30.69 62.21
N VAL E 315 -4.58 30.33 60.93
CA VAL E 315 -4.10 31.24 59.83
C VAL E 315 -4.97 32.51 59.77
N ALA E 316 -6.28 32.37 59.92
CA ALA E 316 -7.23 33.51 59.87
C ALA E 316 -6.94 34.48 61.03
N GLN E 317 -6.54 33.96 62.18
CA GLN E 317 -6.14 34.79 63.34
C GLN E 317 -4.85 35.55 63.00
N THR E 318 -3.84 34.83 62.51
CA THR E 318 -2.49 35.40 62.22
C THR E 318 -2.58 36.50 61.14
N LEU E 319 -3.39 36.29 60.08
CA LEU E 319 -3.47 37.20 58.89
C LEU E 319 -4.70 38.10 59.03
N ASP E 320 -5.40 38.04 60.16
CA ASP E 320 -6.52 38.96 60.45
C ASP E 320 -7.56 38.90 59.32
N LEU E 321 -8.02 37.71 58.96
CA LEU E 321 -9.04 37.49 57.89
C LEU E 321 -10.45 37.59 58.49
N ASN E 322 -11.41 37.96 57.66
CA ASN E 322 -12.85 38.00 58.00
C ASN E 322 -13.46 36.59 57.92
N THR E 323 -13.51 35.89 59.04
CA THR E 323 -13.96 34.49 59.15
C THR E 323 -15.47 34.39 58.90
N GLU E 324 -16.28 35.37 59.28
CA GLU E 324 -17.74 35.27 59.01
C GLU E 324 -17.99 35.31 57.50
N LEU E 325 -17.15 35.97 56.69
CA LEU E 325 -17.32 36.02 55.21
C LEU E 325 -16.43 34.94 54.58
N GLU E 326 -15.85 34.05 55.38
CA GLU E 326 -15.02 32.93 54.88
C GLU E 326 -13.89 33.45 54.00
N GLU E 327 -13.28 34.57 54.39
CA GLU E 327 -12.15 35.15 53.63
C GLU E 327 -11.02 34.15 53.59
N ALA E 328 -10.61 33.75 52.39
CA ALA E 328 -9.48 32.82 52.20
C ALA E 328 -8.15 33.55 52.42
N ALA E 329 -7.18 32.81 52.94
CA ALA E 329 -5.75 33.15 52.89
C ALA E 329 -5.24 32.75 51.52
N LYS E 330 -5.39 33.63 50.55
CA LYS E 330 -5.01 33.32 49.14
C LYS E 330 -3.50 33.14 49.09
N PHE E 331 -3.06 32.20 48.23
CA PHE E 331 -1.62 31.90 48.06
C PHE E 331 -0.88 33.19 47.69
N ASP E 332 0.16 33.57 48.43
CA ASP E 332 0.92 34.82 48.15
C ASP E 332 2.30 34.68 48.76
N PHE E 333 3.19 34.04 48.04
CA PHE E 333 4.57 33.77 48.51
C PHE E 333 5.45 35.03 48.37
N ASP E 334 4.93 36.13 47.86
CA ASP E 334 5.62 37.46 47.90
C ASP E 334 5.51 38.04 49.32
N ASN E 335 4.56 37.53 50.10
CA ASN E 335 4.10 38.12 51.38
C ASN E 335 4.77 37.36 52.52
N LEU E 336 5.59 38.08 53.31
CA LEU E 336 6.35 37.51 54.44
C LEU E 336 5.38 36.86 55.43
N LYS E 337 4.24 37.48 55.71
CA LYS E 337 3.32 36.97 56.76
C LYS E 337 2.66 35.66 56.27
N PHE E 338 2.22 35.63 55.01
CA PHE E 338 1.69 34.42 54.35
C PHE E 338 2.71 33.31 54.45
N ARG E 339 3.95 33.52 54.00
CA ARG E 339 4.97 32.44 54.01
C ARG E 339 5.10 31.93 55.44
N LYS E 340 5.15 32.83 56.43
CA LYS E 340 5.36 32.44 57.85
C LYS E 340 4.15 31.61 58.33
N ALA E 341 2.92 31.99 57.98
CA ALA E 341 1.70 31.23 58.32
C ALA E 341 1.71 29.87 57.62
N TYR E 342 2.09 29.85 56.35
CA TYR E 342 2.19 28.60 55.55
C TYR E 342 3.21 27.64 56.19
N PHE E 343 4.38 28.15 56.57
CA PHE E 343 5.43 27.29 57.14
C PHE E 343 5.00 26.88 58.55
N GLU E 344 4.63 27.83 59.42
CA GLU E 344 4.49 27.55 60.87
C GLU E 344 3.12 26.97 61.19
N GLU E 345 2.04 27.44 60.58
CA GLU E 345 0.65 27.07 60.96
C GLU E 345 0.03 26.06 59.99
N VAL E 346 0.62 25.83 58.82
CA VAL E 346 0.01 24.88 57.83
C VAL E 346 0.92 23.66 57.72
N HIS E 347 2.19 23.84 57.33
CA HIS E 347 3.18 22.74 57.29
C HIS E 347 3.56 22.32 58.72
N GLY E 348 3.68 23.27 59.64
CA GLY E 348 4.13 23.02 61.03
C GLY E 348 3.42 21.83 61.66
N PRO E 349 2.09 21.86 61.80
CA PRO E 349 1.36 20.75 62.40
C PRO E 349 1.55 19.41 61.66
N LEU E 350 1.62 19.43 60.32
CA LEU E 350 1.80 18.19 59.51
C LEU E 350 3.21 17.62 59.74
N GLU E 351 4.20 18.51 59.84
CA GLU E 351 5.61 18.14 60.16
C GLU E 351 5.69 17.58 61.59
N LYS E 352 4.93 18.16 62.51
CA LYS E 352 4.82 17.66 63.92
C LYS E 352 4.22 16.22 63.89
N GLU E 353 3.27 15.95 62.98
CA GLU E 353 2.70 14.58 62.80
C GLU E 353 3.75 13.62 62.21
N GLY E 354 4.84 14.11 61.61
CA GLY E 354 6.01 13.34 61.18
C GLY E 354 6.38 13.53 59.70
N VAL E 355 5.67 14.39 58.94
CA VAL E 355 6.02 14.66 57.52
C VAL E 355 7.47 15.16 57.49
N ASP E 356 8.32 14.52 56.68
CA ASP E 356 9.80 14.70 56.65
C ASP E 356 10.18 15.82 55.69
N PHE E 357 9.50 15.91 54.53
CA PHE E 357 9.83 16.87 53.46
C PHE E 357 8.64 17.01 52.52
N TRP E 358 8.66 18.08 51.70
CA TRP E 358 7.47 18.56 50.95
C TRP E 358 7.65 18.35 49.45
N TRP E 359 6.62 17.73 48.87
CA TRP E 359 6.45 17.59 47.41
C TRP E 359 5.63 18.78 46.98
N ILE E 360 6.31 19.80 46.47
CA ILE E 360 5.66 21.05 46.00
C ILE E 360 5.23 20.78 44.55
N ASP E 361 3.93 20.77 44.34
CA ASP E 361 3.33 20.30 43.06
C ASP E 361 2.57 21.48 42.45
N TRP E 362 3.31 22.42 41.85
CA TRP E 362 2.79 23.71 41.31
C TRP E 362 2.67 23.59 39.78
N GLN E 363 1.46 23.79 39.29
CA GLN E 363 1.15 23.74 37.84
CA GLN E 363 1.18 23.75 37.83
C GLN E 363 0.23 24.90 37.49
N GLN E 364 0.27 26.01 38.26
CA GLN E 364 -0.75 27.09 38.10
C GLN E 364 -0.16 28.41 37.60
N GLY E 365 0.98 28.37 36.94
CA GLY E 365 1.45 29.50 36.12
C GLY E 365 2.56 30.30 36.79
N ALA E 366 2.94 31.44 36.20
CA ALA E 366 4.13 32.20 36.63
C ALA E 366 3.72 33.60 37.09
N ILE E 367 2.47 33.81 37.45
CA ILE E 367 1.97 35.21 37.69
C ILE E 367 2.18 35.58 39.17
N SER E 368 2.78 36.75 39.43
CA SER E 368 2.95 37.33 40.78
C SER E 368 3.06 38.86 40.63
N LYS E 369 2.67 39.60 41.67
CA LYS E 369 2.80 41.09 41.66
C LYS E 369 4.29 41.44 41.54
N SER E 370 5.15 40.73 42.26
CA SER E 370 6.60 41.08 42.33
C SER E 370 7.26 40.89 40.96
N GLY E 371 6.67 40.02 40.11
CA GLY E 371 7.28 39.57 38.85
C GLY E 371 8.24 38.40 39.08
N VAL E 372 8.29 37.88 40.31
CA VAL E 372 9.05 36.65 40.65
C VAL E 372 8.12 35.45 40.46
N ASP E 373 8.59 34.39 39.79
CA ASP E 373 7.82 33.15 39.53
C ASP E 373 7.44 32.53 40.86
N PRO E 374 6.13 32.31 41.16
CA PRO E 374 5.75 31.67 42.42
C PRO E 374 6.51 30.35 42.63
N LEU E 375 6.84 29.64 41.54
CA LEU E 375 7.56 28.35 41.62
C LEU E 375 8.96 28.61 42.20
N TRP E 376 9.62 29.67 41.77
CA TRP E 376 10.96 30.03 42.32
C TRP E 376 10.84 30.36 43.82
N LEU E 377 9.86 31.19 44.20
CA LEU E 377 9.64 31.56 45.62
C LEU E 377 9.39 30.31 46.47
N LEU E 378 8.57 29.39 45.97
CA LEU E 378 8.28 28.14 46.71
C LEU E 378 9.56 27.34 46.90
N ASN E 379 10.33 27.16 45.84
CA ASN E 379 11.51 26.26 45.87
C ASN E 379 12.55 26.88 46.79
N HIS E 380 12.77 28.16 46.63
CA HIS E 380 13.79 28.91 47.41
C HIS E 380 13.42 28.83 48.89
N TYR E 381 12.17 29.14 49.21
CA TYR E 381 11.79 29.36 50.62
C TYR E 381 11.51 28.01 51.28
N GLN E 382 10.92 27.05 50.56
CA GLN E 382 10.62 25.71 51.13
C GLN E 382 11.91 24.96 51.33
N TYR E 383 12.86 25.07 50.41
CA TYR E 383 14.15 24.39 50.57
C TYR E 383 14.84 24.93 51.84
N GLN E 384 14.80 26.24 52.06
CA GLN E 384 15.40 26.86 53.28
C GLN E 384 14.70 26.32 54.55
N ASN E 385 13.38 26.41 54.60
CA ASN E 385 12.53 25.95 55.72
C ASN E 385 12.75 24.46 55.98
N ALA E 386 12.96 23.65 54.95
CA ALA E 386 13.10 22.18 55.09
C ALA E 386 14.33 21.83 55.94
N GLN E 387 15.32 22.72 56.04
CA GLN E 387 16.60 22.48 56.78
C GLN E 387 16.40 22.56 58.30
N LYS E 388 15.31 23.17 58.76
CA LYS E 388 14.90 23.15 60.19
C LYS E 388 14.46 21.73 60.62
N LYS E 389 13.87 20.94 59.71
CA LYS E 389 13.34 19.58 59.97
C LYS E 389 14.50 18.58 60.11
N HIS E 390 15.41 18.56 59.12
CA HIS E 390 16.47 17.55 58.95
C HIS E 390 17.71 18.21 58.33
N LYS E 391 18.89 17.70 58.64
CA LYS E 391 20.17 18.11 58.00
C LYS E 391 20.10 17.72 56.51
N ASN E 392 20.48 18.62 55.60
CA ASN E 392 20.63 18.34 54.14
C ASN E 392 19.27 17.85 53.60
N ASN E 393 18.16 18.45 54.04
CA ASN E 393 16.81 18.00 53.65
C ASN E 393 16.58 18.44 52.20
N ILE E 394 15.51 17.96 51.60
CA ILE E 394 15.24 18.19 50.14
C ILE E 394 13.84 18.76 50.02
N ILE E 395 13.48 19.10 48.80
CA ILE E 395 12.09 19.22 48.36
C ILE E 395 11.93 18.32 47.13
N LEU E 396 10.74 18.30 46.59
CA LEU E 396 10.50 17.72 45.24
C LEU E 396 9.66 18.74 44.48
N SER E 397 10.21 19.38 43.44
CA SER E 397 9.55 20.52 42.74
C SER E 397 10.15 20.70 41.35
N ARG E 398 9.34 21.29 40.47
CA ARG E 398 9.72 21.56 39.07
C ARG E 398 10.89 22.55 39.04
N TYR E 399 11.59 22.58 37.91
CA TYR E 399 12.74 23.49 37.63
C TYR E 399 12.27 24.96 37.62
N ALA E 400 12.95 25.84 38.36
CA ALA E 400 12.59 27.26 38.51
C ALA E 400 13.64 28.20 37.91
N GLY E 401 14.39 27.73 36.91
CA GLY E 401 15.34 28.58 36.17
C GLY E 401 16.76 28.46 36.70
N PRO E 402 17.73 29.13 36.03
CA PRO E 402 19.14 28.97 36.35
C PRO E 402 19.44 29.41 37.79
N GLY E 403 20.19 28.55 38.51
CA GLY E 403 20.45 28.66 39.96
C GLY E 403 19.51 27.81 40.81
N SER E 404 18.37 27.36 40.29
CA SER E 404 17.37 26.64 41.11
C SER E 404 17.88 25.21 41.40
N HIS E 405 19.05 24.81 40.89
CA HIS E 405 19.75 23.57 41.31
C HIS E 405 20.13 23.64 42.80
N ARG E 406 20.11 24.84 43.39
CA ARG E 406 20.35 25.04 44.85
C ARG E 406 19.22 24.40 45.66
N TYR E 407 18.06 24.08 45.06
CA TYR E 407 16.85 23.58 45.77
C TYR E 407 16.43 22.22 45.24
N PRO E 408 17.30 21.19 45.28
CA PRO E 408 16.93 19.85 44.86
C PRO E 408 15.80 19.28 45.73
N LEU E 409 14.99 18.38 45.16
CA LEU E 409 15.23 17.70 43.90
C LEU E 409 14.32 18.30 42.81
N GLY E 410 14.70 18.10 41.57
CA GLY E 410 13.85 18.38 40.40
C GLY E 410 12.77 17.33 40.28
N PHE E 411 11.59 17.77 39.91
CA PHE E 411 10.41 16.94 39.63
C PHE E 411 9.87 17.27 38.24
N SER E 412 9.92 16.35 37.27
CA SER E 412 9.58 16.67 35.86
C SER E 412 8.07 16.60 35.60
N GLY E 413 7.31 15.93 36.45
CA GLY E 413 5.84 16.03 36.35
C GLY E 413 5.25 15.09 35.31
N ASP E 414 4.19 15.57 34.65
CA ASP E 414 3.13 14.73 34.04
C ASP E 414 3.50 14.31 32.60
N SER E 415 4.61 13.58 32.47
CA SER E 415 5.00 12.92 31.20
C SER E 415 3.87 11.99 30.70
N VAL E 416 3.75 11.85 29.38
CA VAL E 416 2.79 10.90 28.77
C VAL E 416 3.49 9.53 28.70
N ILE E 417 2.78 8.49 29.13
CA ILE E 417 3.31 7.10 29.11
C ILE E 417 3.42 6.64 27.66
N SER E 418 4.61 6.78 27.08
CA SER E 418 4.90 6.36 25.69
C SER E 418 6.37 5.99 25.54
N TRP E 419 6.66 5.16 24.55
CA TRP E 419 8.02 4.92 24.04
C TRP E 419 8.66 6.26 23.65
N ALA E 420 7.91 7.20 23.05
CA ALA E 420 8.52 8.48 22.63
C ALA E 420 9.03 9.21 23.88
N SER E 421 8.22 9.27 24.94
CA SER E 421 8.62 9.95 26.21
C SER E 421 9.87 9.26 26.75
N LEU E 422 9.89 7.93 26.85
CA LEU E 422 11.12 7.27 27.38
C LEU E 422 12.32 7.62 26.50
N ASP E 423 12.18 7.61 25.18
CA ASP E 423 13.29 7.86 24.21
C ASP E 423 13.86 9.27 24.39
N PHE E 424 13.05 10.22 24.82
CA PHE E 424 13.49 11.60 25.10
C PHE E 424 14.28 11.66 26.42
N GLN E 425 13.94 10.80 27.38
CA GLN E 425 14.28 11.08 28.80
C GLN E 425 15.79 11.03 29.09
N PRO E 426 16.60 10.10 28.52
CA PRO E 426 18.05 10.08 28.82
C PRO E 426 18.74 11.36 28.37
N TYR E 427 18.44 11.76 27.13
CA TYR E 427 18.91 13.01 26.53
C TYR E 427 18.50 14.18 27.41
N PHE E 428 17.24 14.25 27.81
CA PHE E 428 16.72 15.37 28.63
C PHE E 428 17.55 15.42 29.91
N THR E 429 17.84 14.25 30.49
CA THR E 429 18.48 14.16 31.82
C THR E 429 19.95 14.59 31.71
N SER E 430 20.76 14.04 30.79
CA SER E 430 22.20 14.40 30.68
C SER E 430 22.32 15.87 30.26
N THR E 431 21.45 16.34 29.36
CA THR E 431 21.53 17.71 28.81
C THR E 431 21.32 18.74 29.94
N ALA E 432 20.47 18.42 30.91
CA ALA E 432 20.18 19.29 32.08
C ALA E 432 21.49 19.66 32.80
N SER E 433 22.53 18.83 32.74
CA SER E 433 23.82 19.14 33.41
C SER E 433 24.40 20.42 32.81
N ASN E 434 24.03 20.75 31.57
CA ASN E 434 24.56 21.95 30.86
C ASN E 434 24.03 23.25 31.47
N ILE E 435 23.05 23.19 32.38
CA ILE E 435 22.64 24.38 33.18
C ILE E 435 22.72 24.03 34.70
N GLY E 436 23.48 22.99 35.04
CA GLY E 436 23.82 22.63 36.44
C GLY E 436 22.67 21.97 37.19
N TYR E 437 21.60 21.53 36.50
CA TYR E 437 20.41 20.97 37.18
C TYR E 437 20.50 19.44 37.14
N THR E 438 21.25 18.87 38.10
CA THR E 438 21.76 17.48 38.00
C THR E 438 20.90 16.45 38.78
N TRP E 439 19.79 16.85 39.41
CA TRP E 439 18.97 15.91 40.25
C TRP E 439 17.53 15.87 39.75
N TRP E 440 17.31 15.72 38.43
CA TRP E 440 15.96 15.42 37.89
C TRP E 440 15.42 14.07 38.41
N SER E 441 14.24 14.10 39.00
CA SER E 441 13.44 12.90 39.35
C SER E 441 12.27 12.83 38.36
N HIS E 442 12.33 11.89 37.44
CA HIS E 442 11.23 11.60 36.47
C HIS E 442 10.28 10.59 37.12
N ASP E 443 8.99 10.68 36.82
CA ASP E 443 8.04 9.57 37.06
C ASP E 443 8.51 8.36 36.26
N ILE E 444 9.14 7.41 36.93
CA ILE E 444 9.62 6.20 36.25
C ILE E 444 8.43 5.41 35.74
N GLY E 445 8.43 5.09 34.44
CA GLY E 445 7.34 4.40 33.74
C GLY E 445 6.34 5.40 33.19
N GLY E 446 6.62 6.69 33.36
CA GLY E 446 5.76 7.79 32.85
C GLY E 446 4.56 8.03 33.74
N HIS E 447 3.93 9.19 33.60
CA HIS E 447 2.88 9.66 34.54
C HIS E 447 1.48 9.24 34.11
N MET E 448 1.03 9.62 32.92
CA MET E 448 -0.40 9.55 32.56
C MET E 448 -0.64 9.27 31.06
N GLN E 449 -1.90 8.99 30.77
CA GLN E 449 -2.42 8.75 29.41
C GLN E 449 -1.53 7.72 28.74
N GLY E 450 -1.29 7.85 27.42
CA GLY E 450 -0.50 6.83 26.70
C GLY E 450 -1.12 5.44 26.80
N TYR E 451 -0.28 4.41 26.72
N TYR E 451 -0.28 4.41 26.80
CA TYR E 451 -0.68 3.02 26.35
CA TYR E 451 -0.73 3.03 26.47
C TYR E 451 0.06 2.02 27.26
C TYR E 451 0.06 2.02 27.29
N LYS E 452 -0.56 0.88 27.57
CA LYS E 452 0.05 -0.21 28.34
C LYS E 452 1.00 -0.98 27.42
N ASP E 453 2.17 -1.25 27.96
CA ASP E 453 3.24 -2.09 27.39
C ASP E 453 4.19 -2.41 28.54
N ALA E 454 4.17 -3.65 29.02
CA ALA E 454 4.99 -4.12 30.15
C ALA E 454 6.47 -3.92 29.84
N GLU E 455 6.86 -4.10 28.58
CA GLU E 455 8.25 -3.92 28.10
C GLU E 455 8.64 -2.44 28.22
N LEU E 456 7.72 -1.50 27.90
CA LEU E 456 7.99 -0.06 28.11
C LEU E 456 8.25 0.18 29.61
N SER E 457 7.41 -0.38 30.46
CA SER E 457 7.50 -0.16 31.93
C SER E 457 8.86 -0.66 32.43
N LEU E 458 9.35 -1.74 31.87
CA LEU E 458 10.61 -2.39 32.31
C LEU E 458 11.80 -1.60 31.78
N ARG E 459 11.79 -1.24 30.52
CA ARG E 459 12.83 -0.35 29.96
C ARG E 459 12.89 0.96 30.75
N TRP E 460 11.76 1.50 31.18
CA TRP E 460 11.76 2.82 31.84
C TRP E 460 12.45 2.67 33.20
N LEU E 461 12.19 1.58 33.89
CA LEU E 461 12.76 1.33 35.23
C LEU E 461 14.28 1.13 35.10
N GLN E 462 14.74 0.43 34.06
CA GLN E 462 16.18 0.24 33.75
C GLN E 462 16.84 1.61 33.69
N PHE E 463 16.27 2.54 32.92
CA PHE E 463 16.82 3.91 32.83
C PHE E 463 16.76 4.58 34.21
N GLY E 464 15.63 4.44 34.90
CA GLY E 464 15.37 5.12 36.19
C GLY E 464 16.46 4.79 37.18
N VAL E 465 16.81 3.50 37.25
CA VAL E 465 17.86 2.96 38.18
C VAL E 465 19.20 3.66 37.89
N PHE E 466 19.49 3.97 36.61
CA PHE E 466 20.73 4.65 36.17
C PHE E 466 20.44 6.12 35.87
N SER E 467 19.51 6.72 36.60
CA SER E 467 19.16 8.14 36.54
C SER E 467 19.48 8.76 37.89
N PRO E 468 19.41 10.09 38.03
CA PRO E 468 19.69 10.72 39.33
C PRO E 468 18.82 10.22 40.49
N ILE E 469 17.52 10.00 40.27
CA ILE E 469 16.54 9.62 41.32
C ILE E 469 15.61 8.54 40.74
N ASN E 470 15.26 7.53 41.53
CA ASN E 470 14.41 6.42 41.06
C ASN E 470 13.09 6.44 41.82
N ARG E 471 12.16 7.29 41.37
CA ARG E 471 10.86 7.49 41.99
C ARG E 471 9.78 6.92 41.08
N LEU E 472 9.23 5.75 41.42
CA LEU E 472 8.02 5.17 40.75
C LEU E 472 6.83 6.09 41.07
N HIS E 473 6.06 6.47 40.04
CA HIS E 473 4.82 7.26 40.25
C HIS E 473 3.90 7.04 39.06
N SER E 474 2.61 7.31 39.22
CA SER E 474 1.57 7.12 38.19
C SER E 474 0.41 8.02 38.54
N SER E 475 -0.38 8.37 37.51
CA SER E 475 -1.63 9.14 37.63
C SER E 475 -2.74 8.23 38.18
N LYS E 476 -3.96 8.75 38.22
CA LYS E 476 -5.11 8.22 39.00
C LYS E 476 -5.75 6.96 38.36
N SER E 477 -5.22 6.41 37.28
CA SER E 477 -5.82 5.21 36.65
C SER E 477 -5.74 3.97 37.56
N GLU E 478 -6.78 3.14 37.55
CA GLU E 478 -6.78 1.81 38.20
C GLU E 478 -5.75 0.90 37.52
N PHE E 479 -5.22 1.31 36.37
CA PHE E 479 -4.47 0.42 35.45
C PHE E 479 -3.00 0.80 35.34
N THR E 480 -2.51 1.82 36.05
CA THR E 480 -1.12 2.34 35.82
C THR E 480 -0.20 2.13 37.06
N SER E 481 -0.52 1.23 37.99
CA SER E 481 0.42 0.94 39.11
C SER E 481 1.78 0.47 38.60
N LYS E 482 2.87 0.94 39.20
CA LYS E 482 4.27 0.52 38.86
C LYS E 482 4.73 -0.60 39.78
N GLU E 483 3.83 -1.15 40.61
CA GLU E 483 4.12 -2.40 41.37
C GLU E 483 4.64 -3.47 40.43
N PRO E 484 5.83 -4.07 40.71
CA PRO E 484 6.36 -5.13 39.85
C PRO E 484 5.40 -6.31 39.62
N TRP E 485 4.65 -6.67 40.65
CA TRP E 485 3.70 -7.81 40.62
C TRP E 485 2.43 -7.43 39.86
N HIS E 486 2.33 -6.19 39.33
CA HIS E 486 1.28 -5.82 38.35
C HIS E 486 1.53 -6.61 37.08
N PHE E 487 2.79 -7.03 36.89
CA PHE E 487 3.23 -7.61 35.59
C PHE E 487 3.42 -9.11 35.71
N ASP E 488 3.65 -9.76 34.57
CA ASP E 488 3.83 -11.23 34.50
C ASP E 488 5.12 -11.61 35.23
N ALA E 489 5.32 -12.91 35.42
CA ALA E 489 6.42 -13.43 36.27
C ALA E 489 7.78 -12.98 35.73
N VAL E 490 7.97 -12.90 34.41
CA VAL E 490 9.27 -12.49 33.80
C VAL E 490 9.50 -11.00 34.06
N ILE E 491 8.49 -10.17 33.83
CA ILE E 491 8.66 -8.71 33.99
C ILE E 491 8.84 -8.40 35.48
N GLU E 492 8.03 -9.02 36.33
CA GLU E 492 8.08 -8.80 37.80
C GLU E 492 9.48 -9.11 38.32
N GLN E 493 10.03 -10.26 37.96
CA GLN E 493 11.34 -10.66 38.49
C GLN E 493 12.38 -9.64 38.05
N SER E 494 12.41 -9.28 36.75
CA SER E 494 13.40 -8.31 36.21
C SER E 494 13.25 -6.97 36.93
N MET E 495 12.02 -6.48 37.12
CA MET E 495 11.79 -5.22 37.86
C MET E 495 12.37 -5.35 39.27
N ILE E 496 12.09 -6.45 39.97
CA ILE E 496 12.60 -6.61 41.36
C ILE E 496 14.14 -6.58 41.33
N ASP E 497 14.77 -7.27 40.38
CA ASP E 497 16.24 -7.31 40.23
C ASP E 497 16.80 -5.88 40.07
N PHE E 498 16.17 -5.04 39.23
CA PHE E 498 16.67 -3.68 38.91
C PHE E 498 16.46 -2.80 40.15
N LEU E 499 15.37 -3.02 40.89
CA LEU E 499 15.04 -2.19 42.09
C LEU E 499 16.03 -2.51 43.20
N GLN E 500 16.46 -3.77 43.32
CA GLN E 500 17.53 -4.18 44.27
C GLN E 500 18.84 -3.55 43.81
N LEU E 501 19.10 -3.55 42.48
CA LEU E 501 20.36 -2.97 41.93
C LEU E 501 20.45 -1.49 42.32
N ARG E 502 19.33 -0.76 42.33
CA ARG E 502 19.36 0.69 42.69
C ARG E 502 19.96 0.83 44.10
N HIS E 503 19.52 0.01 45.03
CA HIS E 503 20.01 0.08 46.44
C HIS E 503 21.46 -0.42 46.47
N GLN E 504 21.86 -1.34 45.60
CA GLN E 504 23.30 -1.76 45.57
C GLN E 504 24.14 -0.58 45.09
N LEU E 505 23.55 0.30 44.31
CA LEU E 505 24.26 1.45 43.72
C LEU E 505 24.27 2.64 44.69
N ILE E 506 23.63 2.60 45.86
CA ILE E 506 23.53 3.84 46.69
C ILE E 506 24.91 4.33 47.14
N PRO E 507 25.86 3.45 47.53
CA PRO E 507 27.22 3.94 47.84
C PRO E 507 27.82 4.76 46.69
N TYR E 508 27.73 4.25 45.48
CA TYR E 508 28.27 4.93 44.26
C TYR E 508 27.53 6.24 44.02
N LEU E 509 26.21 6.24 44.17
CA LEU E 509 25.37 7.45 43.99
C LEU E 509 25.72 8.48 45.08
N TYR E 510 25.80 8.04 46.35
CA TYR E 510 26.03 8.96 47.49
C TYR E 510 27.39 9.63 47.32
N SER E 511 28.41 8.87 46.92
CA SER E 511 29.78 9.37 46.70
C SER E 511 29.75 10.44 45.60
N ALA E 512 29.09 10.14 44.48
CA ALA E 512 28.90 11.08 43.37
C ALA E 512 28.15 12.32 43.85
N ASN E 513 27.16 12.14 44.73
CA ASN E 513 26.40 13.27 45.31
C ASN E 513 27.36 14.21 46.05
N LEU E 514 28.23 13.66 46.91
CA LEU E 514 29.24 14.49 47.65
C LEU E 514 30.20 15.17 46.65
N ILE E 515 30.55 14.51 45.55
CA ILE E 515 31.38 15.10 44.44
C ILE E 515 30.63 16.26 43.74
N THR E 516 29.35 16.12 43.41
CA THR E 516 28.54 17.26 42.86
C THR E 516 28.61 18.44 43.86
N ALA E 517 28.32 18.19 45.13
CA ALA E 517 28.22 19.27 46.14
C ALA E 517 29.59 19.94 46.37
N SER E 518 30.71 19.20 46.28
CA SER E 518 32.04 19.71 46.71
C SER E 518 32.89 20.17 45.51
N GLU E 519 32.70 19.59 44.32
CA GLU E 519 33.60 19.83 43.15
C GLU E 519 32.81 20.23 41.88
N GLY E 520 31.47 20.31 41.94
CA GLY E 520 30.65 20.78 40.79
C GLY E 520 30.69 19.83 39.59
N ARG E 521 30.86 18.52 39.81
CA ARG E 521 30.80 17.48 38.75
C ARG E 521 29.45 16.75 38.84
N ALA E 522 28.70 16.76 37.73
CA ALA E 522 27.38 16.08 37.64
C ALA E 522 27.58 14.58 37.73
N LEU E 523 26.63 13.88 38.33
CA LEU E 523 26.55 12.41 38.28
C LEU E 523 26.41 11.97 36.81
N VAL E 524 25.40 12.52 36.14
CA VAL E 524 25.09 12.20 34.72
C VAL E 524 25.73 13.29 33.84
N GLU E 525 26.66 12.88 32.98
CA GLU E 525 27.33 13.74 31.99
C GLU E 525 27.05 13.28 30.57
N PRO E 526 26.76 14.22 29.65
CA PRO E 526 26.78 13.88 28.23
C PRO E 526 28.19 13.36 27.86
N LEU E 527 28.30 12.54 26.81
CA LEU E 527 29.60 11.96 26.39
C LEU E 527 30.61 13.07 26.09
N TYR E 528 30.12 14.20 25.62
CA TYR E 528 31.02 15.26 25.11
C TYR E 528 31.73 15.98 26.27
N TYR E 529 31.31 15.81 27.53
CA TYR E 529 32.12 16.32 28.68
C TYR E 529 33.47 15.61 28.70
N GLU E 530 33.49 14.29 28.49
CA GLU E 530 34.73 13.47 28.58
C GLU E 530 35.44 13.46 27.23
N TYR E 531 34.68 13.51 26.13
CA TYR E 531 35.18 13.38 24.74
C TYR E 531 34.72 14.59 23.95
N PRO E 532 35.11 15.83 24.34
CA PRO E 532 34.65 17.04 23.64
C PRO E 532 35.06 17.13 22.17
N MET E 533 36.15 16.48 21.79
CA MET E 533 36.66 16.58 20.40
C MET E 533 36.22 15.39 19.53
N GLU E 534 35.46 14.42 20.04
CA GLU E 534 35.01 13.26 19.23
C GLU E 534 33.63 13.57 18.62
N GLU E 535 33.50 13.59 17.30
CA GLU E 535 32.18 13.87 16.64
C GLU E 535 31.14 12.85 17.19
N GLU E 536 31.53 11.62 17.47
CA GLU E 536 30.57 10.56 17.88
C GLU E 536 30.01 10.86 19.28
N ALA E 537 30.68 11.71 20.07
CA ALA E 537 30.21 12.11 21.42
C ALA E 537 29.01 13.04 21.30
N TYR E 538 28.73 13.57 20.10
CA TYR E 538 27.57 14.46 19.83
C TYR E 538 26.47 13.68 19.10
N GLN E 539 26.65 12.38 18.86
CA GLN E 539 25.79 11.62 17.92
C GLN E 539 25.03 10.49 18.63
N HIS E 540 25.11 10.43 19.95
CA HIS E 540 24.47 9.35 20.76
C HIS E 540 23.71 10.02 21.91
N ARG E 541 22.61 10.66 21.56
CA ARG E 541 21.84 11.58 22.45
C ARG E 541 21.54 10.93 23.80
N ASN E 542 21.24 9.63 23.82
CA ASN E 542 20.73 8.93 25.02
C ASN E 542 21.86 8.22 25.76
N GLN E 543 23.10 8.30 25.27
CA GLN E 543 24.27 7.66 25.93
C GLN E 543 24.90 8.66 26.89
N TYR E 544 25.34 8.19 28.05
CA TYR E 544 25.87 9.11 29.08
C TYR E 544 26.85 8.39 30.01
N LEU E 545 27.72 9.18 30.64
CA LEU E 545 28.57 8.75 31.76
C LEU E 545 27.73 8.87 33.02
N PHE E 546 27.73 7.81 33.84
CA PHE E 546 26.99 7.71 35.12
C PHE E 546 28.06 7.62 36.20
N GLY E 547 28.32 8.71 36.91
CA GLY E 547 29.56 8.85 37.70
C GLY E 547 30.78 8.76 36.81
N GLU E 548 31.90 8.28 37.32
CA GLU E 548 33.18 8.26 36.56
C GLU E 548 33.52 6.88 36.05
N GLN E 549 32.85 5.80 36.50
CA GLN E 549 33.28 4.41 36.24
C GLN E 549 32.33 3.71 35.26
N LEU E 550 31.17 4.28 34.96
CA LEU E 550 30.15 3.57 34.15
C LEU E 550 29.68 4.43 32.98
N MET E 551 29.40 3.77 31.88
CA MET E 551 28.86 4.39 30.65
C MET E 551 27.58 3.64 30.30
N VAL E 552 26.46 4.36 30.17
CA VAL E 552 25.09 3.76 30.05
C VAL E 552 24.53 4.09 28.67
N ALA E 553 23.94 3.11 28.01
CA ALA E 553 23.25 3.26 26.71
C ALA E 553 21.89 2.58 26.84
N PRO E 554 20.90 3.24 27.46
CA PRO E 554 19.60 2.63 27.71
C PRO E 554 18.93 2.31 26.37
N ILE E 555 18.21 1.21 26.33
CA ILE E 555 17.35 0.82 25.17
C ILE E 555 15.98 1.48 25.38
N THR E 556 15.58 2.30 24.40
CA THR E 556 14.38 3.15 24.53
C THR E 556 13.50 2.89 23.31
N GLU E 557 13.68 1.75 22.68
CA GLU E 557 12.78 1.35 21.58
C GLU E 557 12.28 -0.09 21.79
N LYS E 558 11.03 -0.33 21.40
CA LYS E 558 10.38 -1.65 21.52
C LYS E 558 11.23 -2.69 20.78
N MET E 559 11.22 -3.90 21.30
CA MET E 559 12.10 -4.96 20.77
C MET E 559 11.67 -5.28 19.33
N ASN E 560 12.59 -5.82 18.56
CA ASN E 560 12.30 -6.51 17.29
C ASN E 560 11.75 -7.90 17.64
N SER E 561 10.49 -8.21 17.32
CA SER E 561 9.87 -9.51 17.72
C SER E 561 10.62 -10.66 17.04
N LEU E 562 11.21 -10.46 15.86
CA LEU E 562 11.97 -11.54 15.18
C LEU E 562 13.20 -11.92 16.02
N LEU E 563 13.84 -10.96 16.69
CA LEU E 563 15.07 -11.21 17.51
C LEU E 563 14.68 -11.48 18.96
N GLN E 564 13.51 -11.03 19.38
CA GLN E 564 13.13 -11.04 20.81
C GLN E 564 14.19 -10.23 21.59
N MET E 565 14.77 -9.19 21.00
CA MET E 565 15.73 -8.27 21.66
C MET E 565 15.46 -6.85 21.16
N GLY E 566 15.69 -5.87 22.01
CA GLY E 566 15.79 -4.46 21.65
C GLY E 566 17.23 -4.09 21.37
N SER E 567 17.49 -2.88 20.90
CA SER E 567 18.86 -2.50 20.50
C SER E 567 19.03 -1.00 20.61
N VAL E 568 20.27 -0.59 20.59
CA VAL E 568 20.72 0.82 20.60
C VAL E 568 22.09 0.81 19.95
N GLU E 569 22.38 1.84 19.18
CA GLU E 569 23.74 2.06 18.65
C GLU E 569 24.55 2.71 19.76
N VAL E 570 25.64 2.05 20.08
CA VAL E 570 26.59 2.51 21.14
C VAL E 570 27.91 2.95 20.47
N TRP E 571 28.40 4.09 20.92
CA TRP E 571 29.76 4.55 20.59
C TRP E 571 30.67 4.14 21.74
N PHE E 572 31.65 3.30 21.42
CA PHE E 572 32.69 2.88 22.39
C PHE E 572 33.89 3.77 22.12
N PRO E 573 34.26 4.63 23.09
CA PRO E 573 35.50 5.40 23.01
C PRO E 573 36.70 4.44 22.95
N GLU E 574 37.83 4.90 22.43
CA GLU E 574 39.09 4.12 22.43
C GLU E 574 39.29 3.47 23.81
N GLY E 575 39.79 2.23 23.84
CA GLY E 575 40.01 1.49 25.09
C GLY E 575 39.21 0.21 25.07
N THR E 576 39.39 -0.62 26.09
CA THR E 576 38.69 -1.93 26.18
C THR E 576 37.51 -1.79 27.13
N TRP E 577 36.31 -2.11 26.64
CA TRP E 577 35.06 -1.98 27.41
C TRP E 577 34.49 -3.37 27.69
N TYR E 578 33.80 -3.48 28.82
CA TYR E 578 33.03 -4.68 29.19
C TYR E 578 31.60 -4.29 29.55
N ASP E 579 30.65 -5.11 29.12
CA ASP E 579 29.29 -5.10 29.71
C ASP E 579 29.42 -5.30 31.22
N PHE E 580 28.94 -4.35 32.00
CA PHE E 580 29.01 -4.31 33.49
C PHE E 580 28.35 -5.56 34.09
N PHE E 581 27.34 -6.10 33.43
CA PHE E 581 26.55 -7.27 33.91
C PHE E 581 27.18 -8.58 33.43
N SER E 582 27.55 -8.70 32.16
CA SER E 582 27.90 -9.98 31.48
C SER E 582 29.41 -10.14 31.27
N GLY E 583 30.15 -9.04 31.28
CA GLY E 583 31.57 -9.01 30.88
C GLY E 583 31.77 -9.21 29.40
N GLN E 584 30.72 -9.07 28.56
CA GLN E 584 30.94 -9.11 27.11
C GLN E 584 31.95 -8.01 26.78
N PRO E 585 33.05 -8.33 26.07
CA PRO E 585 34.05 -7.32 25.71
C PRO E 585 33.80 -6.54 24.39
N TYR E 586 34.25 -5.29 24.36
CA TYR E 586 34.23 -4.42 23.15
C TYR E 586 35.54 -3.67 23.08
N ASP E 587 36.24 -3.85 21.96
CA ASP E 587 37.39 -3.04 21.53
C ASP E 587 36.90 -1.68 20.98
N GLY E 588 37.15 -0.58 21.69
CA GLY E 588 36.95 0.79 21.18
C GLY E 588 38.01 1.08 20.12
N LYS E 589 37.98 2.22 19.40
CA LYS E 589 36.87 3.10 19.15
C LYS E 589 36.04 2.49 18.02
N VAL E 590 34.71 2.43 18.21
CA VAL E 590 33.80 1.79 17.22
C VAL E 590 32.38 2.28 17.57
N SER E 591 31.54 2.40 16.56
CA SER E 591 30.08 2.56 16.76
C SER E 591 29.45 1.23 16.38
N LEU E 592 28.73 0.60 17.31
CA LEU E 592 28.25 -0.80 17.18
C LEU E 592 26.83 -0.92 17.73
N LYS E 593 25.93 -1.45 16.92
CA LYS E 593 24.55 -1.73 17.36
C LYS E 593 24.63 -2.88 18.35
N VAL E 594 24.14 -2.66 19.57
CA VAL E 594 24.11 -3.74 20.60
C VAL E 594 22.67 -4.09 20.91
N TYR E 595 22.47 -5.39 21.12
CA TYR E 595 21.16 -6.05 21.24
C TYR E 595 21.06 -6.62 22.65
N ARG E 596 19.93 -6.47 23.32
CA ARG E 596 19.70 -7.07 24.65
C ARG E 596 18.25 -7.51 24.74
N GLU E 597 18.04 -8.58 25.48
CA GLU E 597 16.69 -9.06 25.85
C GLU E 597 16.06 -8.01 26.74
N ILE E 598 14.75 -8.05 26.91
CA ILE E 598 14.07 -6.89 27.54
C ILE E 598 14.53 -6.83 29.00
N THR E 599 15.15 -7.90 29.50
CA THR E 599 15.54 -8.07 30.93
C THR E 599 16.98 -7.61 31.17
N GLU E 600 17.70 -7.16 30.13
CA GLU E 600 19.11 -6.72 30.26
C GLU E 600 19.29 -5.31 29.72
N MET E 601 20.17 -4.55 30.35
CA MET E 601 20.46 -3.16 29.93
C MET E 601 21.93 -3.03 29.52
N PRO E 602 22.23 -2.25 28.46
CA PRO E 602 23.60 -1.92 28.10
C PRO E 602 24.19 -0.87 29.05
N VAL E 603 25.05 -1.36 29.93
CA VAL E 603 25.89 -0.54 30.85
C VAL E 603 27.31 -1.08 30.72
N PHE E 604 28.29 -0.20 30.62
CA PHE E 604 29.67 -0.60 30.31
C PHE E 604 30.62 0.04 31.32
N ALA E 605 31.78 -0.61 31.43
CA ALA E 605 32.91 -0.16 32.24
C ALA E 605 34.21 -0.51 31.52
N LYS E 606 35.18 0.40 31.61
CA LYS E 606 36.52 0.20 31.01
C LYS E 606 37.32 -0.80 31.87
N ALA E 607 38.29 -1.43 31.23
CA ALA E 607 39.47 -2.05 31.85
C ALA E 607 39.97 -1.13 32.97
N GLY E 608 40.05 -1.66 34.19
CA GLY E 608 40.58 -0.96 35.36
C GLY E 608 39.50 -0.25 36.15
N ALA E 609 38.24 -0.37 35.73
CA ALA E 609 37.11 0.22 36.48
C ALA E 609 36.96 -0.48 37.83
N ILE E 610 36.67 0.32 38.86
CA ILE E 610 36.35 -0.19 40.22
C ILE E 610 35.00 0.40 40.60
N ILE E 611 34.02 -0.45 40.88
CA ILE E 611 32.67 0.03 41.29
C ILE E 611 32.31 -0.63 42.60
N PRO E 612 32.09 0.17 43.68
CA PRO E 612 31.56 -0.35 44.93
C PRO E 612 30.07 -0.64 44.86
N LEU E 613 29.64 -1.77 45.45
CA LEU E 613 28.22 -2.16 45.60
C LEU E 613 27.94 -2.46 47.07
N ASP E 614 26.75 -2.08 47.54
CA ASP E 614 26.22 -2.55 48.84
C ASP E 614 25.96 -4.06 48.71
N LYS E 615 26.60 -4.86 49.55
CA LYS E 615 26.43 -6.34 49.58
C LYS E 615 25.06 -6.66 50.15
N ASN E 616 24.48 -5.75 50.94
CA ASN E 616 23.21 -5.96 51.68
C ASN E 616 22.19 -4.88 51.34
N PRO E 617 21.77 -4.76 50.07
CA PRO E 617 20.79 -3.76 49.68
C PRO E 617 19.44 -3.86 50.40
N LEU E 618 19.06 -5.03 50.92
CA LEU E 618 17.71 -5.18 51.55
C LEU E 618 17.78 -4.86 53.04
N LYS E 619 18.99 -4.81 53.61
CA LYS E 619 19.20 -4.59 55.06
C LYS E 619 19.08 -3.09 55.34
N LYS E 620 18.33 -2.75 56.37
CA LYS E 620 18.07 -1.33 56.72
C LYS E 620 19.23 -0.83 57.60
N GLU E 621 20.31 -0.38 56.97
CA GLU E 621 21.54 0.15 57.61
C GLU E 621 21.65 1.63 57.25
N GLU E 622 22.04 2.52 58.17
CA GLU E 622 22.27 3.95 57.80
C GLU E 622 23.50 4.04 56.87
N ILE E 623 24.50 3.16 57.01
CA ILE E 623 25.64 3.04 56.03
C ILE E 623 26.00 1.57 55.87
N PRO E 624 26.43 1.15 54.66
CA PRO E 624 26.62 -0.27 54.42
C PRO E 624 27.63 -0.86 55.42
N SER E 625 27.27 -1.99 56.04
CA SER E 625 28.16 -2.81 56.87
C SER E 625 29.16 -3.55 55.97
N GLU E 626 28.80 -3.82 54.71
CA GLU E 626 29.67 -4.57 53.77
C GLU E 626 29.61 -3.97 52.37
N ILE E 627 30.78 -3.74 51.77
CA ILE E 627 30.96 -3.26 50.37
C ILE E 627 31.57 -4.38 49.54
N ILE E 628 30.96 -4.68 48.38
CA ILE E 628 31.58 -5.45 47.26
C ILE E 628 32.39 -4.47 46.41
N TRP E 629 33.65 -4.78 46.13
CA TRP E 629 34.52 -4.05 45.16
C TRP E 629 34.58 -4.85 43.88
N LYS E 630 33.86 -4.39 42.86
CA LYS E 630 33.83 -5.01 41.51
C LYS E 630 34.95 -4.40 40.67
N ILE E 631 35.91 -5.23 40.27
CA ILE E 631 37.12 -4.80 39.52
C ILE E 631 37.01 -5.39 38.12
N PHE E 632 37.15 -4.53 37.10
CA PHE E 632 37.28 -4.92 35.67
C PHE E 632 38.78 -5.04 35.38
N PRO E 633 39.28 -6.26 35.10
CA PRO E 633 40.69 -6.45 34.74
C PRO E 633 41.17 -5.75 33.48
N GLY E 634 42.50 -5.57 33.39
CA GLY E 634 43.20 -5.22 32.14
C GLY E 634 43.82 -3.83 32.18
N ALA E 635 43.69 -3.06 33.26
CA ALA E 635 44.45 -1.80 33.45
C ALA E 635 44.46 -1.45 34.93
N ASP E 636 45.26 -0.46 35.32
CA ASP E 636 45.20 0.12 36.68
C ASP E 636 43.90 0.90 36.82
N GLY E 637 43.50 1.20 38.05
CA GLY E 637 42.31 2.00 38.32
C GLY E 637 42.28 2.44 39.76
N GLU E 638 41.29 3.26 40.12
CA GLU E 638 41.25 3.98 41.41
C GLU E 638 39.81 4.40 41.63
N TYR E 639 39.33 4.26 42.86
CA TYR E 639 38.00 4.73 43.27
C TYR E 639 38.08 5.32 44.68
N LEU E 640 37.45 6.47 44.88
CA LEU E 640 37.30 7.12 46.20
C LEU E 640 35.82 7.06 46.60
N LEU E 641 35.50 6.20 47.58
CA LEU E 641 34.16 6.11 48.20
C LEU E 641 34.07 7.16 49.30
N LEU E 642 33.40 8.30 49.03
CA LEU E 642 33.09 9.35 50.04
C LEU E 642 31.81 8.99 50.79
N GLU E 643 31.83 9.10 52.13
CA GLU E 643 30.65 8.84 52.98
C GLU E 643 30.44 10.00 53.96
N GLU E 644 29.37 9.92 54.74
CA GLU E 644 28.92 10.93 55.72
C GLU E 644 30.11 11.25 56.64
N ASP E 645 30.75 10.22 57.17
CA ASP E 645 31.88 10.37 58.13
C ASP E 645 32.96 9.34 57.77
N ASN E 646 33.39 9.36 56.52
CA ASN E 646 34.62 8.66 56.08
C ASN E 646 34.92 8.94 54.60
N GLU E 647 36.14 8.59 54.20
CA GLU E 647 36.60 8.41 52.81
C GLU E 647 37.37 7.11 52.75
N THR E 648 37.13 6.30 51.73
CA THR E 648 37.79 4.99 51.55
C THR E 648 38.38 4.95 50.15
N LYS E 649 39.68 4.69 50.04
CA LYS E 649 40.36 4.70 48.72
C LYS E 649 40.64 3.26 48.30
N ALA E 650 40.19 2.89 47.10
CA ALA E 650 40.50 1.60 46.46
C ALA E 650 41.42 1.86 45.27
N GLU E 651 42.59 1.22 45.29
CA GLU E 651 43.67 1.43 44.29
C GLU E 651 44.00 0.10 43.63
N PHE E 652 44.13 0.09 42.32
CA PHE E 652 44.52 -1.11 41.55
C PHE E 652 45.72 -0.71 40.69
N VAL E 653 46.92 -1.11 41.12
CA VAL E 653 48.23 -0.73 40.52
C VAL E 653 49.06 -1.99 40.32
N ASN E 654 49.37 -2.34 39.06
CA ASN E 654 50.15 -3.54 38.64
C ASN E 654 49.62 -4.80 39.34
N GLY E 655 48.31 -5.02 39.29
CA GLY E 655 47.66 -6.23 39.83
C GLY E 655 47.52 -6.21 41.36
N ILE E 656 47.84 -5.10 42.01
CA ILE E 656 47.74 -5.02 43.50
C ILE E 656 46.53 -4.17 43.84
N PHE E 657 45.53 -4.75 44.51
CA PHE E 657 44.33 -4.02 44.98
C PHE E 657 44.55 -3.67 46.47
N THR E 658 44.39 -2.40 46.82
CA THR E 658 44.63 -1.85 48.18
C THR E 658 43.45 -0.98 48.57
N VAL E 659 42.90 -1.23 49.75
CA VAL E 659 41.81 -0.41 50.36
C VAL E 659 42.36 0.25 51.62
N THR E 660 42.26 1.57 51.72
CA THR E 660 42.58 2.33 52.94
C THR E 660 41.40 3.26 53.25
N SER E 661 41.32 3.78 54.47
CA SER E 661 40.27 4.74 54.89
C SER E 661 40.84 5.79 55.83
N LYS E 662 40.32 7.01 55.76
CA LYS E 662 40.71 8.15 56.64
C LYS E 662 40.46 7.79 58.11
N LYS E 663 39.39 7.06 58.39
CA LYS E 663 39.00 6.63 59.76
C LYS E 663 38.89 5.10 59.77
N GLU E 664 39.06 4.47 60.93
CA GLU E 664 38.90 3.00 61.09
C GLU E 664 37.42 2.73 61.29
N SER E 665 36.94 1.54 60.92
CA SER E 665 35.53 1.12 61.14
C SER E 665 35.45 -0.40 61.08
N SER E 666 34.31 -0.94 61.52
CA SER E 666 34.02 -2.39 61.51
C SER E 666 33.73 -2.91 60.08
N ARG E 667 33.81 -2.07 59.03
CA ARG E 667 33.29 -2.44 57.68
C ARG E 667 34.03 -3.67 57.14
N LYS E 668 33.26 -4.59 56.54
CA LYS E 668 33.79 -5.83 55.90
C LYS E 668 33.73 -5.65 54.38
N HIS E 669 34.86 -5.88 53.71
CA HIS E 669 35.08 -5.65 52.26
C HIS E 669 35.11 -7.01 51.53
N THR E 670 34.32 -7.12 50.46
CA THR E 670 34.34 -8.26 49.51
C THR E 670 34.93 -7.78 48.18
N ILE E 671 35.83 -8.54 47.57
CA ILE E 671 36.50 -8.22 46.27
C ILE E 671 36.09 -9.27 45.23
N ILE E 672 35.48 -8.81 44.12
CA ILE E 672 35.21 -9.63 42.91
C ILE E 672 36.11 -9.12 41.79
N TYR E 673 37.03 -9.95 41.30
CA TYR E 673 38.01 -9.59 40.23
C TYR E 673 37.57 -10.30 38.95
N GLY E 674 37.19 -9.53 37.94
CA GLY E 674 36.50 -10.09 36.77
C GLY E 674 35.33 -10.92 37.24
N GLU E 675 35.46 -12.24 37.09
CA GLU E 675 34.36 -13.23 37.25
C GLU E 675 34.23 -13.68 38.71
N HIS E 676 35.33 -13.73 39.47
CA HIS E 676 35.47 -14.56 40.70
C HIS E 676 35.55 -13.67 41.97
N GLU E 677 34.85 -14.07 43.04
CA GLU E 677 35.02 -13.50 44.41
C GLU E 677 36.39 -13.94 44.93
N ILE E 678 37.27 -13.01 45.27
CA ILE E 678 38.65 -13.35 45.76
C ILE E 678 38.65 -13.36 47.29
N VAL E 679 38.25 -12.26 47.92
CA VAL E 679 38.24 -12.05 49.40
C VAL E 679 36.78 -11.82 49.84
N SER E 680 36.35 -12.42 50.94
CA SER E 680 34.98 -12.24 51.48
C SER E 680 35.12 -11.64 52.87
N ALA E 681 34.29 -10.65 53.19
CA ALA E 681 34.05 -10.13 54.55
C ALA E 681 35.37 -9.79 55.27
N LYS E 682 36.41 -9.31 54.57
CA LYS E 682 37.71 -8.91 55.19
C LYS E 682 37.60 -7.52 55.83
N ARG E 683 38.06 -7.36 57.07
CA ARG E 683 37.96 -6.09 57.86
C ARG E 683 39.20 -5.21 57.63
N GLY E 684 39.06 -3.91 57.96
CA GLY E 684 40.15 -2.91 58.07
C GLY E 684 40.75 -2.61 56.73
N GLU E 685 41.89 -1.90 56.73
CA GLU E 685 42.73 -1.62 55.53
C GLU E 685 43.43 -2.93 55.15
N PHE E 686 43.89 -3.08 53.92
CA PHE E 686 44.56 -4.31 53.40
C PHE E 686 44.99 -4.12 51.95
N SER E 687 45.93 -4.96 51.51
CA SER E 687 46.52 -4.99 50.15
C SER E 687 46.58 -6.46 49.70
N ILE E 688 46.13 -6.78 48.49
CA ILE E 688 46.10 -8.18 47.98
C ILE E 688 46.62 -8.18 46.54
N ASP E 689 47.43 -9.18 46.23
CA ASP E 689 48.01 -9.40 44.88
C ASP E 689 47.00 -10.20 44.05
N LEU E 690 46.53 -9.64 42.93
CA LEU E 690 45.56 -10.29 42.01
C LEU E 690 46.27 -10.72 40.71
N ASN E 691 47.61 -10.70 40.67
CA ASN E 691 48.38 -10.99 39.42
C ASN E 691 48.26 -12.48 39.05
N GLY E 692 48.06 -13.36 40.04
CA GLY E 692 47.93 -14.82 39.82
C GLY E 692 46.54 -15.21 39.32
N LYS E 693 45.51 -14.39 39.59
CA LYS E 693 44.07 -14.80 39.48
C LYS E 693 43.60 -14.68 38.02
N GLU E 694 42.47 -15.33 37.72
CA GLU E 694 41.84 -15.31 36.38
C GLU E 694 41.31 -13.88 36.09
N GLU E 695 41.85 -13.24 35.06
CA GLU E 695 41.43 -11.91 34.56
C GLU E 695 40.22 -12.02 33.63
N ASN E 696 39.99 -13.18 32.98
CA ASN E 696 38.97 -13.32 31.90
C ASN E 696 37.59 -13.53 32.51
N PHE E 697 36.59 -12.91 31.89
CA PHE E 697 35.16 -13.23 32.18
C PHE E 697 34.77 -14.49 31.41
N ASP E 698 33.70 -15.16 31.85
CA ASP E 698 33.19 -16.41 31.24
C ASP E 698 32.59 -16.07 29.87
N TRP E 699 32.00 -14.89 29.71
CA TRP E 699 31.30 -14.50 28.47
C TRP E 699 32.00 -15.12 27.26
N ASN E 700 31.28 -15.91 26.46
CA ASN E 700 31.88 -16.46 25.24
C ASN E 700 30.89 -16.48 24.09
N PHE E 701 31.47 -16.33 22.93
CA PHE E 701 30.77 -16.18 21.64
C PHE E 701 29.76 -17.32 21.49
N SER E 702 30.20 -18.57 21.63
CA SER E 702 29.40 -19.78 21.31
C SER E 702 28.13 -19.82 22.16
N THR E 703 28.23 -19.56 23.46
CA THR E 703 27.12 -19.53 24.40
C THR E 703 26.13 -18.42 24.02
N ALA E 704 26.65 -17.23 23.74
CA ALA E 704 25.83 -16.04 23.40
C ALA E 704 25.14 -16.28 22.05
N LEU E 705 25.85 -16.88 21.08
CA LEU E 705 25.29 -17.17 19.75
C LEU E 705 24.10 -18.09 19.95
N PHE E 706 24.27 -19.16 20.71
CA PHE E 706 23.20 -20.14 20.89
C PHE E 706 21.97 -19.45 21.47
N ARG E 707 22.15 -18.66 22.50
CA ARG E 707 21.03 -17.96 23.17
C ARG E 707 20.28 -17.10 22.14
N ARG E 708 20.99 -16.33 21.31
CA ARG E 708 20.32 -15.35 20.42
C ARG E 708 19.58 -16.11 19.32
N LEU E 709 20.19 -17.18 18.78
CA LEU E 709 19.47 -18.00 17.78
C LEU E 709 18.27 -18.65 18.46
N ASP E 710 18.43 -19.12 19.69
CA ASP E 710 17.37 -19.91 20.35
C ASP E 710 16.13 -19.04 20.59
N ILE E 711 16.26 -17.81 21.07
CA ILE E 711 15.06 -17.00 21.40
C ILE E 711 14.42 -16.47 20.10
N ALA E 712 15.20 -16.30 19.04
CA ALA E 712 14.76 -15.58 17.81
C ALA E 712 13.52 -16.27 17.23
N GLU E 713 12.57 -15.48 16.75
CA GLU E 713 11.34 -15.99 16.09
C GLU E 713 11.60 -15.98 14.61
N ILE E 714 12.51 -16.86 14.17
CA ILE E 714 12.97 -17.06 12.77
C ILE E 714 12.88 -18.56 12.47
N SER E 715 13.13 -18.91 11.23
CA SER E 715 12.97 -20.31 10.76
C SER E 715 14.02 -21.15 11.44
N TYR E 716 13.66 -22.38 11.81
CA TYR E 716 14.60 -23.33 12.43
C TYR E 716 15.71 -23.64 11.41
N GLU E 717 15.41 -23.73 10.13
CA GLU E 717 16.44 -24.01 9.10
C GLU E 717 17.50 -22.91 9.13
N GLN E 718 17.13 -21.65 9.36
CA GLN E 718 18.12 -20.54 9.44
C GLN E 718 18.92 -20.69 10.72
N LYS E 719 18.27 -20.97 11.84
CA LYS E 719 19.00 -21.11 13.10
C LYS E 719 20.07 -22.22 12.94
N ASP E 720 19.66 -23.39 12.44
CA ASP E 720 20.57 -24.56 12.28
C ASP E 720 21.76 -24.13 11.39
N GLU E 721 21.47 -23.48 10.26
CA GLU E 721 22.51 -23.12 9.27
C GLU E 721 23.50 -22.14 9.89
N ILE E 722 23.00 -21.13 10.60
CA ILE E 722 23.89 -20.11 11.24
C ILE E 722 24.76 -20.79 12.29
N LEU E 723 24.18 -21.64 13.11
CA LEU E 723 24.93 -22.30 14.22
C LEU E 723 26.05 -23.13 13.58
N GLN E 724 25.71 -23.94 12.58
CA GLN E 724 26.67 -24.89 11.92
C GLN E 724 27.79 -24.09 11.25
N GLN E 725 27.45 -23.07 10.47
CA GLN E 725 28.45 -22.29 9.67
C GLN E 725 29.37 -21.52 10.64
N LEU E 726 28.84 -20.82 11.64
CA LEU E 726 29.68 -19.98 12.53
C LEU E 726 30.56 -20.85 13.41
N SER E 727 30.13 -22.09 13.68
CA SER E 727 30.96 -23.11 14.37
C SER E 727 32.04 -23.62 13.42
N LEU E 728 31.71 -23.91 12.17
CA LEU E 728 32.63 -24.55 11.19
C LEU E 728 33.64 -23.53 10.65
N ILE E 729 33.22 -22.31 10.29
CA ILE E 729 34.12 -21.30 9.63
C ILE E 729 35.03 -20.74 10.70
N GLU E 730 36.35 -20.85 10.51
CA GLU E 730 37.35 -20.49 11.55
C GLU E 730 37.81 -19.04 11.39
N GLU E 731 38.01 -18.56 10.17
CA GLU E 731 38.57 -17.19 9.98
C GLU E 731 37.45 -16.21 10.29
N HIS E 732 37.73 -15.24 11.15
CA HIS E 732 36.78 -14.20 11.60
C HIS E 732 36.20 -13.44 10.40
N GLU E 733 37.00 -13.10 9.38
CA GLU E 733 36.53 -12.31 8.23
C GLU E 733 35.56 -13.16 7.40
N LYS E 734 35.71 -14.48 7.40
CA LYS E 734 34.81 -15.36 6.62
C LYS E 734 33.53 -15.65 7.44
N GLN E 735 33.61 -15.58 8.77
CA GLN E 735 32.41 -15.65 9.66
C GLN E 735 31.56 -14.40 9.36
N VAL E 736 32.20 -13.24 9.24
CA VAL E 736 31.50 -11.98 8.94
C VAL E 736 30.93 -12.07 7.52
N ALA E 737 31.69 -12.57 6.53
CA ALA E 737 31.18 -12.76 5.15
C ALA E 737 29.95 -13.68 5.18
N PHE E 738 29.96 -14.75 5.97
CA PHE E 738 28.78 -15.66 6.09
C PHE E 738 27.54 -14.86 6.59
N ILE E 739 27.68 -14.06 7.63
CA ILE E 739 26.49 -13.34 8.20
C ILE E 739 26.07 -12.24 7.20
N LYS E 740 26.98 -11.70 6.37
CA LYS E 740 26.65 -10.60 5.43
C LYS E 740 25.63 -11.07 4.38
N THR E 741 25.49 -12.40 4.15
CA THR E 741 24.59 -12.97 3.12
C THR E 741 23.22 -13.18 3.74
N ASN E 742 23.05 -12.91 5.03
CA ASN E 742 21.76 -13.21 5.70
C ASN E 742 20.71 -12.18 5.26
N GLU E 743 19.56 -12.64 4.78
CA GLU E 743 18.49 -11.73 4.28
C GLU E 743 17.87 -10.94 5.44
N ASN E 744 18.04 -11.34 6.69
CA ASN E 744 17.51 -10.54 7.82
C ASN E 744 18.57 -9.52 8.23
N GLN E 745 18.36 -8.25 7.88
CA GLN E 745 19.36 -7.18 8.10
C GLN E 745 19.62 -6.99 9.61
N GLU E 746 18.61 -7.06 10.47
CA GLU E 746 18.80 -6.83 11.92
C GLU E 746 19.48 -8.08 12.51
N LEU E 747 19.15 -9.28 12.06
CA LEU E 747 19.86 -10.51 12.50
C LEU E 747 21.35 -10.35 12.13
N GLN E 748 21.66 -9.84 10.94
CA GLN E 748 23.07 -9.54 10.57
C GLN E 748 23.73 -8.67 11.65
N ASN E 749 23.04 -7.63 12.06
CA ASN E 749 23.65 -6.67 13.03
C ASN E 749 23.83 -7.36 14.37
N SER E 750 22.89 -8.20 14.79
CA SER E 750 22.93 -8.91 16.08
C SER E 750 24.11 -9.89 16.07
N LEU E 751 24.25 -10.65 14.99
CA LEU E 751 25.35 -11.63 14.83
C LEU E 751 26.67 -10.85 14.74
N PHE E 752 26.67 -9.73 14.06
CA PHE E 752 27.90 -8.91 13.93
C PHE E 752 28.37 -8.46 15.32
N GLU E 753 27.46 -8.07 16.22
CA GLU E 753 27.88 -7.60 17.55
C GLU E 753 28.63 -8.73 18.27
N LEU E 754 28.13 -9.94 18.13
CA LEU E 754 28.75 -11.11 18.81
C LEU E 754 30.15 -11.35 18.21
N LEU E 755 30.24 -11.32 16.88
CA LEU E 755 31.53 -11.58 16.18
C LEU E 755 32.49 -10.47 16.56
N TYR E 756 32.03 -9.23 16.63
CA TYR E 756 32.89 -8.08 17.00
C TYR E 756 33.45 -8.30 18.41
N SER E 757 32.59 -8.62 19.38
CA SER E 757 32.99 -8.94 20.78
C SER E 757 33.90 -10.17 20.81
N GLY E 758 33.72 -11.11 19.88
CA GLY E 758 34.49 -12.37 19.84
C GLY E 758 35.71 -12.33 18.94
N LYS E 759 36.15 -11.16 18.45
CA LYS E 759 37.28 -11.03 17.50
C LYS E 759 38.61 -11.14 18.29
N ASN F 32 5.86 72.11 -9.72
CA ASN F 32 5.13 71.67 -10.91
C ASN F 32 4.44 70.33 -10.64
N ASN F 33 5.24 69.27 -10.46
CA ASN F 33 4.78 67.88 -10.24
C ASN F 33 4.77 67.63 -8.73
N ILE F 34 5.00 68.65 -7.91
CA ILE F 34 5.11 68.49 -6.43
C ILE F 34 3.88 69.08 -5.77
N ILE F 35 3.21 68.32 -4.91
CA ILE F 35 2.04 68.83 -4.14
C ILE F 35 2.32 68.61 -2.67
N LYS F 36 2.05 69.57 -1.79
CA LYS F 36 2.16 69.38 -0.33
C LYS F 36 0.78 69.50 0.30
N PHE F 37 0.54 68.74 1.35
CA PHE F 37 -0.71 68.75 2.12
C PHE F 37 -0.40 68.23 3.50
N ASP F 38 -0.91 68.91 4.53
CA ASP F 38 -0.64 68.58 5.94
C ASP F 38 0.87 68.33 5.98
N LYS F 39 1.34 67.19 6.49
CA LYS F 39 2.79 66.91 6.68
C LYS F 39 3.34 66.01 5.56
N ALA F 40 2.66 65.96 4.40
CA ALA F 40 2.99 65.08 3.26
C ALA F 40 3.47 65.88 2.06
N ARG F 41 4.29 65.23 1.22
CA ARG F 41 4.63 65.69 -0.14
C ARG F 41 4.40 64.55 -1.12
N PHE F 42 3.84 64.91 -2.27
CA PHE F 42 3.48 64.01 -3.38
C PHE F 42 4.26 64.52 -4.59
N THR F 43 5.02 63.66 -5.26
CA THR F 43 5.67 64.03 -6.54
C THR F 43 5.11 63.11 -7.61
N VAL F 44 4.44 63.67 -8.60
CA VAL F 44 3.93 62.89 -9.74
C VAL F 44 5.08 62.76 -10.74
N LEU F 45 5.86 61.67 -10.62
CA LEU F 45 7.04 61.45 -11.51
C LEU F 45 6.57 61.04 -12.92
N THR F 46 5.65 60.08 -13.03
CA THR F 46 5.01 59.75 -14.32
C THR F 46 3.51 59.68 -14.06
N GLU F 47 2.73 59.42 -15.09
CA GLU F 47 1.25 59.26 -14.92
C GLU F 47 1.00 58.06 -14.01
N HIS F 48 2.00 57.18 -13.85
CA HIS F 48 1.87 55.85 -13.21
C HIS F 48 2.84 55.69 -12.03
N LEU F 49 3.48 56.78 -11.59
CA LEU F 49 4.52 56.71 -10.54
C LEU F 49 4.46 57.96 -9.66
N ILE F 50 4.07 57.80 -8.42
CA ILE F 50 3.97 58.94 -7.47
C ILE F 50 4.84 58.66 -6.26
N ARG F 51 5.77 59.56 -5.95
CA ARG F 51 6.52 59.51 -4.67
C ARG F 51 5.62 60.10 -3.59
N ILE F 52 5.60 59.47 -2.42
CA ILE F 52 4.79 59.89 -1.25
C ILE F 52 5.73 60.00 -0.06
N GLU F 53 5.75 61.18 0.56
CA GLU F 53 6.65 61.44 1.71
C GLU F 53 5.86 62.03 2.86
N TYR F 54 6.28 61.67 4.08
CA TYR F 54 5.88 62.31 5.34
C TYR F 54 7.15 62.92 5.96
N SER F 55 7.02 64.15 6.46
CA SER F 55 8.07 64.80 7.30
C SER F 55 7.46 65.35 8.60
N GLU F 56 8.04 64.97 9.74
CA GLU F 56 7.75 65.58 11.08
C GLU F 56 8.17 67.05 11.06
N THR F 57 9.30 67.37 10.41
CA THR F 57 10.00 68.68 10.50
C THR F 57 9.51 69.68 9.44
N GLY F 58 8.69 69.29 8.45
CA GLY F 58 8.35 70.15 7.30
C GLY F 58 9.43 70.17 6.22
N GLU F 59 10.60 69.57 6.46
CA GLU F 59 11.69 69.41 5.47
C GLU F 59 11.55 68.05 4.77
N PHE F 60 11.63 68.05 3.46
CA PHE F 60 11.50 66.81 2.64
C PHE F 60 12.83 66.50 1.96
N GLU F 61 13.06 65.23 1.66
CA GLU F 61 14.42 64.77 1.24
C GLU F 61 14.63 64.96 -0.27
N GLU F 62 15.68 65.68 -0.66
CA GLU F 62 16.09 65.82 -2.08
C GLU F 62 17.26 64.90 -2.41
N ARG F 63 18.04 64.41 -1.44
CA ARG F 63 19.27 63.62 -1.70
C ARG F 63 18.93 62.22 -2.24
N MET F 64 19.86 61.63 -2.98
CA MET F 64 19.81 60.20 -3.41
C MET F 64 19.79 59.32 -2.16
N THR F 65 19.27 58.09 -2.28
CA THR F 65 19.29 57.10 -1.20
C THR F 65 20.05 55.88 -1.72
N GLN F 66 20.22 54.90 -0.87
CA GLN F 66 20.77 53.56 -1.29
C GLN F 66 19.97 53.09 -2.52
N MET F 67 18.67 53.35 -2.54
CA MET F 67 17.78 52.79 -3.60
C MET F 67 17.69 53.75 -4.78
N VAL F 68 17.44 55.04 -4.51
CA VAL F 68 17.02 56.01 -5.56
C VAL F 68 18.20 56.88 -5.95
N GLN F 69 18.48 56.95 -7.25
CA GLN F 69 19.60 57.72 -7.82
C GLN F 69 19.12 58.94 -8.60
N ASN F 70 17.87 59.00 -9.04
CA ASN F 70 17.40 60.07 -9.94
C ASN F 70 15.91 60.31 -9.77
N ARG F 71 15.51 61.54 -9.50
CA ARG F 71 14.07 61.89 -9.47
C ARG F 71 13.76 62.92 -10.57
N GLU F 72 14.63 63.11 -11.56
CA GLU F 72 14.37 63.97 -12.75
C GLU F 72 13.53 63.19 -13.77
N PHE F 73 12.28 63.56 -13.92
CA PHE F 73 11.33 62.94 -14.89
C PHE F 73 10.70 64.08 -15.65
N SER F 74 10.37 63.86 -16.92
CA SER F 74 9.63 64.83 -17.74
C SER F 74 8.26 65.11 -17.10
N GLU F 75 7.73 66.33 -17.30
CA GLU F 75 6.49 66.80 -16.62
C GLU F 75 5.33 65.98 -17.16
N VAL F 76 4.37 65.66 -16.32
CA VAL F 76 3.14 64.94 -16.74
C VAL F 76 1.90 65.72 -16.31
N ASN F 77 0.81 65.47 -17.04
CA ASN F 77 -0.53 66.00 -16.71
C ASN F 77 -1.12 65.13 -15.59
N PHE F 78 -1.76 65.77 -14.62
CA PHE F 78 -2.60 65.10 -13.61
C PHE F 78 -3.61 66.11 -13.09
N ASP F 79 -4.58 65.66 -12.30
CA ASP F 79 -5.57 66.57 -11.68
C ASP F 79 -5.45 66.48 -10.17
N ILE F 80 -5.91 67.52 -9.47
CA ILE F 80 -5.95 67.62 -7.99
C ILE F 80 -7.36 68.02 -7.60
N ILE F 81 -7.94 67.32 -6.61
CA ILE F 81 -9.16 67.76 -5.87
C ILE F 81 -8.73 68.02 -4.44
N GLU F 82 -8.65 69.29 -4.09
CA GLU F 82 -8.16 69.73 -2.79
C GLU F 82 -9.35 70.33 -2.07
N LYS F 83 -9.60 69.86 -0.84
CA LYS F 83 -10.69 70.35 0.03
C LYS F 83 -10.06 70.77 1.37
N GLU F 84 -10.91 71.11 2.32
CA GLU F 84 -10.51 71.54 3.67
C GLU F 84 -9.60 70.47 4.29
N GLU F 85 -10.04 69.20 4.27
CA GLU F 85 -9.49 68.10 5.09
C GLU F 85 -8.70 67.10 4.24
N THR F 86 -8.96 67.10 2.92
CA THR F 86 -8.61 65.97 2.02
C THR F 86 -7.94 66.51 0.76
N ILE F 87 -7.09 65.67 0.17
CA ILE F 87 -6.55 65.86 -1.19
C ILE F 87 -6.69 64.54 -1.95
N GLU F 88 -7.04 64.64 -3.24
CA GLU F 88 -7.10 63.51 -4.20
C GLU F 88 -6.22 63.90 -5.39
N ILE F 89 -5.23 63.07 -5.71
CA ILE F 89 -4.41 63.21 -6.95
C ILE F 89 -4.92 62.19 -7.96
N ILE F 90 -5.20 62.62 -9.19
CA ILE F 90 -5.82 61.77 -10.24
C ILE F 90 -4.90 61.80 -11.45
N THR F 91 -4.38 60.65 -11.85
CA THR F 91 -3.69 60.45 -13.13
C THR F 91 -4.57 59.57 -14.01
N SER F 92 -4.07 59.29 -15.21
CA SER F 92 -4.69 58.34 -16.16
C SER F 92 -4.95 56.98 -15.50
N THR F 93 -4.23 56.59 -14.45
CA THR F 93 -4.33 55.19 -13.95
C THR F 93 -4.59 55.09 -12.46
N VAL F 94 -4.57 56.19 -11.70
CA VAL F 94 -4.76 56.02 -10.23
C VAL F 94 -5.41 57.29 -9.62
N HIS F 95 -6.22 57.07 -8.61
CA HIS F 95 -6.69 58.08 -7.63
C HIS F 95 -5.91 57.85 -6.34
N LEU F 96 -5.07 58.81 -5.94
CA LEU F 96 -4.39 58.75 -4.64
C LEU F 96 -5.07 59.73 -3.67
N TYR F 97 -5.47 59.24 -2.50
CA TYR F 97 -6.23 60.00 -1.48
C TYR F 97 -5.40 60.12 -0.20
N TYR F 98 -5.42 61.30 0.41
CA TYR F 98 -4.78 61.58 1.71
C TYR F 98 -5.75 62.48 2.49
N ASN F 99 -6.13 62.05 3.69
CA ASN F 99 -7.20 62.65 4.52
C ASN F 99 -6.55 63.40 5.67
N GLY F 100 -5.23 63.55 5.61
CA GLY F 100 -4.46 64.29 6.63
C GLY F 100 -4.10 63.45 7.83
N GLY F 101 -3.19 63.99 8.64
CA GLY F 101 -2.71 63.34 9.87
C GLY F 101 -1.58 62.38 9.53
N GLU F 102 -1.23 61.51 10.47
CA GLU F 102 -0.15 60.51 10.27
C GLU F 102 -0.63 59.57 9.16
N PHE F 103 0.32 58.95 8.46
CA PHE F 103 0.03 57.91 7.44
C PHE F 103 -0.51 56.70 8.16
N THR F 104 -1.75 56.36 7.87
CA THR F 104 -2.34 55.09 8.36
C THR F 104 -3.07 54.44 7.19
N ASN F 105 -3.57 53.22 7.38
CA ASN F 105 -4.30 52.53 6.30
C ASN F 105 -5.56 53.32 5.94
N ALA F 106 -6.07 54.13 6.87
CA ALA F 106 -7.33 54.89 6.70
C ALA F 106 -7.09 56.27 6.07
N SER F 107 -5.91 56.85 6.30
CA SER F 107 -5.60 58.24 5.90
C SER F 107 -4.92 58.25 4.53
N LEU F 108 -4.35 57.15 4.07
CA LEU F 108 -3.55 57.20 2.82
C LEU F 108 -3.86 55.93 2.04
N PHE F 109 -4.54 56.06 0.91
CA PHE F 109 -4.97 54.89 0.11
C PHE F 109 -5.20 55.34 -1.32
N ALA F 110 -5.41 54.37 -2.22
CA ALA F 110 -5.49 54.67 -3.65
C ALA F 110 -6.37 53.62 -4.34
N ASP F 111 -7.10 54.06 -5.36
CA ASP F 111 -7.86 53.19 -6.28
C ASP F 111 -7.18 53.26 -7.63
N VAL F 112 -6.81 52.11 -8.21
CA VAL F 112 -6.37 52.12 -9.63
C VAL F 112 -7.59 52.14 -10.56
N LYS F 113 -7.38 52.76 -11.71
CA LYS F 113 -8.35 52.89 -12.80
C LYS F 113 -8.21 51.71 -13.75
N PHE F 114 -8.35 50.50 -13.18
CA PHE F 114 -8.27 49.21 -13.88
C PHE F 114 -9.36 48.30 -13.33
N ASN F 115 -9.73 47.27 -14.10
CA ASN F 115 -10.68 46.24 -13.62
C ASN F 115 -10.08 44.83 -13.66
N PHE F 116 -8.81 44.65 -13.28
CA PHE F 116 -8.12 43.34 -13.36
C PHE F 116 -8.64 42.43 -12.25
N SER F 117 -9.23 42.99 -11.20
CA SER F 117 -9.85 42.25 -10.11
C SER F 117 -11.20 42.89 -9.80
N VAL F 118 -12.00 42.17 -9.07
CA VAL F 118 -13.33 42.71 -8.67
C VAL F 118 -13.17 43.64 -7.47
N TYR F 119 -12.35 43.32 -6.47
CA TYR F 119 -12.19 44.23 -5.30
C TYR F 119 -10.77 44.19 -4.70
N SER F 120 -9.74 43.95 -5.52
CA SER F 120 -8.33 44.09 -5.09
C SER F 120 -7.72 45.29 -5.83
N ASN F 121 -8.49 46.35 -6.04
CA ASN F 121 -8.06 47.52 -6.87
C ASN F 121 -7.71 48.70 -5.96
N ARG F 122 -7.65 48.48 -4.65
CA ARG F 122 -7.32 49.54 -3.67
C ARG F 122 -6.04 49.19 -2.92
N TRP F 123 -5.08 50.13 -2.92
CA TRP F 123 -3.89 50.16 -2.03
C TRP F 123 -4.26 50.84 -0.73
N TYR F 124 -4.00 50.23 0.44
CA TYR F 124 -4.06 50.92 1.75
C TYR F 124 -2.64 50.98 2.32
N PHE F 125 -2.23 52.14 2.82
CA PHE F 125 -0.89 52.31 3.44
C PHE F 125 -0.65 51.24 4.50
N GLY F 126 0.52 50.63 4.41
CA GLY F 126 1.02 49.61 5.34
C GLY F 126 0.30 48.26 5.22
N GLU F 127 -0.61 48.06 4.26
CA GLU F 127 -1.35 46.77 4.09
C GLU F 127 -0.88 46.05 2.81
N LYS F 128 -1.01 44.73 2.79
CA LYS F 128 -0.64 43.92 1.60
C LYS F 128 -1.94 43.67 0.83
N SER F 129 -1.87 43.68 -0.49
CA SER F 129 -2.99 43.32 -1.39
C SER F 129 -2.56 42.08 -2.17
N ASP F 130 -3.47 41.36 -2.79
CA ASP F 130 -3.02 40.21 -3.60
C ASP F 130 -2.63 40.74 -4.97
N GLY F 131 -1.95 39.91 -5.72
CA GLY F 131 -1.64 40.15 -7.14
C GLY F 131 -0.13 40.29 -7.38
N ASN F 132 0.68 40.53 -6.34
CA ASN F 132 2.12 40.90 -6.57
C ASN F 132 2.82 39.68 -7.18
N LEU F 133 3.58 39.88 -8.24
CA LEU F 133 4.16 38.78 -9.03
C LEU F 133 5.56 38.44 -8.52
N LYS F 134 5.94 39.03 -7.39
CA LYS F 134 7.17 38.75 -6.62
C LYS F 134 8.38 39.32 -7.35
N GLY F 135 9.52 39.26 -6.66
CA GLY F 135 10.78 39.84 -7.10
C GLY F 135 11.88 38.82 -6.86
N THR F 136 12.68 39.00 -5.81
CA THR F 136 13.81 38.10 -5.52
C THR F 136 14.11 38.18 -4.03
N THR F 137 15.27 37.65 -3.64
CA THR F 137 15.70 37.58 -2.23
C THR F 137 17.22 37.50 -2.24
N ARG F 138 17.80 37.70 -1.08
CA ARG F 138 19.27 37.82 -0.87
C ARG F 138 20.01 36.68 -1.56
N THR F 139 19.54 35.44 -1.35
CA THR F 139 20.34 34.21 -1.54
C THR F 139 19.48 32.95 -1.63
N LEU F 140 20.06 31.91 -2.23
CA LEU F 140 19.54 30.52 -2.17
C LEU F 140 20.40 29.70 -1.22
N ASP F 141 21.23 30.35 -0.38
CA ASP F 141 22.04 29.63 0.64
C ASP F 141 21.13 28.66 1.42
N MET F 142 21.50 27.40 1.43
CA MET F 142 20.87 26.31 2.22
C MET F 142 19.44 26.05 1.73
N ILE F 143 19.03 26.54 0.55
CA ILE F 143 17.65 26.36 0.04
C ILE F 143 17.61 25.08 -0.84
N ASP F 144 16.78 24.12 -0.42
CA ASP F 144 16.48 22.89 -1.20
C ASP F 144 15.09 23.15 -1.82
N GLY F 145 15.06 23.51 -3.10
CA GLY F 145 13.80 23.82 -3.79
C GLY F 145 13.41 25.26 -3.62
N GLU F 146 12.16 25.47 -3.26
CA GLU F 146 11.58 26.82 -3.23
C GLU F 146 11.89 27.53 -1.92
N CYS F 147 11.97 28.86 -2.00
CA CYS F 147 11.93 29.73 -0.81
C CYS F 147 11.05 30.93 -1.10
N PRO F 148 10.60 31.64 -0.05
CA PRO F 148 9.80 32.85 -0.26
C PRO F 148 10.63 33.95 -0.91
N LEU F 149 9.98 34.74 -1.75
CA LEU F 149 10.59 35.93 -2.38
C LEU F 149 9.95 37.19 -1.81
N GLU F 150 10.69 38.28 -1.85
CA GLU F 150 10.15 39.65 -1.62
C GLU F 150 9.26 40.03 -2.80
N ASP F 151 8.32 40.94 -2.53
CA ASP F 151 7.51 41.56 -3.58
C ASP F 151 8.43 42.29 -4.55
N GLY F 152 7.98 42.39 -5.80
CA GLY F 152 8.54 43.29 -6.81
C GLY F 152 7.62 44.46 -7.08
N ILE F 153 7.84 45.13 -8.21
CA ILE F 153 7.03 46.33 -8.59
C ILE F 153 5.91 45.91 -9.54
N MET F 154 5.83 44.61 -9.88
CA MET F 154 4.82 44.11 -10.85
C MET F 154 3.68 43.41 -10.12
N SER F 155 2.45 43.74 -10.50
CA SER F 155 1.26 43.08 -9.92
C SER F 155 0.24 42.84 -11.02
N LYS F 156 -0.43 41.69 -10.99
CA LYS F 156 -1.50 41.36 -11.96
C LYS F 156 -2.65 42.36 -11.77
N ASN F 157 -2.77 43.00 -10.61
CA ASN F 157 -3.88 43.96 -10.33
C ASN F 157 -3.44 45.40 -10.59
N GLY F 158 -2.18 45.61 -10.94
CA GLY F 158 -1.78 46.85 -11.63
C GLY F 158 -1.13 47.91 -10.75
N PHE F 159 -0.86 47.61 -9.50
CA PHE F 159 -0.15 48.55 -8.62
C PHE F 159 0.75 47.80 -7.65
N ALA F 160 1.80 48.51 -7.23
CA ALA F 160 2.68 48.03 -6.16
C ALA F 160 3.29 49.27 -5.50
N VAL F 161 3.65 49.12 -4.24
CA VAL F 161 4.33 50.16 -3.46
C VAL F 161 5.73 49.66 -3.13
N LEU F 162 6.70 50.49 -3.44
CA LEU F 162 8.12 50.28 -3.11
C LEU F 162 8.51 51.30 -2.04
N ALA F 163 8.65 50.85 -0.80
CA ALA F 163 9.14 51.65 0.35
C ALA F 163 10.65 51.92 0.18
N ASP F 164 11.05 53.19 0.33
CA ASP F 164 12.48 53.57 0.42
C ASP F 164 12.80 53.72 1.90
N LYS F 165 13.35 52.67 2.49
CA LYS F 165 13.70 52.66 3.93
C LYS F 165 15.21 52.83 4.08
N GLY F 166 15.92 53.17 3.03
CA GLY F 166 17.39 53.28 3.08
C GLY F 166 17.88 54.64 3.56
N LYS F 167 19.19 54.72 3.73
CA LYS F 167 19.95 55.95 4.08
C LYS F 167 20.09 56.87 2.86
N VAL F 168 20.29 58.16 3.13
CA VAL F 168 20.67 59.14 2.08
C VAL F 168 22.16 58.98 1.78
N LEU F 169 22.50 59.34 0.57
CA LEU F 169 23.88 59.37 0.07
C LEU F 169 24.30 60.84 -0.10
N THR F 170 25.58 61.10 -0.01
CA THR F 170 26.22 62.37 -0.41
C THR F 170 26.34 62.38 -1.93
N GLU F 171 26.75 63.52 -2.48
CA GLU F 171 26.90 63.77 -3.94
C GLU F 171 27.71 62.64 -4.60
N VAL F 172 28.75 62.16 -3.91
CA VAL F 172 29.76 61.17 -4.41
C VAL F 172 29.41 59.74 -3.97
N GLY F 173 28.27 59.52 -3.32
CA GLY F 173 27.75 58.16 -3.11
C GLY F 173 28.13 57.54 -1.78
N ASP F 174 28.61 58.33 -0.82
CA ASP F 174 28.88 57.84 0.55
C ASP F 174 27.60 57.94 1.40
N ILE F 175 27.42 57.09 2.41
CA ILE F 175 26.27 57.12 3.36
C ILE F 175 26.29 58.46 4.09
N ALA F 176 25.18 59.22 4.07
CA ALA F 176 25.09 60.55 4.68
C ALA F 176 24.26 60.53 5.97
N GLY F 177 23.53 59.45 6.26
CA GLY F 177 22.68 59.34 7.44
C GLY F 177 21.20 59.24 7.08
N ASN F 178 20.33 59.60 7.99
CA ASN F 178 18.86 59.36 7.89
C ASN F 178 18.22 60.42 7.00
N SER F 179 17.27 59.98 6.19
CA SER F 179 16.41 60.84 5.35
C SER F 179 15.57 61.71 6.27
N VAL F 180 15.29 62.94 5.85
CA VAL F 180 14.35 63.83 6.57
C VAL F 180 12.91 63.47 6.15
N SER F 181 12.74 62.76 5.03
CA SER F 181 11.42 62.18 4.66
C SER F 181 11.26 60.85 5.42
N THR F 182 10.67 60.88 6.62
CA THR F 182 10.75 59.74 7.58
C THR F 182 9.89 58.59 7.06
N ILE F 183 8.93 58.89 6.19
CA ILE F 183 8.28 57.88 5.31
C ILE F 183 8.56 58.31 3.89
N ASP F 184 9.04 57.41 3.05
CA ASP F 184 9.31 57.72 1.64
C ASP F 184 8.93 56.49 0.83
N LEU F 185 7.93 56.61 -0.04
CA LEU F 185 7.29 55.47 -0.79
C LEU F 185 7.20 55.82 -2.25
N TYR F 186 7.20 54.81 -3.14
CA TYR F 186 6.92 54.97 -4.57
C TYR F 186 5.69 54.12 -4.90
N LEU F 187 4.60 54.78 -5.33
CA LEU F 187 3.35 54.10 -5.76
C LEU F 187 3.48 53.87 -7.25
N PHE F 188 3.65 52.63 -7.68
CA PHE F 188 3.62 52.21 -9.10
C PHE F 188 2.20 51.79 -9.46
N ALA F 189 1.62 52.39 -10.50
CA ALA F 189 0.26 52.09 -11.00
C ALA F 189 0.28 51.95 -12.52
N TYR F 190 1.14 51.06 -13.03
CA TYR F 190 1.39 50.85 -14.48
C TYR F 190 0.44 49.80 -15.07
N GLY F 191 -0.46 49.24 -14.28
CA GLY F 191 -1.39 48.21 -14.81
C GLY F 191 -0.57 46.95 -15.07
N ARG F 192 -0.66 46.46 -16.28
CA ARG F 192 0.12 45.29 -16.74
C ARG F 192 1.10 45.73 -17.83
N ASP F 193 1.46 47.02 -17.86
CA ASP F 193 2.58 47.52 -18.71
C ASP F 193 3.86 47.24 -17.94
N TYR F 194 4.21 45.96 -17.80
CA TYR F 194 5.31 45.60 -16.87
C TYR F 194 6.61 46.19 -17.41
N ARG F 195 6.82 46.17 -18.71
CA ARG F 195 8.14 46.58 -19.26
C ARG F 195 8.33 48.06 -18.96
N GLN F 196 7.26 48.86 -19.07
CA GLN F 196 7.38 50.33 -18.82
C GLN F 196 7.62 50.59 -17.31
N ALA F 197 6.96 49.84 -16.44
CA ALA F 197 7.21 49.91 -14.98
C ALA F 197 8.71 49.67 -14.73
N LEU F 198 9.29 48.69 -15.42
CA LEU F 198 10.70 48.32 -15.16
C LEU F 198 11.61 49.44 -15.71
N LYS F 199 11.35 49.91 -16.93
CA LYS F 199 12.10 51.06 -17.51
C LYS F 199 12.10 52.20 -16.50
N ASP F 200 10.95 52.59 -15.97
CA ASP F 200 10.89 53.81 -15.12
C ASP F 200 11.49 53.52 -13.76
N PHE F 201 11.40 52.27 -13.26
CA PHE F 201 12.17 51.83 -12.07
C PHE F 201 13.67 52.06 -12.29
N TYR F 202 14.20 51.74 -13.46
CA TYR F 202 15.63 51.96 -13.78
C TYR F 202 15.91 53.47 -13.90
N GLN F 203 14.95 54.25 -14.40
CA GLN F 203 15.18 55.73 -14.45
C GLN F 203 15.30 56.24 -13.01
N LEU F 204 14.49 55.70 -12.09
CA LEU F 204 14.46 56.12 -10.66
C LEU F 204 15.72 55.64 -9.94
N THR F 205 16.11 54.37 -10.11
CA THR F 205 17.14 53.73 -9.28
C THR F 205 18.48 53.67 -10.02
N GLY F 206 18.55 54.08 -11.27
CA GLY F 206 19.76 53.95 -12.09
C GLY F 206 19.69 52.71 -12.93
N ASN F 207 20.21 52.79 -14.14
CA ASN F 207 20.23 51.65 -15.09
C ASN F 207 21.27 50.66 -14.62
N THR F 208 21.03 49.40 -14.93
CA THR F 208 22.06 48.38 -14.83
C THR F 208 23.24 48.82 -15.68
N PRO F 209 24.47 48.79 -15.15
CA PRO F 209 25.61 49.11 -16.00
C PRO F 209 25.83 48.03 -17.06
N LYS F 210 26.53 48.36 -18.14
CA LYS F 210 27.02 47.38 -19.13
C LYS F 210 27.88 46.33 -18.41
N LEU F 211 27.64 45.05 -18.68
CA LEU F 211 28.66 44.01 -18.41
C LEU F 211 29.74 44.03 -19.48
N PRO F 212 30.93 43.55 -19.12
CA PRO F 212 31.97 43.21 -20.07
C PRO F 212 31.66 41.86 -20.72
N ARG F 213 32.10 41.68 -21.96
CA ARG F 213 31.81 40.48 -22.77
C ARG F 213 32.28 39.21 -22.05
N PHE F 214 33.40 39.26 -21.31
CA PHE F 214 33.98 38.05 -20.68
C PHE F 214 33.00 37.45 -19.65
N ALA F 215 32.16 38.25 -18.99
CA ALA F 215 31.21 37.79 -17.96
C ALA F 215 30.20 36.80 -18.58
N LEU F 216 30.03 36.81 -19.91
CA LEU F 216 28.93 36.09 -20.58
C LEU F 216 29.41 34.73 -21.11
N GLY F 217 30.69 34.41 -20.97
CA GLY F 217 31.21 33.06 -21.32
C GLY F 217 31.07 32.06 -20.19
N ASN F 218 31.68 30.89 -20.32
CA ASN F 218 31.66 29.87 -19.27
C ASN F 218 32.66 30.24 -18.15
N TRP F 219 32.22 30.09 -16.91
CA TRP F 219 33.11 30.22 -15.72
C TRP F 219 33.39 28.84 -15.15
N TRP F 220 34.64 28.59 -14.75
CA TRP F 220 35.01 27.40 -13.95
C TRP F 220 35.23 27.81 -12.51
N SER F 221 34.62 27.06 -11.58
CA SER F 221 34.77 27.23 -10.13
C SER F 221 34.63 25.87 -9.43
N ARG F 222 35.34 25.72 -8.35
CA ARG F 222 35.18 24.57 -7.45
C ARG F 222 35.83 24.94 -6.13
N TYR F 223 35.13 24.64 -5.02
CA TYR F 223 35.67 24.72 -3.66
C TYR F 223 36.59 23.53 -3.45
N TYR F 224 37.83 23.66 -3.89
CA TYR F 224 38.79 22.55 -3.99
C TYR F 224 40.20 23.14 -3.87
N ASP F 225 41.09 22.46 -3.15
CA ASP F 225 42.45 23.01 -2.82
C ASP F 225 43.39 22.72 -3.96
N TYR F 226 43.11 23.30 -5.12
CA TYR F 226 44.00 23.20 -6.28
C TYR F 226 45.38 23.77 -5.91
N SER F 227 46.39 23.21 -6.58
CA SER F 227 47.73 23.84 -6.66
C SER F 227 47.73 24.71 -7.91
N ASP F 228 48.74 25.57 -8.12
CA ASP F 228 48.86 26.29 -9.39
C ASP F 228 48.93 25.27 -10.53
N LYS F 229 49.72 24.21 -10.34
CA LYS F 229 49.98 23.20 -11.38
C LYS F 229 48.68 22.43 -11.72
N SER F 230 47.94 21.97 -10.72
CA SER F 230 46.69 21.20 -10.96
C SER F 230 45.61 22.12 -11.58
N TYR F 231 45.56 23.39 -11.22
CA TYR F 231 44.57 24.33 -11.81
C TYR F 231 44.89 24.61 -13.28
N LEU F 232 46.16 24.90 -13.61
CA LEU F 232 46.55 25.09 -15.03
C LEU F 232 46.35 23.79 -15.81
N ALA F 233 46.63 22.63 -15.24
CA ALA F 233 46.40 21.35 -15.93
C ALA F 233 44.89 21.27 -16.29
N LEU F 234 44.05 21.73 -15.38
CA LEU F 234 42.59 21.63 -15.61
C LEU F 234 42.18 22.55 -16.74
N MET F 235 42.70 23.79 -16.76
CA MET F 235 42.41 24.81 -17.80
C MET F 235 42.86 24.25 -19.15
N ASP F 236 44.00 23.53 -19.17
CA ASP F 236 44.53 22.96 -20.44
C ASP F 236 43.69 21.74 -20.83
N LYS F 237 43.17 20.97 -19.86
CA LYS F 237 42.23 19.86 -20.15
C LYS F 237 40.91 20.41 -20.76
N PHE F 238 40.35 21.49 -20.22
CA PHE F 238 39.20 22.19 -20.86
C PHE F 238 39.52 22.48 -22.34
N THR F 239 40.70 23.03 -22.64
CA THR F 239 41.11 23.30 -24.05
C THR F 239 41.15 22.02 -24.88
N ASP F 240 41.84 20.99 -24.40
CA ASP F 240 41.99 19.71 -25.11
C ASP F 240 40.62 19.08 -25.36
N LYS F 241 39.68 19.32 -24.46
CA LYS F 241 38.30 18.74 -24.50
C LYS F 241 37.33 19.62 -25.30
N LYS F 242 37.77 20.75 -25.85
CA LYS F 242 36.97 21.65 -26.73
C LYS F 242 35.89 22.34 -25.92
N VAL F 243 36.22 22.69 -24.69
CA VAL F 243 35.29 23.43 -23.80
C VAL F 243 35.85 24.83 -23.61
N PRO F 244 35.17 25.87 -24.14
CA PRO F 244 35.64 27.24 -23.95
C PRO F 244 35.28 27.76 -22.57
N LEU F 245 36.17 28.56 -21.97
CA LEU F 245 35.97 29.25 -20.69
C LEU F 245 36.36 30.71 -20.87
N SER F 246 35.71 31.62 -20.15
CA SER F 246 36.05 33.07 -20.09
C SER F 246 36.63 33.42 -18.72
N VAL F 247 36.25 32.71 -17.67
CA VAL F 247 36.61 33.08 -16.27
C VAL F 247 37.09 31.87 -15.49
N SER F 248 38.26 32.04 -14.88
CA SER F 248 38.84 31.17 -13.84
C SER F 248 38.51 31.74 -12.49
N VAL F 249 37.61 31.08 -11.73
CA VAL F 249 37.43 31.38 -10.29
C VAL F 249 38.42 30.56 -9.45
N ILE F 250 38.97 31.21 -8.43
CA ILE F 250 39.82 30.56 -7.40
C ILE F 250 39.13 30.75 -6.07
N ASP F 251 38.61 29.64 -5.52
CA ASP F 251 37.90 29.63 -4.23
C ASP F 251 38.91 29.71 -3.07
N MET F 252 38.34 29.86 -1.89
CA MET F 252 39.01 30.27 -0.61
C MET F 252 40.32 29.50 -0.32
N ASP F 253 40.57 28.33 -0.91
CA ASP F 253 41.81 27.55 -0.65
C ASP F 253 43.01 28.21 -1.34
N TRP F 254 42.82 29.31 -2.06
CA TRP F 254 43.91 30.17 -2.53
C TRP F 254 44.67 30.74 -1.34
N HIS F 255 44.00 31.03 -0.23
CA HIS F 255 44.65 31.65 0.94
C HIS F 255 44.92 30.62 2.03
N LYS F 256 45.61 31.05 3.06
CA LYS F 256 45.86 30.18 4.22
C LYS F 256 44.51 29.75 4.79
N VAL F 257 44.42 28.48 5.18
CA VAL F 257 43.23 27.98 5.92
C VAL F 257 43.69 27.19 7.13
N SER F 258 44.10 25.93 6.95
CA SER F 258 44.37 24.99 8.05
C SER F 258 45.54 25.49 8.92
N GLU F 259 46.51 26.21 8.34
CA GLU F 259 47.71 26.66 9.09
C GLU F 259 47.38 27.83 10.00
N VAL F 260 46.24 28.50 9.82
CA VAL F 260 45.93 29.70 10.64
C VAL F 260 45.90 29.29 12.10
N PRO F 261 46.74 29.87 12.98
CA PRO F 261 46.62 29.55 14.41
C PRO F 261 45.20 29.76 14.98
N SER F 262 44.72 28.79 15.75
CA SER F 262 43.34 28.78 16.28
C SER F 262 43.08 29.99 17.18
N ARG F 263 44.11 30.64 17.77
CA ARG F 263 43.82 31.84 18.61
C ARG F 263 43.24 32.97 17.76
N PHE F 264 43.44 32.95 16.44
CA PHE F 264 42.90 33.99 15.51
C PHE F 264 41.45 33.69 15.10
N GLY F 265 40.88 32.58 15.55
CA GLY F 265 39.63 32.10 14.92
C GLY F 265 39.91 31.23 13.72
N SER F 266 38.98 31.16 12.76
CA SER F 266 39.04 30.20 11.64
C SER F 266 39.92 30.73 10.51
N GLY F 267 40.12 29.94 9.48
CA GLY F 267 40.79 30.36 8.24
C GLY F 267 39.81 30.70 7.14
N TRP F 268 38.53 30.99 7.46
CA TRP F 268 37.49 31.31 6.46
C TRP F 268 37.87 32.63 5.74
N THR F 269 38.08 33.69 6.50
CA THR F 269 38.66 34.97 6.01
C THR F 269 40.16 34.70 5.75
N GLY F 270 40.66 35.12 4.61
CA GLY F 270 42.11 35.09 4.32
C GLY F 270 42.47 36.07 3.22
N TYR F 271 43.64 36.70 3.33
CA TYR F 271 44.15 37.63 2.30
C TYR F 271 45.59 37.30 1.90
N SER F 272 46.09 36.15 2.36
CA SER F 272 47.49 35.68 2.25
C SER F 272 47.56 34.39 1.46
N TRP F 273 48.28 34.37 0.34
CA TRP F 273 48.38 33.16 -0.48
C TRP F 273 48.92 32.01 0.34
N ASN F 274 48.32 30.83 0.15
CA ASN F 274 48.93 29.54 0.53
C ASN F 274 50.06 29.26 -0.46
N LYS F 275 51.31 29.53 -0.07
CA LYS F 275 52.47 29.40 -0.98
C LYS F 275 52.84 27.94 -1.21
N LYS F 276 52.34 26.99 -0.39
CA LYS F 276 52.54 25.55 -0.69
C LYS F 276 51.77 25.22 -1.98
N LEU F 277 50.61 25.84 -2.21
CA LEU F 277 49.77 25.55 -3.40
C LEU F 277 50.12 26.49 -4.55
N PHE F 278 50.44 27.76 -4.24
CA PHE F 278 50.71 28.85 -5.20
C PHE F 278 52.02 29.52 -4.82
N PRO F 279 53.17 28.89 -5.15
CA PRO F 279 54.48 29.45 -4.77
C PRO F 279 54.78 30.79 -5.45
N ASN F 280 54.11 31.06 -6.58
CA ASN F 280 54.32 32.30 -7.38
C ASN F 280 52.97 32.80 -7.89
N PRO F 281 52.21 33.50 -7.03
CA PRO F 281 50.86 33.91 -7.40
C PRO F 281 50.78 34.73 -8.68
N GLU F 282 51.68 35.71 -8.82
CA GLU F 282 51.62 36.60 -10.00
C GLU F 282 51.86 35.77 -11.27
N ASN F 283 52.74 34.79 -11.20
CA ASN F 283 53.02 33.98 -12.41
C ASN F 283 51.79 33.10 -12.73
N PHE F 284 51.16 32.55 -11.71
CA PHE F 284 49.99 31.64 -11.88
C PHE F 284 48.90 32.45 -12.60
N ILE F 285 48.61 33.64 -12.08
CA ILE F 285 47.60 34.57 -12.68
C ILE F 285 48.04 34.97 -14.08
N ASP F 286 49.33 35.23 -14.31
CA ASP F 286 49.91 35.54 -15.65
CA ASP F 286 49.80 35.58 -15.67
C ASP F 286 49.55 34.43 -16.65
N GLU F 287 49.73 33.17 -16.23
CA GLU F 287 49.47 31.96 -17.07
C GLU F 287 47.96 31.88 -17.37
N LEU F 288 47.12 32.22 -16.42
CA LEU F 288 45.65 32.22 -16.70
C LEU F 288 45.37 33.35 -17.70
N HIS F 289 46.01 34.51 -17.53
CA HIS F 289 45.86 35.63 -18.48
C HIS F 289 46.33 35.23 -19.88
N GLN F 290 47.40 34.42 -19.98
CA GLN F 290 47.94 33.96 -21.28
C GLN F 290 46.94 33.05 -21.97
N ARG F 291 46.09 32.36 -21.21
CA ARG F 291 45.00 31.50 -21.74
C ARG F 291 43.72 32.32 -21.97
N LYS F 292 43.80 33.65 -21.87
CA LYS F 292 42.71 34.62 -22.11
C LYS F 292 41.57 34.35 -21.11
N LEU F 293 41.92 34.06 -19.86
CA LEU F 293 40.98 33.86 -18.74
C LEU F 293 41.06 35.08 -17.82
N LYS F 294 39.91 35.61 -17.41
CA LYS F 294 39.80 36.63 -16.34
C LYS F 294 39.77 35.87 -15.02
N VAL F 295 40.32 36.48 -13.96
CA VAL F 295 40.64 35.73 -12.70
C VAL F 295 39.96 36.45 -11.53
N THR F 296 39.18 35.72 -10.75
CA THR F 296 38.58 36.25 -9.51
C THR F 296 38.92 35.32 -8.33
N LEU F 297 39.08 35.92 -7.16
CA LEU F 297 39.32 35.21 -5.90
C LEU F 297 38.13 35.38 -4.99
N ASN F 298 37.84 34.32 -4.25
CA ASN F 298 36.89 34.37 -3.13
C ASN F 298 37.42 35.27 -2.00
N ASP F 299 36.59 36.22 -1.58
CA ASP F 299 36.85 37.07 -0.40
C ASP F 299 35.74 36.89 0.62
N HIS F 300 36.10 36.31 1.76
CA HIS F 300 35.28 36.24 2.99
C HIS F 300 35.69 37.41 3.88
N PRO F 301 35.01 38.57 3.85
CA PRO F 301 35.53 39.76 4.54
C PRO F 301 35.36 39.79 6.06
N ALA F 302 34.56 38.90 6.66
CA ALA F 302 33.88 39.21 7.92
C ALA F 302 34.87 39.24 9.10
N ASP F 303 35.99 38.53 9.05
CA ASP F 303 36.95 38.51 10.18
C ASP F 303 38.06 39.54 9.95
N GLY F 304 37.97 40.37 8.91
CA GLY F 304 38.88 41.52 8.73
C GLY F 304 40.32 41.09 8.49
N ILE F 305 41.29 41.89 8.97
CA ILE F 305 42.74 41.65 8.75
C ILE F 305 43.41 41.45 10.10
N ARG F 306 43.71 40.19 10.36
CA ARG F 306 44.25 39.70 11.65
C ARG F 306 45.77 39.62 11.55
N ALA F 307 46.44 39.51 12.70
CA ALA F 307 47.89 39.75 12.86
C ALA F 307 48.72 38.73 12.10
N PHE F 308 48.17 37.59 11.65
CA PHE F 308 48.98 36.60 10.88
C PHE F 308 49.07 36.97 9.40
N GLU F 309 48.24 37.91 8.91
CA GLU F 309 48.08 38.14 7.45
C GLU F 309 49.29 38.86 6.84
N ASP F 310 49.62 38.55 5.59
CA ASP F 310 50.70 39.25 4.82
C ASP F 310 50.49 40.77 4.87
N PRO F 311 49.29 41.33 4.53
CA PRO F 311 49.10 42.77 4.59
C PRO F 311 48.96 43.37 6.00
N TYR F 312 48.99 42.58 7.08
CA TYR F 312 48.71 43.11 8.44
C TYR F 312 49.68 44.23 8.83
N PRO F 313 51.01 44.08 8.64
CA PRO F 313 51.93 45.15 9.06
C PRO F 313 51.56 46.52 8.47
N GLN F 314 51.22 46.53 7.18
CA GLN F 314 50.87 47.77 6.46
C GLN F 314 49.53 48.30 6.99
N VAL F 315 48.54 47.43 7.21
CA VAL F 315 47.19 47.84 7.69
C VAL F 315 47.31 48.33 9.15
N ALA F 316 48.08 47.65 9.99
CA ALA F 316 48.27 47.99 11.42
C ALA F 316 48.90 49.40 11.53
N GLN F 317 49.90 49.68 10.69
CA GLN F 317 50.52 51.04 10.63
C GLN F 317 49.46 52.05 10.19
N THR F 318 48.70 51.79 9.13
CA THR F 318 47.65 52.71 8.60
C THR F 318 46.57 52.99 9.65
N LEU F 319 46.13 51.99 10.41
CA LEU F 319 44.93 52.11 11.31
C LEU F 319 45.36 52.25 12.77
N ASP F 320 46.68 52.34 13.02
CA ASP F 320 47.28 52.60 14.37
C ASP F 320 46.87 51.48 15.34
N LEU F 321 47.13 50.23 14.95
CA LEU F 321 46.73 49.06 15.76
C LEU F 321 47.91 48.65 16.62
N ASN F 322 47.58 48.09 17.76
CA ASN F 322 48.56 47.59 18.73
C ASN F 322 49.00 46.20 18.26
N THR F 323 50.14 46.14 17.58
CA THR F 323 50.65 44.89 16.99
C THR F 323 51.17 43.96 18.10
N GLU F 324 51.66 44.45 19.24
CA GLU F 324 52.18 43.48 20.23
C GLU F 324 50.98 42.77 20.89
N LEU F 325 49.80 43.38 20.94
CA LEU F 325 48.57 42.68 21.42
C LEU F 325 47.86 41.97 20.24
N GLU F 326 48.40 42.04 19.02
CA GLU F 326 47.86 41.38 17.80
C GLU F 326 46.45 41.91 17.54
N GLU F 327 46.24 43.20 17.75
CA GLU F 327 44.94 43.86 17.55
C GLU F 327 44.53 43.70 16.07
N ALA F 328 43.35 43.13 15.82
CA ALA F 328 42.85 42.95 14.44
C ALA F 328 42.32 44.26 13.90
N ALA F 329 42.38 44.41 12.59
CA ALA F 329 41.57 45.39 11.84
C ALA F 329 40.23 44.74 11.53
N LYS F 330 39.28 44.95 12.42
CA LYS F 330 37.98 44.24 12.35
C LYS F 330 37.21 44.81 11.17
N PHE F 331 36.45 43.95 10.52
CA PHE F 331 35.65 44.35 9.36
C PHE F 331 34.75 45.49 9.78
N ASP F 332 34.89 46.65 9.16
CA ASP F 332 34.02 47.80 9.46
C ASP F 332 33.83 48.62 8.19
N PHE F 333 32.87 48.26 7.34
CA PHE F 333 32.69 49.00 6.08
C PHE F 333 31.91 50.31 6.29
N ASP F 334 31.48 50.60 7.52
CA ASP F 334 30.95 51.94 7.87
C ASP F 334 32.11 52.94 7.94
N ASN F 335 33.34 52.45 8.10
CA ASN F 335 34.54 53.25 8.47
C ASN F 335 35.34 53.59 7.22
N LEU F 336 35.47 54.88 6.87
CA LEU F 336 36.22 55.32 5.66
C LEU F 336 37.65 54.77 5.65
N LYS F 337 38.37 54.79 6.78
CA LYS F 337 39.81 54.38 6.78
C LYS F 337 39.92 52.87 6.62
N PHE F 338 39.01 52.11 7.22
CA PHE F 338 38.99 50.64 7.05
C PHE F 338 38.81 50.36 5.56
N ARG F 339 37.83 50.99 4.91
CA ARG F 339 37.53 50.70 3.46
C ARG F 339 38.79 51.00 2.63
N LYS F 340 39.40 52.16 2.89
CA LYS F 340 40.62 52.62 2.18
C LYS F 340 41.72 51.58 2.41
N ALA F 341 41.87 51.04 3.62
CA ALA F 341 42.93 50.02 3.90
C ALA F 341 42.59 48.71 3.17
N TYR F 342 41.32 48.33 3.20
CA TYR F 342 40.81 47.14 2.49
C TYR F 342 41.11 47.25 1.01
N PHE F 343 40.71 48.33 0.35
CA PHE F 343 40.90 48.49 -1.11
C PHE F 343 42.38 48.68 -1.48
N GLU F 344 43.09 49.57 -0.79
CA GLU F 344 44.47 49.99 -1.18
C GLU F 344 45.52 48.99 -0.68
N GLU F 345 45.41 48.47 0.56
CA GLU F 345 46.51 47.68 1.17
C GLU F 345 46.20 46.18 1.24
N VAL F 346 44.93 45.77 1.07
CA VAL F 346 44.58 44.32 1.14
C VAL F 346 44.25 43.85 -0.30
N HIS F 347 43.24 44.42 -0.96
CA HIS F 347 42.95 44.08 -2.37
C HIS F 347 44.06 44.60 -3.28
N GLY F 348 44.66 45.76 -2.98
CA GLY F 348 45.62 46.40 -3.90
C GLY F 348 46.76 45.47 -4.31
N PRO F 349 47.52 44.90 -3.37
CA PRO F 349 48.62 43.99 -3.71
C PRO F 349 48.17 42.75 -4.51
N LEU F 350 46.95 42.27 -4.22
CA LEU F 350 46.40 41.07 -4.92
C LEU F 350 46.03 41.46 -6.35
N GLU F 351 45.50 42.66 -6.57
CA GLU F 351 45.18 43.17 -7.93
C GLU F 351 46.49 43.39 -8.71
N LYS F 352 47.53 43.90 -8.04
CA LYS F 352 48.86 44.07 -8.68
C LYS F 352 49.40 42.69 -9.11
N GLU F 353 49.07 41.58 -8.42
CA GLU F 353 49.46 40.20 -8.87
C GLU F 353 48.57 39.77 -10.06
N GLY F 354 47.45 40.42 -10.26
CA GLY F 354 46.69 40.23 -11.52
C GLY F 354 45.22 39.85 -11.29
N VAL F 355 44.74 39.94 -10.06
CA VAL F 355 43.30 39.63 -9.81
C VAL F 355 42.45 40.64 -10.56
N ASP F 356 41.48 40.20 -11.38
CA ASP F 356 40.69 41.10 -12.26
C ASP F 356 39.47 41.65 -11.53
N PHE F 357 38.79 40.82 -10.73
CA PHE F 357 37.59 41.25 -9.98
C PHE F 357 37.41 40.34 -8.78
N TRP F 358 36.55 40.79 -7.90
CA TRP F 358 36.35 40.21 -6.56
C TRP F 358 35.01 39.48 -6.51
N TRP F 359 35.09 38.26 -6.00
CA TRP F 359 33.94 37.44 -5.56
C TRP F 359 33.73 37.74 -4.08
N ILE F 360 32.81 38.63 -3.79
CA ILE F 360 32.48 38.98 -2.38
C ILE F 360 31.50 37.91 -1.86
N ASP F 361 31.93 37.14 -0.87
CA ASP F 361 31.20 35.94 -0.37
C ASP F 361 30.84 36.18 1.08
N TRP F 362 29.80 36.99 1.26
CA TRP F 362 29.34 37.45 2.60
C TRP F 362 28.15 36.59 3.04
N GLN F 363 28.30 35.92 4.20
CA GLN F 363 27.22 35.07 4.76
C GLN F 363 27.15 35.34 6.26
N GLN F 364 27.55 36.53 6.72
CA GLN F 364 27.72 36.78 8.17
C GLN F 364 26.71 37.81 8.69
N GLY F 365 25.61 38.05 7.99
CA GLY F 365 24.43 38.72 8.58
C GLY F 365 24.35 40.20 8.19
N ALA F 366 23.46 40.94 8.83
CA ALA F 366 23.09 42.30 8.35
C ALA F 366 23.38 43.34 9.43
N ILE F 367 24.24 43.03 10.41
CA ILE F 367 24.52 43.94 11.58
C ILE F 367 25.61 44.95 11.22
N SER F 368 25.33 46.24 11.42
CA SER F 368 26.32 47.36 11.35
C SER F 368 25.90 48.46 12.34
N LYS F 369 26.83 49.35 12.74
CA LYS F 369 26.42 50.43 13.68
C LYS F 369 25.56 51.44 12.91
N SER F 370 25.84 51.70 11.64
CA SER F 370 25.06 52.62 10.78
C SER F 370 23.63 52.12 10.58
N GLY F 371 23.36 50.79 10.65
CA GLY F 371 22.05 50.27 10.24
C GLY F 371 22.03 49.86 8.78
N VAL F 372 23.09 50.16 8.03
CA VAL F 372 23.23 49.78 6.59
C VAL F 372 23.74 48.34 6.55
N ASP F 373 23.11 47.48 5.75
CA ASP F 373 23.54 46.08 5.58
C ASP F 373 24.98 46.08 5.09
N PRO F 374 25.92 45.39 5.77
CA PRO F 374 27.29 45.28 5.28
C PRO F 374 27.38 44.71 3.86
N LEU F 375 26.42 43.86 3.47
CA LEU F 375 26.38 43.34 2.08
C LEU F 375 26.18 44.51 1.13
N TRP F 376 25.30 45.45 1.46
CA TRP F 376 25.05 46.60 0.58
C TRP F 376 26.32 47.48 0.52
N LEU F 377 26.95 47.77 1.67
CA LEU F 377 28.22 48.56 1.71
C LEU F 377 29.28 47.88 0.83
N LEU F 378 29.43 46.56 0.97
CA LEU F 378 30.45 45.81 0.18
C LEU F 378 30.15 45.95 -1.30
N ASN F 379 28.91 45.67 -1.71
CA ASN F 379 28.56 45.64 -3.16
C ASN F 379 28.75 47.03 -3.79
N HIS F 380 28.18 48.06 -3.15
CA HIS F 380 28.28 49.49 -3.56
C HIS F 380 29.76 49.86 -3.73
N TYR F 381 30.53 49.78 -2.65
CA TYR F 381 31.93 50.30 -2.64
C TYR F 381 32.86 49.42 -3.47
N GLN F 382 32.70 48.09 -3.43
CA GLN F 382 33.58 47.22 -4.24
C GLN F 382 33.26 47.40 -5.73
N TYR F 383 31.98 47.56 -6.11
CA TYR F 383 31.64 47.77 -7.55
C TYR F 383 32.32 49.07 -8.03
N GLN F 384 32.22 50.14 -7.24
CA GLN F 384 32.83 51.44 -7.57
C GLN F 384 34.36 51.25 -7.72
N ASN F 385 34.97 50.60 -6.72
CA ASN F 385 36.43 50.39 -6.72
C ASN F 385 36.84 49.51 -7.91
N ALA F 386 36.01 48.56 -8.35
CA ALA F 386 36.37 47.65 -9.45
C ALA F 386 36.59 48.41 -10.75
N GLN F 387 35.97 49.58 -10.93
CA GLN F 387 36.05 50.37 -12.19
C GLN F 387 37.45 51.00 -12.35
N LYS F 388 38.26 51.08 -11.29
CA LYS F 388 39.67 51.58 -11.41
C LYS F 388 40.52 50.53 -12.12
N LYS F 389 40.28 49.24 -11.88
CA LYS F 389 41.01 48.06 -12.45
C LYS F 389 40.75 47.94 -13.97
N HIS F 390 39.48 48.00 -14.39
CA HIS F 390 39.00 47.61 -15.75
C HIS F 390 37.72 48.37 -16.06
N LYS F 391 37.54 48.73 -17.32
CA LYS F 391 36.31 49.42 -17.81
C LYS F 391 35.13 48.45 -17.66
N ASN F 392 34.00 48.90 -17.14
CA ASN F 392 32.78 48.05 -17.07
C ASN F 392 33.11 46.77 -16.27
N ASN F 393 33.90 46.87 -15.20
CA ASN F 393 34.22 45.70 -14.35
C ASN F 393 33.00 45.26 -13.55
N ILE F 394 33.09 44.07 -12.97
CA ILE F 394 31.99 43.45 -12.20
C ILE F 394 32.46 43.12 -10.80
N ILE F 395 31.51 42.72 -9.99
CA ILE F 395 31.73 41.91 -8.76
C ILE F 395 30.93 40.61 -8.93
N LEU F 396 31.01 39.74 -7.95
CA LEU F 396 30.11 38.54 -7.82
C LEU F 396 29.69 38.51 -6.37
N SER F 397 28.44 38.83 -6.08
CA SER F 397 27.94 38.97 -4.69
C SER F 397 26.42 38.82 -4.65
N ARG F 398 25.92 38.47 -3.47
CA ARG F 398 24.49 38.23 -3.16
C ARG F 398 23.73 39.54 -3.34
N TYR F 399 22.44 39.43 -3.59
CA TYR F 399 21.48 40.54 -3.76
C TYR F 399 21.36 41.35 -2.48
N ALA F 400 21.47 42.70 -2.58
CA ALA F 400 21.50 43.60 -1.41
C ALA F 400 20.28 44.53 -1.42
N GLY F 401 19.16 44.09 -2.02
CA GLY F 401 17.91 44.86 -1.99
C GLY F 401 17.72 45.71 -3.23
N PRO F 402 16.56 46.40 -3.34
CA PRO F 402 16.22 47.11 -4.56
C PRO F 402 17.24 48.21 -4.85
N GLY F 403 17.67 48.27 -6.11
CA GLY F 403 18.71 49.19 -6.57
C GLY F 403 20.06 48.54 -6.65
N SER F 404 20.27 47.38 -6.04
CA SER F 404 21.61 46.74 -5.99
C SER F 404 21.90 46.05 -7.33
N HIS F 405 21.00 46.10 -8.31
CA HIS F 405 21.30 45.71 -9.71
C HIS F 405 22.34 46.64 -10.31
N ARG F 406 22.56 47.82 -9.71
CA ARG F 406 23.64 48.75 -10.15
C ARG F 406 25.02 48.10 -9.94
N TYR F 407 25.09 46.99 -9.18
CA TYR F 407 26.36 46.29 -8.81
C TYR F 407 26.36 44.82 -9.25
N PRO F 408 26.29 44.56 -10.57
CA PRO F 408 26.31 43.20 -11.06
C PRO F 408 27.68 42.58 -10.85
N LEU F 409 27.77 41.25 -10.73
CA LEU F 409 26.74 40.24 -10.94
C LEU F 409 26.14 39.76 -9.61
N GLY F 410 24.90 39.29 -9.67
CA GLY F 410 24.28 38.53 -8.58
C GLY F 410 24.93 37.17 -8.42
N PHE F 411 25.00 36.73 -7.17
CA PHE F 411 25.54 35.42 -6.79
C PHE F 411 24.58 34.77 -5.83
N SER F 412 23.88 33.70 -6.23
CA SER F 412 22.78 33.15 -5.41
C SER F 412 23.29 32.22 -4.30
N GLY F 413 24.52 31.70 -4.37
CA GLY F 413 25.09 30.97 -3.22
C GLY F 413 24.68 29.51 -3.15
N ASP F 414 24.53 29.06 -1.92
CA ASP F 414 24.71 27.65 -1.52
C ASP F 414 23.39 26.88 -1.67
N SER F 415 22.90 26.77 -2.90
CA SER F 415 21.74 25.91 -3.22
C SER F 415 22.05 24.45 -2.86
N VAL F 416 21.04 23.70 -2.44
CA VAL F 416 21.13 22.22 -2.30
C VAL F 416 21.03 21.57 -3.68
N ILE F 417 21.88 20.59 -3.95
CA ILE F 417 21.89 19.87 -5.26
C ILE F 417 20.67 18.95 -5.30
N SER F 418 19.61 19.39 -5.96
CA SER F 418 18.38 18.55 -6.03
C SER F 418 17.57 18.89 -7.29
N TRP F 419 16.70 17.97 -7.69
CA TRP F 419 15.70 18.23 -8.73
C TRP F 419 14.82 19.37 -8.25
N ALA F 420 14.50 19.44 -6.96
CA ALA F 420 13.64 20.52 -6.43
C ALA F 420 14.32 21.88 -6.71
N SER F 421 15.61 22.01 -6.35
CA SER F 421 16.36 23.29 -6.52
C SER F 421 16.38 23.67 -8.01
N LEU F 422 16.70 22.73 -8.89
CA LEU F 422 16.63 23.04 -10.33
C LEU F 422 15.21 23.50 -10.72
N ASP F 423 14.18 22.79 -10.28
CA ASP F 423 12.80 23.09 -10.69
C ASP F 423 12.38 24.49 -10.23
N PHE F 424 12.99 25.03 -9.20
CA PHE F 424 12.67 26.41 -8.74
C PHE F 424 13.45 27.47 -9.55
N GLN F 425 14.58 27.12 -10.12
CA GLN F 425 15.58 28.16 -10.50
C GLN F 425 15.15 28.98 -11.71
N PRO F 426 14.50 28.42 -12.77
CA PRO F 426 14.12 29.28 -13.90
C PRO F 426 13.09 30.33 -13.44
N TYR F 427 12.09 29.88 -12.69
CA TYR F 427 11.08 30.80 -12.09
C TYR F 427 11.77 31.90 -11.25
N PHE F 428 12.67 31.47 -10.38
CA PHE F 428 13.45 32.43 -9.54
C PHE F 428 14.10 33.45 -10.44
N THR F 429 14.71 33.00 -11.54
CA THR F 429 15.57 33.84 -12.36
C THR F 429 14.72 34.86 -13.14
N SER F 430 13.65 34.40 -13.80
CA SER F 430 12.78 35.33 -14.57
C SER F 430 12.02 36.28 -13.62
N THR F 431 11.65 35.82 -12.44
CA THR F 431 10.82 36.59 -11.46
C THR F 431 11.67 37.77 -10.93
N ALA F 432 12.97 37.56 -10.83
CA ALA F 432 13.91 38.58 -10.38
C ALA F 432 13.87 39.84 -11.27
N SER F 433 13.52 39.73 -12.55
CA SER F 433 13.36 40.91 -13.44
C SER F 433 12.30 41.87 -12.87
N ASN F 434 11.36 41.36 -12.07
CA ASN F 434 10.27 42.21 -11.49
C ASN F 434 10.80 43.18 -10.42
N ILE F 435 12.05 43.05 -9.99
CA ILE F 435 12.72 44.06 -9.13
C ILE F 435 14.03 44.50 -9.80
N GLY F 436 14.14 44.27 -11.09
CA GLY F 436 15.23 44.82 -11.91
C GLY F 436 16.56 44.12 -11.72
N TYR F 437 16.59 42.94 -11.09
CA TYR F 437 17.87 42.24 -10.77
C TYR F 437 18.10 41.13 -11.80
N THR F 438 18.61 41.52 -12.97
CA THR F 438 18.58 40.71 -14.21
C THR F 438 19.86 39.90 -14.44
N TRP F 439 20.85 39.96 -13.54
CA TRP F 439 22.12 39.22 -13.75
C TRP F 439 22.40 38.23 -12.61
N TRP F 440 21.45 37.37 -12.25
CA TRP F 440 21.69 36.27 -11.27
C TRP F 440 22.65 35.24 -11.87
N SER F 441 23.71 34.96 -11.14
CA SER F 441 24.62 33.82 -11.43
C SER F 441 24.38 32.74 -10.40
N HIS F 442 23.71 31.66 -10.78
CA HIS F 442 23.49 30.48 -9.93
C HIS F 442 24.69 29.54 -10.07
N ASP F 443 25.03 28.80 -9.02
CA ASP F 443 25.93 27.64 -9.16
C ASP F 443 25.26 26.62 -10.09
N ILE F 444 25.77 26.48 -11.29
CA ILE F 444 25.18 25.52 -12.26
C ILE F 444 25.47 24.08 -11.80
N GLY F 445 24.40 23.29 -11.64
CA GLY F 445 24.43 21.92 -11.09
C GLY F 445 24.23 21.91 -9.59
N GLY F 446 24.10 23.08 -8.98
CA GLY F 446 23.83 23.20 -7.54
C GLY F 446 25.11 23.26 -6.72
N HIS F 447 25.04 23.79 -5.53
CA HIS F 447 26.24 23.96 -4.67
C HIS F 447 26.60 22.73 -3.84
N MET F 448 25.71 22.22 -2.99
CA MET F 448 26.12 21.38 -1.87
C MET F 448 25.03 20.36 -1.47
N GLN F 449 25.44 19.41 -0.62
CA GLN F 449 24.54 18.36 -0.05
C GLN F 449 23.77 17.74 -1.20
N GLY F 450 22.52 17.31 -0.97
CA GLY F 450 21.77 16.75 -2.09
C GLY F 450 22.35 15.41 -2.54
N TYR F 451 22.11 15.06 -3.79
CA TYR F 451 22.21 13.65 -4.28
CA TYR F 451 22.36 13.67 -4.25
C TYR F 451 22.86 13.66 -5.68
N LYS F 452 23.60 12.61 -6.00
CA LYS F 452 24.23 12.46 -7.32
C LYS F 452 23.17 11.95 -8.30
N ASP F 453 23.14 12.55 -9.46
CA ASP F 453 22.26 12.16 -10.58
C ASP F 453 22.83 12.90 -11.79
N ALA F 454 23.56 12.20 -12.68
CA ALA F 454 24.23 12.82 -13.85
C ALA F 454 23.20 13.55 -14.72
N GLU F 455 21.98 13.03 -14.80
CA GLU F 455 20.88 13.67 -15.59
C GLU F 455 20.55 15.05 -14.97
N LEU F 456 20.53 15.16 -13.65
CA LEU F 456 20.25 16.44 -12.97
C LEU F 456 21.35 17.44 -13.35
N SER F 457 22.60 16.99 -13.33
CA SER F 457 23.73 17.88 -13.65
C SER F 457 23.57 18.36 -15.09
N LEU F 458 23.14 17.46 -16.00
CA LEU F 458 23.02 17.84 -17.43
C LEU F 458 21.82 18.79 -17.60
N ARG F 459 20.69 18.50 -17.01
CA ARG F 459 19.54 19.43 -17.13
C ARG F 459 19.91 20.81 -16.54
N TRP F 460 20.71 20.82 -15.47
CA TRP F 460 21.03 22.08 -14.79
C TRP F 460 21.90 22.93 -15.72
N LEU F 461 22.82 22.29 -16.43
CA LEU F 461 23.71 22.98 -17.38
C LEU F 461 22.91 23.49 -18.59
N GLN F 462 21.91 22.73 -19.07
CA GLN F 462 21.03 23.22 -20.15
C GLN F 462 20.42 24.53 -19.71
N PHE F 463 19.87 24.57 -18.49
CA PHE F 463 19.26 25.80 -17.97
C PHE F 463 20.34 26.90 -17.86
N GLY F 464 21.51 26.58 -17.29
CA GLY F 464 22.53 27.63 -17.07
C GLY F 464 22.92 28.30 -18.36
N VAL F 465 23.06 27.51 -19.45
CA VAL F 465 23.42 28.06 -20.78
C VAL F 465 22.39 29.10 -21.23
N PHE F 466 21.12 28.94 -20.86
CA PHE F 466 20.02 29.89 -21.22
C PHE F 466 19.63 30.69 -19.98
N SER F 467 20.62 31.00 -19.13
CA SER F 467 20.46 31.83 -17.92
C SER F 467 21.36 33.07 -18.07
N PRO F 468 21.22 34.06 -17.20
CA PRO F 468 22.00 35.30 -17.35
C PRO F 468 23.51 35.01 -17.36
N ILE F 469 23.97 34.07 -16.52
CA ILE F 469 25.42 33.75 -16.38
C ILE F 469 25.57 32.24 -16.29
N ASN F 470 26.61 31.68 -16.92
CA ASN F 470 26.85 30.21 -16.87
C ASN F 470 28.14 29.94 -16.09
N ARG F 471 28.04 29.90 -14.77
CA ARG F 471 29.17 29.65 -13.83
C ARG F 471 29.03 28.27 -13.19
N LEU F 472 29.90 27.32 -13.58
CA LEU F 472 29.97 26.00 -12.93
C LEU F 472 30.65 26.19 -11.57
N HIS F 473 30.07 25.66 -10.51
CA HIS F 473 30.62 25.73 -9.12
C HIS F 473 30.08 24.56 -8.29
N SER F 474 30.82 24.16 -7.26
CA SER F 474 30.48 23.08 -6.33
C SER F 474 31.13 23.36 -4.97
N SER F 475 30.54 22.71 -3.97
CA SER F 475 31.15 22.74 -2.61
CA SER F 475 30.98 22.40 -2.58
C SER F 475 32.37 21.79 -2.56
N LYS F 476 32.86 21.58 -1.34
CA LYS F 476 34.15 20.96 -0.96
C LYS F 476 34.15 19.44 -1.14
N SER F 477 33.09 18.77 -1.54
CA SER F 477 33.10 17.30 -1.77
C SER F 477 34.10 16.83 -2.84
N GLU F 478 34.70 15.65 -2.64
CA GLU F 478 35.51 15.01 -3.71
C GLU F 478 34.60 14.60 -4.87
N PHE F 479 33.27 14.66 -4.67
CA PHE F 479 32.34 13.92 -5.55
C PHE F 479 31.48 14.83 -6.40
N THR F 480 31.62 16.16 -6.29
CA THR F 480 30.64 17.12 -6.85
C THR F 480 31.27 17.95 -7.96
N SER F 481 32.44 17.58 -8.50
CA SER F 481 33.02 18.29 -9.66
C SER F 481 32.01 18.41 -10.80
N LYS F 482 31.97 19.56 -11.44
CA LYS F 482 31.10 19.82 -12.63
C LYS F 482 31.85 19.61 -13.95
N GLU F 483 33.08 19.10 -13.91
CA GLU F 483 33.81 18.72 -15.14
C GLU F 483 32.94 17.75 -15.95
N PRO F 484 32.73 18.00 -17.25
CA PRO F 484 31.96 17.10 -18.11
C PRO F 484 32.48 15.65 -18.12
N TRP F 485 33.79 15.50 -18.04
CA TRP F 485 34.44 14.16 -18.11
C TRP F 485 34.33 13.44 -16.75
N HIS F 486 33.76 14.06 -15.70
CA HIS F 486 33.31 13.37 -14.47
C HIS F 486 32.24 12.35 -14.82
N PHE F 487 31.52 12.57 -15.90
CA PHE F 487 30.31 11.78 -16.25
C PHE F 487 30.61 10.84 -17.42
N ASP F 488 29.66 9.99 -17.76
CA ASP F 488 29.86 8.95 -18.80
C ASP F 488 29.93 9.62 -20.15
N ALA F 489 30.27 8.86 -21.21
CA ALA F 489 30.54 9.42 -22.53
C ALA F 489 29.32 10.21 -23.01
N VAL F 490 28.11 9.72 -22.73
CA VAL F 490 26.89 10.36 -23.30
C VAL F 490 26.69 11.72 -22.65
N ILE F 491 26.75 11.73 -21.33
CA ILE F 491 26.54 12.96 -20.52
C ILE F 491 27.69 13.92 -20.85
N GLU F 492 28.92 13.41 -20.86
CA GLU F 492 30.11 14.27 -21.13
C GLU F 492 29.95 14.97 -22.48
N GLN F 493 29.64 14.24 -23.55
CA GLN F 493 29.52 14.84 -24.88
C GLN F 493 28.42 15.93 -24.87
N SER F 494 27.25 15.66 -24.29
CA SER F 494 26.12 16.63 -24.27
C SER F 494 26.54 17.91 -23.53
N MET F 495 27.18 17.75 -22.38
CA MET F 495 27.69 18.87 -21.58
C MET F 495 28.67 19.69 -22.43
N ILE F 496 29.62 19.03 -23.10
CA ILE F 496 30.59 19.76 -23.95
C ILE F 496 29.84 20.56 -25.01
N ASP F 497 28.86 19.95 -25.69
CA ASP F 497 28.02 20.60 -26.74
C ASP F 497 27.31 21.83 -26.18
N PHE F 498 26.71 21.73 -24.98
CA PHE F 498 25.98 22.88 -24.34
C PHE F 498 26.98 23.99 -23.96
N LEU F 499 28.16 23.62 -23.46
CA LEU F 499 29.18 24.62 -23.06
C LEU F 499 29.69 25.37 -24.30
N GLN F 500 29.89 24.67 -25.42
CA GLN F 500 30.23 25.30 -26.70
C GLN F 500 29.11 26.26 -27.09
N LEU F 501 27.86 25.83 -26.98
CA LEU F 501 26.69 26.64 -27.35
C LEU F 501 26.71 27.94 -26.56
N ARG F 502 27.08 27.91 -25.28
CA ARG F 502 27.07 29.17 -24.50
C ARG F 502 27.94 30.18 -25.22
N HIS F 503 29.10 29.78 -25.71
CA HIS F 503 30.04 30.71 -26.38
C HIS F 503 29.47 31.12 -27.74
N GLN F 504 28.76 30.22 -28.41
CA GLN F 504 28.07 30.56 -29.69
C GLN F 504 27.07 31.69 -29.45
N LEU F 505 26.46 31.75 -28.26
CA LEU F 505 25.39 32.69 -27.87
C LEU F 505 25.98 34.00 -27.33
N ILE F 506 27.31 34.15 -27.21
CA ILE F 506 27.82 35.38 -26.57
C ILE F 506 27.41 36.60 -27.38
N PRO F 507 27.48 36.62 -28.73
CA PRO F 507 27.02 37.80 -29.47
C PRO F 507 25.59 38.22 -29.12
N TYR F 508 24.68 37.25 -29.09
CA TYR F 508 23.27 37.45 -28.69
C TYR F 508 23.19 37.99 -27.26
N LEU F 509 23.88 37.33 -26.34
CA LEU F 509 23.92 37.71 -24.90
C LEU F 509 24.52 39.12 -24.77
N TYR F 510 25.63 39.38 -25.45
CA TYR F 510 26.33 40.69 -25.30
C TYR F 510 25.44 41.82 -25.82
N SER F 511 24.79 41.61 -26.96
CA SER F 511 23.80 42.56 -27.55
C SER F 511 22.66 42.81 -26.56
N ALA F 512 22.10 41.76 -25.95
CA ALA F 512 21.01 41.92 -24.96
C ALA F 512 21.53 42.67 -23.74
N ASN F 513 22.76 42.39 -23.30
CA ASN F 513 23.42 43.13 -22.20
C ASN F 513 23.38 44.64 -22.52
N LEU F 514 23.74 45.04 -23.74
CA LEU F 514 23.79 46.48 -24.07
C LEU F 514 22.38 47.03 -24.02
N ILE F 515 21.39 46.19 -24.40
CA ILE F 515 19.96 46.58 -24.33
C ILE F 515 19.51 46.75 -22.87
N THR F 516 19.92 45.90 -21.95
CA THR F 516 19.57 46.06 -20.52
C THR F 516 20.08 47.43 -20.05
N ALA F 517 21.33 47.70 -20.35
CA ALA F 517 22.05 48.89 -19.86
C ALA F 517 21.45 50.16 -20.48
N SER F 518 21.08 50.14 -21.76
CA SER F 518 20.65 51.39 -22.47
C SER F 518 19.14 51.57 -22.41
N GLU F 519 18.35 50.49 -22.45
CA GLU F 519 16.88 50.56 -22.67
C GLU F 519 16.10 49.97 -21.49
N GLY F 520 16.77 49.38 -20.50
CA GLY F 520 16.07 48.87 -19.30
C GLY F 520 15.27 47.61 -19.57
N ARG F 521 15.65 46.83 -20.57
CA ARG F 521 14.95 45.55 -20.85
C ARG F 521 15.81 44.37 -20.36
N ALA F 522 15.19 43.50 -19.57
CA ALA F 522 15.81 42.28 -19.03
C ALA F 522 16.13 41.29 -20.18
N LEU F 523 17.26 40.59 -20.09
CA LEU F 523 17.55 39.45 -20.98
C LEU F 523 16.48 38.37 -20.79
N VAL F 524 16.24 37.99 -19.54
CA VAL F 524 15.24 36.96 -19.15
C VAL F 524 13.95 37.67 -18.72
N GLU F 525 12.87 37.42 -19.46
CA GLU F 525 11.55 38.03 -19.16
C GLU F 525 10.57 36.91 -18.87
N PRO F 526 9.78 37.08 -17.80
CA PRO F 526 8.59 36.23 -17.63
C PRO F 526 7.70 36.34 -18.87
N LEU F 527 6.93 35.29 -19.16
CA LEU F 527 6.09 35.29 -20.37
C LEU F 527 5.12 36.48 -20.30
N TYR F 528 4.63 36.82 -19.12
CA TYR F 528 3.59 37.87 -18.97
C TYR F 528 4.13 39.28 -19.33
N TYR F 529 5.44 39.49 -19.46
CA TYR F 529 5.95 40.79 -20.01
C TYR F 529 5.50 40.97 -21.46
N GLU F 530 5.56 39.93 -22.29
CA GLU F 530 5.17 40.01 -23.71
C GLU F 530 3.67 39.75 -23.87
N TYR F 531 3.08 38.94 -22.99
CA TYR F 531 1.70 38.40 -23.10
C TYR F 531 0.92 38.70 -21.83
N PRO F 532 0.87 39.98 -21.39
CA PRO F 532 0.29 40.29 -20.10
C PRO F 532 -1.21 39.91 -19.97
N MET F 533 -1.92 39.81 -21.09
CA MET F 533 -3.40 39.57 -21.01
C MET F 533 -3.71 38.08 -21.26
N GLU F 534 -2.68 37.24 -21.42
CA GLU F 534 -2.87 35.77 -21.64
C GLU F 534 -2.75 35.07 -20.29
N GLU F 535 -3.83 34.44 -19.84
CA GLU F 535 -3.80 33.73 -18.55
C GLU F 535 -2.69 32.67 -18.63
N GLU F 536 -2.44 32.04 -19.77
CA GLU F 536 -1.45 30.94 -19.85
C GLU F 536 -0.05 31.50 -19.56
N ALA F 537 0.17 32.79 -19.72
CA ALA F 537 1.47 33.43 -19.48
C ALA F 537 1.79 33.50 -17.98
N TYR F 538 0.82 33.25 -17.11
CA TYR F 538 0.98 33.26 -15.63
C TYR F 538 1.01 31.82 -15.10
N GLN F 539 0.92 30.81 -15.97
CA GLN F 539 0.72 29.39 -15.59
C GLN F 539 1.91 28.52 -16.03
N HIS F 540 3.02 29.12 -16.50
CA HIS F 540 4.20 28.34 -16.95
C HIS F 540 5.42 28.93 -16.28
N ARG F 541 5.56 28.68 -14.98
CA ARG F 541 6.49 29.41 -14.08
C ARG F 541 7.91 29.29 -14.58
N ASN F 542 8.30 28.16 -15.16
CA ASN F 542 9.71 27.98 -15.58
C ASN F 542 9.96 28.37 -17.04
N GLN F 543 8.93 28.87 -17.74
CA GLN F 543 9.03 29.27 -19.16
C GLN F 543 9.34 30.76 -19.26
N TYR F 544 10.18 31.13 -20.19
CA TYR F 544 10.65 32.52 -20.30
C TYR F 544 11.11 32.88 -21.69
N LEU F 545 11.18 34.20 -21.90
CA LEU F 545 11.76 34.82 -23.10
C LEU F 545 13.23 35.10 -22.76
N PHE F 546 14.08 34.71 -23.69
CA PHE F 546 15.56 34.77 -23.58
C PHE F 546 16.00 35.67 -24.71
N GLY F 547 16.21 36.95 -24.35
CA GLY F 547 16.29 38.04 -25.37
C GLY F 547 14.97 38.18 -26.11
N GLU F 548 15.02 38.67 -27.33
CA GLU F 548 13.80 39.02 -28.10
C GLU F 548 13.48 37.93 -29.12
N GLN F 549 14.30 36.88 -29.29
CA GLN F 549 14.18 35.95 -30.46
C GLN F 549 13.94 34.49 -30.00
N LEU F 550 14.02 34.19 -28.71
CA LEU F 550 14.00 32.79 -28.21
C LEU F 550 13.10 32.68 -26.98
N MET F 551 12.39 31.56 -26.92
CA MET F 551 11.52 31.15 -25.79
C MET F 551 12.03 29.82 -25.29
N VAL F 552 12.28 29.75 -23.98
CA VAL F 552 12.90 28.56 -23.31
C VAL F 552 11.89 27.95 -22.36
N ALA F 553 11.80 26.62 -22.42
CA ALA F 553 11.06 25.81 -21.46
C ALA F 553 12.00 24.74 -20.97
N PRO F 554 12.82 25.03 -19.93
CA PRO F 554 13.76 24.04 -19.47
C PRO F 554 13.00 22.83 -18.89
N ILE F 555 13.57 21.64 -19.07
CA ILE F 555 13.07 20.44 -18.38
C ILE F 555 13.79 20.33 -17.05
N THR F 556 13.00 20.26 -15.97
CA THR F 556 13.46 20.33 -14.58
C THR F 556 12.91 19.15 -13.76
N GLU F 557 12.52 18.08 -14.41
CA GLU F 557 12.16 16.84 -13.68
CA GLU F 557 12.04 16.83 -13.76
C GLU F 557 12.80 15.66 -14.39
N LYS F 558 13.12 14.66 -13.59
CA LYS F 558 13.79 13.41 -14.02
C LYS F 558 12.96 12.76 -15.11
N MET F 559 13.64 12.11 -16.04
CA MET F 559 12.98 11.49 -17.20
C MET F 559 12.06 10.38 -16.68
N ASN F 560 11.03 10.13 -17.47
CA ASN F 560 10.18 8.92 -17.38
C ASN F 560 11.01 7.78 -17.99
N SER F 561 11.39 6.79 -17.20
CA SER F 561 12.26 5.68 -17.68
C SER F 561 11.56 4.90 -18.82
N LEU F 562 10.22 4.84 -18.83
CA LEU F 562 9.53 4.08 -19.90
C LEU F 562 9.74 4.77 -21.23
N LEU F 563 9.77 6.12 -21.28
CA LEU F 563 9.93 6.90 -22.52
C LEU F 563 11.42 7.17 -22.80
N GLN F 564 12.27 7.12 -21.78
CA GLN F 564 13.68 7.60 -21.87
C GLN F 564 13.70 9.07 -22.28
N MET F 565 12.70 9.84 -21.84
CA MET F 565 12.55 11.26 -22.16
C MET F 565 11.97 12.00 -20.95
N GLY F 566 12.43 13.21 -20.75
CA GLY F 566 11.86 14.19 -19.81
C GLY F 566 10.81 14.99 -20.53
N SER F 567 10.05 15.80 -19.80
CA SER F 567 8.99 16.60 -20.44
C SER F 567 8.70 17.86 -19.62
N VAL F 568 8.09 18.82 -20.30
CA VAL F 568 7.57 20.07 -19.69
C VAL F 568 6.33 20.45 -20.49
N GLU F 569 5.34 21.03 -19.82
CA GLU F 569 4.18 21.57 -20.54
C GLU F 569 4.59 22.96 -21.03
N VAL F 570 4.57 23.14 -22.33
CA VAL F 570 4.91 24.45 -22.98
C VAL F 570 3.61 25.11 -23.41
N TRP F 571 3.52 26.39 -23.08
CA TRP F 571 2.53 27.26 -23.74
C TRP F 571 3.13 27.92 -24.97
N PHE F 572 2.52 27.66 -26.13
CA PHE F 572 2.89 28.30 -27.40
C PHE F 572 1.92 29.45 -27.66
N PRO F 573 2.38 30.72 -27.56
CA PRO F 573 1.61 31.88 -27.99
C PRO F 573 1.17 31.76 -29.45
N GLU F 574 0.18 32.55 -29.83
CA GLU F 574 -0.27 32.62 -31.25
C GLU F 574 0.94 32.79 -32.18
N GLY F 575 0.92 32.10 -33.32
CA GLY F 575 1.98 32.17 -34.33
C GLY F 575 2.54 30.80 -34.58
N THR F 576 3.49 30.69 -35.49
CA THR F 576 4.16 29.43 -35.84
C THR F 576 5.50 29.37 -35.12
N TRP F 577 5.72 28.33 -34.32
CA TRP F 577 6.98 28.17 -33.54
C TRP F 577 7.78 27.02 -34.09
N TYR F 578 9.10 27.08 -33.94
CA TYR F 578 10.00 25.96 -34.29
C TYR F 578 10.92 25.67 -33.11
N ASP F 579 11.20 24.39 -32.90
CA ASP F 579 12.31 24.00 -32.01
C ASP F 579 13.61 24.57 -32.58
N PHE F 580 14.33 25.34 -31.77
CA PHE F 580 15.57 26.05 -32.19
C PHE F 580 16.63 25.06 -32.69
N PHE F 581 16.64 23.85 -32.14
CA PHE F 581 17.65 22.81 -32.47
C PHE F 581 17.18 21.92 -33.62
N SER F 582 15.93 21.48 -33.64
CA SER F 582 15.48 20.38 -34.54
C SER F 582 14.63 20.90 -35.71
N GLY F 583 14.04 22.08 -35.58
CA GLY F 583 13.09 22.64 -36.55
C GLY F 583 11.68 22.03 -36.39
N GLN F 584 11.45 21.21 -35.36
CA GLN F 584 10.12 20.65 -35.09
C GLN F 584 9.14 21.80 -35.00
N PRO F 585 8.06 21.79 -35.78
CA PRO F 585 7.11 22.89 -35.77
C PRO F 585 5.94 22.75 -34.78
N TYR F 586 5.41 23.89 -34.36
CA TYR F 586 4.25 23.98 -33.45
C TYR F 586 3.38 25.18 -33.82
N ASP F 587 2.11 24.92 -34.13
CA ASP F 587 1.07 25.92 -34.36
C ASP F 587 0.55 26.44 -33.02
N GLY F 588 0.81 27.71 -32.68
CA GLY F 588 0.19 28.34 -31.49
C GLY F 588 -1.26 28.67 -31.82
N LYS F 589 -2.08 29.11 -30.87
CA LYS F 589 -1.91 29.14 -29.45
C LYS F 589 -2.35 27.76 -28.94
N VAL F 590 -1.50 27.14 -28.14
CA VAL F 590 -1.80 25.81 -27.57
C VAL F 590 -0.89 25.59 -26.36
N SER F 591 -1.37 24.78 -25.44
CA SER F 591 -0.59 24.27 -24.30
C SER F 591 -0.35 22.79 -24.56
N LEU F 592 0.91 22.42 -24.70
CA LEU F 592 1.30 21.09 -25.20
C LEU F 592 2.45 20.57 -24.34
N LYS F 593 2.32 19.34 -23.90
CA LYS F 593 3.43 18.70 -23.17
C LYS F 593 4.44 18.28 -24.22
N VAL F 594 5.71 18.67 -24.02
CA VAL F 594 6.75 18.34 -25.01
C VAL F 594 7.79 17.46 -24.32
N TYR F 595 8.38 16.55 -25.09
CA TYR F 595 9.24 15.48 -24.54
C TYR F 595 10.58 15.60 -25.24
N ARG F 596 11.66 15.50 -24.49
CA ARG F 596 13.04 15.52 -25.03
C ARG F 596 13.86 14.45 -24.32
N GLU F 597 14.75 13.85 -25.07
CA GLU F 597 15.86 13.06 -24.50
C GLU F 597 16.68 13.95 -23.54
N ILE F 598 17.48 13.32 -22.69
CA ILE F 598 18.19 14.07 -21.63
C ILE F 598 19.23 15.00 -22.29
N THR F 599 19.62 14.74 -23.53
CA THR F 599 20.66 15.50 -24.29
C THR F 599 20.05 16.67 -25.06
N GLU F 600 18.73 16.91 -24.97
CA GLU F 600 18.04 17.92 -25.81
C GLU F 600 17.18 18.81 -24.93
N MET F 601 17.10 20.09 -25.26
CA MET F 601 16.40 21.10 -24.43
C MET F 601 15.30 21.75 -25.24
N PRO F 602 14.10 22.01 -24.65
CA PRO F 602 13.09 22.75 -25.39
C PRO F 602 13.41 24.26 -25.44
N VAL F 603 13.82 24.69 -26.61
CA VAL F 603 14.04 26.13 -26.97
C VAL F 603 13.35 26.38 -28.31
N PHE F 604 12.61 27.45 -28.40
CA PHE F 604 11.77 27.76 -29.56
C PHE F 604 12.07 29.14 -30.11
N ALA F 605 11.85 29.24 -31.42
CA ALA F 605 11.87 30.49 -32.20
C ALA F 605 10.63 30.60 -33.09
N LYS F 606 10.06 31.80 -33.23
CA LYS F 606 8.97 32.11 -34.18
C LYS F 606 9.49 32.14 -35.62
N ALA F 607 8.63 31.79 -36.57
CA ALA F 607 8.83 32.11 -37.98
C ALA F 607 9.37 33.56 -38.05
N GLY F 608 10.41 33.78 -38.84
CA GLY F 608 10.98 35.11 -39.06
C GLY F 608 12.05 35.40 -38.04
N ALA F 609 12.28 34.49 -37.09
CA ALA F 609 13.31 34.74 -36.06
C ALA F 609 14.68 34.83 -36.76
N ILE F 610 15.54 35.73 -36.32
CA ILE F 610 16.96 35.76 -36.76
C ILE F 610 17.84 35.72 -35.52
N ILE F 611 18.70 34.73 -35.43
CA ILE F 611 19.62 34.55 -34.29
C ILE F 611 21.04 34.49 -34.80
N PRO F 612 21.88 35.42 -34.31
CA PRO F 612 23.30 35.39 -34.64
C PRO F 612 24.01 34.40 -33.72
N LEU F 613 24.98 33.67 -34.27
CA LEU F 613 25.80 32.70 -33.52
C LEU F 613 27.27 32.92 -33.90
N ASP F 614 28.16 32.87 -32.91
CA ASP F 614 29.61 32.83 -33.19
C ASP F 614 29.95 31.50 -33.90
N LYS F 615 30.50 31.57 -35.12
CA LYS F 615 30.91 30.36 -35.87
C LYS F 615 32.12 29.67 -35.21
N ASN F 616 32.92 30.43 -34.47
CA ASN F 616 34.22 29.95 -33.92
C ASN F 616 34.24 30.12 -32.40
N PRO F 617 33.33 29.42 -31.67
CA PRO F 617 33.25 29.62 -30.21
C PRO F 617 34.51 29.22 -29.43
N LEU F 618 35.35 28.36 -29.99
CA LEU F 618 36.61 27.93 -29.32
C LEU F 618 37.73 28.96 -29.58
N LYS F 619 37.61 29.77 -30.62
CA LYS F 619 38.72 30.68 -30.98
C LYS F 619 38.70 31.84 -30.00
N LYS F 620 39.86 32.14 -29.41
CA LYS F 620 40.07 33.29 -28.48
C LYS F 620 40.19 34.55 -29.36
N GLU F 621 39.13 35.34 -29.40
CA GLU F 621 39.01 36.56 -30.25
C GLU F 621 38.26 37.57 -29.40
N GLU F 622 38.64 38.83 -29.31
CA GLU F 622 37.81 39.72 -28.47
C GLU F 622 36.44 39.96 -29.15
N ILE F 623 36.32 39.95 -30.48
CA ILE F 623 34.98 39.93 -31.15
C ILE F 623 35.01 38.93 -32.31
N PRO F 624 33.85 38.31 -32.62
CA PRO F 624 33.85 37.21 -33.58
C PRO F 624 34.27 37.64 -34.98
N SER F 625 35.16 36.85 -35.54
CA SER F 625 35.65 36.98 -36.93
C SER F 625 34.55 36.47 -37.88
N GLU F 626 33.66 35.56 -37.44
CA GLU F 626 32.54 35.12 -38.31
C GLU F 626 31.26 34.93 -37.52
N ILE F 627 30.16 35.45 -38.05
CA ILE F 627 28.80 35.32 -37.41
C ILE F 627 28.00 34.41 -38.32
N ILE F 628 27.39 33.35 -37.75
CA ILE F 628 26.29 32.59 -38.40
C ILE F 628 24.99 33.35 -38.15
N TRP F 629 24.27 33.65 -39.22
CA TRP F 629 22.87 34.17 -39.16
C TRP F 629 21.91 33.01 -39.35
N LYS F 630 21.28 32.58 -38.27
CA LYS F 630 20.34 31.45 -38.32
C LYS F 630 18.96 32.03 -38.48
N ILE F 631 18.33 31.76 -39.63
CA ILE F 631 16.98 32.31 -40.00
C ILE F 631 15.93 31.19 -39.92
N PHE F 632 14.81 31.48 -39.27
CA PHE F 632 13.62 30.60 -39.25
C PHE F 632 12.65 31.13 -40.30
N PRO F 633 12.43 30.41 -41.43
CA PRO F 633 11.52 30.90 -42.48
C PRO F 633 10.06 31.06 -42.05
N GLY F 634 9.27 31.76 -42.86
CA GLY F 634 7.80 31.79 -42.70
C GLY F 634 7.25 33.15 -42.38
N ALA F 635 8.08 34.15 -42.13
CA ALA F 635 7.66 35.55 -41.84
C ALA F 635 8.86 36.51 -41.97
N ASP F 636 8.57 37.79 -41.90
CA ASP F 636 9.64 38.82 -41.93
C ASP F 636 10.28 38.82 -40.55
N GLY F 637 11.52 39.28 -40.46
CA GLY F 637 12.09 39.54 -39.13
C GLY F 637 13.21 40.53 -39.20
N GLU F 638 13.79 40.85 -38.05
CA GLU F 638 14.85 41.88 -37.94
C GLU F 638 15.65 41.57 -36.68
N TYR F 639 16.95 41.71 -36.76
CA TYR F 639 17.83 41.56 -35.58
C TYR F 639 18.93 42.64 -35.64
N LEU F 640 19.11 43.36 -34.54
CA LEU F 640 20.21 44.33 -34.38
C LEU F 640 21.27 43.71 -33.45
N LEU F 641 22.45 43.44 -33.99
CA LEU F 641 23.61 42.97 -33.21
C LEU F 641 24.40 44.17 -32.72
N LEU F 642 24.25 44.53 -31.45
CA LEU F 642 25.04 45.61 -30.80
C LEU F 642 26.38 45.06 -30.33
N GLU F 643 27.48 45.77 -30.62
CA GLU F 643 28.83 45.34 -30.19
C GLU F 643 29.57 46.52 -29.54
N GLU F 644 30.78 46.28 -29.06
CA GLU F 644 31.60 47.26 -28.28
C GLU F 644 31.71 48.53 -29.13
N ASP F 645 31.94 48.35 -30.43
CA ASP F 645 32.31 49.44 -31.37
C ASP F 645 31.60 49.30 -32.73
N ASN F 646 30.43 48.67 -32.78
CA ASN F 646 29.71 48.53 -34.07
C ASN F 646 28.26 48.11 -33.82
N GLU F 647 27.43 48.26 -34.84
CA GLU F 647 26.02 47.82 -34.87
C GLU F 647 25.82 47.15 -36.22
N THR F 648 25.23 45.96 -36.25
CA THR F 648 24.98 45.22 -37.50
C THR F 648 23.49 44.94 -37.55
N LYS F 649 22.83 45.34 -38.62
CA LYS F 649 21.38 45.11 -38.80
C LYS F 649 21.20 43.96 -39.78
N ALA F 650 20.45 42.95 -39.36
CA ALA F 650 19.98 41.85 -40.24
C ALA F 650 18.48 42.04 -40.41
N GLU F 651 18.03 41.97 -41.64
CA GLU F 651 16.64 42.29 -42.01
C GLU F 651 16.21 41.15 -42.91
N PHE F 652 14.98 40.71 -42.75
CA PHE F 652 14.37 39.63 -43.56
C PHE F 652 13.00 40.11 -43.96
N VAL F 653 12.90 40.66 -45.18
CA VAL F 653 11.66 41.27 -45.73
C VAL F 653 11.41 40.68 -47.12
N ASN F 654 10.20 40.13 -47.29
CA ASN F 654 9.72 39.40 -48.50
C ASN F 654 10.83 38.51 -49.04
N GLY F 655 11.36 37.60 -48.21
CA GLY F 655 12.39 36.62 -48.58
C GLY F 655 13.76 37.21 -48.86
N ILE F 656 13.93 38.52 -48.73
CA ILE F 656 15.25 39.20 -48.94
C ILE F 656 15.91 39.38 -47.57
N PHE F 657 17.07 38.76 -47.41
CA PHE F 657 17.91 38.93 -46.20
C PHE F 657 18.98 39.96 -46.51
N THR F 658 19.05 41.02 -45.70
CA THR F 658 20.04 42.12 -45.84
C THR F 658 20.83 42.28 -44.54
N VAL F 659 22.14 42.30 -44.65
CA VAL F 659 23.06 42.66 -43.54
C VAL F 659 23.76 43.97 -43.87
N THR F 660 23.68 44.95 -42.97
CA THR F 660 24.34 46.28 -43.05
C THR F 660 24.98 46.59 -41.70
N SER F 661 26.05 47.40 -41.64
CA SER F 661 26.72 47.71 -40.36
C SER F 661 27.08 49.19 -40.28
N LYS F 662 27.16 49.77 -39.08
CA LYS F 662 27.59 51.20 -38.91
C LYS F 662 29.00 51.37 -39.50
N LYS F 663 29.87 50.39 -39.31
CA LYS F 663 31.32 50.43 -39.64
C LYS F 663 31.61 49.20 -40.50
N GLU F 664 32.47 49.34 -41.51
CA GLU F 664 32.97 48.16 -42.27
C GLU F 664 33.92 47.38 -41.38
N SER F 665 34.06 46.08 -41.60
CA SER F 665 35.08 45.25 -40.91
C SER F 665 35.44 44.07 -41.80
N SER F 666 36.46 43.30 -41.44
CA SER F 666 36.86 42.06 -42.14
C SER F 666 35.93 40.90 -41.79
N ARG F 667 34.90 41.13 -40.95
CA ARG F 667 34.02 40.03 -40.47
C ARG F 667 33.46 39.26 -41.65
N LYS F 668 33.37 37.95 -41.52
CA LYS F 668 32.75 37.04 -42.52
C LYS F 668 31.38 36.58 -41.98
N HIS F 669 30.42 36.41 -42.88
CA HIS F 669 29.02 36.08 -42.51
C HIS F 669 28.66 34.76 -43.18
N THR F 670 28.11 33.85 -42.39
CA THR F 670 27.51 32.60 -42.86
C THR F 670 26.01 32.77 -42.69
N ILE F 671 25.20 32.34 -43.67
CA ILE F 671 23.72 32.36 -43.54
C ILE F 671 23.23 30.91 -43.55
N ILE F 672 22.42 30.56 -42.55
CA ILE F 672 21.64 29.29 -42.56
C ILE F 672 20.17 29.68 -42.62
N TYR F 673 19.49 29.26 -43.68
CA TYR F 673 18.06 29.54 -43.92
C TYR F 673 17.30 28.24 -43.71
N GLY F 674 16.50 28.16 -42.66
CA GLY F 674 15.96 26.89 -42.17
C GLY F 674 17.06 25.83 -42.03
N GLU F 675 17.02 24.81 -42.89
CA GLU F 675 17.89 23.62 -42.75
C GLU F 675 19.30 23.91 -43.30
N HIS F 676 19.43 24.77 -44.31
CA HIS F 676 20.58 24.72 -45.27
C HIS F 676 21.45 25.96 -45.15
N GLU F 677 22.78 25.77 -45.16
CA GLU F 677 23.78 26.86 -45.29
C GLU F 677 23.70 27.43 -46.70
N ILE F 678 23.35 28.69 -46.86
CA ILE F 678 23.21 29.35 -48.20
C ILE F 678 24.58 29.89 -48.62
N VAL F 679 25.28 30.58 -47.71
CA VAL F 679 26.50 31.38 -47.98
C VAL F 679 27.47 31.06 -46.85
N SER F 680 28.77 30.94 -47.12
CA SER F 680 29.80 30.75 -46.07
C SER F 680 30.85 31.85 -46.22
N ALA F 681 31.26 32.47 -45.13
CA ALA F 681 32.44 33.36 -45.13
C ALA F 681 32.27 34.48 -46.17
N LYS F 682 31.10 35.12 -46.27
CA LYS F 682 30.88 36.30 -47.14
C LYS F 682 31.23 37.59 -46.37
N ARG F 683 32.07 38.44 -46.96
CA ARG F 683 32.56 39.72 -46.36
C ARG F 683 31.63 40.87 -46.73
N GLY F 684 31.59 41.91 -45.90
CA GLY F 684 30.99 43.22 -46.24
C GLY F 684 29.50 43.14 -46.13
N GLU F 685 28.82 44.26 -46.38
CA GLU F 685 27.35 44.37 -46.39
C GLU F 685 26.82 43.72 -47.67
N PHE F 686 25.61 43.20 -47.66
CA PHE F 686 25.05 42.51 -48.85
C PHE F 686 23.54 42.30 -48.67
N SER F 687 22.91 41.84 -49.75
CA SER F 687 21.48 41.49 -49.78
C SER F 687 21.37 40.19 -50.56
N ILE F 688 20.53 39.27 -50.09
CA ILE F 688 20.39 37.92 -50.73
C ILE F 688 18.92 37.49 -50.71
N ASP F 689 18.46 37.07 -51.88
CA ASP F 689 17.07 36.67 -52.18
C ASP F 689 16.96 35.19 -51.83
N LEU F 690 16.24 34.88 -50.76
CA LEU F 690 16.09 33.50 -50.25
C LEU F 690 14.73 32.95 -50.66
N ASN F 691 13.99 33.67 -51.52
CA ASN F 691 12.68 33.20 -52.07
C ASN F 691 12.88 31.86 -52.78
N GLY F 692 13.95 31.70 -53.57
CA GLY F 692 14.22 30.45 -54.31
C GLY F 692 14.47 29.25 -53.39
N LYS F 693 14.87 29.46 -52.14
CA LYS F 693 15.57 28.40 -51.35
C LYS F 693 14.56 27.61 -50.53
N GLU F 694 14.89 26.35 -50.26
CA GLU F 694 14.06 25.42 -49.47
C GLU F 694 13.79 26.04 -48.08
N GLU F 695 12.51 26.28 -47.78
CA GLU F 695 11.99 26.94 -46.55
C GLU F 695 11.78 25.92 -45.43
N ASN F 696 11.59 24.63 -45.77
CA ASN F 696 11.15 23.60 -44.81
C ASN F 696 12.37 23.00 -44.12
N PHE F 697 12.28 22.74 -42.82
CA PHE F 697 13.26 21.90 -42.11
C PHE F 697 13.05 20.44 -42.54
N ASP F 698 14.04 19.58 -42.28
CA ASP F 698 13.96 18.13 -42.58
C ASP F 698 13.04 17.44 -41.57
N TRP F 699 12.86 18.01 -40.36
CA TRP F 699 12.18 17.35 -39.23
C TRP F 699 10.95 16.65 -39.77
N ASN F 700 10.75 15.36 -39.50
CA ASN F 700 9.49 14.79 -40.02
C ASN F 700 8.97 13.80 -38.99
N PHE F 701 7.65 13.74 -38.97
CA PHE F 701 6.84 12.87 -38.09
C PHE F 701 7.40 11.43 -38.11
N SER F 702 7.64 10.84 -39.28
CA SER F 702 8.02 9.40 -39.37
C SER F 702 9.36 9.15 -38.69
N THR F 703 10.38 9.99 -38.92
CA THR F 703 11.73 9.83 -38.32
C THR F 703 11.63 10.02 -36.80
N ALA F 704 10.90 11.05 -36.34
CA ALA F 704 10.75 11.31 -34.89
C ALA F 704 9.98 10.16 -34.24
N LEU F 705 8.91 9.66 -34.87
CA LEU F 705 8.08 8.61 -34.26
C LEU F 705 8.98 7.40 -34.05
N PHE F 706 9.76 7.05 -35.07
CA PHE F 706 10.63 5.86 -34.98
C PHE F 706 11.59 6.00 -33.78
N ARG F 707 12.23 7.14 -33.68
CA ARG F 707 13.20 7.39 -32.59
C ARG F 707 12.53 7.25 -31.23
N ARG F 708 11.37 7.89 -31.01
CA ARG F 708 10.73 7.84 -29.67
C ARG F 708 10.35 6.40 -29.36
N LEU F 709 9.82 5.66 -30.33
CA LEU F 709 9.44 4.24 -30.09
C LEU F 709 10.72 3.44 -29.84
N ASP F 710 11.80 3.73 -30.56
CA ASP F 710 13.01 2.88 -30.49
C ASP F 710 13.70 2.98 -29.12
N ILE F 711 13.78 4.18 -28.52
CA ILE F 711 14.45 4.37 -27.21
C ILE F 711 13.56 3.92 -26.08
N ALA F 712 12.23 3.91 -26.25
CA ALA F 712 11.28 3.67 -25.13
C ALA F 712 11.50 2.28 -24.53
N GLU F 713 11.46 2.16 -23.19
CA GLU F 713 11.54 0.85 -22.51
C GLU F 713 10.11 0.34 -22.35
N ILE F 714 9.46 0.04 -23.46
CA ILE F 714 8.09 -0.53 -23.52
C ILE F 714 8.15 -1.86 -24.29
N SER F 715 7.02 -2.55 -24.34
CA SER F 715 6.97 -3.86 -25.02
C SER F 715 7.18 -3.67 -26.53
N TYR F 716 7.92 -4.57 -27.17
CA TYR F 716 8.17 -4.52 -28.63
C TYR F 716 6.84 -4.70 -29.39
N GLU F 717 5.92 -5.49 -28.86
CA GLU F 717 4.58 -5.67 -29.48
C GLU F 717 3.89 -4.29 -29.54
N GLN F 718 3.97 -3.51 -28.47
CA GLN F 718 3.42 -2.13 -28.44
C GLN F 718 4.14 -1.26 -29.49
N LYS F 719 5.47 -1.28 -29.54
CA LYS F 719 6.24 -0.49 -30.53
C LYS F 719 5.79 -0.86 -31.95
N ASP F 720 5.75 -2.15 -32.23
CA ASP F 720 5.38 -2.66 -33.57
C ASP F 720 3.99 -2.12 -33.94
N GLU F 721 3.02 -2.26 -33.06
CA GLU F 721 1.62 -1.90 -33.34
C GLU F 721 1.53 -0.40 -33.57
N ILE F 722 2.18 0.41 -32.73
CA ILE F 722 2.12 1.88 -32.88
C ILE F 722 2.76 2.25 -34.22
N LEU F 723 3.88 1.64 -34.58
CA LEU F 723 4.52 2.08 -35.83
C LEU F 723 3.59 1.70 -36.99
N GLN F 724 3.05 0.50 -36.95
CA GLN F 724 2.21 -0.04 -38.05
C GLN F 724 0.98 0.85 -38.25
N GLN F 725 0.25 1.10 -37.16
CA GLN F 725 -1.06 1.80 -37.17
C GLN F 725 -0.83 3.25 -37.58
N LEU F 726 0.16 3.93 -37.00
CA LEU F 726 0.37 5.36 -37.31
C LEU F 726 0.87 5.52 -38.75
N SER F 727 1.51 4.51 -39.31
CA SER F 727 1.89 4.51 -40.75
C SER F 727 0.68 4.25 -41.64
N LEU F 728 -0.15 3.28 -41.28
CA LEU F 728 -1.33 2.84 -42.07
C LEU F 728 -2.48 3.86 -41.99
N ILE F 729 -2.80 4.41 -40.82
CA ILE F 729 -3.95 5.35 -40.67
C ILE F 729 -3.58 6.70 -41.28
N GLU F 730 -4.33 7.16 -42.28
CA GLU F 730 -4.00 8.40 -43.03
C GLU F 730 -4.63 9.63 -42.38
N GLU F 731 -5.83 9.51 -41.82
CA GLU F 731 -6.54 10.71 -41.32
C GLU F 731 -5.96 11.06 -39.95
N HIS F 732 -5.57 12.31 -39.79
CA HIS F 732 -4.95 12.84 -38.54
C HIS F 732 -5.88 12.56 -37.36
N GLU F 733 -7.17 12.89 -37.44
CA GLU F 733 -8.08 12.68 -36.29
C GLU F 733 -8.09 11.19 -35.89
N LYS F 734 -7.91 10.27 -36.85
CA LYS F 734 -8.00 8.82 -36.56
C LYS F 734 -6.65 8.35 -36.01
N GLN F 735 -5.56 9.04 -36.39
CA GLN F 735 -4.22 8.74 -35.80
C GLN F 735 -4.27 9.12 -34.32
N VAL F 736 -4.90 10.25 -34.01
CA VAL F 736 -5.11 10.68 -32.60
C VAL F 736 -6.02 9.68 -31.89
N ALA F 737 -7.10 9.21 -32.52
CA ALA F 737 -8.02 8.26 -31.86
C ALA F 737 -7.24 6.99 -31.51
N PHE F 738 -6.38 6.54 -32.41
CA PHE F 738 -5.55 5.35 -32.18
C PHE F 738 -4.64 5.55 -30.95
N ILE F 739 -3.94 6.66 -30.83
CA ILE F 739 -3.02 6.78 -29.65
C ILE F 739 -3.88 6.99 -28.40
N LYS F 740 -5.10 7.52 -28.52
CA LYS F 740 -5.98 7.76 -27.33
C LYS F 740 -6.35 6.45 -26.62
N THR F 741 -6.24 5.30 -27.30
CA THR F 741 -6.52 3.95 -26.76
C THR F 741 -5.30 3.38 -26.04
N ASN F 742 -4.14 4.02 -26.11
CA ASN F 742 -2.91 3.46 -25.50
C ASN F 742 -3.02 3.42 -23.97
N GLU F 743 -2.69 2.30 -23.34
CA GLU F 743 -2.81 2.19 -21.85
C GLU F 743 -1.68 2.96 -21.16
N ASN F 744 -0.67 3.41 -21.89
CA ASN F 744 0.42 4.23 -21.29
C ASN F 744 0.08 5.70 -21.48
N GLN F 745 -0.32 6.39 -20.42
CA GLN F 745 -0.88 7.76 -20.51
C GLN F 745 0.21 8.77 -20.97
N GLU F 746 1.42 8.65 -20.47
CA GLU F 746 2.54 9.53 -20.87
C GLU F 746 2.94 9.23 -22.33
N LEU F 747 2.96 7.96 -22.71
CA LEU F 747 3.23 7.60 -24.12
C LEU F 747 2.17 8.27 -24.98
N GLN F 748 0.89 8.25 -24.58
CA GLN F 748 -0.11 9.00 -25.39
C GLN F 748 0.34 10.43 -25.59
N ASN F 749 0.80 11.12 -24.54
CA ASN F 749 1.10 12.57 -24.61
C ASN F 749 2.31 12.76 -25.52
N SER F 750 3.28 11.84 -25.45
CA SER F 750 4.49 11.96 -26.31
C SER F 750 4.10 11.80 -27.78
N LEU F 751 3.28 10.79 -28.10
CA LEU F 751 2.81 10.53 -29.47
C LEU F 751 1.96 11.70 -29.92
N PHE F 752 1.16 12.27 -29.03
CA PHE F 752 0.31 13.44 -29.33
C PHE F 752 1.17 14.61 -29.78
N GLU F 753 2.26 14.89 -29.04
CA GLU F 753 3.18 15.99 -29.40
C GLU F 753 3.61 15.79 -30.86
N LEU F 754 4.05 14.59 -31.23
CA LEU F 754 4.45 14.33 -32.64
C LEU F 754 3.27 14.57 -33.59
N LEU F 755 2.07 14.11 -33.24
CA LEU F 755 0.92 14.21 -34.16
C LEU F 755 0.55 15.69 -34.31
N TYR F 756 0.65 16.46 -33.22
CA TYR F 756 0.35 17.91 -33.18
C TYR F 756 1.34 18.65 -34.08
N SER F 757 2.64 18.32 -33.98
CA SER F 757 3.66 18.98 -34.85
C SER F 757 3.44 18.52 -36.29
N GLY F 758 2.90 17.32 -36.51
CA GLY F 758 2.80 16.81 -37.88
C GLY F 758 1.44 17.12 -38.51
N LYS F 759 0.59 17.92 -37.86
CA LYS F 759 -0.82 18.07 -38.28
C LYS F 759 -0.88 18.91 -39.55
#